data_7M2V
#
_entry.id   7M2V
#
_cell.length_a   165.634
_cell.length_b   165.634
_cell.length_c   433.315
_cell.angle_alpha   90
_cell.angle_beta   90
_cell.angle_gamma   120
#
_symmetry.space_group_name_H-M   'H 3'
#
loop_
_entity.id
_entity.type
_entity.pdbx_description
1 polymer 'Coat protein'
2 polymer "RNA (5'-R(P*UP*UP*UP*UP*UP*UP*UP*UP*UP*UP*UP*U)-3')"
3 polymer "RNA (5'-R(P*AP*AP*AP*AP*AP*AP*AP*AP*AP*AP*AP*A)-3')"
4 non-polymer 'CHLORIDE ION'
5 non-polymer 'MAGNESIUM ION'
6 non-polymer 'PHOSPHATE ION'
7 water water
#
loop_
_entity_poly.entity_id
_entity_poly.type
_entity_poly.pdbx_seq_one_letter_code
_entity_poly.pdbx_strand_id
1 'polypeptide(L)'
;MGRGKVKPNRKSTGDNSNVVTMIRAGSYPKVNPTPTWVRAIPFEVSVQSGIAFKVPVGSLFSANFRTDSFTSVTVMSVRA
WTQLTPPVNEYSFVRLKPLFKTGDSTEEFEGRASNINTRASVGYRIPTNLRQNTVAADNVCEVRSNCRQVALVISCCFN
;
A,B,C,E,J,M,HH,II,JJ,FX,D,KK,G,H,GG,I,L,O,K,NN
2 'polyribonucleotide' UUUUUUUUUUUU QQ,h,ww,T,m,i,e,n,xx,yy
3 'polyribonucleotide' AAAAAAAAAAAA S,V,k,U,X,TT,P,Y,ff,zz
#
loop_
_chem_comp.id
_chem_comp.type
_chem_comp.name
_chem_comp.formula
A RNA linking ADENOSINE-5'-MONOPHOSPHATE 'C10 H14 N5 O7 P'
CL non-polymer 'CHLORIDE ION' 'Cl -1'
MG non-polymer 'MAGNESIUM ION' 'Mg 2'
PO4 non-polymer 'PHOSPHATE ION' 'O4 P -3'
U RNA linking URIDINE-5'-MONOPHOSPHATE 'C9 H13 N2 O9 P'
#
# COMPACT_ATOMS: atom_id res chain seq x y z
N GLY A 14 -17.92 20.30 -41.54
CA GLY A 14 -17.08 19.15 -41.23
C GLY A 14 -15.80 19.11 -42.04
N ASP A 15 -15.14 17.96 -42.01
CA ASP A 15 -13.83 17.81 -42.63
C ASP A 15 -13.96 17.55 -44.12
N ASN A 16 -12.81 17.52 -44.78
CA ASN A 16 -12.71 17.24 -46.21
C ASN A 16 -13.39 18.29 -47.07
N SER A 17 -13.54 19.52 -46.55
CA SER A 17 -13.84 20.65 -47.41
C SER A 17 -12.63 20.94 -48.26
N ASN A 18 -12.88 21.25 -49.54
CA ASN A 18 -11.81 21.53 -50.47
C ASN A 18 -11.61 23.01 -50.70
N VAL A 19 -12.42 23.87 -50.07
CA VAL A 19 -12.40 25.31 -50.32
C VAL A 19 -12.37 26.07 -49.01
N VAL A 20 -11.98 27.35 -49.11
CA VAL A 20 -12.05 28.24 -47.97
C VAL A 20 -13.49 28.38 -47.53
N THR A 21 -13.68 28.50 -46.21
CA THR A 21 -15.01 28.65 -45.62
C THR A 21 -15.02 29.76 -44.58
N MET A 22 -16.16 30.43 -44.44
CA MET A 22 -16.26 31.56 -43.53
C MET A 22 -16.27 31.09 -42.08
N ILE A 23 -15.57 31.84 -41.23
CA ILE A 23 -15.62 31.71 -39.79
C ILE A 23 -16.48 32.83 -39.24
N ARG A 24 -17.52 32.48 -38.48
CA ARG A 24 -18.40 33.49 -37.88
C ARG A 24 -17.77 34.02 -36.59
N ALA A 25 -16.73 34.82 -36.78
CA ALA A 25 -15.96 35.36 -35.66
C ALA A 25 -16.82 36.26 -34.78
N GLY A 26 -16.45 36.33 -33.52
CA GLY A 26 -17.15 37.19 -32.58
C GLY A 26 -16.32 38.33 -32.04
N SER A 27 -16.38 38.53 -30.73
CA SER A 27 -15.60 39.59 -30.09
C SER A 27 -14.09 39.31 -30.15
N TYR A 28 -13.32 40.39 -30.13
CA TYR A 28 -11.86 40.24 -30.16
C TYR A 28 -11.39 39.44 -28.94
N PRO A 29 -10.60 38.40 -29.13
CA PRO A 29 -10.29 37.50 -28.01
C PRO A 29 -9.17 38.07 -27.16
N LYS A 30 -8.91 37.40 -26.03
CA LYS A 30 -7.68 37.64 -25.29
C LYS A 30 -6.54 37.14 -26.18
N VAL A 31 -5.45 37.92 -26.24
CA VAL A 31 -4.29 37.61 -27.08
C VAL A 31 -3.00 37.75 -26.26
N ASN A 32 -1.91 37.25 -26.83
CA ASN A 32 -0.59 37.37 -26.23
C ASN A 32 0.46 37.19 -27.32
N PRO A 33 1.16 38.26 -27.74
CA PRO A 33 2.17 38.10 -28.81
C PRO A 33 3.42 37.34 -28.38
N THR A 34 3.69 37.19 -27.09
CA THR A 34 4.93 36.60 -26.60
C THR A 34 4.65 35.55 -25.55
N PRO A 35 4.19 34.37 -25.96
CA PRO A 35 3.81 33.32 -25.00
C PRO A 35 4.99 32.51 -24.48
N THR A 36 4.67 31.65 -23.52
CA THR A 36 5.64 30.72 -22.98
C THR A 36 5.87 29.55 -23.96
N TRP A 37 6.85 28.70 -23.64
CA TRP A 37 7.24 27.62 -24.54
C TRP A 37 7.94 26.52 -23.75
N VAL A 38 7.36 25.33 -23.74
CA VAL A 38 7.93 24.18 -23.06
C VAL A 38 8.85 23.47 -24.06
N ARG A 39 10.08 23.22 -23.65
CA ARG A 39 11.09 22.82 -24.61
C ARG A 39 12.03 21.78 -24.01
N ALA A 40 12.65 21.00 -24.89
CA ALA A 40 13.80 20.15 -24.56
C ALA A 40 14.97 20.66 -25.39
N ILE A 41 15.94 21.26 -24.73
CA ILE A 41 17.02 22.02 -25.38
C ILE A 41 18.29 21.20 -25.38
N PRO A 42 18.87 20.88 -26.56
CA PRO A 42 20.15 20.16 -26.58
C PRO A 42 21.36 21.05 -26.84
N PHE A 43 22.33 21.06 -25.93
CA PHE A 43 23.58 21.79 -26.12
C PHE A 43 24.72 21.05 -25.44
N GLU A 44 25.94 21.42 -25.82
CA GLU A 44 27.13 20.78 -25.29
C GLU A 44 28.00 21.77 -24.53
N VAL A 45 28.81 21.25 -23.61
CA VAL A 45 29.76 22.05 -22.85
C VAL A 45 31.11 21.37 -22.94
N SER A 46 32.18 22.17 -22.92
CA SER A 46 33.54 21.65 -22.91
C SER A 46 34.02 21.50 -21.47
N VAL A 47 34.63 20.36 -21.18
CA VAL A 47 34.97 19.95 -19.83
C VAL A 47 36.41 19.47 -19.83
N GLN A 48 37.00 19.51 -18.63
CA GLN A 48 38.34 19.00 -18.35
C GLN A 48 38.27 17.75 -17.48
N SER A 49 39.46 17.19 -17.19
CA SER A 49 39.57 15.89 -16.52
CA SER A 49 39.57 15.89 -16.52
C SER A 49 39.24 16.06 -15.05
N GLY A 50 38.21 15.36 -14.60
CA GLY A 50 37.86 15.36 -13.21
C GLY A 50 37.67 16.72 -12.59
N ILE A 51 37.30 17.69 -13.39
CA ILE A 51 37.12 19.05 -12.95
C ILE A 51 35.66 19.37 -13.13
N ALA A 52 35.00 19.76 -12.04
CA ALA A 52 33.61 20.22 -12.09
C ALA A 52 33.50 21.47 -12.94
N PHE A 53 32.48 21.50 -13.79
CA PHE A 53 32.17 22.64 -14.64
C PHE A 53 30.74 23.08 -14.34
N LYS A 54 30.57 24.37 -14.06
CA LYS A 54 29.23 24.91 -13.85
C LYS A 54 28.57 25.22 -15.19
N VAL A 55 27.37 24.69 -15.39
CA VAL A 55 26.64 24.84 -16.66
C VAL A 55 25.84 26.13 -16.55
N PRO A 56 26.06 27.11 -17.43
CA PRO A 56 25.34 28.38 -17.30
C PRO A 56 23.94 28.30 -17.90
N VAL A 57 22.99 28.97 -17.24
CA VAL A 57 21.62 29.03 -17.74
C VAL A 57 21.57 29.79 -19.04
N GLY A 58 22.51 30.70 -19.27
CA GLY A 58 22.53 31.52 -20.47
C GLY A 58 22.68 30.73 -21.75
N SER A 59 23.21 29.50 -21.66
CA SER A 59 23.30 28.64 -22.82
C SER A 59 21.94 28.20 -23.34
N LEU A 60 20.86 28.45 -22.60
CA LEU A 60 19.53 28.08 -23.04
C LEU A 60 18.87 29.17 -23.87
N PHE A 61 19.35 30.41 -23.78
CA PHE A 61 18.81 31.54 -24.55
C PHE A 61 19.70 31.77 -25.77
N SER A 62 19.17 31.49 -26.96
CA SER A 62 19.96 31.69 -28.18
C SER A 62 19.07 31.59 -29.39
N ALA A 63 19.44 32.33 -30.46
CA ALA A 63 18.74 32.19 -31.72
C ALA A 63 18.85 30.77 -32.26
N ASN A 64 19.91 30.04 -31.91
CA ASN A 64 20.04 28.65 -32.33
C ASN A 64 18.95 27.76 -31.76
N PHE A 65 18.24 28.22 -30.74
CA PHE A 65 17.13 27.48 -30.16
C PHE A 65 15.80 28.19 -30.35
N ARG A 66 15.80 29.33 -31.04
CA ARG A 66 14.60 30.16 -31.21
C ARG A 66 14.15 30.80 -29.90
N THR A 67 15.05 31.00 -28.94
CA THR A 67 14.66 31.45 -27.61
C THR A 67 15.34 32.75 -27.19
N ASP A 68 16.00 33.45 -28.11
CA ASP A 68 16.74 34.64 -27.72
C ASP A 68 15.84 35.77 -27.25
N SER A 69 14.52 35.70 -27.50
CA SER A 69 13.59 36.68 -26.97
C SER A 69 13.21 36.46 -25.51
N PHE A 70 13.58 35.33 -24.91
CA PHE A 70 13.32 35.10 -23.50
C PHE A 70 14.51 35.62 -22.69
N THR A 71 14.21 36.03 -21.45
CA THR A 71 15.25 36.34 -20.47
C THR A 71 15.17 35.51 -19.20
N SER A 72 14.17 34.63 -19.09
CA SER A 72 13.98 33.76 -17.94
C SER A 72 13.53 32.40 -18.41
N VAL A 73 13.71 31.39 -17.56
CA VAL A 73 13.31 30.03 -17.87
C VAL A 73 13.16 29.27 -16.57
N THR A 74 12.18 28.35 -16.52
CA THR A 74 11.97 27.45 -15.39
C THR A 74 12.43 26.06 -15.80
N VAL A 75 13.51 25.59 -15.19
CA VAL A 75 14.08 24.29 -15.49
C VAL A 75 13.28 23.22 -14.75
N MET A 76 12.94 22.16 -15.46
CA MET A 76 12.16 21.07 -14.87
C MET A 76 12.97 19.81 -14.63
N SER A 77 13.86 19.45 -15.55
CA SER A 77 14.74 18.30 -15.37
C SER A 77 15.96 18.49 -16.25
N VAL A 78 17.05 17.81 -15.87
CA VAL A 78 18.31 17.85 -16.60
C VAL A 78 18.74 16.43 -16.90
N ARG A 79 19.20 16.20 -18.12
CA ARG A 79 19.80 14.94 -18.51
C ARG A 79 21.12 15.24 -19.20
N ALA A 80 22.11 14.35 -19.01
CA ALA A 80 23.47 14.58 -19.50
C ALA A 80 24.07 13.29 -20.03
N TRP A 81 24.76 13.40 -21.16
CA TRP A 81 25.49 12.31 -21.80
C TRP A 81 26.91 12.74 -22.05
N THR A 82 27.86 11.83 -21.84
CA THR A 82 29.21 12.06 -22.33
C THR A 82 29.20 12.18 -23.86
N GLN A 83 29.98 13.12 -24.38
CA GLN A 83 29.92 13.47 -25.79
C GLN A 83 31.19 13.09 -26.56
N LEU A 84 32.27 12.80 -25.86
CA LEU A 84 33.48 12.32 -26.50
C LEU A 84 33.93 11.06 -25.77
N THR A 85 34.89 10.35 -26.35
CA THR A 85 35.30 9.08 -25.80
C THR A 85 36.07 9.27 -24.49
N PRO A 86 36.07 8.26 -23.61
CA PRO A 86 36.77 8.39 -22.32
C PRO A 86 38.25 8.12 -22.47
N PRO A 87 39.03 8.35 -21.41
CA PRO A 87 40.47 8.06 -21.47
C PRO A 87 40.71 6.58 -21.72
N VAL A 88 41.92 6.27 -22.21
CA VAL A 88 42.29 4.89 -22.48
C VAL A 88 42.09 4.06 -21.22
N ASN A 89 41.60 2.83 -21.40
CA ASN A 89 41.33 1.84 -20.37
C ASN A 89 40.11 2.15 -19.50
N GLU A 90 39.39 3.22 -19.74
CA GLU A 90 38.30 3.59 -18.86
C GLU A 90 36.95 3.48 -19.56
N TYR A 91 35.92 3.36 -18.72
CA TYR A 91 34.53 3.55 -19.10
C TYR A 91 34.11 4.98 -18.79
N SER A 92 33.27 5.54 -19.66
CA SER A 92 32.78 6.88 -19.46
C SER A 92 31.96 6.97 -18.17
N PHE A 93 31.99 8.15 -17.54
CA PHE A 93 31.08 8.46 -16.45
C PHE A 93 30.68 9.94 -16.56
N VAL A 94 29.55 10.27 -15.94
CA VAL A 94 29.11 11.65 -15.84
C VAL A 94 28.40 11.84 -14.51
N ARG A 95 28.63 13.00 -13.88
CA ARG A 95 28.03 13.36 -12.60
C ARG A 95 27.33 14.71 -12.70
N LEU A 96 26.18 14.82 -12.04
CA LEU A 96 25.46 16.08 -11.98
C LEU A 96 25.16 16.46 -10.54
N LYS A 97 25.47 17.70 -10.18
CA LYS A 97 25.18 18.22 -8.84
C LYS A 97 24.26 19.42 -8.99
N PRO A 98 22.98 19.29 -8.64
CA PRO A 98 22.07 20.42 -8.85
C PRO A 98 22.56 21.66 -8.12
N LEU A 99 22.41 22.81 -8.76
CA LEU A 99 22.67 24.11 -8.16
C LEU A 99 21.37 24.91 -8.08
N PHE A 100 21.20 25.65 -6.99
CA PHE A 100 19.99 26.44 -6.74
C PHE A 100 20.35 27.76 -6.09
N LYS A 101 19.62 28.81 -6.47
CA LYS A 101 19.92 30.12 -5.92
C LYS A 101 19.62 30.22 -4.43
N THR A 102 18.65 29.45 -3.93
CA THR A 102 18.32 29.43 -2.52
C THR A 102 19.20 28.47 -1.73
N GLY A 103 20.04 27.68 -2.40
CA GLY A 103 20.96 26.79 -1.72
C GLY A 103 21.39 25.64 -2.61
N ASP A 104 22.69 25.49 -2.81
CA ASP A 104 23.19 24.45 -3.70
C ASP A 104 23.05 23.06 -3.08
N SER A 105 22.88 22.07 -3.95
CA SER A 105 22.80 20.68 -3.52
CA SER A 105 22.80 20.68 -3.50
C SER A 105 24.19 20.05 -3.46
N THR A 106 24.31 19.00 -2.65
CA THR A 106 25.54 18.23 -2.59
C THR A 106 25.34 16.84 -3.18
N GLU A 107 24.21 16.60 -3.83
CA GLU A 107 24.02 15.34 -4.53
C GLU A 107 24.95 15.25 -5.74
N GLU A 108 25.35 14.05 -6.08
CA GLU A 108 26.16 13.83 -7.27
C GLU A 108 25.59 12.63 -8.02
N PHE A 109 24.46 12.84 -8.69
CA PHE A 109 23.85 11.80 -9.51
C PHE A 109 24.81 11.39 -10.60
N GLU A 110 25.08 10.08 -10.70
CA GLU A 110 26.12 9.60 -11.59
C GLU A 110 25.68 8.39 -12.41
N GLY A 111 26.09 8.41 -13.67
CA GLY A 111 25.98 7.24 -14.52
C GLY A 111 27.33 6.91 -15.11
N ARG A 112 27.54 5.62 -15.34
CA ARG A 112 28.73 5.12 -16.01
C ARG A 112 28.34 4.20 -17.16
N ALA A 113 29.13 4.23 -18.22
CA ALA A 113 28.95 3.27 -19.30
C ALA A 113 29.39 1.88 -18.83
N SER A 114 28.75 0.85 -19.37
CA SER A 114 29.20 -0.52 -19.21
C SER A 114 29.89 -1.08 -20.47
N ASN A 115 29.92 -0.32 -21.56
CA ASN A 115 30.73 -0.63 -22.73
C ASN A 115 31.62 0.58 -22.98
N ILE A 116 32.92 0.33 -23.20
CA ILE A 116 33.84 1.47 -23.26
C ILE A 116 33.53 2.39 -24.43
N ASN A 117 32.81 1.88 -25.44
CA ASN A 117 32.47 2.65 -26.63
C ASN A 117 31.14 3.37 -26.53
N THR A 118 30.48 3.35 -25.38
CA THR A 118 29.12 3.86 -25.23
C THR A 118 29.10 5.05 -24.29
N ARG A 119 28.11 5.90 -24.47
CA ARG A 119 27.95 7.08 -23.63
C ARG A 119 27.48 6.69 -22.24
N ALA A 120 28.02 7.37 -21.23
CA ALA A 120 27.44 7.38 -19.91
C ALA A 120 26.32 8.41 -19.88
N SER A 121 25.36 8.21 -18.97
CA SER A 121 24.20 9.09 -18.90
C SER A 121 23.62 9.08 -17.49
N VAL A 122 23.08 10.23 -17.11
CA VAL A 122 22.31 10.34 -15.88
C VAL A 122 21.47 11.60 -15.98
N GLY A 123 20.51 11.75 -15.07
CA GLY A 123 19.72 12.98 -14.99
C GLY A 123 19.13 13.16 -13.62
N TYR A 124 18.54 14.33 -13.41
CA TYR A 124 17.77 14.58 -12.21
C TYR A 124 16.54 15.43 -12.52
N ARG A 125 15.47 15.18 -11.77
CA ARG A 125 14.27 15.97 -11.84
C ARG A 125 14.25 16.99 -10.70
N ILE A 126 13.76 18.19 -11.01
CA ILE A 126 13.62 19.26 -10.04
C ILE A 126 12.21 19.19 -9.48
N PRO A 127 12.03 19.18 -8.16
CA PRO A 127 10.68 19.11 -7.60
C PRO A 127 9.90 20.40 -7.78
N THR A 128 8.56 20.28 -7.74
CA THR A 128 7.72 21.43 -8.02
C THR A 128 8.08 22.62 -7.14
N ASN A 129 8.41 22.37 -5.87
CA ASN A 129 8.67 23.46 -4.93
C ASN A 129 9.98 24.18 -5.24
N LEU A 130 10.84 23.61 -6.07
CA LEU A 130 12.10 24.24 -6.47
C LEU A 130 12.10 24.70 -7.92
N ARG A 131 10.94 24.77 -8.56
CA ARG A 131 10.86 25.19 -9.96
C ARG A 131 10.53 26.67 -10.02
N GLN A 132 11.52 27.48 -9.68
CA GLN A 132 11.43 28.92 -9.90
C GLN A 132 12.27 29.31 -11.11
N ASN A 133 12.31 30.60 -11.42
CA ASN A 133 12.98 31.05 -12.64
C ASN A 133 14.48 31.15 -12.45
N THR A 134 15.21 31.13 -13.57
CA THR A 134 16.64 31.42 -13.58
C THR A 134 16.90 32.34 -14.77
N VAL A 135 17.96 33.13 -14.67
CA VAL A 135 18.35 34.04 -15.73
C VAL A 135 19.74 33.65 -16.24
N ALA A 136 20.26 34.40 -17.21
CA ALA A 136 21.46 33.97 -17.92
C ALA A 136 22.67 33.87 -16.98
N ALA A 137 22.79 34.78 -16.02
CA ALA A 137 23.94 34.76 -15.12
C ALA A 137 23.91 33.57 -14.17
N ASP A 138 22.78 32.89 -14.04
CA ASP A 138 22.68 31.76 -13.12
C ASP A 138 23.35 30.52 -13.72
N ASN A 139 23.53 29.52 -12.87
CA ASN A 139 24.10 28.23 -13.26
C ASN A 139 23.10 27.14 -12.95
N VAL A 140 22.97 26.19 -13.87
CA VAL A 140 21.98 25.12 -13.71
C VAL A 140 22.50 24.05 -12.76
N CYS A 141 23.70 23.54 -13.02
CA CYS A 141 24.23 22.42 -12.27
C CYS A 141 25.73 22.39 -12.50
N GLU A 142 26.40 21.54 -11.74
CA GLU A 142 27.81 21.23 -11.95
C GLU A 142 27.91 19.86 -12.61
N VAL A 143 28.76 19.78 -13.62
CA VAL A 143 28.98 18.54 -14.36
CA VAL A 143 28.98 18.54 -14.36
C VAL A 143 30.41 18.10 -14.11
N ARG A 144 30.60 16.79 -13.96
CA ARG A 144 31.92 16.18 -13.83
C ARG A 144 31.95 14.92 -14.70
N SER A 145 33.04 14.73 -15.45
CA SER A 145 33.19 13.60 -16.36
C SER A 145 34.67 13.32 -16.61
N ASN A 146 34.97 12.08 -17.02
CA ASN A 146 36.31 11.77 -17.51
C ASN A 146 36.48 12.05 -19.00
N CYS A 147 35.41 12.47 -19.67
CA CYS A 147 35.41 12.83 -21.08
C CYS A 147 35.44 14.37 -21.20
N ARG A 148 35.79 14.84 -22.39
CA ARG A 148 36.07 16.26 -22.57
C ARG A 148 34.89 17.05 -23.10
N GLN A 149 33.76 16.40 -23.38
CA GLN A 149 32.54 17.11 -23.71
C GLN A 149 31.38 16.35 -23.09
N VAL A 150 30.35 17.10 -22.69
CA VAL A 150 29.11 16.53 -22.18
C VAL A 150 27.96 17.11 -22.99
N ALA A 151 27.04 16.24 -23.41
CA ALA A 151 25.87 16.61 -24.19
C ALA A 151 24.69 16.63 -23.23
N LEU A 152 24.04 17.77 -23.13
CA LEU A 152 22.94 17.97 -22.21
C LEU A 152 21.63 18.19 -22.95
N VAL A 153 20.55 17.68 -22.37
CA VAL A 153 19.20 17.98 -22.81
C VAL A 153 18.40 18.41 -21.59
N ILE A 154 17.93 19.66 -21.61
CA ILE A 154 17.26 20.25 -20.46
C ILE A 154 15.80 20.49 -20.83
N SER A 155 14.89 19.89 -20.06
CA SER A 155 13.47 20.15 -20.19
C SER A 155 13.12 21.37 -19.36
N CYS A 156 12.53 22.39 -19.99
CA CYS A 156 12.31 23.65 -19.31
C CYS A 156 11.13 24.39 -19.92
N CYS A 157 10.63 25.37 -19.17
CA CYS A 157 9.54 26.23 -19.61
C CYS A 157 10.08 27.64 -19.74
N PHE A 158 10.22 28.12 -20.98
CA PHE A 158 10.62 29.49 -21.23
C PHE A 158 9.45 30.43 -20.98
N ASN A 159 9.73 31.56 -20.32
CA ASN A 159 8.70 32.55 -20.07
C ASN A 159 9.26 33.96 -19.94
N SER B 17 -6.14 -26.32 -58.66
CA SER B 17 -6.08 -26.67 -60.08
C SER B 17 -4.64 -26.87 -60.52
N ASN B 18 -4.42 -27.88 -61.36
CA ASN B 18 -3.10 -28.18 -61.89
C ASN B 18 -3.03 -27.96 -63.39
N VAL B 19 -4.10 -27.45 -64.02
CA VAL B 19 -4.11 -27.24 -65.46
C VAL B 19 -4.62 -25.83 -65.77
N VAL B 20 -4.34 -25.37 -66.99
CA VAL B 20 -4.85 -24.08 -67.42
C VAL B 20 -6.37 -24.16 -67.37
N THR B 21 -7.00 -23.01 -67.15
CA THR B 21 -8.45 -22.90 -67.13
C THR B 21 -8.88 -21.66 -67.90
N MET B 22 -10.05 -21.75 -68.52
CA MET B 22 -10.56 -20.62 -69.29
CA MET B 22 -10.56 -20.62 -69.29
C MET B 22 -11.04 -19.51 -68.36
N ILE B 23 -10.85 -18.27 -68.81
CA ILE B 23 -11.32 -17.07 -68.14
C ILE B 23 -12.42 -16.46 -69.02
N ARG B 24 -13.62 -16.33 -68.46
CA ARG B 24 -14.76 -15.79 -69.20
C ARG B 24 -14.70 -14.27 -69.18
N ALA B 25 -13.72 -13.75 -69.91
CA ALA B 25 -13.51 -12.30 -69.99
C ALA B 25 -14.75 -11.62 -70.58
N GLY B 26 -14.88 -10.33 -70.27
CA GLY B 26 -15.97 -9.54 -70.80
C GLY B 26 -15.48 -8.40 -71.66
N SER B 27 -15.91 -7.17 -71.35
CA SER B 27 -15.50 -6.01 -72.12
C SER B 27 -14.04 -5.62 -71.81
N TYR B 28 -13.47 -4.86 -72.72
CA TYR B 28 -12.11 -4.40 -72.53
C TYR B 28 -12.07 -3.50 -71.30
N PRO B 29 -11.19 -3.75 -70.34
CA PRO B 29 -11.20 -2.96 -69.10
C PRO B 29 -10.54 -1.60 -69.31
N LYS B 30 -10.63 -0.75 -68.28
CA LYS B 30 -9.76 0.41 -68.23
C LYS B 30 -8.33 -0.05 -68.00
N VAL B 31 -7.37 0.58 -68.69
CA VAL B 31 -5.97 0.16 -68.58
C VAL B 31 -5.08 1.38 -68.34
N ASN B 32 -3.84 1.10 -67.98
CA ASN B 32 -2.84 2.14 -67.81
C ASN B 32 -1.46 1.50 -67.93
N PRO B 33 -0.73 1.76 -69.02
CA PRO B 33 0.60 1.14 -69.19
C PRO B 33 1.67 1.76 -68.31
N THR B 34 1.41 2.91 -67.69
CA THR B 34 2.44 3.63 -66.93
C THR B 34 1.86 4.05 -65.60
N PRO B 35 1.64 3.11 -64.70
CA PRO B 35 1.01 3.43 -63.41
C PRO B 35 1.99 4.04 -62.41
N THR B 36 1.42 4.50 -61.31
CA THR B 36 2.20 5.04 -60.22
C THR B 36 2.75 3.90 -59.38
N TRP B 37 3.66 4.24 -58.47
CA TRP B 37 4.42 3.23 -57.75
C TRP B 37 4.93 3.83 -56.47
N VAL B 38 4.53 3.23 -55.34
CA VAL B 38 4.98 3.64 -54.02
C VAL B 38 6.24 2.87 -53.68
N ARG B 39 7.25 3.57 -53.18
CA ARG B 39 8.59 3.00 -53.08
C ARG B 39 9.30 3.53 -51.85
N ALA B 40 10.31 2.76 -51.42
CA ALA B 40 11.30 3.18 -50.43
C ALA B 40 12.66 3.08 -51.09
N ILE B 41 13.24 4.24 -51.42
CA ILE B 41 14.41 4.32 -52.30
C ILE B 41 15.68 4.47 -51.47
N PRO B 42 16.64 3.55 -51.58
CA PRO B 42 17.90 3.71 -50.84
C PRO B 42 19.06 4.26 -51.67
N PHE B 43 19.70 5.32 -51.19
CA PHE B 43 20.85 5.87 -51.90
C PHE B 43 21.70 6.64 -50.90
N GLU B 44 22.93 6.96 -51.30
CA GLU B 44 23.90 7.62 -50.44
C GLU B 44 24.29 8.96 -51.05
N VAL B 45 24.67 9.90 -50.19
CA VAL B 45 25.16 11.22 -50.57
C VAL B 45 26.47 11.51 -49.83
N SER B 46 27.34 12.30 -50.45
CA SER B 46 28.56 12.74 -49.79
C SER B 46 28.33 14.04 -49.02
N VAL B 47 28.90 14.11 -47.81
CA VAL B 47 28.73 15.25 -46.92
C VAL B 47 30.09 15.74 -46.48
N GLN B 48 30.25 17.06 -46.42
CA GLN B 48 31.48 17.68 -45.95
C GLN B 48 31.31 18.19 -44.53
N SER B 49 32.45 18.37 -43.86
CA SER B 49 32.42 18.85 -42.49
C SER B 49 31.97 20.30 -42.42
N GLY B 50 31.00 20.56 -41.56
CA GLY B 50 30.49 21.90 -41.33
C GLY B 50 29.67 22.49 -42.45
N ILE B 51 29.36 21.71 -43.48
CA ILE B 51 28.67 22.21 -44.67
C ILE B 51 27.40 21.39 -44.88
N ALA B 52 26.33 22.07 -45.26
CA ALA B 52 25.06 21.42 -45.54
C ALA B 52 25.01 21.02 -47.01
N PHE B 53 24.61 19.78 -47.28
CA PHE B 53 24.44 19.30 -48.64
C PHE B 53 22.96 19.21 -48.99
N LYS B 54 22.58 19.86 -50.08
CA LYS B 54 21.21 19.78 -50.59
C LYS B 54 21.02 18.49 -51.37
N VAL B 55 20.10 17.66 -50.91
CA VAL B 55 19.81 16.39 -51.57
C VAL B 55 18.96 16.61 -52.82
N PRO B 56 19.41 16.23 -54.01
CA PRO B 56 18.58 16.48 -55.19
C PRO B 56 17.54 15.40 -55.43
N VAL B 57 16.34 15.84 -55.84
CA VAL B 57 15.28 14.88 -56.13
C VAL B 57 15.65 14.03 -57.33
N GLY B 58 16.47 14.57 -58.23
CA GLY B 58 16.88 13.81 -59.39
C GLY B 58 17.56 12.50 -59.06
N SER B 59 18.13 12.38 -57.86
CA SER B 59 18.74 11.12 -57.47
C SER B 59 17.73 9.98 -57.38
N LEU B 60 16.43 10.31 -57.29
CA LEU B 60 15.38 9.30 -57.17
C LEU B 60 14.95 8.72 -58.50
N PHE B 61 15.28 9.36 -59.61
CA PHE B 61 14.97 8.87 -60.95
C PHE B 61 16.23 8.23 -61.51
N SER B 62 16.21 6.90 -61.64
CA SER B 62 17.38 6.18 -62.15
C SER B 62 16.98 4.77 -62.51
N ALA B 63 17.65 4.22 -63.52
CA ALA B 63 17.44 2.82 -63.84
C ALA B 63 17.86 1.91 -62.69
N ASN B 64 18.77 2.38 -61.83
CA ASN B 64 19.16 1.62 -60.64
C ASN B 64 18.02 1.40 -59.66
N PHE B 65 16.90 2.11 -59.82
CA PHE B 65 15.74 1.94 -58.94
C PHE B 65 14.50 1.52 -59.72
N ARG B 66 14.64 1.29 -61.03
CA ARG B 66 13.54 0.99 -61.94
C ARG B 66 12.60 2.18 -62.11
N THR B 67 13.06 3.41 -61.85
CA THR B 67 12.19 4.59 -61.83
C THR B 67 12.57 5.60 -62.92
N ASP B 68 13.30 5.16 -63.93
CA ASP B 68 13.78 6.08 -64.96
C ASP B 68 12.69 6.56 -65.90
N SER B 69 11.52 5.93 -65.90
CA SER B 69 10.40 6.40 -66.72
C SER B 69 9.58 7.51 -66.07
N PHE B 70 9.83 7.81 -64.80
CA PHE B 70 9.11 8.86 -64.08
C PHE B 70 9.84 10.19 -64.20
N THR B 71 9.10 11.29 -64.15
CA THR B 71 9.68 12.62 -64.10
C THR B 71 9.28 13.41 -62.86
N SER B 72 8.36 12.86 -62.07
CA SER B 72 7.82 13.51 -60.89
C SER B 72 7.67 12.48 -59.79
N VAL B 73 7.70 12.95 -58.54
CA VAL B 73 7.54 12.08 -57.39
C VAL B 73 7.02 12.89 -56.21
N THR B 74 6.21 12.23 -55.35
CA THR B 74 5.70 12.82 -54.12
C THR B 74 6.41 12.17 -52.95
N VAL B 75 7.24 12.92 -52.26
CA VAL B 75 7.95 12.41 -51.10
C VAL B 75 7.00 12.37 -49.92
N MET B 76 7.08 11.30 -49.15
CA MET B 76 6.26 11.15 -47.95
C MET B 76 7.04 11.27 -46.65
N SER B 77 8.24 10.68 -46.58
CA SER B 77 9.08 10.77 -45.38
C SER B 77 10.51 10.51 -45.81
N VAL B 78 11.45 10.99 -44.99
CA VAL B 78 12.87 10.89 -45.24
C VAL B 78 13.53 10.33 -43.99
N ARG B 79 14.33 9.29 -44.17
CA ARG B 79 15.14 8.75 -43.09
C ARG B 79 16.60 8.73 -43.52
N ALA B 80 17.50 9.09 -42.60
CA ALA B 80 18.93 9.16 -42.90
C ALA B 80 19.77 8.43 -41.85
N TRP B 81 20.82 7.76 -42.32
CA TRP B 81 21.79 7.05 -41.49
C TRP B 81 23.20 7.47 -41.90
N THR B 82 24.08 7.68 -40.92
CA THR B 82 25.49 7.84 -41.25
C THR B 82 26.02 6.55 -41.89
N GLN B 83 26.86 6.69 -42.91
CA GLN B 83 27.30 5.57 -43.74
C GLN B 83 28.79 5.29 -43.61
N LEU B 84 29.56 6.20 -43.03
CA LEU B 84 30.96 5.97 -42.72
C LEU B 84 31.21 6.33 -41.26
N THR B 85 32.37 5.90 -40.76
CA THR B 85 32.71 6.12 -39.36
C THR B 85 32.94 7.60 -39.07
N PRO B 86 32.77 8.01 -37.83
CA PRO B 86 32.91 9.42 -37.48
C PRO B 86 34.36 9.77 -37.20
N PRO B 87 34.67 11.05 -36.97
CA PRO B 87 36.04 11.42 -36.62
C PRO B 87 36.48 10.77 -35.33
N VAL B 88 37.80 10.71 -35.14
CA VAL B 88 38.36 10.13 -33.94
C VAL B 88 37.78 10.85 -32.72
N ASN B 89 37.47 10.08 -31.69
CA ASN B 89 36.98 10.51 -30.39
C ASN B 89 35.51 10.94 -30.40
N GLU B 90 34.84 10.96 -31.54
CA GLU B 90 33.49 11.52 -31.63
C GLU B 90 32.46 10.41 -31.79
N TYR B 91 31.20 10.76 -31.52
CA TYR B 91 30.04 9.93 -31.85
C TYR B 91 29.37 10.49 -33.10
N SER B 92 28.84 9.59 -33.94
CA SER B 92 28.21 10.03 -35.18
C SER B 92 26.99 10.91 -34.88
N PHE B 93 26.65 11.79 -35.83
CA PHE B 93 25.43 12.59 -35.74
C PHE B 93 25.03 12.87 -37.18
N VAL B 94 23.72 13.06 -37.39
CA VAL B 94 23.19 13.41 -38.68
C VAL B 94 22.02 14.35 -38.47
N ARG B 95 21.87 15.34 -39.34
CA ARG B 95 20.80 16.32 -39.24
C ARG B 95 20.06 16.41 -40.56
N LEU B 96 18.77 16.67 -40.48
CA LEU B 96 17.95 16.83 -41.66
C LEU B 96 17.15 18.12 -41.55
N LYS B 97 17.29 19.01 -42.52
CA LYS B 97 16.46 20.22 -42.62
C LYS B 97 15.51 20.10 -43.80
N PRO B 98 14.20 20.04 -43.59
CA PRO B 98 13.29 19.89 -44.73
C PRO B 98 13.33 21.13 -45.61
N LEU B 99 13.28 20.92 -46.92
CA LEU B 99 13.18 21.97 -47.91
C LEU B 99 11.90 21.79 -48.71
N PHE B 100 11.31 22.92 -49.12
CA PHE B 100 10.02 22.94 -49.82
C PHE B 100 10.03 24.09 -50.82
N LYS B 101 9.38 23.86 -51.96
CA LYS B 101 9.32 24.91 -52.98
C LYS B 101 8.44 26.07 -52.53
N THR B 102 7.40 25.82 -51.74
CA THR B 102 6.59 26.91 -51.23
C THR B 102 7.19 27.58 -50.00
N GLY B 103 8.29 27.07 -49.48
CA GLY B 103 9.00 27.71 -48.38
C GLY B 103 9.82 26.72 -47.57
N ASP B 104 11.11 27.00 -47.37
CA ASP B 104 11.97 26.06 -46.67
C ASP B 104 11.76 26.13 -45.17
N SER B 105 11.82 24.97 -44.51
CA SER B 105 11.78 24.89 -43.07
C SER B 105 13.13 25.30 -42.48
N THR B 106 13.13 25.50 -41.16
CA THR B 106 14.37 25.69 -40.40
C THR B 106 14.57 24.61 -39.31
N GLU B 107 13.73 23.58 -39.29
CA GLU B 107 13.93 22.48 -38.36
C GLU B 107 15.23 21.76 -38.69
N GLU B 108 15.86 21.19 -37.67
CA GLU B 108 17.08 20.41 -37.85
C GLU B 108 16.94 19.14 -37.01
N PHE B 109 16.06 18.24 -37.48
CA PHE B 109 15.91 16.94 -36.85
C PHE B 109 17.26 16.25 -36.79
N GLU B 110 17.63 15.77 -35.60
CA GLU B 110 18.97 15.24 -35.41
C GLU B 110 18.96 13.96 -34.60
N GLY B 111 19.78 13.03 -35.02
CA GLY B 111 20.06 11.84 -34.23
C GLY B 111 21.55 11.67 -34.03
N ARG B 112 21.93 11.18 -32.86
CA ARG B 112 23.32 10.91 -32.51
C ARG B 112 23.48 9.45 -32.11
N ALA B 113 24.63 8.87 -32.40
CA ALA B 113 24.94 7.53 -31.94
C ALA B 113 25.30 7.57 -30.47
N SER B 114 24.98 6.50 -29.76
CA SER B 114 25.42 6.35 -28.37
C SER B 114 26.52 5.33 -28.22
N ASN B 115 26.98 4.74 -29.32
CA ASN B 115 28.16 3.88 -29.38
C ASN B 115 28.97 4.38 -30.57
N ILE B 116 30.27 4.62 -30.36
CA ILE B 116 31.07 5.23 -31.40
C ILE B 116 31.09 4.38 -32.66
N ASN B 117 30.82 3.09 -32.55
CA ASN B 117 30.87 2.15 -33.66
C ASN B 117 29.57 2.05 -34.44
N THR B 118 28.53 2.78 -34.01
CA THR B 118 27.18 2.60 -34.49
C THR B 118 26.71 3.79 -35.32
N ARG B 119 25.86 3.51 -36.30
CA ARG B 119 25.30 4.59 -37.09
C ARG B 119 24.41 5.54 -36.27
N ALA B 120 24.45 6.83 -36.61
CA ALA B 120 23.43 7.77 -36.18
C ALA B 120 22.27 7.79 -37.18
N SER B 121 21.06 8.04 -36.68
CA SER B 121 19.93 8.05 -37.58
C SER B 121 18.86 9.04 -37.15
N VAL B 122 18.08 9.51 -38.12
CA VAL B 122 16.95 10.36 -37.85
C VAL B 122 16.08 10.39 -39.09
N GLY B 123 14.82 10.79 -38.93
CA GLY B 123 13.94 10.96 -40.06
C GLY B 123 12.89 12.02 -39.76
N TYR B 124 12.16 12.40 -40.81
CA TYR B 124 11.05 13.31 -40.66
C TYR B 124 9.94 12.93 -41.64
N ARG B 125 8.71 13.14 -41.21
CA ARG B 125 7.54 12.88 -42.02
C ARG B 125 7.03 14.19 -42.62
N ILE B 126 6.62 14.16 -43.88
CA ILE B 126 5.99 15.29 -44.54
C ILE B 126 4.50 15.21 -44.29
N PRO B 127 3.85 16.26 -43.79
CA PRO B 127 2.40 16.21 -43.59
C PRO B 127 1.65 16.16 -44.90
N THR B 128 0.41 15.64 -44.84
CA THR B 128 -0.37 15.45 -46.06
C THR B 128 -0.49 16.73 -46.87
N ASN B 129 -0.57 17.88 -46.18
CA ASN B 129 -0.85 19.13 -46.85
C ASN B 129 0.35 19.63 -47.61
N LEU B 130 1.54 19.09 -47.36
CA LEU B 130 2.74 19.43 -48.08
C LEU B 130 3.25 18.32 -49.01
N ARG B 131 2.39 17.37 -49.39
CA ARG B 131 2.79 16.25 -50.24
C ARG B 131 2.40 16.51 -51.70
N GLN B 132 3.11 17.46 -52.30
CA GLN B 132 2.98 17.76 -53.72
C GLN B 132 4.16 17.13 -54.45
N ASN B 133 4.21 17.34 -55.77
CA ASN B 133 5.25 16.72 -56.58
C ASN B 133 6.55 17.52 -56.54
N THR B 134 7.65 16.82 -56.81
CA THR B 134 8.95 17.44 -57.00
C THR B 134 9.58 16.85 -58.26
N VAL B 135 10.45 17.64 -58.88
CA VAL B 135 11.13 17.25 -60.11
C VAL B 135 12.63 17.22 -59.86
N ALA B 136 13.37 16.77 -60.87
CA ALA B 136 14.80 16.51 -60.68
C ALA B 136 15.55 17.75 -60.21
N ALA B 137 15.14 18.94 -60.66
CA ALA B 137 15.82 20.16 -60.25
C ALA B 137 15.55 20.56 -58.80
N ASP B 138 14.55 19.97 -58.16
CA ASP B 138 14.23 20.33 -56.78
C ASP B 138 15.15 19.62 -55.79
N ASN B 139 15.14 20.10 -54.55
CA ASN B 139 15.88 19.48 -53.46
C ASN B 139 14.91 19.03 -52.39
N VAL B 140 15.19 17.88 -51.78
CA VAL B 140 14.31 17.34 -50.74
C VAL B 140 14.60 17.97 -49.39
N CYS B 141 15.87 18.02 -48.99
CA CYS B 141 16.29 18.44 -47.66
C CYS B 141 17.78 18.74 -47.73
N GLU B 142 18.29 19.36 -46.67
CA GLU B 142 19.72 19.50 -46.42
C GLU B 142 20.14 18.46 -45.38
N VAL B 143 21.34 17.92 -45.55
CA VAL B 143 21.92 16.93 -44.65
C VAL B 143 23.21 17.53 -44.10
N ARG B 144 23.42 17.38 -42.78
CA ARG B 144 24.66 17.71 -42.11
C ARG B 144 25.07 16.51 -41.25
N SER B 145 26.38 16.31 -41.09
CA SER B 145 26.89 15.16 -40.36
C SER B 145 28.39 15.40 -40.13
N ASN B 146 28.94 14.73 -39.12
CA ASN B 146 30.39 14.63 -38.98
C ASN B 146 30.97 13.43 -39.74
N CYS B 147 30.15 12.69 -40.49
CA CYS B 147 30.60 11.56 -41.29
C CYS B 147 30.53 11.93 -42.77
N ARG B 148 31.44 11.35 -43.56
CA ARG B 148 31.64 11.83 -44.92
C ARG B 148 30.60 11.28 -45.89
N GLN B 149 29.73 10.38 -45.44
CA GLN B 149 28.66 9.87 -46.28
C GLN B 149 27.44 9.59 -45.40
N VAL B 150 26.25 9.71 -46.00
CA VAL B 150 24.97 9.43 -45.36
C VAL B 150 24.15 8.55 -46.29
N ALA B 151 23.49 7.53 -45.71
CA ALA B 151 22.61 6.64 -46.45
C ALA B 151 21.18 7.10 -46.23
N LEU B 152 20.47 7.42 -47.30
CA LEU B 152 19.08 7.86 -47.21
C LEU B 152 18.14 6.76 -47.68
N VAL B 153 16.97 6.68 -47.04
CA VAL B 153 15.87 5.85 -47.51
C VAL B 153 14.66 6.77 -47.58
N ILE B 154 14.17 7.05 -48.77
CA ILE B 154 13.06 7.98 -48.98
C ILE B 154 11.82 7.21 -49.40
N SER B 155 10.75 7.33 -48.62
CA SER B 155 9.46 6.75 -48.93
C SER B 155 8.70 7.76 -49.78
N CYS B 156 8.26 7.33 -50.95
CA CYS B 156 7.66 8.25 -51.91
C CYS B 156 6.70 7.52 -52.83
N CYS B 157 6.00 8.32 -53.64
CA CYS B 157 5.01 7.88 -54.62
C CYS B 157 5.44 8.43 -55.98
N PHE B 158 6.02 7.59 -56.81
CA PHE B 158 6.37 8.00 -58.16
C PHE B 158 5.10 8.13 -59.00
N ASN B 159 5.02 9.21 -59.76
CA ASN B 159 3.87 9.40 -60.63
C ASN B 159 4.23 10.21 -61.87
N ASN C 16 9.20 -47.91 -20.45
CA ASN C 16 9.18 -48.20 -19.03
C ASN C 16 9.52 -49.67 -18.75
N SER C 17 9.79 -50.43 -19.80
CA SER C 17 9.89 -51.88 -19.69
C SER C 17 11.24 -52.34 -19.15
N ASN C 18 12.31 -51.63 -19.46
CA ASN C 18 13.67 -51.98 -19.04
C ASN C 18 14.17 -53.23 -19.73
N VAL C 19 13.33 -53.96 -20.47
CA VAL C 19 13.81 -55.13 -21.20
C VAL C 19 13.27 -55.15 -22.63
N VAL C 20 13.95 -55.92 -23.49
CA VAL C 20 13.46 -56.10 -24.86
C VAL C 20 12.08 -56.72 -24.82
N THR C 21 11.21 -56.29 -25.73
CA THR C 21 9.84 -56.77 -25.87
C THR C 21 9.61 -57.16 -27.33
N MET C 22 8.75 -58.16 -27.53
CA MET C 22 8.43 -58.65 -28.87
C MET C 22 7.51 -57.68 -29.61
N ILE C 23 7.72 -57.61 -30.92
CA ILE C 23 6.92 -56.82 -31.84
C ILE C 23 6.17 -57.80 -32.74
N ARG C 24 4.84 -57.69 -32.76
CA ARG C 24 4.01 -58.56 -33.59
C ARG C 24 3.96 -58.06 -35.03
N ALA C 25 5.13 -58.09 -35.67
CA ALA C 25 5.26 -57.55 -37.01
C ALA C 25 4.30 -58.21 -37.98
N GLY C 26 3.92 -57.47 -39.01
CA GLY C 26 2.98 -57.96 -39.98
C GLY C 26 3.64 -58.27 -41.30
N SER C 27 3.07 -57.75 -42.37
CA SER C 27 3.61 -57.95 -43.71
C SER C 27 4.81 -57.05 -43.93
N TYR C 28 5.62 -57.40 -44.93
CA TYR C 28 6.75 -56.55 -45.27
C TYR C 28 6.23 -55.18 -45.71
N PRO C 29 6.70 -54.09 -45.11
CA PRO C 29 6.20 -52.76 -45.44
C PRO C 29 6.85 -52.19 -46.71
N LYS C 30 6.26 -51.11 -47.22
CA LYS C 30 6.96 -50.31 -48.20
C LYS C 30 8.21 -49.75 -47.56
N VAL C 31 9.29 -49.65 -48.33
CA VAL C 31 10.59 -49.19 -47.85
C VAL C 31 11.23 -48.24 -48.86
N ASN C 32 12.24 -47.50 -48.40
CA ASN C 32 13.04 -46.63 -49.24
C ASN C 32 14.41 -46.45 -48.61
N PRO C 33 15.46 -47.05 -49.16
CA PRO C 33 16.81 -46.88 -48.58
C PRO C 33 17.40 -45.49 -48.76
N THR C 34 16.85 -44.66 -49.64
CA THR C 34 17.42 -43.36 -49.98
C THR C 34 16.33 -42.29 -49.95
N PRO C 35 15.86 -41.92 -48.76
CA PRO C 35 14.77 -40.96 -48.64
C PRO C 35 15.28 -39.52 -48.84
N THR C 36 14.32 -38.59 -48.86
CA THR C 36 14.60 -37.17 -48.96
C THR C 36 15.03 -36.62 -47.60
N TRP C 37 15.44 -35.35 -47.58
CA TRP C 37 15.99 -34.78 -46.36
C TRP C 37 15.91 -33.26 -46.42
N VAL C 38 15.16 -32.67 -45.52
CA VAL C 38 15.10 -31.21 -45.42
C VAL C 38 16.21 -30.73 -44.50
N ARG C 39 16.97 -29.73 -44.95
CA ARG C 39 18.22 -29.38 -44.30
C ARG C 39 18.44 -27.87 -44.29
N ALA C 40 19.36 -27.45 -43.42
CA ALA C 40 19.89 -26.09 -43.37
C ALA C 40 21.40 -26.20 -43.53
N ILE C 41 21.90 -25.82 -44.69
CA ILE C 41 23.29 -26.07 -45.08
C ILE C 41 24.10 -24.79 -44.87
N PRO C 42 25.10 -24.80 -43.97
CA PRO C 42 25.99 -23.65 -43.83
C PRO C 42 27.29 -23.82 -44.61
N PHE C 43 27.62 -22.84 -45.45
CA PHE C 43 28.89 -22.86 -46.18
C PHE C 43 29.23 -21.42 -46.51
N GLU C 44 30.50 -21.20 -46.85
CA GLU C 44 31.02 -19.85 -47.06
C GLU C 44 31.52 -19.71 -48.49
N VAL C 45 31.52 -18.49 -49.01
CA VAL C 45 31.97 -18.22 -50.36
C VAL C 45 32.85 -16.97 -50.35
N SER C 46 33.79 -16.92 -51.30
CA SER C 46 34.70 -15.78 -51.43
C SER C 46 34.12 -14.76 -52.40
N VAL C 47 34.30 -13.48 -52.05
CA VAL C 47 33.66 -12.38 -52.77
C VAL C 47 34.71 -11.31 -52.96
N GLN C 48 34.73 -10.72 -54.14
CA GLN C 48 35.62 -9.62 -54.46
C GLN C 48 34.88 -8.30 -54.57
N SER C 49 35.58 -7.20 -54.27
CA SER C 49 34.97 -5.89 -54.31
C SER C 49 34.39 -5.56 -55.69
N GLY C 50 33.16 -5.07 -55.70
CA GLY C 50 32.49 -4.68 -56.92
C GLY C 50 32.07 -5.80 -57.83
N ILE C 51 32.35 -7.06 -57.51
CA ILE C 51 32.08 -8.18 -58.39
C ILE C 51 31.03 -9.08 -57.76
N ALA C 52 30.15 -9.62 -58.59
CA ALA C 52 29.14 -10.56 -58.14
C ALA C 52 29.67 -11.98 -58.21
N PHE C 53 29.41 -12.76 -57.17
CA PHE C 53 29.79 -14.16 -57.15
C PHE C 53 28.54 -15.01 -57.32
N LYS C 54 28.55 -15.86 -58.35
CA LYS C 54 27.46 -16.80 -58.59
C LYS C 54 27.63 -18.03 -57.70
N VAL C 55 26.64 -18.31 -56.86
CA VAL C 55 26.71 -19.42 -55.91
C VAL C 55 26.22 -20.68 -56.59
N PRO C 56 27.05 -21.71 -56.75
CA PRO C 56 26.59 -22.91 -57.42
C PRO C 56 25.90 -23.94 -56.51
N VAL C 57 24.84 -24.55 -57.05
CA VAL C 57 24.12 -25.57 -56.30
C VAL C 57 25.03 -26.72 -55.92
N GLY C 58 26.08 -26.96 -56.70
CA GLY C 58 26.99 -28.05 -56.42
C GLY C 58 27.63 -27.96 -55.06
N SER C 59 27.59 -26.77 -54.45
CA SER C 59 28.16 -26.58 -53.13
C SER C 59 27.38 -27.34 -52.06
N LEU C 60 26.12 -27.62 -52.32
CA LEU C 60 25.25 -28.27 -51.35
C LEU C 60 25.39 -29.78 -51.33
N PHE C 61 26.01 -30.39 -52.35
CA PHE C 61 26.28 -31.83 -52.37
C PHE C 61 27.72 -32.08 -51.91
N SER C 62 27.88 -32.70 -50.74
CA SER C 62 29.20 -32.87 -50.15
C SER C 62 29.11 -33.81 -48.95
N ALA C 63 30.16 -34.61 -48.77
CA ALA C 63 30.26 -35.42 -47.57
C ALA C 63 30.33 -34.55 -46.31
N ASN C 64 30.77 -33.30 -46.43
CA ASN C 64 30.76 -32.38 -45.29
C ASN C 64 29.37 -32.04 -44.79
N PHE C 65 28.35 -32.37 -45.57
CA PHE C 65 26.97 -32.16 -45.15
C PHE C 65 26.17 -33.45 -45.05
N ARG C 66 26.81 -34.60 -45.30
CA ARG C 66 26.16 -35.89 -45.40
C ARG C 66 25.28 -35.99 -46.65
N THR C 67 25.57 -35.19 -47.68
CA THR C 67 24.66 -35.07 -48.83
C THR C 67 25.31 -35.46 -50.15
N ASP C 68 26.44 -36.16 -50.12
CA ASP C 68 27.11 -36.45 -51.38
C ASP C 68 26.35 -37.47 -52.21
N SER C 69 25.36 -38.16 -51.62
CA SER C 69 24.57 -39.14 -52.35
C SER C 69 23.41 -38.52 -53.12
N PHE C 70 23.14 -37.23 -52.93
CA PHE C 70 22.09 -36.54 -53.66
C PHE C 70 22.66 -35.87 -54.90
N THR C 71 21.84 -35.77 -55.95
CA THR C 71 22.23 -35.11 -57.19
C THR C 71 21.26 -33.98 -57.54
N SER C 72 20.20 -33.78 -56.76
CA SER C 72 19.24 -32.70 -56.95
C SER C 72 18.83 -32.16 -55.59
N VAL C 73 18.31 -30.94 -55.61
CA VAL C 73 17.85 -30.28 -54.39
C VAL C 73 16.82 -29.23 -54.77
N THR C 74 15.82 -29.06 -53.90
CA THR C 74 14.82 -27.99 -54.03
C THR C 74 15.15 -26.94 -52.97
N VAL C 75 15.59 -25.77 -53.43
CA VAL C 75 15.95 -24.68 -52.52
C VAL C 75 14.68 -23.96 -52.11
N MET C 76 14.56 -23.69 -50.82
CA MET C 76 13.40 -23.02 -50.27
C MET C 76 13.67 -21.58 -49.88
N SER C 77 14.84 -21.27 -49.34
CA SER C 77 15.18 -19.90 -48.99
C SER C 77 16.67 -19.83 -48.73
N VAL C 78 17.22 -18.63 -48.87
CA VAL C 78 18.65 -18.39 -48.75
C VAL C 78 18.83 -17.26 -47.76
N ARG C 79 19.75 -17.43 -46.82
CA ARG C 79 20.20 -16.38 -45.91
C ARG C 79 21.70 -16.21 -46.05
N ALA C 80 22.17 -14.97 -45.87
CA ALA C 80 23.58 -14.63 -46.07
C ALA C 80 24.02 -13.66 -44.99
N TRP C 81 25.18 -13.93 -44.39
CA TRP C 81 25.83 -13.03 -43.45
C TRP C 81 27.23 -12.75 -43.95
N THR C 82 27.70 -11.51 -43.78
CA THR C 82 29.12 -11.24 -44.00
C THR C 82 29.95 -11.99 -42.97
N GLN C 83 31.11 -12.49 -43.41
CA GLN C 83 31.92 -13.44 -42.66
C GLN C 83 33.26 -12.87 -42.21
N LEU C 84 33.72 -11.77 -42.80
CA LEU C 84 34.96 -11.12 -42.42
C LEU C 84 34.67 -9.63 -42.25
N THR C 85 35.61 -8.91 -41.62
CA THR C 85 35.40 -7.50 -41.33
C THR C 85 35.35 -6.69 -42.63
N PRO C 86 34.73 -5.51 -42.60
CA PRO C 86 34.61 -4.70 -43.83
C PRO C 86 35.83 -3.81 -44.02
N PRO C 87 35.93 -3.12 -45.15
CA PRO C 87 37.03 -2.16 -45.32
C PRO C 87 37.01 -1.10 -44.23
N VAL C 88 38.14 -0.40 -44.10
CA VAL C 88 38.25 0.63 -43.07
C VAL C 88 37.21 1.72 -43.34
N ASN C 89 36.65 2.24 -42.25
CA ASN C 89 35.67 3.32 -42.21
C ASN C 89 34.27 2.89 -42.66
N GLU C 90 34.07 1.64 -43.04
CA GLU C 90 32.81 1.21 -43.62
C GLU C 90 32.05 0.27 -42.70
N TYR C 91 30.75 0.19 -42.94
CA TYR C 91 29.87 -0.82 -42.37
C TYR C 91 29.67 -1.92 -43.40
N SER C 92 29.50 -3.13 -42.92
CA SER C 92 29.29 -4.27 -43.80
C SER C 92 27.98 -4.15 -44.56
N PHE C 93 27.98 -4.63 -45.80
CA PHE C 93 26.77 -4.83 -46.58
C PHE C 93 26.89 -6.14 -47.34
N VAL C 94 25.74 -6.73 -47.65
CA VAL C 94 25.62 -7.95 -48.44
C VAL C 94 24.35 -7.85 -49.27
N ARG C 95 24.44 -8.25 -50.54
CA ARG C 95 23.31 -8.23 -51.46
C ARG C 95 23.13 -9.63 -52.05
N LEU C 96 21.87 -10.01 -52.27
CA LEU C 96 21.54 -11.28 -52.92
C LEU C 96 20.62 -11.03 -54.11
N LYS C 97 20.98 -11.58 -55.26
CA LYS C 97 20.10 -11.56 -56.43
C LYS C 97 19.67 -12.97 -56.76
N PRO C 98 18.39 -13.31 -56.62
CA PRO C 98 17.96 -14.66 -56.97
C PRO C 98 18.17 -14.98 -58.44
N LEU C 99 18.69 -16.18 -58.70
CA LEU C 99 18.80 -16.73 -60.04
C LEU C 99 17.92 -17.96 -60.19
N PHE C 100 17.44 -18.19 -61.41
CA PHE C 100 16.54 -19.31 -61.71
C PHE C 100 16.81 -19.75 -63.14
N LYS C 101 16.69 -21.06 -63.38
CA LYS C 101 16.88 -21.59 -64.72
C LYS C 101 15.88 -21.01 -65.72
N THR C 102 14.64 -20.78 -65.29
CA THR C 102 13.62 -20.27 -66.20
C THR C 102 13.74 -18.77 -66.43
N GLY C 103 14.59 -18.08 -65.67
CA GLY C 103 14.80 -16.66 -65.84
C GLY C 103 15.34 -16.02 -64.58
N ASP C 104 16.42 -15.27 -64.73
CA ASP C 104 17.08 -14.70 -63.57
C ASP C 104 16.38 -13.45 -63.11
N SER C 105 16.39 -13.20 -61.81
CA SER C 105 15.78 -11.99 -61.29
CA SER C 105 15.79 -11.99 -61.25
C SER C 105 16.79 -10.84 -61.32
N THR C 106 16.27 -9.64 -61.09
CA THR C 106 17.10 -8.45 -60.96
C THR C 106 16.92 -7.80 -59.59
N GLU C 107 16.33 -8.52 -58.64
CA GLU C 107 16.28 -8.02 -57.27
C GLU C 107 17.67 -8.00 -56.65
N GLU C 108 17.92 -7.01 -55.81
CA GLU C 108 19.13 -6.99 -55.00
C GLU C 108 18.75 -6.79 -53.52
N PHE C 109 18.26 -7.87 -52.90
CA PHE C 109 17.92 -7.85 -51.48
C PHE C 109 19.18 -7.57 -50.67
N GLU C 110 19.13 -6.56 -49.81
CA GLU C 110 20.36 -6.07 -49.18
C GLU C 110 20.20 -5.82 -47.69
N GLY C 111 21.23 -6.20 -46.96
CA GLY C 111 21.35 -5.85 -45.56
C GLY C 111 22.65 -5.11 -45.32
N ARG C 112 22.61 -4.16 -44.39
CA ARG C 112 23.81 -3.45 -43.96
C ARG C 112 23.90 -3.53 -42.44
N ALA C 113 25.14 -3.65 -41.93
CA ALA C 113 25.36 -3.56 -40.50
C ALA C 113 25.16 -2.12 -40.04
N SER C 114 24.70 -1.95 -38.79
CA SER C 114 24.67 -0.64 -38.16
C SER C 114 25.75 -0.45 -37.10
N ASN C 115 26.57 -1.47 -36.84
CA ASN C 115 27.77 -1.36 -36.02
C ASN C 115 28.88 -1.91 -36.88
N ILE C 116 29.99 -1.16 -37.01
CA ILE C 116 31.03 -1.59 -37.93
C ILE C 116 31.57 -2.96 -37.57
N ASN C 117 31.37 -3.41 -36.32
CA ASN C 117 31.91 -4.67 -35.82
C ASN C 117 30.92 -5.83 -35.99
N THR C 118 29.78 -5.61 -36.62
CA THR C 118 28.71 -6.60 -36.67
C THR C 118 28.46 -7.03 -38.11
N ARG C 119 28.00 -8.26 -38.26
CA ARG C 119 27.67 -8.78 -39.59
C ARG C 119 26.44 -8.11 -40.18
N ALA C 120 26.51 -7.81 -41.47
CA ALA C 120 25.32 -7.50 -42.26
C ALA C 120 24.65 -8.79 -42.70
N SER C 121 23.32 -8.77 -42.82
CA SER C 121 22.58 -9.99 -43.13
C SER C 121 21.33 -9.64 -43.92
N VAL C 122 20.91 -10.60 -44.77
CA VAL C 122 19.65 -10.51 -45.50
C VAL C 122 19.33 -11.91 -46.02
N GLY C 123 18.07 -12.15 -46.36
CA GLY C 123 17.68 -13.36 -47.04
C GLY C 123 16.50 -13.14 -47.96
N TYR C 124 16.08 -14.22 -48.62
CA TYR C 124 14.92 -14.20 -49.51
C TYR C 124 14.32 -15.61 -49.54
N ARG C 125 12.99 -15.64 -49.59
CA ARG C 125 12.22 -16.87 -49.77
C ARG C 125 11.86 -17.08 -51.24
N ILE C 126 11.99 -18.33 -51.69
CA ILE C 126 11.56 -18.75 -53.00
C ILE C 126 10.09 -19.15 -52.90
N PRO C 127 9.21 -18.62 -53.76
CA PRO C 127 7.80 -19.00 -53.71
C PRO C 127 7.60 -20.40 -54.27
N THR C 128 6.51 -21.04 -53.85
CA THR C 128 6.28 -22.44 -54.19
C THR C 128 6.28 -22.69 -55.69
N ASN C 129 5.80 -21.71 -56.47
CA ASN C 129 5.73 -21.85 -57.91
C ASN C 129 7.11 -21.88 -58.54
N LEU C 130 8.14 -21.44 -57.82
CA LEU C 130 9.51 -21.47 -58.30
C LEU C 130 10.39 -22.44 -57.53
N ARG C 131 9.79 -23.43 -56.86
CA ARG C 131 10.57 -24.40 -56.09
C ARG C 131 10.70 -25.71 -56.87
N GLN C 132 11.34 -25.61 -58.04
CA GLN C 132 11.70 -26.82 -58.77
C GLN C 132 13.08 -27.31 -58.33
N ASN C 133 13.48 -28.46 -58.86
CA ASN C 133 14.80 -29.00 -58.52
C ASN C 133 15.91 -28.19 -59.20
N THR C 134 17.09 -28.26 -58.59
CA THR C 134 18.30 -27.73 -59.20
C THR C 134 19.40 -28.77 -59.07
N VAL C 135 20.28 -28.81 -60.07
CA VAL C 135 21.40 -29.73 -60.07
C VAL C 135 22.69 -28.94 -59.85
N ALA C 136 23.82 -29.63 -59.74
CA ALA C 136 25.06 -28.95 -59.37
C ALA C 136 25.40 -27.80 -60.32
N ALA C 137 25.06 -27.94 -61.61
CA ALA C 137 25.49 -26.93 -62.57
C ALA C 137 24.69 -25.65 -62.46
N ASP C 138 23.52 -25.72 -61.84
CA ASP C 138 22.68 -24.57 -61.63
C ASP C 138 23.27 -23.66 -60.55
N ASN C 139 22.92 -22.39 -60.62
CA ASN C 139 23.32 -21.39 -59.65
C ASN C 139 22.13 -20.97 -58.82
N VAL C 140 22.39 -20.67 -57.55
CA VAL C 140 21.33 -20.26 -56.64
C VAL C 140 21.06 -18.78 -56.74
N CYS C 141 22.10 -17.96 -56.56
CA CYS C 141 22.00 -16.52 -56.45
C CYS C 141 23.37 -15.92 -56.74
N GLU C 142 23.38 -14.61 -56.98
CA GLU C 142 24.58 -13.80 -57.00
C GLU C 142 24.75 -13.11 -55.65
N VAL C 143 26.00 -13.06 -55.17
CA VAL C 143 26.36 -12.44 -53.91
C VAL C 143 27.30 -11.26 -54.15
N ARG C 144 26.99 -10.11 -53.54
CA ARG C 144 27.82 -8.92 -53.56
CA ARG C 144 27.82 -8.92 -53.56
C ARG C 144 28.04 -8.45 -52.12
N SER C 145 29.26 -8.01 -51.82
CA SER C 145 29.56 -7.53 -50.48
C SER C 145 30.83 -6.70 -50.50
N ASN C 146 30.97 -5.85 -49.50
CA ASN C 146 32.25 -5.18 -49.29
C ASN C 146 33.20 -6.01 -48.43
N CYS C 147 32.81 -7.22 -48.04
CA CYS C 147 33.62 -8.13 -47.24
C CYS C 147 34.02 -9.30 -48.12
N ARG C 148 35.20 -9.85 -47.85
CA ARG C 148 35.80 -10.81 -48.77
C ARG C 148 35.26 -12.23 -48.60
N GLN C 149 34.44 -12.48 -47.59
CA GLN C 149 33.73 -13.76 -47.49
C GLN C 149 32.30 -13.51 -47.01
N VAL C 150 31.39 -14.37 -47.45
CA VAL C 150 30.00 -14.35 -46.99
C VAL C 150 29.64 -15.75 -46.53
N ALA C 151 28.99 -15.88 -45.38
CA ALA C 151 28.51 -17.15 -44.87
C ALA C 151 27.05 -17.29 -45.25
N LEU C 152 26.70 -18.37 -45.94
CA LEU C 152 25.34 -18.62 -46.35
C LEU C 152 24.74 -19.79 -45.57
N VAL C 153 23.45 -19.68 -45.25
CA VAL C 153 22.71 -20.81 -44.69
C VAL C 153 21.52 -21.03 -45.64
N ILE C 154 21.58 -22.09 -46.43
CA ILE C 154 20.58 -22.36 -47.46
C ILE C 154 19.59 -23.41 -46.95
N SER C 155 18.31 -23.05 -46.94
CA SER C 155 17.26 -23.95 -46.51
C SER C 155 16.71 -24.66 -47.74
N CYS C 156 16.66 -25.99 -47.72
CA CYS C 156 16.38 -26.75 -48.93
C CYS C 156 15.93 -28.16 -48.62
N CYS C 157 15.42 -28.83 -49.66
CA CYS C 157 14.93 -30.20 -49.57
C CYS C 157 15.70 -31.06 -50.58
N PHE C 158 16.63 -31.87 -50.07
CA PHE C 158 17.35 -32.80 -50.92
C PHE C 158 16.46 -33.96 -51.33
N ASN C 159 16.60 -34.35 -52.59
CA ASN C 159 15.82 -35.47 -53.11
C ASN C 159 16.53 -36.14 -54.29
N ASN D 16 -3.90 23.13 -3.07
CA ASN D 16 -3.26 22.97 -1.78
C ASN D 16 -3.11 24.32 -1.10
N SER D 17 -2.80 24.31 0.20
CA SER D 17 -2.66 25.56 0.93
C SER D 17 -1.47 26.36 0.40
N ASN D 18 -1.63 27.68 0.34
CA ASN D 18 -0.59 28.57 -0.13
C ASN D 18 0.15 29.32 0.98
N VAL D 19 -0.20 29.09 2.25
CA VAL D 19 0.46 29.80 3.34
C VAL D 19 0.66 28.86 4.52
N VAL D 20 1.42 29.35 5.50
CA VAL D 20 1.72 28.55 6.68
C VAL D 20 0.44 28.29 7.46
N THR D 21 0.40 27.14 8.15
CA THR D 21 -0.76 26.72 8.91
C THR D 21 -0.32 26.15 10.24
N MET D 22 -1.15 26.31 11.26
CA MET D 22 -0.75 25.93 12.61
C MET D 22 -0.81 24.42 12.77
N ILE D 23 0.12 23.90 13.55
CA ILE D 23 0.14 22.49 13.94
C ILE D 23 -0.15 22.44 15.43
N ARG D 24 -1.17 21.66 15.81
CA ARG D 24 -1.61 21.54 17.20
C ARG D 24 -0.80 20.45 17.89
N ALA D 25 0.46 20.76 18.14
CA ALA D 25 1.40 19.80 18.69
C ALA D 25 1.00 19.37 20.09
N GLY D 26 1.41 18.17 20.45
CA GLY D 26 1.12 17.61 21.75
C GLY D 26 2.35 17.52 22.64
N SER D 27 2.49 16.39 23.35
CA SER D 27 3.63 16.17 24.22
C SER D 27 4.92 16.01 23.41
N TYR D 28 6.04 16.25 24.06
CA TYR D 28 7.32 16.08 23.37
C TYR D 28 7.44 14.64 22.84
N PRO D 29 7.79 14.45 21.58
CA PRO D 29 7.85 13.08 21.03
C PRO D 29 9.13 12.36 21.44
N LYS D 30 9.16 11.06 21.17
CA LYS D 30 10.42 10.33 21.21
C LYS D 30 11.29 10.84 20.07
N VAL D 31 12.57 11.09 20.32
CA VAL D 31 13.46 11.66 19.32
C VAL D 31 14.73 10.83 19.23
N ASN D 32 15.52 11.09 18.16
CA ASN D 32 16.82 10.44 17.99
C ASN D 32 17.66 11.29 17.03
N PRO D 33 18.67 12.00 17.52
CA PRO D 33 19.43 12.87 16.62
C PRO D 33 20.36 12.11 15.69
N THR D 34 20.67 10.85 15.99
CA THR D 34 21.62 10.07 15.19
C THR D 34 20.99 8.76 14.75
N PRO D 35 20.17 8.78 13.73
CA PRO D 35 19.46 7.58 13.30
C PRO D 35 20.29 6.67 12.39
N THR D 36 19.72 5.53 12.09
CA THR D 36 20.25 4.59 11.11
C THR D 36 19.97 5.08 9.69
N TRP D 37 20.55 4.37 8.72
CA TRP D 37 20.43 4.76 7.32
C TRP D 37 20.75 3.56 6.45
N VAL D 38 19.78 3.12 5.66
CA VAL D 38 19.97 2.09 4.64
C VAL D 38 20.44 2.75 3.36
N ARG D 39 21.47 2.18 2.75
CA ARG D 39 22.20 2.89 1.71
C ARG D 39 22.71 1.90 0.68
N ALA D 40 23.02 2.43 -0.50
CA ALA D 40 23.73 1.70 -1.56
C ALA D 40 25.00 2.51 -1.84
N ILE D 41 26.14 2.02 -1.37
CA ILE D 41 27.38 2.80 -1.35
C ILE D 41 28.23 2.41 -2.54
N PRO D 42 28.60 3.35 -3.44
CA PRO D 42 29.44 2.99 -4.58
C PRO D 42 30.89 3.42 -4.39
N PHE D 43 31.82 2.46 -4.50
CA PHE D 43 33.22 2.78 -4.38
C PHE D 43 34.03 1.77 -5.18
N GLU D 44 35.31 2.11 -5.37
CA GLU D 44 36.20 1.32 -6.21
C GLU D 44 37.40 0.83 -5.39
N VAL D 45 37.92 -0.33 -5.78
CA VAL D 45 39.12 -0.89 -5.15
C VAL D 45 40.08 -1.30 -6.26
N SER D 46 41.38 -1.21 -5.98
CA SER D 46 42.40 -1.69 -6.91
C SER D 46 42.60 -3.19 -6.71
N VAL D 47 42.82 -3.90 -7.82
CA VAL D 47 42.98 -5.35 -7.81
C VAL D 47 44.20 -5.69 -8.65
N GLN D 48 44.98 -6.65 -8.18
CA GLN D 48 46.19 -7.12 -8.84
C GLN D 48 45.98 -8.49 -9.47
N SER D 49 46.79 -8.79 -10.46
CA SER D 49 46.68 -10.06 -11.17
C SER D 49 46.95 -11.22 -10.24
N GLY D 50 46.02 -12.17 -10.21
CA GLY D 50 46.20 -13.41 -9.47
C GLY D 50 46.16 -13.29 -7.96
N ILE D 51 45.76 -12.14 -7.42
CA ILE D 51 45.82 -11.85 -6.00
C ILE D 51 44.44 -11.42 -5.55
N ALA D 52 44.00 -11.96 -4.42
CA ALA D 52 42.70 -11.62 -3.86
C ALA D 52 42.82 -10.38 -2.98
N PHE D 53 41.94 -9.42 -3.20
CA PHE D 53 41.95 -8.19 -2.44
C PHE D 53 40.83 -8.24 -1.41
N LYS D 54 41.20 -8.12 -0.13
CA LYS D 54 40.24 -8.05 0.96
C LYS D 54 39.67 -6.64 1.05
N VAL D 55 38.37 -6.51 0.82
CA VAL D 55 37.72 -5.20 0.82
C VAL D 55 37.47 -4.77 2.26
N PRO D 56 38.08 -3.67 2.74
CA PRO D 56 37.84 -3.26 4.12
C PRO D 56 36.51 -2.56 4.34
N VAL D 57 35.87 -2.88 5.46
CA VAL D 57 34.62 -2.26 5.81
C VAL D 57 34.82 -0.78 6.07
N GLY D 58 35.99 -0.39 6.54
CA GLY D 58 36.26 1.02 6.73
C GLY D 58 36.03 1.87 5.50
N SER D 59 36.02 1.27 4.31
CA SER D 59 35.74 2.02 3.09
C SER D 59 34.34 2.61 3.09
N LEU D 60 33.44 2.08 3.92
CA LEU D 60 32.05 2.49 3.91
C LEU D 60 31.79 3.71 4.78
N PHE D 61 32.69 4.02 5.71
CA PHE D 61 32.56 5.18 6.57
C PHE D 61 33.43 6.29 5.99
N SER D 62 32.78 7.30 5.40
CA SER D 62 33.53 8.41 4.83
C SER D 62 32.64 9.62 4.71
N ALA D 63 33.28 10.80 4.71
CA ALA D 63 32.55 12.03 4.41
C ALA D 63 32.03 12.02 2.98
N ASN D 64 32.70 11.30 2.07
CA ASN D 64 32.27 11.23 0.68
C ASN D 64 30.94 10.51 0.51
N PHE D 65 30.47 9.84 1.56
CA PHE D 65 29.21 9.11 1.53
C PHE D 65 28.22 9.65 2.54
N ARG D 66 28.59 10.69 3.30
CA ARG D 66 27.80 11.22 4.40
C ARG D 66 27.72 10.24 5.56
N THR D 67 28.71 9.37 5.70
CA THR D 67 28.62 8.29 6.69
C THR D 67 29.79 8.26 7.66
N ASP D 68 30.55 9.35 7.81
CA ASP D 68 31.69 9.33 8.71
C ASP D 68 31.29 9.37 10.18
N SER D 69 30.03 9.65 10.49
CA SER D 69 29.61 9.60 11.88
C SER D 69 29.28 8.20 12.37
N PHE D 70 29.19 7.23 11.46
CA PHE D 70 28.93 5.83 11.78
C PHE D 70 30.22 5.08 12.03
N THR D 71 30.16 4.16 12.98
CA THR D 71 31.27 3.27 13.26
C THR D 71 30.94 1.80 13.00
N SER D 72 29.68 1.46 12.73
CA SER D 72 29.31 0.08 12.46
C SER D 72 28.33 0.08 11.29
N VAL D 73 28.19 -1.09 10.65
CA VAL D 73 27.34 -1.24 9.47
C VAL D 73 26.95 -2.70 9.33
N THR D 74 25.71 -2.95 8.92
CA THR D 74 25.21 -4.28 8.58
C THR D 74 25.13 -4.39 7.05
N VAL D 75 25.99 -5.19 6.48
CA VAL D 75 25.99 -5.40 5.03
C VAL D 75 24.90 -6.39 4.68
N MET D 76 24.16 -6.08 3.61
CA MET D 76 23.07 -6.90 3.14
C MET D 76 23.38 -7.61 1.84
N SER D 77 24.05 -6.94 0.91
CA SER D 77 24.46 -7.55 -0.33
C SER D 77 25.66 -6.79 -0.91
N VAL D 78 26.35 -7.45 -1.83
CA VAL D 78 27.51 -6.90 -2.51
C VAL D 78 27.38 -7.19 -4.00
N ARG D 79 27.50 -6.16 -4.82
CA ARG D 79 27.56 -6.32 -6.28
C ARG D 79 28.82 -5.66 -6.78
N ALA D 80 29.48 -6.27 -7.77
CA ALA D 80 30.78 -5.83 -8.25
C ALA D 80 30.82 -5.76 -9.77
N TRP D 81 31.54 -4.77 -10.29
CA TRP D 81 31.71 -4.54 -11.72
C TRP D 81 33.18 -4.25 -11.99
N THR D 82 33.76 -4.88 -13.01
CA THR D 82 35.08 -4.46 -13.50
C THR D 82 35.00 -2.98 -13.92
N GLN D 83 36.07 -2.24 -13.64
CA GLN D 83 36.10 -0.78 -13.76
C GLN D 83 37.12 -0.30 -14.77
N LEU D 84 38.06 -1.13 -15.17
CA LEU D 84 38.97 -0.82 -16.27
C LEU D 84 38.92 -1.97 -17.27
N THR D 85 39.47 -1.73 -18.45
CA THR D 85 39.48 -2.74 -19.50
C THR D 85 40.38 -3.91 -19.14
N PRO D 86 40.09 -5.11 -19.66
CA PRO D 86 40.89 -6.29 -19.30
C PRO D 86 42.16 -6.40 -20.13
N PRO D 87 42.99 -7.41 -19.87
CA PRO D 87 44.22 -7.56 -20.64
C PRO D 87 43.94 -7.85 -22.11
N VAL D 88 44.95 -7.61 -22.94
CA VAL D 88 44.77 -7.80 -24.38
C VAL D 88 44.35 -9.24 -24.64
N ASN D 89 43.39 -9.41 -25.55
CA ASN D 89 42.83 -10.66 -26.02
C ASN D 89 41.90 -11.34 -25.03
N GLU D 90 41.62 -10.73 -23.88
CA GLU D 90 40.86 -11.35 -22.82
C GLU D 90 39.51 -10.66 -22.65
N TYR D 91 38.53 -11.45 -22.19
CA TYR D 91 37.26 -10.96 -21.67
C TYR D 91 37.38 -10.71 -20.17
N SER D 92 36.70 -9.69 -19.67
CA SER D 92 36.80 -9.32 -18.26
C SER D 92 36.11 -10.37 -17.37
N PHE D 93 36.65 -10.58 -16.17
CA PHE D 93 35.98 -11.40 -15.17
C PHE D 93 36.18 -10.77 -13.81
N VAL D 94 35.29 -11.10 -12.87
CA VAL D 94 35.36 -10.65 -11.48
C VAL D 94 34.77 -11.74 -10.59
N ARG D 95 35.39 -11.97 -9.44
CA ARG D 95 34.99 -13.00 -8.50
C ARG D 95 34.86 -12.37 -7.12
N LEU D 96 33.92 -12.88 -6.34
CA LEU D 96 33.71 -12.40 -4.98
C LEU D 96 33.67 -13.58 -4.00
N LYS D 97 34.46 -13.50 -2.93
CA LYS D 97 34.44 -14.51 -1.88
C LYS D 97 33.97 -13.85 -0.60
N PRO D 98 32.82 -14.24 -0.05
CA PRO D 98 32.33 -13.59 1.17
C PRO D 98 33.17 -13.97 2.38
N LEU D 99 33.48 -12.96 3.18
CA LEU D 99 34.20 -13.14 4.43
C LEU D 99 33.28 -12.80 5.60
N PHE D 100 33.44 -13.53 6.71
CA PHE D 100 32.71 -13.25 7.94
C PHE D 100 33.63 -13.40 9.15
N LYS D 101 33.31 -12.68 10.22
CA LYS D 101 34.12 -12.77 11.42
C LYS D 101 33.98 -14.13 12.10
N THR D 102 32.80 -14.76 12.00
CA THR D 102 32.62 -16.09 12.57
C THR D 102 33.14 -17.20 11.67
N GLY D 103 33.54 -16.90 10.44
CA GLY D 103 34.05 -17.92 9.55
C GLY D 103 33.96 -17.54 8.09
N ASP D 104 35.10 -17.42 7.41
CA ASP D 104 35.08 -16.99 6.02
C ASP D 104 34.55 -18.09 5.13
N SER D 105 33.84 -17.73 4.09
CA SER D 105 33.37 -18.71 3.13
C SER D 105 34.47 -19.01 2.09
N THR D 106 34.22 -20.03 1.27
CA THR D 106 35.11 -20.41 0.19
C THR D 106 34.44 -20.28 -1.18
N GLU D 107 33.25 -19.67 -1.25
CA GLU D 107 32.58 -19.51 -2.53
C GLU D 107 33.32 -18.48 -3.36
N GLU D 108 33.24 -18.64 -4.69
CA GLU D 108 33.83 -17.68 -5.62
C GLU D 108 32.76 -17.35 -6.68
N PHE D 109 31.78 -16.53 -6.28
CA PHE D 109 30.75 -16.05 -7.20
C PHE D 109 31.41 -15.24 -8.30
N GLU D 110 31.20 -15.65 -9.56
CA GLU D 110 31.95 -15.07 -10.66
C GLU D 110 31.07 -14.69 -11.84
N GLY D 111 31.42 -13.59 -12.47
CA GLY D 111 30.79 -13.18 -13.70
C GLY D 111 31.86 -12.84 -14.72
N ARG D 112 31.52 -13.02 -15.99
CA ARG D 112 32.43 -12.73 -17.08
C ARG D 112 31.71 -11.91 -18.14
N ALA D 113 32.44 -10.99 -18.74
CA ALA D 113 31.92 -10.28 -19.89
C ALA D 113 31.93 -11.19 -21.11
N SER D 114 30.91 -11.05 -21.96
CA SER D 114 30.83 -11.72 -23.26
C SER D 114 31.18 -10.78 -24.43
N ASN D 115 31.52 -9.52 -24.15
CA ASN D 115 32.04 -8.58 -25.13
C ASN D 115 33.32 -8.01 -24.54
N ILE D 116 34.41 -7.98 -25.30
CA ILE D 116 35.66 -7.56 -24.67
C ILE D 116 35.55 -6.13 -24.15
N ASN D 117 34.69 -5.31 -24.75
CA ASN D 117 34.53 -3.91 -24.37
C ASN D 117 33.56 -3.69 -23.21
N THR D 118 33.04 -4.75 -22.60
CA THR D 118 31.97 -4.62 -21.62
C THR D 118 32.42 -5.11 -20.25
N ARG D 119 31.80 -4.53 -19.22
CA ARG D 119 32.13 -4.90 -17.85
C ARG D 119 31.63 -6.30 -17.53
N ALA D 120 32.41 -7.03 -16.73
CA ALA D 120 31.93 -8.24 -16.06
C ALA D 120 31.32 -7.84 -14.72
N SER D 121 30.28 -8.57 -14.30
CA SER D 121 29.59 -8.25 -13.05
C SER D 121 29.13 -9.50 -12.33
N VAL D 122 28.99 -9.37 -11.01
CA VAL D 122 28.43 -10.44 -10.19
C VAL D 122 28.11 -9.86 -8.83
N GLY D 123 27.28 -10.57 -8.06
CA GLY D 123 27.03 -10.21 -6.68
C GLY D 123 26.64 -11.41 -5.85
N TYR D 124 26.51 -11.16 -4.55
CA TYR D 124 25.95 -12.13 -3.63
C TYR D 124 25.12 -11.42 -2.55
N ARG D 125 24.20 -12.18 -1.98
CA ARG D 125 23.32 -11.73 -0.91
C ARG D 125 23.70 -12.47 0.36
N ILE D 126 23.62 -11.77 1.48
CA ILE D 126 23.97 -12.33 2.80
C ILE D 126 22.67 -12.73 3.49
N PRO D 127 22.53 -13.98 3.94
CA PRO D 127 21.29 -14.39 4.59
C PRO D 127 21.10 -13.65 5.91
N THR D 128 19.83 -13.52 6.32
CA THR D 128 19.52 -12.78 7.53
C THR D 128 20.30 -13.27 8.74
N ASN D 129 20.54 -14.58 8.83
CA ASN D 129 21.26 -15.16 9.97
C ASN D 129 22.72 -14.76 9.99
N LEU D 130 23.23 -14.17 8.92
CA LEU D 130 24.61 -13.71 8.89
C LEU D 130 24.70 -12.20 8.79
N ARG D 131 23.62 -11.48 9.06
CA ARG D 131 23.64 -10.03 8.95
C ARG D 131 23.86 -9.42 10.33
N GLN D 132 25.09 -9.47 10.79
CA GLN D 132 25.49 -8.78 12.01
C GLN D 132 26.31 -7.55 11.63
N ASN D 133 26.74 -6.80 12.64
CA ASN D 133 27.53 -5.59 12.42
C ASN D 133 28.97 -5.93 12.04
N THR D 134 29.59 -5.01 11.30
CA THR D 134 31.02 -5.03 11.01
C THR D 134 31.55 -3.63 11.29
N VAL D 135 32.82 -3.55 11.66
CA VAL D 135 33.50 -2.31 11.97
C VAL D 135 34.60 -2.08 10.93
N ALA D 136 35.28 -0.94 11.03
CA ALA D 136 36.24 -0.57 10.00
C ALA D 136 37.35 -1.59 9.85
N ALA D 137 37.74 -2.26 10.94
CA ALA D 137 38.83 -3.23 10.88
C ALA D 137 38.45 -4.51 10.17
N ASP D 138 37.16 -4.76 9.98
CA ASP D 138 36.72 -5.99 9.34
C ASP D 138 36.83 -5.85 7.83
N ASN D 139 36.78 -7.00 7.15
CA ASN D 139 36.75 -7.09 5.70
C ASN D 139 35.44 -7.70 5.25
N VAL D 140 34.89 -7.21 4.14
CA VAL D 140 33.58 -7.67 3.70
C VAL D 140 33.70 -8.89 2.80
N CYS D 141 34.69 -8.91 1.92
CA CYS D 141 34.81 -9.96 0.93
C CYS D 141 36.19 -9.84 0.28
N GLU D 142 36.58 -10.89 -0.44
CA GLU D 142 37.74 -10.86 -1.32
C GLU D 142 37.27 -10.66 -2.76
N VAL D 143 37.97 -9.79 -3.49
CA VAL D 143 37.70 -9.50 -4.89
C VAL D 143 38.87 -10.03 -5.74
N ARG D 144 38.56 -10.76 -6.82
CA ARG D 144 39.55 -11.20 -7.80
CA ARG D 144 39.55 -11.18 -7.80
C ARG D 144 39.10 -10.78 -9.20
N SER D 145 40.06 -10.37 -10.03
CA SER D 145 39.74 -9.89 -11.38
C SER D 145 41.00 -9.88 -12.22
N ASN D 146 40.81 -9.86 -13.55
CA ASN D 146 41.89 -9.59 -14.48
C ASN D 146 41.98 -8.12 -14.88
N CYS D 147 41.11 -7.27 -14.36
CA CYS D 147 41.17 -5.83 -14.54
C CYS D 147 41.71 -5.20 -13.25
N ARG D 148 42.35 -4.05 -13.40
CA ARG D 148 43.09 -3.49 -12.29
C ARG D 148 42.22 -2.71 -11.30
N GLN D 149 40.95 -2.46 -11.63
CA GLN D 149 40.02 -1.83 -10.70
C GLN D 149 38.68 -2.53 -10.79
N VAL D 150 37.97 -2.60 -9.67
CA VAL D 150 36.62 -3.15 -9.57
C VAL D 150 35.75 -2.11 -8.91
N ALA D 151 34.60 -1.83 -9.53
CA ALA D 151 33.58 -0.94 -9.00
C ALA D 151 32.57 -1.73 -8.17
N LEU D 152 32.40 -1.34 -6.92
CA LEU D 152 31.49 -2.04 -6.02
C LEU D 152 30.31 -1.17 -5.63
N VAL D 153 29.16 -1.82 -5.47
CA VAL D 153 27.97 -1.18 -4.92
C VAL D 153 27.47 -2.08 -3.79
N ILE D 154 27.51 -1.58 -2.56
CA ILE D 154 27.19 -2.41 -1.40
C ILE D 154 25.91 -1.87 -0.76
N SER D 155 24.92 -2.75 -0.61
CA SER D 155 23.70 -2.40 0.08
C SER D 155 23.86 -2.79 1.54
N CYS D 156 23.56 -1.85 2.44
CA CYS D 156 23.91 -2.01 3.85
C CYS D 156 23.06 -1.06 4.68
N CYS D 157 23.05 -1.33 5.99
CA CYS D 157 22.30 -0.54 6.96
C CYS D 157 23.29 0.07 7.94
N PHE D 158 23.52 1.37 7.83
CA PHE D 158 24.39 2.05 8.77
C PHE D 158 23.67 2.24 10.10
N ASN D 159 24.36 1.94 11.20
CA ASN D 159 23.76 2.10 12.52
C ASN D 159 24.86 2.45 13.53
N ARG E 10 -8.77 15.46 -3.94
CA ARG E 10 -7.98 15.87 -5.08
C ARG E 10 -6.52 16.12 -4.71
N LYS E 11 -5.78 16.80 -5.59
CA LYS E 11 -4.37 17.07 -5.42
C LYS E 11 -3.53 15.79 -5.46
N SER E 12 -4.10 14.70 -5.93
CA SER E 12 -3.37 13.45 -6.09
C SER E 12 -2.64 13.50 -7.43
N THR E 13 -1.37 13.89 -7.40
CA THR E 13 -0.58 14.11 -8.61
C THR E 13 -1.17 15.18 -9.53
N GLY E 14 -2.23 15.88 -9.08
CA GLY E 14 -2.91 16.88 -9.89
C GLY E 14 -2.09 18.13 -10.09
N ASP E 15 -2.27 19.10 -9.20
CA ASP E 15 -1.58 20.39 -9.31
C ASP E 15 -1.96 21.02 -10.66
N ASN E 16 -1.09 21.88 -11.19
CA ASN E 16 -1.40 22.63 -12.41
C ASN E 16 -0.13 22.82 -13.24
N SER E 17 -0.01 23.98 -13.88
CA SER E 17 1.11 24.22 -14.79
C SER E 17 2.32 24.72 -14.02
N ASN E 18 3.45 24.79 -14.72
CA ASN E 18 4.67 25.35 -14.18
C ASN E 18 4.90 26.78 -14.65
N VAL E 19 3.95 27.37 -15.38
CA VAL E 19 4.14 28.70 -15.93
C VAL E 19 2.88 29.53 -15.72
N VAL E 20 3.06 30.85 -15.82
CA VAL E 20 1.93 31.75 -15.77
C VAL E 20 1.00 31.46 -16.94
N THR E 21 -0.31 31.60 -16.71
CA THR E 21 -1.31 31.35 -17.74
C THR E 21 -2.28 32.52 -17.77
N MET E 22 -2.95 32.67 -18.90
CA MET E 22 -3.84 33.80 -19.10
C MET E 22 -5.22 33.51 -18.51
N ILE E 23 -5.81 34.55 -17.91
CA ILE E 23 -7.17 34.53 -17.41
C ILE E 23 -8.04 35.34 -18.38
N ARG E 24 -9.14 34.74 -18.83
CA ARG E 24 -10.07 35.40 -19.74
C ARG E 24 -11.11 36.18 -18.93
N ALA E 25 -10.63 37.26 -18.32
CA ALA E 25 -11.46 38.06 -17.44
C ALA E 25 -12.62 38.66 -18.21
N GLY E 26 -13.71 38.91 -17.48
CA GLY E 26 -14.89 39.51 -18.07
C GLY E 26 -15.08 40.95 -17.61
N SER E 27 -16.29 41.27 -17.13
CA SER E 27 -16.62 42.60 -16.65
C SER E 27 -16.02 42.85 -15.27
N TYR E 28 -15.94 44.11 -14.90
CA TYR E 28 -15.42 44.48 -13.59
C TYR E 28 -16.35 43.90 -12.51
N PRO E 29 -15.84 43.16 -11.54
CA PRO E 29 -16.72 42.48 -10.59
C PRO E 29 -17.16 43.43 -9.48
N LYS E 30 -18.11 42.98 -8.68
CA LYS E 30 -18.38 43.63 -7.41
C LYS E 30 -17.18 43.45 -6.47
N VAL E 31 -16.81 44.52 -5.75
CA VAL E 31 -15.61 44.51 -4.93
C VAL E 31 -15.91 45.12 -3.56
N ASN E 32 -15.05 44.83 -2.59
CA ASN E 32 -15.16 45.38 -1.25
C ASN E 32 -13.77 45.45 -0.64
N PRO E 33 -13.18 46.64 -0.49
CA PRO E 33 -11.81 46.71 0.05
C PRO E 33 -11.72 46.47 1.55
N THR E 34 -12.82 46.55 2.29
CA THR E 34 -12.81 46.46 3.75
C THR E 34 -13.84 45.44 4.19
N PRO E 35 -13.56 44.16 3.98
CA PRO E 35 -14.55 43.11 4.23
C PRO E 35 -14.63 42.76 5.72
N THR E 36 -15.54 41.85 6.04
CA THR E 36 -15.68 41.31 7.38
C THR E 36 -14.64 40.21 7.65
N TRP E 37 -14.61 39.73 8.90
CA TRP E 37 -13.60 38.77 9.31
C TRP E 37 -14.07 38.04 10.56
N VAL E 38 -14.25 36.72 10.44
CA VAL E 38 -14.55 35.86 11.58
C VAL E 38 -13.25 35.47 12.27
N ARG E 39 -13.21 35.63 13.58
CA ARG E 39 -11.95 35.53 14.32
C ARG E 39 -12.16 34.93 15.72
N ALA E 40 -11.07 34.41 16.27
CA ALA E 40 -10.97 34.04 17.68
C ALA E 40 -9.82 34.83 18.28
N ILE E 41 -10.15 35.81 19.12
CA ILE E 41 -9.17 36.78 19.62
C ILE E 41 -8.70 36.31 20.98
N PRO E 42 -7.38 36.11 21.19
CA PRO E 42 -6.88 35.76 22.53
C PRO E 42 -6.27 36.95 23.25
N PHE E 43 -6.77 37.23 24.46
CA PHE E 43 -6.21 38.29 25.30
C PHE E 43 -6.48 37.98 26.76
N GLU E 44 -5.73 38.65 27.62
CA GLU E 44 -5.85 38.45 29.07
C GLU E 44 -6.38 39.70 29.76
N VAL E 45 -6.96 39.49 30.94
CA VAL E 45 -7.46 40.57 31.78
C VAL E 45 -7.03 40.32 33.22
N SER E 46 -6.86 41.41 33.97
CA SER E 46 -6.51 41.33 35.38
C SER E 46 -7.79 41.35 36.21
N VAL E 47 -7.85 40.45 37.19
CA VAL E 47 -9.01 40.32 38.07
C VAL E 47 -8.56 40.28 39.52
N GLN E 48 -9.47 40.67 40.40
CA GLN E 48 -9.15 40.85 41.81
C GLN E 48 -10.04 39.95 42.67
N SER E 49 -9.55 39.60 43.84
CA SER E 49 -10.29 38.71 44.72
C SER E 49 -11.60 39.36 45.17
N GLY E 50 -12.71 38.68 44.90
CA GLY E 50 -14.01 39.16 45.32
C GLY E 50 -14.63 40.26 44.48
N ILE E 51 -14.08 40.54 43.31
CA ILE E 51 -14.50 41.68 42.49
C ILE E 51 -14.72 41.17 41.08
N ALA E 52 -15.86 41.55 40.49
CA ALA E 52 -16.14 41.25 39.10
C ALA E 52 -15.51 42.31 38.20
N PHE E 53 -14.73 41.86 37.22
CA PHE E 53 -14.17 42.74 36.19
C PHE E 53 -15.09 42.70 34.97
N LYS E 54 -15.47 43.88 34.47
CA LYS E 54 -16.22 43.98 33.22
C LYS E 54 -15.25 43.98 32.03
N VAL E 55 -15.40 42.99 31.14
CA VAL E 55 -14.50 42.86 29.99
C VAL E 55 -14.90 43.87 28.93
N PRO E 56 -14.04 44.82 28.58
CA PRO E 56 -14.40 45.82 27.55
C PRO E 56 -14.31 45.24 26.15
N VAL E 57 -15.28 45.60 25.31
CA VAL E 57 -15.23 45.20 23.90
C VAL E 57 -14.06 45.88 23.21
N GLY E 58 -13.60 47.03 23.71
CA GLY E 58 -12.50 47.70 23.05
C GLY E 58 -11.24 46.87 22.98
N SER E 59 -11.12 45.84 23.82
CA SER E 59 -9.94 44.99 23.81
C SER E 59 -9.79 44.25 22.50
N LEU E 60 -10.88 44.11 21.74
CA LEU E 60 -10.86 43.35 20.50
C LEU E 60 -10.40 44.17 19.30
N PHE E 61 -10.36 45.49 19.41
CA PHE E 61 -9.87 46.36 18.34
C PHE E 61 -8.43 46.72 18.68
N SER E 62 -7.49 46.22 17.88
CA SER E 62 -6.08 46.55 18.10
C SER E 62 -5.25 46.06 16.92
N ALA E 63 -4.18 46.80 16.62
CA ALA E 63 -3.22 46.30 15.64
C ALA E 63 -2.60 44.96 16.07
N ASN E 64 -2.55 44.69 17.38
CA ASN E 64 -2.04 43.42 17.86
C ASN E 64 -2.89 42.24 17.38
N PHE E 65 -4.10 42.51 16.92
CA PHE E 65 -4.97 41.49 16.34
C PHE E 65 -5.24 41.71 14.86
N ARG E 66 -4.66 42.75 14.25
CA ARG E 66 -4.96 43.15 12.88
C ARG E 66 -6.37 43.71 12.71
N THR E 67 -6.97 44.24 13.77
CA THR E 67 -8.37 44.64 13.73
C THR E 67 -8.59 46.11 14.08
N ASP E 68 -7.56 46.93 14.04
CA ASP E 68 -7.73 48.33 14.41
C ASP E 68 -8.48 49.14 13.35
N SER E 69 -8.77 48.57 12.19
CA SER E 69 -9.62 49.27 11.22
C SER E 69 -11.11 49.04 11.45
N PHE E 70 -11.48 48.14 12.36
CA PHE E 70 -12.88 47.86 12.67
C PHE E 70 -13.32 48.73 13.84
N THR E 71 -14.60 49.10 13.84
CA THR E 71 -15.21 49.81 14.97
C THR E 71 -16.35 49.03 15.61
N SER E 72 -16.77 47.91 15.04
CA SER E 72 -17.84 47.11 15.59
C SER E 72 -17.49 45.65 15.45
N VAL E 73 -18.16 44.81 16.25
CA VAL E 73 -17.96 43.37 16.19
C VAL E 73 -19.19 42.68 16.75
N THR E 74 -19.56 41.54 16.17
CA THR E 74 -20.62 40.70 16.69
C THR E 74 -19.99 39.53 17.42
N VAL E 75 -20.12 39.50 18.74
CA VAL E 75 -19.57 38.42 19.55
C VAL E 75 -20.46 37.20 19.45
N MET E 76 -19.86 36.03 19.25
CA MET E 76 -20.60 34.79 19.12
C MET E 76 -20.43 33.83 20.30
N SER E 77 -19.24 33.77 20.91
CA SER E 77 -19.03 32.95 22.11
C SER E 77 -17.76 33.41 22.82
N VAL E 78 -17.74 33.18 24.13
CA VAL E 78 -16.64 33.56 25.00
C VAL E 78 -16.19 32.32 25.75
N ARG E 79 -14.88 32.08 25.78
CA ARG E 79 -14.30 31.05 26.64
C ARG E 79 -13.21 31.70 27.48
N ALA E 80 -13.06 31.23 28.71
CA ALA E 80 -12.12 31.82 29.65
C ALA E 80 -11.33 30.76 30.39
N TRP E 81 -10.06 31.08 30.70
CA TRP E 81 -9.16 30.20 31.43
C TRP E 81 -8.47 31.04 32.49
N THR E 82 -8.25 30.46 33.67
CA THR E 82 -7.38 31.13 34.62
C THR E 82 -5.97 31.15 34.05
N GLN E 83 -5.29 32.29 34.21
CA GLN E 83 -4.01 32.53 33.57
C GLN E 83 -2.84 32.52 34.56
N LEU E 84 -3.09 32.62 35.86
CA LEU E 84 -2.06 32.50 36.88
C LEU E 84 -2.51 31.48 37.92
N THR E 85 -1.60 31.16 38.84
CA THR E 85 -1.87 30.11 39.80
C THR E 85 -2.85 30.59 40.87
N PRO E 86 -3.62 29.67 41.46
CA PRO E 86 -4.60 30.09 42.48
C PRO E 86 -3.91 30.32 43.81
N PRO E 87 -4.65 30.78 44.81
CA PRO E 87 -4.06 30.95 46.15
C PRO E 87 -3.70 29.61 46.78
N VAL E 88 -2.84 29.69 47.80
CA VAL E 88 -2.44 28.47 48.50
C VAL E 88 -3.65 27.73 49.01
N ASN E 89 -3.61 26.41 48.87
CA ASN E 89 -4.60 25.44 49.30
C ASN E 89 -5.85 25.40 48.43
N GLU E 90 -5.98 26.25 47.43
CA GLU E 90 -7.20 26.33 46.63
C GLU E 90 -7.02 25.77 45.23
N TYR E 91 -8.15 25.36 44.64
CA TYR E 91 -8.25 25.06 43.22
C TYR E 91 -8.74 26.31 42.48
N SER E 92 -8.29 26.49 41.24
CA SER E 92 -8.69 27.66 40.46
C SER E 92 -10.18 27.58 40.12
N PHE E 93 -10.82 28.75 39.96
CA PHE E 93 -12.18 28.83 39.43
C PHE E 93 -12.26 30.09 38.58
N VAL E 94 -13.20 30.10 37.65
CA VAL E 94 -13.47 31.25 36.79
C VAL E 94 -14.97 31.28 36.55
N ARG E 95 -15.57 32.46 36.66
CA ARG E 95 -17.00 32.63 36.43
C ARG E 95 -17.22 33.67 35.35
N LEU E 96 -18.22 33.44 34.50
CA LEU E 96 -18.57 34.38 33.44
C LEU E 96 -20.04 34.76 33.55
N LYS E 97 -20.32 36.05 33.62
CA LYS E 97 -21.68 36.58 33.57
C LYS E 97 -21.86 37.37 32.29
N PRO E 98 -22.72 36.93 31.37
CA PRO E 98 -22.88 37.67 30.12
C PRO E 98 -23.59 38.99 30.31
N LEU E 99 -23.17 39.99 29.56
CA LEU E 99 -23.70 41.34 29.60
C LEU E 99 -24.17 41.73 28.21
N PHE E 100 -25.28 42.46 28.15
CA PHE E 100 -25.86 42.87 26.87
C PHE E 100 -26.40 44.27 27.03
N LYS E 101 -26.31 45.06 25.96
CA LYS E 101 -26.83 46.42 26.00
C LYS E 101 -28.35 46.44 26.16
N THR E 102 -29.05 45.40 25.69
CA THR E 102 -30.51 45.35 25.85
C THR E 102 -30.95 44.68 27.16
N GLY E 103 -30.00 44.38 28.06
CA GLY E 103 -30.33 43.76 29.33
C GLY E 103 -29.31 42.72 29.72
N ASP E 104 -28.62 42.96 30.83
CA ASP E 104 -27.59 42.05 31.30
C ASP E 104 -28.21 40.74 31.79
N SER E 105 -27.41 39.69 31.73
CA SER E 105 -27.84 38.40 32.27
C SER E 105 -27.42 38.31 33.73
N THR E 106 -27.94 37.29 34.40
CA THR E 106 -27.54 36.97 35.77
C THR E 106 -26.99 35.55 35.87
N GLU E 107 -26.66 34.93 34.74
CA GLU E 107 -26.00 33.63 34.78
C GLU E 107 -24.55 33.79 35.25
N GLU E 108 -24.06 32.78 35.97
N GLU E 108 -24.05 32.74 35.90
CA GLU E 108 -22.69 32.78 36.46
CA GLU E 108 -22.71 32.73 36.49
C GLU E 108 -22.05 31.45 36.06
C GLU E 108 -22.01 31.43 36.07
N PHE E 109 -21.84 31.27 34.76
CA PHE E 109 -21.23 30.06 34.25
C PHE E 109 -19.86 29.88 34.87
N GLU E 110 -19.58 28.68 35.37
CA GLU E 110 -18.40 28.49 36.20
C GLU E 110 -17.75 27.14 35.94
N GLY E 111 -16.43 27.15 35.89
CA GLY E 111 -15.66 25.93 35.89
C GLY E 111 -14.65 26.01 37.01
N ARG E 112 -14.22 24.84 37.46
CA ARG E 112 -13.19 24.75 38.49
C ARG E 112 -12.18 23.66 38.13
N ALA E 113 -10.96 23.83 38.60
CA ALA E 113 -9.92 22.85 38.39
C ALA E 113 -10.07 21.72 39.39
N SER E 114 -9.75 20.50 38.96
CA SER E 114 -9.66 19.35 39.84
C SER E 114 -8.23 18.95 40.16
N ASN E 115 -7.26 19.72 39.68
CA ASN E 115 -5.86 19.64 40.06
C ASN E 115 -5.43 21.07 40.33
N ILE E 116 -4.80 21.32 41.48
CA ILE E 116 -4.46 22.68 41.84
C ILE E 116 -3.53 23.30 40.81
N ASN E 117 -2.79 22.48 40.07
CA ASN E 117 -1.81 22.95 39.12
C ASN E 117 -2.40 23.22 37.75
N THR E 118 -3.70 23.01 37.56
CA THR E 118 -4.33 23.09 36.26
C THR E 118 -5.29 24.27 36.19
N ARG E 119 -5.43 24.83 35.00
CA ARG E 119 -6.31 25.97 34.81
C ARG E 119 -7.78 25.57 35.00
N ALA E 120 -8.57 26.53 35.48
CA ALA E 120 -10.02 26.40 35.42
C ALA E 120 -10.51 27.00 34.11
N SER E 121 -11.60 26.45 33.56
CA SER E 121 -12.10 26.93 32.28
C SER E 121 -13.62 26.82 32.17
N VAL E 122 -14.21 27.73 31.39
CA VAL E 122 -15.64 27.72 31.15
C VAL E 122 -15.93 28.65 29.99
N GLY E 123 -17.12 28.53 29.41
CA GLY E 123 -17.55 29.42 28.34
C GLY E 123 -19.06 29.50 28.23
N TYR E 124 -19.50 30.35 27.31
CA TYR E 124 -20.92 30.44 26.99
C TYR E 124 -21.10 30.83 25.53
N ARG E 125 -22.16 30.32 24.92
CA ARG E 125 -22.48 30.67 23.55
C ARG E 125 -23.62 31.69 23.55
N ILE E 126 -23.51 32.70 22.69
CA ILE E 126 -24.54 33.72 22.54
C ILE E 126 -25.53 33.24 21.49
N PRO E 127 -26.83 33.27 21.77
CA PRO E 127 -27.83 32.83 20.78
C PRO E 127 -27.94 33.82 19.63
N THR E 128 -28.42 33.31 18.49
CA THR E 128 -28.50 34.14 17.30
C THR E 128 -29.26 35.45 17.55
N ASN E 129 -30.35 35.38 18.31
CA ASN E 129 -31.18 36.55 18.54
C ASN E 129 -30.51 37.60 19.41
N LEU E 130 -29.40 37.30 20.07
CA LEU E 130 -28.65 38.31 20.80
C LEU E 130 -27.32 38.66 20.14
N ARG E 131 -27.15 38.30 18.87
CA ARG E 131 -25.91 38.56 18.14
C ARG E 131 -26.05 39.86 17.33
N GLN E 132 -25.98 40.97 18.03
CA GLN E 132 -25.90 42.29 17.41
C GLN E 132 -24.50 42.85 17.64
N ASN E 133 -24.26 44.05 17.12
CA ASN E 133 -22.92 44.62 17.20
C ASN E 133 -22.63 45.20 18.59
N THR E 134 -21.34 45.29 18.91
CA THR E 134 -20.84 46.01 20.07
C THR E 134 -19.67 46.88 19.65
N VAL E 135 -19.49 48.01 20.36
CA VAL E 135 -18.42 48.96 20.06
C VAL E 135 -17.46 49.02 21.25
N ALA E 136 -16.39 49.82 21.13
CA ALA E 136 -15.34 49.80 22.13
C ALA E 136 -15.87 50.12 23.53
N ALA E 137 -16.85 51.02 23.62
CA ALA E 137 -17.35 51.44 24.93
C ALA E 137 -18.20 50.37 25.61
N ASP E 138 -18.68 49.38 24.89
CA ASP E 138 -19.50 48.31 25.45
C ASP E 138 -18.64 47.29 26.19
N ASN E 139 -19.28 46.44 26.98
CA ASN E 139 -18.63 45.37 27.71
C ASN E 139 -19.16 44.02 27.27
N VAL E 140 -18.30 43.00 27.33
CA VAL E 140 -18.65 41.66 26.86
C VAL E 140 -19.29 40.83 27.96
N CYS E 141 -18.67 40.82 29.14
CA CYS E 141 -19.09 39.94 30.22
C CYS E 141 -18.35 40.41 31.47
N GLU E 142 -18.82 39.92 32.61
CA GLU E 142 -18.13 40.08 33.88
C GLU E 142 -17.38 38.80 34.22
N VAL E 143 -16.16 38.94 34.70
CA VAL E 143 -15.32 37.80 35.06
C VAL E 143 -15.05 37.83 36.55
N ARG E 144 -15.13 36.67 37.19
CA ARG E 144 -14.71 36.49 38.58
C ARG E 144 -13.79 35.29 38.63
N SER E 145 -12.83 35.31 39.55
CA SER E 145 -11.86 34.23 39.72
C SER E 145 -11.07 34.45 41.01
N ASN E 146 -10.46 33.36 41.50
CA ASN E 146 -9.49 33.44 42.60
C ASN E 146 -8.06 33.62 42.07
N CYS E 147 -7.88 33.71 40.76
CA CYS E 147 -6.59 33.91 40.11
C CYS E 147 -6.53 35.35 39.61
N ARG E 148 -5.33 35.92 39.62
CA ARG E 148 -5.15 37.34 39.36
C ARG E 148 -5.21 37.70 37.88
N GLN E 149 -5.29 36.71 36.99
CA GLN E 149 -5.45 36.97 35.57
C GLN E 149 -6.33 35.88 34.99
N VAL E 150 -7.08 36.24 33.96
CA VAL E 150 -7.87 35.32 33.16
C VAL E 150 -7.50 35.50 31.70
N ALA E 151 -7.44 34.40 30.97
CA ALA E 151 -7.17 34.38 29.53
C ALA E 151 -8.45 34.08 28.76
N LEU E 152 -8.84 34.98 27.86
CA LEU E 152 -10.08 34.82 27.13
C LEU E 152 -9.80 34.55 25.66
N VAL E 153 -10.64 33.72 25.05
CA VAL E 153 -10.64 33.53 23.61
C VAL E 153 -12.07 33.79 23.16
N ILE E 154 -12.28 34.88 22.43
CA ILE E 154 -13.61 35.32 22.02
C ILE E 154 -13.76 35.09 20.52
N SER E 155 -14.74 34.27 20.16
CA SER E 155 -15.10 34.04 18.76
C SER E 155 -16.12 35.09 18.33
N CYS E 156 -15.81 35.81 17.27
CA CYS E 156 -16.63 36.98 16.93
C CYS E 156 -16.45 37.32 15.46
N CYS E 157 -17.38 38.15 14.97
CA CYS E 157 -17.44 38.58 13.58
C CYS E 157 -17.19 40.08 13.55
N PHE E 158 -16.00 40.46 13.10
CA PHE E 158 -15.66 41.86 12.92
C PHE E 158 -16.33 42.39 11.67
N ASN E 159 -16.90 43.59 11.76
CA ASN E 159 -17.55 44.21 10.60
C ASN E 159 -17.54 45.74 10.68
N ASN F 16 -48.96 16.60 -53.03
CA ASN F 16 -50.35 17.00 -52.86
C ASN F 16 -51.05 17.10 -54.22
N SER F 17 -52.36 17.35 -54.21
CA SER F 17 -53.10 17.50 -55.45
C SER F 17 -52.65 18.76 -56.18
N ASN F 18 -52.57 18.66 -57.50
CA ASN F 18 -52.17 19.77 -58.35
C ASN F 18 -53.34 20.46 -59.03
N VAL F 19 -54.56 19.99 -58.83
CA VAL F 19 -55.72 20.57 -59.51
C VAL F 19 -56.85 20.79 -58.52
N VAL F 20 -57.83 21.59 -58.95
CA VAL F 20 -59.04 21.83 -58.17
C VAL F 20 -59.77 20.52 -57.94
N THR F 21 -60.34 20.35 -56.75
CA THR F 21 -61.10 19.15 -56.40
C THR F 21 -62.48 19.53 -55.85
N MET F 22 -63.45 18.67 -56.11
CA MET F 22 -64.81 18.97 -55.66
C MET F 22 -64.94 18.88 -54.14
N ILE F 23 -65.76 19.77 -53.58
CA ILE F 23 -66.12 19.76 -52.17
C ILE F 23 -67.59 19.39 -52.07
N ARG F 24 -67.87 18.29 -51.37
CA ARG F 24 -69.25 17.80 -51.23
C ARG F 24 -69.95 18.57 -50.11
N ALA F 25 -70.21 19.85 -50.41
CA ALA F 25 -70.79 20.75 -49.42
C ALA F 25 -72.16 20.23 -48.97
N GLY F 26 -72.51 20.56 -47.74
CA GLY F 26 -73.81 20.20 -47.20
C GLY F 26 -74.77 21.36 -47.03
N SER F 27 -75.34 21.49 -45.83
CA SER F 27 -76.27 22.56 -45.54
CA SER F 27 -76.27 22.57 -45.54
C SER F 27 -75.52 23.89 -45.34
N TYR F 28 -76.22 24.98 -45.60
CA TYR F 28 -75.61 26.29 -45.40
C TYR F 28 -75.16 26.45 -43.96
N PRO F 29 -73.93 26.88 -43.72
CA PRO F 29 -73.41 26.90 -42.34
C PRO F 29 -73.84 28.15 -41.59
N LYS F 30 -73.58 28.13 -40.28
CA LYS F 30 -73.58 29.38 -39.53
C LYS F 30 -72.46 30.26 -40.07
N VAL F 31 -72.72 31.56 -40.15
CA VAL F 31 -71.77 32.52 -40.72
C VAL F 31 -71.80 33.79 -39.88
N ASN F 32 -70.80 34.65 -40.11
CA ASN F 32 -70.65 35.93 -39.45
C ASN F 32 -69.75 36.81 -40.29
N PRO F 33 -70.27 37.83 -40.96
CA PRO F 33 -69.42 38.68 -41.79
C PRO F 33 -68.50 39.61 -41.01
N THR F 34 -68.73 39.82 -39.72
CA THR F 34 -67.99 40.82 -38.95
C THR F 34 -67.50 40.16 -37.67
N PRO F 35 -66.45 39.36 -37.76
CA PRO F 35 -65.98 38.62 -36.57
C PRO F 35 -65.15 39.48 -35.63
N THR F 36 -64.85 38.90 -34.47
CA THR F 36 -63.90 39.48 -33.53
C THR F 36 -62.45 39.26 -34.03
N TRP F 37 -61.50 39.97 -33.41
CA TRP F 37 -60.10 39.90 -33.83
C TRP F 37 -59.19 40.24 -32.67
N VAL F 38 -58.31 39.29 -32.34
CA VAL F 38 -57.29 39.46 -31.31
C VAL F 38 -56.03 40.03 -31.97
N ARG F 39 -55.49 41.09 -31.37
CA ARG F 39 -54.43 41.88 -31.99
C ARG F 39 -53.42 42.39 -30.98
N ALA F 40 -52.27 42.78 -31.50
CA ALA F 40 -51.27 43.58 -30.79
C ALA F 40 -51.13 44.87 -31.59
N ILE F 41 -51.64 45.97 -31.05
CA ILE F 41 -51.74 47.23 -31.79
C ILE F 41 -50.59 48.15 -31.39
N PRO F 42 -49.73 48.57 -32.33
CA PRO F 42 -48.63 49.46 -31.97
C PRO F 42 -48.89 50.91 -32.35
N PHE F 43 -48.80 51.84 -31.40
CA PHE F 43 -48.93 53.26 -31.69
C PHE F 43 -48.18 54.07 -30.64
N GLU F 44 -47.95 55.35 -30.95
CA GLU F 44 -47.19 56.25 -30.10
C GLU F 44 -48.07 57.36 -29.54
N VAL F 45 -47.67 57.89 -28.39
CA VAL F 45 -48.31 59.05 -27.81
C VAL F 45 -47.23 60.05 -27.41
N SER F 46 -47.60 61.34 -27.41
CA SER F 46 -46.72 62.40 -26.93
C SER F 46 -46.88 62.58 -25.43
N VAL F 47 -45.75 62.79 -24.75
CA VAL F 47 -45.70 62.91 -23.29
C VAL F 47 -44.91 64.17 -22.93
N GLN F 48 -45.41 64.91 -21.94
CA GLN F 48 -44.79 66.13 -21.45
C GLN F 48 -44.13 65.88 -20.10
N SER F 49 -43.13 66.68 -19.79
CA SER F 49 -42.37 66.50 -18.56
C SER F 49 -43.24 66.81 -17.35
N GLY F 50 -43.36 65.83 -16.44
CA GLY F 50 -44.10 66.04 -15.21
C GLY F 50 -45.59 65.91 -15.31
N ILE F 51 -46.11 65.53 -16.48
CA ILE F 51 -47.54 65.54 -16.74
C ILE F 51 -47.96 64.16 -17.19
N ALA F 52 -49.06 63.68 -16.64
CA ALA F 52 -49.61 62.40 -17.04
C ALA F 52 -50.44 62.57 -18.31
N PHE F 53 -50.28 61.64 -19.25
CA PHE F 53 -51.07 61.63 -20.47
C PHE F 53 -52.06 60.47 -20.46
N LYS F 54 -53.35 60.78 -20.60
CA LYS F 54 -54.38 59.75 -20.67
C LYS F 54 -54.49 59.20 -22.09
N VAL F 55 -54.28 57.89 -22.22
CA VAL F 55 -54.23 57.22 -23.52
C VAL F 55 -55.67 56.94 -23.97
N PRO F 56 -56.14 57.56 -25.05
CA PRO F 56 -57.54 57.36 -25.46
C PRO F 56 -57.74 56.03 -26.16
N VAL F 57 -58.81 55.34 -25.79
CA VAL F 57 -59.14 54.09 -26.44
C VAL F 57 -59.41 54.28 -27.92
N GLY F 58 -59.76 55.50 -28.34
CA GLY F 58 -60.12 55.73 -29.73
C GLY F 58 -58.98 55.58 -30.72
N SER F 59 -57.75 55.69 -30.22
CA SER F 59 -56.57 55.48 -31.04
C SER F 59 -56.44 54.04 -31.51
N LEU F 60 -57.19 53.10 -30.92
CA LEU F 60 -57.17 51.70 -31.34
C LEU F 60 -58.13 51.41 -32.49
N PHE F 61 -59.08 52.29 -32.77
CA PHE F 61 -59.96 52.14 -33.92
C PHE F 61 -59.46 53.04 -35.04
N SER F 62 -58.87 52.46 -36.08
CA SER F 62 -58.34 53.23 -37.20
C SER F 62 -58.15 52.31 -38.39
N ALA F 63 -58.27 52.88 -39.59
CA ALA F 63 -57.89 52.16 -40.79
C ALA F 63 -56.40 51.82 -40.85
N ASN F 64 -55.55 52.55 -40.12
CA ASN F 64 -54.12 52.22 -40.04
C ASN F 64 -53.90 50.88 -39.34
N PHE F 65 -54.90 50.37 -38.64
CA PHE F 65 -54.81 49.08 -37.99
C PHE F 65 -55.82 48.07 -38.55
N ARG F 66 -56.55 48.45 -39.60
CA ARG F 66 -57.64 47.64 -40.14
C ARG F 66 -58.78 47.47 -39.15
N THR F 67 -58.96 48.43 -38.25
CA THR F 67 -59.94 48.27 -37.16
C THR F 67 -60.99 49.36 -37.11
N ASP F 68 -61.16 50.15 -38.17
CA ASP F 68 -62.10 51.26 -38.11
CA ASP F 68 -62.10 51.25 -38.12
C ASP F 68 -63.55 50.78 -38.21
N SER F 69 -63.79 49.50 -38.45
CA SER F 69 -65.13 48.94 -38.43
C SER F 69 -65.58 48.56 -37.03
N PHE F 70 -64.66 48.45 -36.08
CA PHE F 70 -64.99 48.16 -34.70
C PHE F 70 -65.30 49.47 -33.96
N THR F 71 -66.22 49.38 -32.99
CA THR F 71 -66.47 50.48 -32.06
C THR F 71 -66.17 50.16 -30.60
N SER F 72 -65.79 48.93 -30.27
CA SER F 72 -65.48 48.52 -28.91
C SER F 72 -64.28 47.59 -28.92
N VAL F 73 -63.65 47.45 -27.76
CA VAL F 73 -62.46 46.64 -27.63
C VAL F 73 -62.35 46.21 -26.18
N THR F 74 -61.87 44.98 -25.96
CA THR F 74 -61.54 44.46 -24.64
C THR F 74 -60.02 44.41 -24.51
N VAL F 75 -59.46 45.29 -23.70
CA VAL F 75 -58.01 45.31 -23.50
C VAL F 75 -57.61 44.19 -22.55
N MET F 76 -56.56 43.45 -22.91
CA MET F 76 -56.00 42.38 -22.06
C MET F 76 -54.69 42.75 -21.39
N SER F 77 -53.81 43.47 -22.06
CA SER F 77 -52.55 43.89 -21.45
C SER F 77 -52.07 45.12 -22.19
N VAL F 78 -51.19 45.86 -21.53
CA VAL F 78 -50.59 47.08 -22.05
C VAL F 78 -49.10 47.02 -21.81
N ARG F 79 -48.30 47.30 -22.85
N ARG F 79 -48.31 47.33 -22.85
CA ARG F 79 -46.86 47.44 -22.74
CA ARG F 79 -46.87 47.45 -22.75
C ARG F 79 -46.45 48.77 -23.37
C ARG F 79 -46.44 48.76 -23.37
N ALA F 80 -45.47 49.43 -22.74
CA ALA F 80 -44.99 50.72 -23.20
C ALA F 80 -43.47 50.72 -23.27
N TRP F 81 -42.95 51.49 -24.22
CA TRP F 81 -41.52 51.75 -24.36
C TRP F 81 -41.30 53.24 -24.58
N THR F 82 -40.19 53.77 -24.06
CA THR F 82 -39.81 55.12 -24.45
C THR F 82 -39.42 55.12 -25.92
N GLN F 83 -39.83 56.17 -26.65
CA GLN F 83 -39.70 56.23 -28.10
C GLN F 83 -38.71 57.28 -28.58
N LEU F 84 -38.36 58.24 -27.74
CA LEU F 84 -37.32 59.23 -28.02
C LEU F 84 -36.30 59.24 -26.89
N THR F 85 -35.18 59.92 -27.12
CA THR F 85 -34.09 59.88 -26.16
C THR F 85 -34.42 60.69 -24.91
N PRO F 86 -33.86 60.30 -23.76
CA PRO F 86 -34.13 61.03 -22.52
C PRO F 86 -33.37 62.34 -22.44
N PRO F 87 -33.59 63.10 -21.37
CA PRO F 87 -32.83 64.34 -21.20
C PRO F 87 -31.38 64.06 -20.88
N VAL F 88 -30.54 65.06 -21.16
CA VAL F 88 -29.11 64.93 -20.92
C VAL F 88 -28.88 64.47 -19.49
N ASN F 89 -27.90 63.59 -19.34
CA ASN F 89 -27.45 62.97 -18.10
C ASN F 89 -28.42 61.98 -17.49
N GLU F 90 -29.59 61.73 -18.08
CA GLU F 90 -30.61 60.89 -17.48
C GLU F 90 -30.76 59.55 -18.19
N TYR F 91 -31.27 58.57 -17.45
CA TYR F 91 -31.76 57.31 -17.99
C TYR F 91 -33.27 57.42 -18.23
N SER F 92 -33.74 56.79 -19.30
CA SER F 92 -35.17 56.84 -19.60
C SER F 92 -35.97 56.13 -18.51
N PHE F 93 -37.23 56.55 -18.35
CA PHE F 93 -38.18 55.88 -17.48
C PHE F 93 -39.56 56.06 -18.09
N VAL F 94 -40.46 55.13 -17.76
CA VAL F 94 -41.86 55.19 -18.18
C VAL F 94 -42.70 54.59 -17.06
N ARG F 95 -43.81 55.24 -16.76
CA ARG F 95 -44.76 54.76 -15.77
C ARG F 95 -46.13 54.56 -16.40
N LEU F 96 -46.89 53.59 -15.89
CA LEU F 96 -48.23 53.30 -16.38
C LEU F 96 -49.14 53.19 -15.17
N LYS F 97 -50.22 53.97 -15.18
CA LYS F 97 -51.28 53.89 -14.18
C LYS F 97 -52.55 53.37 -14.84
N PRO F 98 -52.99 52.16 -14.54
CA PRO F 98 -54.21 51.66 -15.18
C PRO F 98 -55.43 52.50 -14.82
N LEU F 99 -56.32 52.69 -15.78
CA LEU F 99 -57.57 53.39 -15.58
C LEU F 99 -58.72 52.43 -15.87
N PHE F 100 -59.85 52.63 -15.18
CA PHE F 100 -61.00 51.76 -15.34
C PHE F 100 -62.28 52.52 -15.10
N LYS F 101 -63.26 52.30 -15.96
CA LYS F 101 -64.53 53.01 -15.81
C LYS F 101 -65.18 52.71 -14.46
N THR F 102 -65.01 51.50 -13.94
CA THR F 102 -65.58 51.18 -12.64
C THR F 102 -64.77 51.76 -11.50
N GLY F 103 -63.55 52.21 -11.76
CA GLY F 103 -62.69 52.76 -10.73
C GLY F 103 -61.21 52.81 -11.10
N ASP F 104 -60.61 53.99 -11.09
CA ASP F 104 -59.22 54.13 -11.50
C ASP F 104 -58.27 53.64 -10.42
N SER F 105 -57.15 53.07 -10.86
CA SER F 105 -56.14 52.54 -9.95
C SER F 105 -55.13 53.61 -9.63
N THR F 106 -54.28 53.32 -8.65
CA THR F 106 -53.23 54.24 -8.25
C THR F 106 -51.87 53.59 -8.36
N GLU F 107 -51.80 52.39 -8.95
CA GLU F 107 -50.52 51.76 -9.26
C GLU F 107 -49.77 52.60 -10.29
N GLU F 108 -48.46 52.64 -10.15
CA GLU F 108 -47.61 53.31 -11.12
C GLU F 108 -46.49 52.34 -11.51
N PHE F 109 -46.84 51.33 -12.30
CA PHE F 109 -45.87 50.37 -12.81
C PHE F 109 -44.77 51.09 -13.58
N GLU F 110 -43.52 50.90 -13.20
CA GLU F 110 -42.45 51.67 -13.78
C GLU F 110 -41.28 50.79 -14.22
N GLY F 111 -40.74 51.11 -15.40
CA GLY F 111 -39.45 50.60 -15.82
C GLY F 111 -38.47 51.73 -16.07
N ARG F 112 -37.18 51.45 -15.85
CA ARG F 112 -36.12 52.39 -16.19
C ARG F 112 -35.05 51.71 -17.03
N ALA F 113 -34.41 52.49 -17.88
CA ALA F 113 -33.28 51.98 -18.65
C ALA F 113 -32.03 51.95 -17.78
N SER F 114 -31.18 50.94 -18.01
CA SER F 114 -29.87 50.84 -17.36
C SER F 114 -28.72 51.21 -18.27
N ASN F 115 -29.03 51.58 -19.52
CA ASN F 115 -28.10 52.21 -20.45
C ASN F 115 -28.80 53.46 -20.97
N ILE F 116 -28.13 54.61 -20.90
CA ILE F 116 -28.83 55.84 -21.32
C ILE F 116 -29.31 55.75 -22.76
N ASN F 117 -28.68 54.90 -23.58
CA ASN F 117 -28.97 54.79 -25.00
C ASN F 117 -30.10 53.82 -25.30
N THR F 118 -30.65 53.15 -24.28
CA THR F 118 -31.65 52.10 -24.43
C THR F 118 -33.01 52.54 -23.91
N ARG F 119 -34.05 52.00 -24.54
CA ARG F 119 -35.40 52.29 -24.11
C ARG F 119 -35.68 51.75 -22.71
N ALA F 120 -36.48 52.48 -21.96
CA ALA F 120 -37.14 51.95 -20.76
C ALA F 120 -38.47 51.31 -21.15
N SER F 121 -38.87 50.27 -20.41
CA SER F 121 -40.09 49.55 -20.77
C SER F 121 -40.76 49.02 -19.51
N VAL F 122 -42.08 48.89 -19.59
CA VAL F 122 -42.89 48.26 -18.55
C VAL F 122 -44.23 47.89 -19.16
N GLY F 123 -45.00 47.05 -18.45
CA GLY F 123 -46.32 46.65 -18.88
C GLY F 123 -47.14 46.17 -17.69
N TYR F 124 -48.45 46.06 -17.92
CA TYR F 124 -49.33 45.45 -16.93
C TYR F 124 -50.41 44.62 -17.62
N ARG F 125 -50.82 43.56 -16.95
CA ARG F 125 -51.90 42.69 -17.41
C ARG F 125 -53.19 43.04 -16.67
N ILE F 126 -54.30 43.04 -17.39
CA ILE F 126 -55.62 43.23 -16.78
C ILE F 126 -56.13 41.85 -16.38
N PRO F 127 -56.58 41.68 -15.14
CA PRO F 127 -57.18 40.38 -14.73
C PRO F 127 -58.49 40.13 -15.44
N THR F 128 -58.90 38.85 -15.49
CA THR F 128 -60.10 38.48 -16.24
C THR F 128 -61.36 39.17 -15.71
N ASN F 129 -61.43 39.38 -14.40
CA ASN F 129 -62.61 40.02 -13.80
C ASN F 129 -62.75 41.47 -14.20
N LEU F 130 -61.71 42.09 -14.76
CA LEU F 130 -61.76 43.48 -15.20
C LEU F 130 -61.67 43.61 -16.72
N ARG F 131 -61.92 42.52 -17.47
CA ARG F 131 -61.79 42.57 -18.93
C ARG F 131 -63.17 42.77 -19.56
N GLN F 132 -63.63 44.02 -19.52
CA GLN F 132 -64.84 44.43 -20.18
C GLN F 132 -64.49 45.35 -21.35
N ASN F 133 -65.51 45.88 -21.99
CA ASN F 133 -65.30 46.68 -23.19
C ASN F 133 -65.00 48.14 -22.86
N THR F 134 -64.36 48.79 -23.81
CA THR F 134 -64.14 50.23 -23.78
C THR F 134 -64.42 50.78 -25.17
N VAL F 135 -64.90 52.03 -25.20
CA VAL F 135 -65.24 52.71 -26.44
C VAL F 135 -64.29 53.88 -26.60
N ALA F 136 -64.41 54.59 -27.74
CA ALA F 136 -63.39 55.55 -28.14
C ALA F 136 -63.18 56.62 -27.09
N ALA F 137 -64.26 57.06 -26.45
CA ALA F 137 -64.18 58.12 -25.44
C ALA F 137 -63.57 57.65 -24.13
N ASP F 138 -63.35 56.36 -23.95
CA ASP F 138 -62.72 55.88 -22.73
C ASP F 138 -61.20 56.04 -22.81
N ASN F 139 -60.55 55.93 -21.65
CA ASN F 139 -59.10 55.98 -21.54
C ASN F 139 -58.52 54.70 -20.96
N VAL F 140 -57.39 54.28 -21.51
CA VAL F 140 -56.81 52.98 -21.16
C VAL F 140 -55.96 53.09 -19.90
N CYS F 141 -55.14 54.13 -19.84
CA CYS F 141 -54.17 54.31 -18.77
C CYS F 141 -53.62 55.72 -18.87
N GLU F 142 -52.88 56.10 -17.83
CA GLU F 142 -52.03 57.28 -17.83
C GLU F 142 -50.58 56.89 -18.04
N VAL F 143 -49.89 57.61 -18.91
CA VAL F 143 -48.47 57.42 -19.18
C VAL F 143 -47.69 58.61 -18.64
N ARG F 144 -46.55 58.33 -17.99
CA ARG F 144 -45.61 59.35 -17.53
C ARG F 144 -44.21 58.93 -17.96
N SER F 145 -43.36 59.90 -18.24
CA SER F 145 -42.02 59.63 -18.74
C SER F 145 -41.24 60.92 -18.80
N ASN F 146 -39.92 60.77 -18.83
CA ASN F 146 -38.98 61.86 -19.08
C ASN F 146 -38.61 62.01 -20.56
N CYS F 147 -39.17 61.16 -21.40
CA CYS F 147 -39.04 61.25 -22.85
C CYS F 147 -40.33 61.80 -23.43
N ARG F 148 -40.23 62.38 -24.61
CA ARG F 148 -41.32 63.14 -25.19
C ARG F 148 -42.32 62.28 -25.95
N GLN F 149 -41.98 61.04 -26.27
CA GLN F 149 -42.91 60.09 -26.86
C GLN F 149 -42.74 58.73 -26.19
N VAL F 150 -43.85 57.98 -26.13
CA VAL F 150 -43.87 56.61 -25.63
C VAL F 150 -44.51 55.76 -26.71
N ALA F 151 -43.89 54.62 -27.02
CA ALA F 151 -44.45 53.66 -27.95
C ALA F 151 -45.20 52.59 -27.15
N LEU F 152 -46.47 52.40 -27.48
CA LEU F 152 -47.30 51.40 -26.82
C LEU F 152 -47.62 50.25 -27.76
N VAL F 153 -47.75 49.06 -27.20
CA VAL F 153 -48.27 47.90 -27.90
C VAL F 153 -49.33 47.27 -27.00
N ILE F 154 -50.60 47.32 -27.43
CA ILE F 154 -51.71 46.88 -26.60
C ILE F 154 -52.27 45.60 -27.18
N SER F 155 -52.24 44.54 -26.38
CA SER F 155 -52.88 43.29 -26.75
C SER F 155 -54.34 43.36 -26.34
N CYS F 156 -55.25 43.13 -27.28
CA CYS F 156 -56.65 43.37 -27.02
C CYS F 156 -57.50 42.50 -27.93
N CYS F 157 -58.81 42.53 -27.69
CA CYS F 157 -59.76 41.75 -28.49
C CYS F 157 -60.79 42.72 -29.06
N PHE F 158 -60.69 43.01 -30.36
CA PHE F 158 -61.69 43.85 -31.01
C PHE F 158 -62.98 43.05 -31.19
N ASN F 159 -64.11 43.65 -30.86
CA ASN F 159 -65.40 42.99 -31.01
C ASN F 159 -66.53 44.01 -31.25
N ASP G 15 13.61 -12.27 10.40
CA ASP G 15 12.93 -11.04 10.78
C ASP G 15 12.49 -10.27 9.54
N ASN G 16 12.46 -8.94 9.66
CA ASN G 16 12.13 -8.06 8.55
C ASN G 16 13.04 -6.85 8.58
N SER G 17 13.11 -6.17 9.72
CA SER G 17 14.05 -5.07 9.89
C SER G 17 15.41 -5.65 10.22
N ASN G 18 16.46 -5.03 9.68
CA ASN G 18 17.84 -5.43 9.93
C ASN G 18 18.53 -4.54 10.95
N VAL G 19 17.86 -3.52 11.48
CA VAL G 19 18.46 -2.54 12.37
C VAL G 19 17.61 -2.37 13.62
N VAL G 20 18.26 -1.83 14.67
CA VAL G 20 17.54 -1.48 15.88
C VAL G 20 16.52 -0.41 15.56
N THR G 21 15.38 -0.47 16.24
CA THR G 21 14.30 0.51 16.05
C THR G 21 13.83 1.02 17.41
N MET G 22 13.30 2.23 17.40
CA MET G 22 12.85 2.86 18.64
CA MET G 22 12.85 2.86 18.64
C MET G 22 11.53 2.26 19.11
N ILE G 23 11.39 2.16 20.43
CA ILE G 23 10.17 1.71 21.10
C ILE G 23 9.60 2.91 21.86
N ARG G 24 8.36 3.28 21.55
CA ARG G 24 7.73 4.46 22.13
C ARG G 24 7.08 4.05 23.46
N ALA G 25 7.94 3.71 24.41
CA ALA G 25 7.47 3.29 25.73
C ALA G 25 6.63 4.37 26.39
N GLY G 26 5.83 3.93 27.36
CA GLY G 26 5.02 4.84 28.12
C GLY G 26 5.33 4.81 29.60
N SER G 27 4.29 4.77 30.43
CA SER G 27 4.47 4.76 31.87
CA SER G 27 4.47 4.76 31.87
C SER G 27 5.15 3.45 32.30
N TYR G 28 5.73 3.48 33.49
CA TYR G 28 6.38 2.29 34.02
C TYR G 28 5.35 1.18 34.25
N PRO G 29 5.59 -0.04 33.75
CA PRO G 29 4.59 -1.10 33.86
C PRO G 29 4.68 -1.84 35.19
N LYS G 30 3.69 -2.69 35.44
CA LYS G 30 3.76 -3.62 36.56
C LYS G 30 4.84 -4.65 36.29
N VAL G 31 5.61 -4.99 37.33
CA VAL G 31 6.77 -5.86 37.18
C VAL G 31 6.78 -6.89 38.31
N ASN G 32 7.63 -7.90 38.14
CA ASN G 32 7.76 -8.96 39.13
C ASN G 32 9.09 -9.65 38.85
N PRO G 33 10.12 -9.41 39.68
CA PRO G 33 11.41 -10.07 39.43
C PRO G 33 11.43 -11.55 39.74
N THR G 34 10.43 -12.06 40.44
CA THR G 34 10.44 -13.43 40.93
C THR G 34 9.15 -14.11 40.52
N PRO G 35 8.98 -14.38 39.22
CA PRO G 35 7.72 -14.97 38.73
C PRO G 35 7.59 -16.46 39.00
N THR G 36 6.38 -16.96 38.74
CA THR G 36 6.09 -18.38 38.79
C THR G 36 6.64 -19.08 37.53
N TRP G 37 6.57 -20.41 37.54
CA TRP G 37 7.17 -21.21 36.46
C TRP G 37 6.49 -22.57 36.42
N VAL G 38 5.91 -22.93 35.28
CA VAL G 38 5.34 -24.25 35.05
C VAL G 38 6.41 -25.16 34.46
N ARG G 39 6.61 -26.32 35.07
CA ARG G 39 7.74 -27.17 34.73
C ARG G 39 7.36 -28.64 34.67
N ALA G 40 8.27 -29.43 34.10
CA ALA G 40 8.24 -30.90 34.11
C ALA G 40 9.61 -31.33 34.62
N ILE G 41 9.68 -31.71 35.89
CA ILE G 41 10.94 -31.91 36.62
C ILE G 41 11.30 -33.38 36.55
N PRO G 42 12.46 -33.74 35.97
CA PRO G 42 12.88 -35.16 35.99
C PRO G 42 13.93 -35.45 37.06
N PHE G 43 13.66 -36.42 37.93
CA PHE G 43 14.69 -36.85 38.88
C PHE G 43 14.43 -38.32 39.20
N GLU G 44 15.42 -38.97 39.81
CA GLU G 44 15.37 -40.38 40.15
C GLU G 44 15.33 -40.55 41.65
N VAL G 45 14.74 -41.67 42.09
CA VAL G 45 14.72 -42.09 43.49
C VAL G 45 15.08 -43.58 43.59
N SER G 46 15.67 -43.96 44.73
CA SER G 46 16.00 -45.35 45.01
C SER G 46 14.82 -46.02 45.70
N VAL G 47 14.62 -47.30 45.39
CA VAL G 47 13.49 -48.06 45.93
C VAL G 47 13.97 -49.44 46.37
N GLN G 48 13.44 -49.90 47.50
CA GLN G 48 13.78 -51.19 48.06
C GLN G 48 12.68 -52.21 47.78
N SER G 49 13.06 -53.47 47.68
CA SER G 49 12.07 -54.51 47.42
CA SER G 49 12.07 -54.52 47.42
C SER G 49 11.08 -54.61 48.57
N GLY G 50 9.79 -54.59 48.24
CA GLY G 50 8.74 -54.71 49.23
C GLY G 50 8.50 -53.51 50.10
N ILE G 51 9.18 -52.39 49.86
CA ILE G 51 9.11 -51.23 50.74
C ILE G 51 8.69 -50.03 49.90
N ALA G 52 7.81 -49.20 50.47
CA ALA G 52 7.36 -47.98 49.79
C ALA G 52 8.28 -46.81 50.14
N PHE G 53 8.66 -46.05 49.13
CA PHE G 53 9.50 -44.87 49.32
C PHE G 53 8.65 -43.61 49.23
N LYS G 54 8.75 -42.76 50.26
CA LYS G 54 8.03 -41.49 50.26
C LYS G 54 8.86 -40.47 49.50
N VAL G 55 8.35 -39.97 48.38
CA VAL G 55 9.08 -39.01 47.55
C VAL G 55 9.01 -37.61 48.16
N PRO G 56 10.15 -37.01 48.55
CA PRO G 56 10.10 -35.69 49.19
C PRO G 56 9.92 -34.58 48.16
N VAL G 57 9.04 -33.64 48.48
CA VAL G 57 8.87 -32.47 47.62
C VAL G 57 10.17 -31.72 47.48
N GLY G 58 11.02 -31.77 48.50
CA GLY G 58 12.28 -31.05 48.49
C GLY G 58 13.17 -31.39 47.32
N SER G 59 12.98 -32.57 46.73
CA SER G 59 13.75 -32.94 45.55
C SER G 59 13.48 -32.00 44.39
N LEU G 60 12.39 -31.24 44.43
CA LEU G 60 12.03 -30.39 43.32
C LEU G 60 12.66 -29.01 43.40
N PHE G 61 13.22 -28.64 44.55
CA PHE G 61 13.95 -27.37 44.68
C PHE G 61 15.44 -27.65 44.59
N SER G 62 16.06 -27.21 43.49
CA SER G 62 17.48 -27.45 43.30
C SER G 62 18.04 -26.58 42.18
N ALA G 63 19.32 -26.22 42.32
CA ALA G 63 20.01 -25.54 41.23
C ALA G 63 20.07 -26.42 39.98
N ASN G 64 20.04 -27.75 40.15
CA ASN G 64 20.04 -28.64 39.00
C ASN G 64 18.81 -28.46 38.12
N PHE G 65 17.74 -27.87 38.64
CA PHE G 65 16.53 -27.60 37.88
C PHE G 65 16.29 -26.10 37.72
N ARG G 66 17.20 -25.26 38.23
CA ARG G 66 17.07 -23.82 38.23
C ARG G 66 15.98 -23.33 39.19
N THR G 67 15.68 -24.12 40.23
CA THR G 67 14.53 -23.88 41.08
C THR G 67 14.87 -23.69 42.56
N ASP G 68 16.14 -23.43 42.89
CA ASP G 68 16.52 -23.28 44.29
C ASP G 68 16.01 -21.99 44.90
N SER G 69 15.40 -21.09 44.12
CA SER G 69 14.83 -19.87 44.67
C SER G 69 13.38 -20.03 45.09
N PHE G 70 12.75 -21.15 44.76
CA PHE G 70 11.37 -21.42 45.15
C PHE G 70 11.36 -22.18 46.45
N THR G 71 10.34 -21.91 47.27
CA THR G 71 10.12 -22.64 48.51
C THR G 71 8.78 -23.34 48.55
N SER G 72 7.95 -23.18 47.51
CA SER G 72 6.65 -23.83 47.40
C SER G 72 6.45 -24.24 45.96
N VAL G 73 5.54 -25.20 45.74
CA VAL G 73 5.26 -25.71 44.40
C VAL G 73 3.90 -26.38 44.44
N THR G 74 3.13 -26.20 43.36
CA THR G 74 1.84 -26.85 43.17
C THR G 74 2.00 -28.00 42.17
N VAL G 75 1.89 -29.22 42.67
CA VAL G 75 2.07 -30.38 41.81
C VAL G 75 0.76 -30.62 41.08
N MET G 76 0.84 -30.82 39.77
CA MET G 76 -0.33 -31.10 38.94
C MET G 76 -0.41 -32.55 38.51
N SER G 77 0.70 -33.20 38.22
CA SER G 77 0.67 -34.59 37.82
C SER G 77 2.01 -35.24 38.10
N VAL G 78 1.97 -36.54 38.34
CA VAL G 78 3.17 -37.32 38.60
C VAL G 78 3.19 -38.49 37.64
N ARG G 79 4.31 -38.68 36.94
CA ARG G 79 4.52 -39.83 36.07
C ARG G 79 5.80 -40.52 36.51
N ALA G 80 5.80 -41.85 36.46
CA ALA G 80 6.90 -42.66 36.98
C ALA G 80 7.28 -43.75 35.99
N TRP G 81 8.59 -43.99 35.88
CA TRP G 81 9.15 -45.05 35.06
C TRP G 81 10.19 -45.82 35.88
N THR G 82 10.19 -47.14 35.79
CA THR G 82 11.33 -47.88 36.32
C THR G 82 12.60 -47.46 35.56
N GLN G 83 13.72 -47.38 36.30
CA GLN G 83 14.97 -46.83 35.77
C GLN G 83 16.10 -47.85 35.69
N LEU G 84 15.97 -49.01 36.33
CA LEU G 84 16.93 -50.09 36.19
C LEU G 84 16.15 -51.37 35.91
N THR G 85 16.86 -52.38 35.45
CA THR G 85 16.24 -53.64 35.07
C THR G 85 15.65 -54.37 36.29
N PRO G 86 14.68 -55.24 36.06
CA PRO G 86 14.00 -55.89 37.18
C PRO G 86 14.74 -57.13 37.65
N PRO G 87 14.24 -57.81 38.68
CA PRO G 87 14.81 -59.10 39.07
C PRO G 87 14.75 -60.12 37.93
N VAL G 88 15.65 -61.11 38.00
CA VAL G 88 15.64 -62.18 37.01
C VAL G 88 14.26 -62.82 36.96
N ASN G 89 13.80 -63.11 35.75
CA ASN G 89 12.55 -63.77 35.41
C ASN G 89 11.35 -62.83 35.45
N GLU G 90 11.49 -61.60 35.96
CA GLU G 90 10.35 -60.73 36.18
C GLU G 90 10.23 -59.60 35.17
N TYR G 91 9.00 -59.13 35.01
CA TYR G 91 8.67 -57.91 34.31
C TYR G 91 8.65 -56.76 35.32
N SER G 92 9.15 -55.59 34.91
CA SER G 92 9.13 -54.42 35.77
C SER G 92 7.71 -54.02 36.13
N PHE G 93 7.56 -53.48 37.34
CA PHE G 93 6.32 -52.85 37.74
C PHE G 93 6.66 -51.65 38.61
N VAL G 94 5.77 -50.67 38.59
CA VAL G 94 5.89 -49.50 39.44
C VAL G 94 4.48 -49.11 39.89
N ARG G 95 4.36 -48.68 41.15
CA ARG G 95 3.09 -48.28 41.74
C ARG G 95 3.23 -46.92 42.39
N LEU G 96 2.15 -46.12 42.35
CA LEU G 96 2.14 -44.78 42.91
C LEU G 96 0.91 -44.62 43.79
N LYS G 97 1.13 -44.20 45.04
CA LYS G 97 0.06 -43.90 45.97
C LYS G 97 0.13 -42.41 46.27
N PRO G 98 -0.88 -41.62 45.92
CA PRO G 98 -0.82 -40.18 46.22
C PRO G 98 -0.92 -39.90 47.71
N LEU G 99 -0.18 -38.89 48.14
CA LEU G 99 -0.19 -38.43 49.53
C LEU G 99 -0.63 -36.97 49.55
N PHE G 100 -1.34 -36.60 50.61
CA PHE G 100 -1.94 -35.27 50.68
C PHE G 100 -1.96 -34.87 52.15
N LYS G 101 -1.57 -33.63 52.43
CA LYS G 101 -1.51 -33.19 53.82
C LYS G 101 -2.87 -33.24 54.48
N THR G 102 -3.95 -33.01 53.73
CA THR G 102 -5.30 -33.10 54.26
C THR G 102 -5.77 -34.54 54.42
N GLY G 103 -5.05 -35.50 53.85
CA GLY G 103 -5.41 -36.91 53.96
C GLY G 103 -4.86 -37.76 52.84
N ASP G 104 -4.13 -38.81 53.18
CA ASP G 104 -3.43 -39.61 52.18
C ASP G 104 -4.41 -40.51 51.46
N SER G 105 -4.08 -40.83 50.21
CA SER G 105 -4.88 -41.76 49.42
C SER G 105 -4.46 -43.19 49.72
N THR G 106 -5.29 -44.14 49.29
CA THR G 106 -4.95 -45.55 49.31
C THR G 106 -4.91 -46.13 47.91
N GLU G 107 -5.03 -45.30 46.88
CA GLU G 107 -4.89 -45.80 45.52
C GLU G 107 -3.47 -46.29 45.29
N GLU G 108 -3.32 -47.25 44.38
CA GLU G 108 -2.03 -47.80 44.01
C GLU G 108 -2.04 -47.95 42.49
N PHE G 109 -1.99 -46.81 41.80
CA PHE G 109 -1.90 -46.82 40.35
C PHE G 109 -0.65 -47.58 39.92
N GLU G 110 -0.82 -48.53 38.99
CA GLU G 110 0.28 -49.43 38.65
C GLU G 110 0.43 -49.67 37.15
N GLY G 111 1.67 -49.66 36.69
CA GLY G 111 1.98 -50.09 35.35
C GLY G 111 2.96 -51.23 35.42
N ARG G 112 2.87 -52.12 34.43
CA ARG G 112 3.77 -53.26 34.28
C ARG G 112 4.25 -53.31 32.85
N ALA G 113 5.51 -53.72 32.68
CA ALA G 113 6.07 -53.97 31.37
C ALA G 113 5.51 -55.28 30.81
N SER G 114 5.45 -55.34 29.48
CA SER G 114 5.10 -56.58 28.80
C SER G 114 6.28 -57.20 28.06
N ASN G 115 7.43 -56.51 28.02
CA ASN G 115 8.73 -57.02 27.57
C ASN G 115 9.71 -56.86 28.73
N ILE G 116 10.43 -57.93 29.07
CA ILE G 116 11.24 -57.87 30.28
C ILE G 116 12.25 -56.75 30.16
N ASN G 117 12.66 -56.40 28.94
CA ASN G 117 13.69 -55.40 28.70
C ASN G 117 13.18 -53.97 28.68
N THR G 118 11.89 -53.74 28.96
CA THR G 118 11.29 -52.42 28.82
C THR G 118 10.85 -51.86 30.17
N ARG G 119 10.85 -50.53 30.26
CA ARG G 119 10.44 -49.85 31.48
C ARG G 119 8.95 -49.99 31.71
N ALA G 120 8.57 -50.17 32.97
CA ALA G 120 7.19 -50.04 33.40
C ALA G 120 6.89 -48.57 33.71
N SER G 121 5.67 -48.14 33.39
CA SER G 121 5.31 -46.75 33.63
C SER G 121 3.87 -46.59 34.10
N VAL G 122 3.63 -45.52 34.87
CA VAL G 122 2.29 -45.16 35.28
C VAL G 122 2.35 -43.70 35.74
N GLY G 123 1.18 -43.06 35.83
CA GLY G 123 1.09 -41.75 36.44
C GLY G 123 -0.28 -41.52 37.03
N TYR G 124 -0.44 -40.39 37.72
CA TYR G 124 -1.75 -39.93 38.16
C TYR G 124 -1.81 -38.42 38.02
N ARG G 125 -3.03 -37.91 37.87
CA ARG G 125 -3.32 -36.48 37.83
C ARG G 125 -3.99 -36.06 39.14
N ILE G 126 -3.58 -34.91 39.67
CA ILE G 126 -4.20 -34.34 40.88
C ILE G 126 -5.33 -33.44 40.41
N PRO G 127 -6.56 -33.61 40.93
CA PRO G 127 -7.66 -32.74 40.52
C PRO G 127 -7.47 -31.32 41.05
N THR G 128 -8.17 -30.37 40.43
CA THR G 128 -7.99 -28.96 40.77
C THR G 128 -8.25 -28.69 42.25
N ASN G 129 -9.29 -29.31 42.81
CA ASN G 129 -9.63 -29.10 44.21
C ASN G 129 -8.53 -29.57 45.17
N LEU G 130 -7.55 -30.34 44.70
CA LEU G 130 -6.47 -30.80 45.55
C LEU G 130 -5.12 -30.24 45.11
N ARG G 131 -5.13 -29.22 44.26
CA ARG G 131 -3.90 -28.59 43.81
C ARG G 131 -3.57 -27.41 44.73
N GLN G 132 -3.03 -27.72 45.90
CA GLN G 132 -2.48 -26.74 46.82
C GLN G 132 -0.95 -26.86 46.83
N ASN G 133 -0.30 -25.99 47.59
CA ASN G 133 1.15 -25.93 47.62
C ASN G 133 1.72 -26.98 48.54
N THR G 134 2.97 -27.37 48.26
CA THR G 134 3.76 -28.23 49.11
C THR G 134 5.11 -27.57 49.32
N VAL G 135 5.74 -27.91 50.43
CA VAL G 135 7.06 -27.41 50.79
C VAL G 135 8.01 -28.60 50.94
N ALA G 136 9.28 -28.30 51.16
CA ALA G 136 10.30 -29.34 51.04
C ALA G 136 10.04 -30.50 51.99
N ALA G 137 9.56 -30.20 53.20
CA ALA G 137 9.33 -31.22 54.21
C ALA G 137 8.14 -32.09 53.89
N ASP G 138 7.36 -31.77 52.85
CA ASP G 138 6.22 -32.58 52.46
C ASP G 138 6.66 -33.72 51.55
N ASN G 139 5.79 -34.71 51.38
CA ASN G 139 6.01 -35.79 50.42
C ASN G 139 4.88 -35.81 49.40
N VAL G 140 5.22 -36.21 48.18
CA VAL G 140 4.28 -36.19 47.07
C VAL G 140 3.51 -37.50 46.98
N CYS G 141 4.21 -38.62 47.07
CA CYS G 141 3.59 -39.93 46.86
C CYS G 141 4.53 -41.00 47.36
N GLU G 142 4.02 -42.22 47.44
CA GLU G 142 4.81 -43.40 47.74
C GLU G 142 5.03 -44.17 46.45
N VAL G 143 6.26 -44.60 46.23
CA VAL G 143 6.65 -45.39 45.06
C VAL G 143 6.94 -46.81 45.52
N ARG G 144 6.42 -47.80 44.78
CA ARG G 144 6.79 -49.19 44.97
C ARG G 144 7.26 -49.79 43.65
N SER G 145 8.31 -50.62 43.69
CA SER G 145 8.80 -51.22 42.45
C SER G 145 9.61 -52.47 42.74
N ASN G 146 9.73 -53.34 41.74
CA ASN G 146 10.70 -54.44 41.80
C ASN G 146 12.05 -54.03 41.22
N CYS G 147 12.17 -52.80 40.75
CA CYS G 147 13.43 -52.24 40.28
C CYS G 147 13.98 -51.29 41.34
N ARG G 148 15.31 -51.20 41.43
CA ARG G 148 15.93 -50.49 42.54
C ARG G 148 16.00 -48.99 42.33
N GLN G 149 15.58 -48.50 41.16
CA GLN G 149 15.50 -47.07 40.92
C GLN G 149 14.28 -46.80 40.06
N VAL G 150 13.70 -45.62 40.27
CA VAL G 150 12.53 -45.17 39.53
C VAL G 150 12.77 -43.74 39.08
N ALA G 151 12.44 -43.45 37.83
CA ALA G 151 12.59 -42.12 37.24
C ALA G 151 11.24 -41.41 37.24
N LEU G 152 11.20 -40.22 37.83
CA LEU G 152 9.96 -39.46 37.94
C LEU G 152 10.03 -38.25 37.02
N VAL G 153 8.88 -37.89 36.46
CA VAL G 153 8.70 -36.61 35.78
C VAL G 153 7.44 -36.00 36.37
N ILE G 154 7.61 -34.93 37.14
CA ILE G 154 6.53 -34.27 37.87
C ILE G 154 6.21 -32.96 37.17
N SER G 155 4.97 -32.81 36.72
CA SER G 155 4.47 -31.55 36.19
C SER G 155 3.95 -30.70 37.33
N CYS G 156 4.50 -29.50 37.48
CA CYS G 156 4.15 -28.70 38.65
C CYS G 156 4.30 -27.21 38.35
N CYS G 157 3.87 -26.40 39.32
CA CYS G 157 3.87 -24.94 39.19
C CYS G 157 4.63 -24.35 40.37
N PHE G 158 5.86 -23.92 40.11
CA PHE G 158 6.69 -23.35 41.15
C PHE G 158 6.23 -21.94 41.42
N ASN G 159 6.17 -21.57 42.70
CA ASN G 159 5.69 -20.24 43.07
C ASN G 159 6.21 -19.84 44.43
N SER H 17 16.27 -39.21 -32.48
CA SER H 17 15.22 -39.34 -31.46
C SER H 17 15.83 -39.46 -30.06
N ASN H 18 16.40 -40.62 -29.77
CA ASN H 18 17.05 -40.86 -28.49
C ASN H 18 18.49 -40.44 -28.60
N VAL H 19 18.75 -39.18 -29.03
CA VAL H 19 20.09 -38.74 -29.36
C VAL H 19 20.32 -37.30 -28.92
N VAL H 20 21.53 -36.81 -29.18
CA VAL H 20 21.95 -35.50 -28.71
C VAL H 20 21.28 -34.40 -29.54
N THR H 21 21.03 -33.26 -28.89
CA THR H 21 20.38 -32.12 -29.52
C THR H 21 21.15 -30.84 -29.20
N MET H 22 21.07 -29.88 -30.12
CA MET H 22 21.81 -28.64 -29.96
C MET H 22 21.15 -27.78 -28.91
N ILE H 23 21.98 -27.09 -28.13
CA ILE H 23 21.55 -26.11 -27.16
C ILE H 23 21.95 -24.73 -27.69
N ARG H 24 20.98 -23.84 -27.83
CA ARG H 24 21.21 -22.50 -28.37
C ARG H 24 21.68 -21.56 -27.26
N ALA H 25 22.89 -21.84 -26.78
CA ALA H 25 23.49 -21.08 -25.71
C ALA H 25 23.57 -19.59 -26.06
N GLY H 26 23.50 -18.77 -25.03
CA GLY H 26 23.57 -17.33 -25.17
C GLY H 26 24.86 -16.76 -24.61
N SER H 27 24.75 -15.78 -23.71
CA SER H 27 25.90 -15.16 -23.10
C SER H 27 26.50 -16.08 -22.04
N TYR H 28 27.74 -15.80 -21.67
CA TYR H 28 28.39 -16.57 -20.62
C TYR H 28 27.69 -16.30 -19.30
N PRO H 29 27.26 -17.33 -18.58
CA PRO H 29 26.45 -17.11 -17.37
C PRO H 29 27.31 -16.81 -16.15
N LYS H 30 26.64 -16.40 -15.08
CA LYS H 30 27.29 -16.36 -13.79
C LYS H 30 27.65 -17.78 -13.35
N VAL H 31 28.82 -17.93 -12.75
CA VAL H 31 29.34 -19.24 -12.38
C VAL H 31 29.95 -19.20 -10.97
N ASN H 32 30.05 -20.37 -10.38
CA ASN H 32 30.65 -20.52 -9.06
C ASN H 32 31.21 -21.92 -8.93
N PRO H 33 32.53 -22.11 -9.03
CA PRO H 33 33.12 -23.46 -8.93
C PRO H 33 33.11 -24.06 -7.53
N THR H 34 32.87 -23.28 -6.49
CA THR H 34 32.95 -23.76 -5.12
C THR H 34 31.68 -23.36 -4.37
N PRO H 35 30.55 -24.00 -4.68
CA PRO H 35 29.27 -23.57 -4.10
C PRO H 35 29.06 -24.08 -2.68
N THR H 36 27.92 -23.70 -2.09
CA THR H 36 27.57 -24.16 -0.76
C THR H 36 26.93 -25.54 -0.86
N TRP H 37 26.64 -26.14 0.29
CA TRP H 37 26.13 -27.51 0.33
C TRP H 37 25.45 -27.75 1.66
N VAL H 38 24.17 -28.11 1.60
CA VAL H 38 23.38 -28.50 2.77
C VAL H 38 23.49 -30.00 2.93
N ARG H 39 23.76 -30.44 4.16
CA ARG H 39 24.24 -31.80 4.37
C ARG H 39 23.75 -32.32 5.72
N ALA H 40 23.67 -33.64 5.82
CA ALA H 40 23.46 -34.37 7.07
C ALA H 40 24.69 -35.25 7.26
N ILE H 41 25.54 -34.90 8.21
CA ILE H 41 26.86 -35.51 8.36
C ILE H 41 26.81 -36.49 9.52
N PRO H 42 27.12 -37.78 9.30
CA PRO H 42 27.19 -38.73 10.42
C PRO H 42 28.61 -39.03 10.92
N PHE H 43 28.84 -38.91 12.22
CA PHE H 43 30.13 -39.27 12.79
C PHE H 43 29.93 -39.63 14.25
N GLU H 44 30.93 -40.28 14.82
CA GLU H 44 30.85 -40.76 16.18
C GLU H 44 31.92 -40.08 17.03
N VAL H 45 31.67 -40.06 18.33
CA VAL H 45 32.58 -39.52 19.33
C VAL H 45 32.65 -40.48 20.50
N SER H 46 33.79 -40.47 21.20
CA SER H 46 34.00 -41.27 22.40
C SER H 46 33.60 -40.43 23.61
N VAL H 47 32.98 -41.09 24.59
CA VAL H 47 32.45 -40.41 25.77
C VAL H 47 32.87 -41.20 27.00
N GLN H 48 33.29 -40.49 28.03
CA GLN H 48 33.67 -41.08 29.29
C GLN H 48 32.54 -40.98 30.31
N SER H 49 32.52 -41.90 31.26
CA SER H 49 31.48 -41.90 32.27
CA SER H 49 31.48 -41.91 32.28
C SER H 49 31.60 -40.66 33.14
N GLY H 50 30.52 -39.90 33.22
CA GLY H 50 30.46 -38.73 34.05
C GLY H 50 31.23 -37.54 33.57
N ILE H 51 31.71 -37.55 32.32
CA ILE H 51 32.53 -36.48 31.76
C ILE H 51 31.90 -35.96 30.48
N ALA H 52 31.79 -34.64 30.37
CA ALA H 52 31.30 -34.02 29.15
C ALA H 52 32.37 -34.03 28.06
N PHE H 53 31.97 -34.40 26.85
CA PHE H 53 32.86 -34.36 25.70
C PHE H 53 32.43 -33.22 24.80
N LYS H 54 33.33 -32.27 24.56
CA LYS H 54 33.07 -31.17 23.64
C LYS H 54 33.27 -31.65 22.21
N VAL H 55 32.24 -31.53 21.38
CA VAL H 55 32.28 -32.00 20.00
C VAL H 55 32.93 -30.95 19.11
N PRO H 56 34.06 -31.24 18.49
CA PRO H 56 34.73 -30.22 17.68
C PRO H 56 34.08 -30.08 16.30
N VAL H 57 33.90 -28.82 15.89
CA VAL H 57 33.40 -28.53 14.55
C VAL H 57 34.35 -29.07 13.49
N GLY H 58 35.63 -29.17 13.79
CA GLY H 58 36.56 -29.64 12.79
C GLY H 58 36.27 -31.02 12.25
N SER H 59 35.54 -31.84 13.01
CA SER H 59 35.19 -33.16 12.53
C SER H 59 34.24 -33.13 11.35
N LEU H 60 33.68 -31.97 11.01
CA LEU H 60 32.77 -31.90 9.88
C LEU H 60 33.49 -31.66 8.58
N PHE H 61 34.75 -31.24 8.65
CA PHE H 61 35.57 -31.02 7.46
C PHE H 61 36.41 -32.26 7.26
N SER H 62 36.10 -33.05 6.23
CA SER H 62 36.86 -34.26 5.99
C SER H 62 36.60 -34.76 4.59
N ALA H 63 37.63 -35.35 3.97
CA ALA H 63 37.41 -36.06 2.71
C ALA H 63 36.40 -37.19 2.88
N ASN H 64 36.28 -37.75 4.09
CA ASN H 64 35.31 -38.81 4.33
C ASN H 64 33.88 -38.32 4.15
N PHE H 65 33.66 -37.01 4.14
CA PHE H 65 32.34 -36.45 3.92
C PHE H 65 32.30 -35.60 2.67
N ARG H 66 33.42 -35.52 1.94
CA ARG H 66 33.56 -34.72 0.72
C ARG H 66 33.58 -33.23 1.04
N THR H 67 34.01 -32.87 2.25
CA THR H 67 33.90 -31.50 2.72
C THR H 67 35.24 -30.91 3.13
N ASP H 68 36.35 -31.50 2.69
CA ASP H 68 37.64 -30.99 3.14
C ASP H 68 38.00 -29.66 2.51
N SER H 69 37.28 -29.23 1.47
CA SER H 69 37.52 -27.93 0.85
C SER H 69 36.80 -26.79 1.54
N PHE H 70 35.95 -27.09 2.51
CA PHE H 70 35.27 -26.06 3.29
C PHE H 70 36.08 -25.75 4.54
N THR H 71 36.02 -24.49 4.97
CA THR H 71 36.66 -24.09 6.23
C THR H 71 35.67 -23.51 7.22
N SER H 72 34.42 -23.30 6.83
CA SER H 72 33.36 -22.83 7.72
C SER H 72 32.10 -23.66 7.47
N VAL H 73 31.14 -23.53 8.38
CA VAL H 73 29.88 -24.27 8.32
C VAL H 73 28.87 -23.63 9.26
N THR H 74 27.62 -23.59 8.85
CA THR H 74 26.54 -23.04 9.66
C THR H 74 25.69 -24.21 10.14
N VAL H 75 25.83 -24.56 11.42
CA VAL H 75 25.08 -25.69 11.93
C VAL H 75 23.63 -25.27 12.12
N MET H 76 22.71 -26.11 11.65
CA MET H 76 21.28 -25.89 11.81
C MET H 76 20.66 -26.72 12.93
N SER H 77 21.06 -27.99 13.06
CA SER H 77 20.50 -28.83 14.11
C SER H 77 21.44 -29.98 14.41
N VAL H 78 21.31 -30.51 15.62
CA VAL H 78 22.15 -31.60 16.10
C VAL H 78 21.25 -32.68 16.65
N ARG H 79 21.42 -33.91 16.17
CA ARG H 79 20.75 -35.08 16.73
C ARG H 79 21.82 -36.09 17.13
N ALA H 80 21.53 -36.82 18.20
CA ALA H 80 22.51 -37.72 18.79
C ALA H 80 21.85 -39.02 19.24
N TRP H 81 22.53 -40.14 18.95
CA TRP H 81 22.17 -41.47 19.42
C TRP H 81 23.34 -42.11 20.17
N THR H 82 23.03 -42.88 21.22
CA THR H 82 24.04 -43.77 21.79
C THR H 82 24.43 -44.84 20.77
N GLN H 83 25.73 -45.18 20.77
CA GLN H 83 26.34 -46.00 19.73
C GLN H 83 26.89 -47.32 20.24
N LEU H 84 27.03 -47.49 21.56
CA LEU H 84 27.36 -48.79 22.13
C LEU H 84 26.40 -49.06 23.28
N THR H 85 26.38 -50.31 23.74
CA THR H 85 25.44 -50.70 24.78
C THR H 85 25.69 -49.98 26.11
N PRO H 86 24.67 -49.87 26.94
CA PRO H 86 24.86 -49.21 28.25
C PRO H 86 25.46 -50.16 29.28
N PRO H 87 25.80 -49.64 30.47
CA PRO H 87 26.26 -50.51 31.55
C PRO H 87 25.21 -51.53 31.95
N VAL H 88 25.64 -52.56 32.68
CA VAL H 88 24.71 -53.58 33.14
C VAL H 88 23.64 -52.96 34.01
N ASN H 89 22.41 -53.41 33.80
CA ASN H 89 21.20 -53.02 34.53
C ASN H 89 20.71 -51.62 34.19
N GLU H 90 21.31 -50.93 33.24
CA GLU H 90 20.91 -49.56 32.92
C GLU H 90 20.27 -49.48 31.55
N TYR H 91 19.43 -48.45 31.39
CA TYR H 91 18.94 -47.99 30.10
C TYR H 91 19.83 -46.86 29.58
N SER H 92 19.98 -46.81 28.26
CA SER H 92 20.86 -45.82 27.67
C SER H 92 20.34 -44.40 27.92
N PHE H 93 21.26 -43.44 28.02
CA PHE H 93 20.86 -42.04 28.02
C PHE H 93 21.94 -41.21 27.32
N VAL H 94 21.52 -40.07 26.77
CA VAL H 94 22.41 -39.15 26.07
C VAL H 94 21.92 -37.74 26.31
N ARG H 95 22.85 -36.84 26.60
CA ARG H 95 22.54 -35.44 26.88
C ARG H 95 23.31 -34.55 25.91
N LEU H 96 22.67 -33.45 25.52
CA LEU H 96 23.30 -32.45 24.68
C LEU H 96 23.18 -31.06 25.29
N LYS H 97 24.31 -30.37 25.41
CA LYS H 97 24.32 -28.98 25.85
C LYS H 97 24.84 -28.11 24.73
N PRO H 98 24.04 -27.22 24.16
CA PRO H 98 24.54 -26.38 23.06
C PRO H 98 25.64 -25.42 23.53
N LEU H 99 26.64 -25.25 22.67
CA LEU H 99 27.69 -24.26 22.86
C LEU H 99 27.65 -23.24 21.73
N PHE H 100 28.00 -21.98 22.04
CA PHE H 100 27.99 -20.88 21.10
C PHE H 100 29.11 -19.89 21.43
N LYS H 101 29.81 -19.43 20.42
CA LYS H 101 30.91 -18.49 20.65
C LYS H 101 30.44 -17.20 21.32
N THR H 102 29.19 -16.80 21.07
CA THR H 102 28.67 -15.63 21.75
C THR H 102 28.18 -15.93 23.16
N GLY H 103 28.17 -17.18 23.58
CA GLY H 103 27.78 -17.53 24.93
C GLY H 103 27.18 -18.91 25.02
N ASP H 104 27.76 -19.75 25.89
CA ASP H 104 27.37 -21.15 25.99
C ASP H 104 26.03 -21.29 26.69
N SER H 105 25.27 -22.28 26.26
CA SER H 105 24.01 -22.61 26.88
CA SER H 105 24.01 -22.57 26.90
C SER H 105 24.23 -23.52 28.07
N THR H 106 23.24 -23.55 28.96
CA THR H 106 23.23 -24.43 30.12
C THR H 106 22.11 -25.46 30.01
N GLU H 107 21.52 -25.62 28.82
CA GLU H 107 20.51 -26.64 28.61
C GLU H 107 21.16 -28.00 28.52
N GLU H 108 20.41 -29.02 28.92
CA GLU H 108 20.86 -30.39 28.89
C GLU H 108 19.73 -31.24 28.32
N PHE H 109 19.42 -31.02 27.02
CA PHE H 109 18.45 -31.85 26.32
C PHE H 109 18.85 -33.31 26.43
N GLU H 110 17.90 -34.15 26.82
CA GLU H 110 18.18 -35.53 27.18
C GLU H 110 17.10 -36.48 26.70
N GLY H 111 17.56 -37.58 26.15
CA GLY H 111 16.70 -38.69 25.79
C GLY H 111 17.18 -39.94 26.52
N ARG H 112 16.25 -40.83 26.82
CA ARG H 112 16.58 -42.11 27.42
C ARG H 112 15.93 -43.24 26.64
N ALA H 113 16.59 -44.39 26.62
CA ALA H 113 15.99 -45.57 26.05
C ALA H 113 14.98 -46.15 27.03
N SER H 114 13.86 -46.67 26.49
CA SER H 114 12.89 -47.41 27.29
C SER H 114 13.01 -48.92 27.14
N ASN H 115 13.89 -49.38 26.24
CA ASN H 115 14.32 -50.77 26.15
C ASN H 115 15.85 -50.80 26.26
N ILE H 116 16.37 -51.63 27.17
CA ILE H 116 17.81 -51.59 27.44
C ILE H 116 18.61 -51.91 26.19
N ASN H 117 18.02 -52.65 25.26
CA ASN H 117 18.68 -53.03 24.03
C ASN H 117 18.54 -52.00 22.92
N THR H 118 17.97 -50.83 23.21
CA THR H 118 17.69 -49.82 22.20
C THR H 118 18.50 -48.55 22.46
N ARG H 119 18.86 -47.85 21.38
CA ARG H 119 19.56 -46.59 21.52
C ARG H 119 18.70 -45.52 22.19
N ALA H 120 19.34 -44.68 22.99
CA ALA H 120 18.74 -43.44 23.44
C ALA H 120 19.07 -42.37 22.41
N SER H 121 18.16 -41.40 22.24
CA SER H 121 18.36 -40.38 21.24
C SER H 121 17.76 -39.04 21.67
N VAL H 122 18.29 -37.99 21.13
CA VAL H 122 17.81 -36.62 21.39
C VAL H 122 18.48 -35.70 20.40
N GLY H 123 17.87 -34.53 20.15
CA GLY H 123 18.48 -33.51 19.33
C GLY H 123 18.07 -32.11 19.78
N TYR H 124 18.66 -31.11 19.13
CA TYR H 124 18.22 -29.74 19.33
C TYR H 124 18.40 -28.94 18.05
N ARG H 125 17.51 -27.97 17.87
CA ARG H 125 17.55 -27.07 16.73
C ARG H 125 18.11 -25.71 17.14
N ILE H 126 18.93 -25.13 16.28
CA ILE H 126 19.54 -23.82 16.53
C ILE H 126 18.60 -22.81 15.88
N PRO H 127 18.14 -21.79 16.61
CA PRO H 127 17.29 -20.77 15.99
C PRO H 127 18.06 -19.93 14.96
N THR H 128 17.31 -19.30 14.07
CA THR H 128 17.96 -18.62 12.94
C THR H 128 18.84 -17.47 13.41
N ASN H 129 18.46 -16.83 14.51
CA ASN H 129 19.28 -15.76 15.05
C ASN H 129 20.61 -16.25 15.62
N LEU H 130 20.80 -17.56 15.85
CA LEU H 130 22.08 -18.10 16.29
C LEU H 130 22.77 -18.91 15.21
N ARG H 131 22.29 -18.87 13.97
CA ARG H 131 22.92 -19.63 12.88
C ARG H 131 23.99 -18.79 12.18
N GLN H 132 25.16 -18.71 12.81
CA GLN H 132 26.36 -18.14 12.22
C GLN H 132 27.38 -19.24 11.95
N ASN H 133 28.49 -18.88 11.32
CA ASN H 133 29.48 -19.87 10.94
C ASN H 133 30.32 -20.29 12.14
N THR H 134 30.86 -21.51 12.06
CA THR H 134 31.85 -22.01 12.99
C THR H 134 33.00 -22.59 12.18
N VAL H 135 34.17 -22.66 12.80
CA VAL H 135 35.39 -23.11 12.14
C VAL H 135 35.93 -24.29 12.94
N ALA H 136 37.04 -24.89 12.46
CA ALA H 136 37.48 -26.17 13.01
C ALA H 136 37.71 -26.09 14.50
N ALA H 137 38.33 -25.01 14.96
CA ALA H 137 38.71 -24.90 16.37
C ALA H 137 37.55 -24.66 17.29
N ASP H 138 36.33 -24.49 16.76
CA ASP H 138 35.13 -24.26 17.55
C ASP H 138 34.48 -25.58 17.93
N ASN H 139 33.64 -25.52 18.97
CA ASN H 139 32.90 -26.68 19.45
C ASN H 139 31.41 -26.42 19.29
N VAL H 140 30.68 -27.47 18.93
CA VAL H 140 29.25 -27.33 18.67
C VAL H 140 28.43 -27.59 19.93
N CYS H 141 28.80 -28.61 20.68
CA CYS H 141 28.02 -28.99 21.86
C CYS H 141 28.85 -29.93 22.71
N GLU H 142 28.40 -30.13 23.95
CA GLU H 142 28.95 -31.13 24.84
C GLU H 142 28.01 -32.32 24.86
N VAL H 143 28.59 -33.52 24.92
CA VAL H 143 27.83 -34.77 24.96
C VAL H 143 28.14 -35.46 26.28
N ARG H 144 27.10 -35.93 26.97
CA ARG H 144 27.26 -36.79 28.13
C ARG H 144 26.42 -38.04 27.90
N SER H 145 26.93 -39.19 28.37
CA SER H 145 26.20 -40.44 28.18
C SER H 145 26.77 -41.50 29.12
N ASN H 146 25.99 -42.55 29.34
CA ASN H 146 26.50 -43.73 30.02
C ASN H 146 26.97 -44.79 29.04
N CYS H 147 27.07 -44.45 27.76
CA CYS H 147 27.60 -45.31 26.72
C CYS H 147 28.91 -44.69 26.22
N ARG H 148 29.88 -45.53 25.88
CA ARG H 148 31.22 -45.05 25.58
C ARG H 148 31.37 -44.46 24.19
N GLN H 149 30.35 -44.57 23.34
CA GLN H 149 30.34 -43.87 22.06
C GLN H 149 28.96 -43.30 21.81
N VAL H 150 28.91 -42.20 21.06
CA VAL H 150 27.67 -41.55 20.65
C VAL H 150 27.71 -41.29 19.15
N ALA H 151 26.63 -41.64 18.46
CA ALA H 151 26.49 -41.41 17.02
C ALA H 151 25.75 -40.10 16.81
N LEU H 152 26.39 -39.18 16.09
CA LEU H 152 25.82 -37.87 15.82
C LEU H 152 25.47 -37.71 14.34
N VAL H 153 24.35 -37.06 14.09
CA VAL H 153 23.96 -36.62 12.75
C VAL H 153 23.67 -35.13 12.85
N ILE H 154 24.45 -34.32 12.13
CA ILE H 154 24.38 -32.86 12.23
C ILE H 154 23.96 -32.30 10.87
N SER H 155 22.81 -31.62 10.85
CA SER H 155 22.33 -30.93 9.67
C SER H 155 22.96 -29.54 9.62
N CYS H 156 23.69 -29.27 8.55
CA CYS H 156 24.42 -28.02 8.46
C CYS H 156 24.56 -27.59 7.02
N CYS H 157 24.99 -26.34 6.86
CA CYS H 157 25.21 -25.72 5.55
C CYS H 157 26.69 -25.39 5.41
N PHE H 158 27.40 -26.20 4.62
CA PHE H 158 28.80 -25.94 4.34
C PHE H 158 28.91 -24.75 3.38
N ASN H 159 29.82 -23.84 3.67
CA ASN H 159 29.96 -22.66 2.83
C ASN H 159 31.37 -22.10 2.95
N ASN I 16 -20.16 -71.34 -13.71
CA ASN I 16 -19.06 -71.26 -14.66
C ASN I 16 -18.83 -72.60 -15.36
N SER I 17 -17.93 -72.59 -16.34
CA SER I 17 -17.73 -73.78 -17.16
C SER I 17 -17.17 -74.91 -16.31
N ASN I 18 -17.77 -76.09 -16.45
CA ASN I 18 -17.29 -77.30 -15.79
C ASN I 18 -16.62 -78.28 -16.75
N VAL I 19 -16.66 -78.04 -18.05
CA VAL I 19 -16.15 -78.95 -19.06
C VAL I 19 -15.14 -78.25 -19.97
N VAL I 20 -14.37 -79.05 -20.69
CA VAL I 20 -13.49 -78.51 -21.71
C VAL I 20 -14.32 -77.85 -22.81
N THR I 21 -13.74 -76.79 -23.40
CA THR I 21 -14.41 -75.98 -24.40
C THR I 21 -13.43 -75.73 -25.53
N MET I 22 -13.97 -75.60 -26.74
CA MET I 22 -13.15 -75.38 -27.92
C MET I 22 -12.66 -73.94 -27.98
N ILE I 23 -11.41 -73.79 -28.41
CA ILE I 23 -10.80 -72.51 -28.75
C ILE I 23 -10.75 -72.41 -30.26
N ARG I 24 -11.31 -71.34 -30.82
CA ARG I 24 -11.31 -71.14 -32.27
C ARG I 24 -10.03 -70.43 -32.68
N ALA I 25 -8.93 -71.18 -32.58
CA ALA I 25 -7.62 -70.63 -32.90
C ALA I 25 -7.56 -70.19 -34.35
N GLY I 26 -6.62 -69.30 -34.64
CA GLY I 26 -6.41 -68.81 -35.99
C GLY I 26 -5.03 -69.08 -36.53
N SER I 27 -4.27 -68.03 -36.78
CA SER I 27 -2.94 -68.20 -37.34
C SER I 27 -1.92 -68.47 -36.22
N TYR I 28 -0.81 -69.08 -36.61
CA TYR I 28 0.22 -69.41 -35.62
C TYR I 28 0.78 -68.11 -35.08
N PRO I 29 0.83 -67.93 -33.76
CA PRO I 29 1.19 -66.63 -33.18
C PRO I 29 2.69 -66.42 -33.05
N LYS I 30 3.07 -65.20 -32.66
CA LYS I 30 4.45 -64.94 -32.31
C LYS I 30 4.76 -65.66 -31.00
N VAL I 31 5.89 -66.38 -30.94
CA VAL I 31 6.24 -67.15 -29.77
C VAL I 31 7.69 -66.89 -29.35
N ASN I 32 7.98 -67.18 -28.08
CA ASN I 32 9.33 -67.07 -27.56
C ASN I 32 9.54 -68.15 -26.51
N PRO I 33 10.31 -69.20 -26.78
CA PRO I 33 10.50 -70.26 -25.77
C PRO I 33 11.34 -69.81 -24.59
N THR I 34 12.06 -68.70 -24.68
CA THR I 34 13.01 -68.31 -23.64
C THR I 34 12.78 -66.85 -23.31
N PRO I 35 11.73 -66.56 -22.53
CA PRO I 35 11.35 -65.17 -22.26
C PRO I 35 12.16 -64.54 -21.13
N THR I 36 11.92 -63.24 -20.95
CA THR I 36 12.49 -62.47 -19.86
C THR I 36 11.75 -62.76 -18.57
N TRP I 37 12.27 -62.26 -17.44
CA TRP I 37 11.69 -62.55 -16.13
C TRP I 37 12.17 -61.51 -15.12
N VAL I 38 11.23 -60.81 -14.51
CA VAL I 38 11.52 -59.82 -13.48
C VAL I 38 11.49 -60.52 -12.13
N ARG I 39 12.56 -60.36 -11.34
CA ARG I 39 12.70 -61.15 -10.13
C ARG I 39 13.29 -60.32 -8.99
N ALA I 40 13.10 -60.83 -7.76
CA ALA I 40 13.82 -60.36 -6.58
C ALA I 40 14.52 -61.57 -6.00
N ILE I 41 15.85 -61.60 -6.12
CA ILE I 41 16.64 -62.79 -5.79
C ILE I 41 17.16 -62.66 -4.36
N PRO I 42 16.98 -63.67 -3.50
CA PRO I 42 17.54 -63.59 -2.14
C PRO I 42 18.75 -64.51 -1.93
N PHE I 43 19.91 -63.94 -1.64
CA PHE I 43 21.10 -64.73 -1.40
C PHE I 43 21.92 -63.98 -0.35
N GLU I 44 22.90 -64.69 0.20
CA GLU I 44 23.73 -64.17 1.27
C GLU I 44 25.19 -64.14 0.85
N VAL I 45 25.92 -63.21 1.42
CA VAL I 45 27.35 -63.07 1.18
C VAL I 45 28.06 -63.05 2.53
N SER I 46 29.31 -63.49 2.54
CA SER I 46 30.15 -63.43 3.73
C SER I 46 30.96 -62.14 3.69
N VAL I 47 31.07 -61.48 4.84
CA VAL I 47 31.69 -60.17 4.96
C VAL I 47 32.67 -60.22 6.13
N GLN I 48 33.84 -59.63 5.94
CA GLN I 48 34.88 -59.60 6.95
C GLN I 48 35.00 -58.20 7.55
N SER I 49 35.51 -58.15 8.78
CA SER I 49 35.58 -56.90 9.52
C SER I 49 36.53 -55.92 8.84
N GLY I 50 36.00 -54.74 8.51
CA GLY I 50 36.79 -53.68 7.91
C GLY I 50 37.18 -53.91 6.48
N ILE I 51 36.61 -54.92 5.82
CA ILE I 51 36.95 -55.25 4.44
C ILE I 51 35.69 -55.15 3.59
N ALA I 52 35.84 -54.62 2.39
CA ALA I 52 34.72 -54.54 1.47
C ALA I 52 34.63 -55.81 0.63
N PHE I 53 33.45 -56.41 0.57
CA PHE I 53 33.23 -57.57 -0.29
C PHE I 53 32.45 -57.15 -1.54
N LYS I 54 33.00 -57.49 -2.71
CA LYS I 54 32.38 -57.17 -3.99
C LYS I 54 31.39 -58.26 -4.37
N VAL I 55 30.11 -57.90 -4.49
CA VAL I 55 29.07 -58.89 -4.76
C VAL I 55 29.10 -59.30 -6.23
N PRO I 56 29.38 -60.56 -6.55
CA PRO I 56 29.45 -60.95 -7.97
C PRO I 56 28.05 -61.12 -8.55
N VAL I 57 27.88 -60.60 -9.77
CA VAL I 57 26.63 -60.79 -10.49
C VAL I 57 26.38 -62.27 -10.76
N GLY I 58 27.45 -63.07 -10.80
CA GLY I 58 27.31 -64.49 -11.06
C GLY I 58 26.50 -65.23 -10.03
N SER I 59 26.39 -64.69 -8.81
CA SER I 59 25.54 -65.31 -7.81
C SER I 59 24.07 -65.28 -8.19
N LEU I 60 23.69 -64.46 -9.16
CA LEU I 60 22.31 -64.36 -9.57
C LEU I 60 21.89 -65.44 -10.57
N PHE I 61 22.84 -66.07 -11.26
CA PHE I 61 22.56 -67.13 -12.24
C PHE I 61 22.73 -68.47 -11.51
N SER I 62 21.62 -69.10 -11.14
CA SER I 62 21.74 -70.39 -10.47
C SER I 62 20.44 -71.17 -10.63
N ALA I 63 20.59 -72.50 -10.68
CA ALA I 63 19.41 -73.37 -10.64
C ALA I 63 18.60 -73.17 -9.35
N ASN I 64 19.24 -72.72 -8.27
CA ASN I 64 18.52 -72.46 -7.03
C ASN I 64 17.52 -71.31 -7.19
N PHE I 65 17.63 -70.51 -8.25
CA PHE I 65 16.71 -69.43 -8.51
C PHE I 65 15.96 -69.65 -9.81
N ARG I 66 16.15 -70.82 -10.42
CA ARG I 66 15.53 -71.15 -11.69
C ARG I 66 16.05 -70.24 -12.79
N THR I 67 17.28 -69.73 -12.65
CA THR I 67 17.81 -68.75 -13.58
C THR I 67 19.08 -69.20 -14.30
N ASP I 68 19.48 -70.47 -14.18
CA ASP I 68 20.75 -70.87 -14.77
C ASP I 68 20.75 -70.79 -16.30
N SER I 69 19.59 -70.62 -16.95
CA SER I 69 19.54 -70.50 -18.41
C SER I 69 19.83 -69.08 -18.88
N PHE I 70 19.87 -68.12 -17.96
CA PHE I 70 20.21 -66.76 -18.29
C PHE I 70 21.70 -66.56 -18.16
N THR I 71 22.23 -65.63 -18.96
CA THR I 71 23.62 -65.21 -18.88
C THR I 71 23.79 -63.71 -18.68
N SER I 72 22.70 -62.92 -18.67
CA SER I 72 22.74 -61.48 -18.50
C SER I 72 21.59 -61.05 -17.62
N VAL I 73 21.70 -59.89 -17.00
CA VAL I 73 20.64 -59.42 -16.11
C VAL I 73 20.77 -57.92 -15.96
N THR I 74 19.63 -57.24 -15.93
CA THR I 74 19.57 -55.80 -15.69
C THR I 74 19.12 -55.58 -14.24
N VAL I 75 20.06 -55.15 -13.38
CA VAL I 75 19.76 -54.89 -11.99
C VAL I 75 19.04 -53.55 -11.88
N MET I 76 17.97 -53.51 -11.08
CA MET I 76 17.15 -52.32 -10.84
C MET I 76 17.35 -51.71 -9.47
N SER I 77 17.50 -52.52 -8.41
CA SER I 77 17.71 -51.99 -7.07
C SER I 77 18.31 -53.09 -6.21
N VAL I 78 18.94 -52.68 -5.12
CA VAL I 78 19.62 -53.60 -4.21
C VAL I 78 19.25 -53.24 -2.79
N ARG I 79 18.75 -54.22 -2.04
CA ARG I 79 18.49 -54.08 -0.61
C ARG I 79 19.35 -55.06 0.19
N ALA I 80 19.87 -54.61 1.31
CA ALA I 80 20.78 -55.42 2.09
C ALA I 80 20.36 -55.45 3.55
N TRP I 81 20.53 -56.61 4.19
CA TRP I 81 20.24 -56.78 5.61
C TRP I 81 21.39 -57.54 6.28
N THR I 82 21.80 -57.10 7.47
CA THR I 82 22.70 -57.95 8.25
C THR I 82 21.98 -59.27 8.58
N GLN I 83 22.76 -60.37 8.59
CA GLN I 83 22.24 -61.73 8.62
C GLN I 83 22.70 -62.54 9.82
N LEU I 84 23.71 -62.07 10.55
CA LEU I 84 24.17 -62.63 11.81
C LEU I 84 24.26 -61.50 12.82
N THR I 85 24.44 -61.86 14.09
CA THR I 85 24.44 -60.86 15.15
C THR I 85 25.75 -60.06 15.14
N PRO I 86 25.73 -58.82 15.61
CA PRO I 86 26.96 -58.00 15.55
C PRO I 86 27.90 -58.31 16.70
N PRO I 87 29.08 -57.69 16.70
CA PRO I 87 30.02 -57.91 17.82
C PRO I 87 29.41 -57.47 19.13
N VAL I 88 29.96 -57.99 20.23
CA VAL I 88 29.44 -57.66 21.54
C VAL I 88 29.51 -56.16 21.77
N ASN I 89 28.47 -55.61 22.40
CA ASN I 89 28.33 -54.20 22.73
C ASN I 89 27.94 -53.31 21.55
N GLU I 90 27.81 -53.81 20.33
CA GLU I 90 27.61 -52.98 19.15
C GLU I 90 26.21 -53.18 18.57
N TYR I 91 25.77 -52.18 17.80
CA TYR I 91 24.59 -52.27 16.95
C TYR I 91 25.02 -52.61 15.53
N SER I 92 24.22 -53.44 14.86
CA SER I 92 24.49 -53.81 13.48
C SER I 92 24.53 -52.59 12.55
N PHE I 93 25.42 -52.65 11.55
CA PHE I 93 25.40 -51.71 10.44
C PHE I 93 25.75 -52.43 9.14
N VAL I 94 25.29 -51.85 8.04
CA VAL I 94 25.59 -52.37 6.70
C VAL I 94 25.70 -51.17 5.78
N ARG I 95 26.70 -51.20 4.90
CA ARG I 95 26.93 -50.18 3.89
C ARG I 95 26.98 -50.81 2.49
N LEU I 96 26.52 -50.06 1.50
CA LEU I 96 26.53 -50.47 0.10
C LEU I 96 27.11 -49.36 -0.76
N LYS I 97 28.08 -49.71 -1.60
CA LYS I 97 28.67 -48.80 -2.58
C LYS I 97 28.36 -49.34 -3.98
N PRO I 98 27.61 -48.63 -4.81
CA PRO I 98 27.30 -49.15 -6.14
C PRO I 98 28.52 -49.19 -7.03
N LEU I 99 28.65 -50.28 -7.76
CA LEU I 99 29.66 -50.47 -8.79
C LEU I 99 29.00 -50.48 -10.16
N PHE I 100 29.64 -49.85 -11.13
CA PHE I 100 29.17 -49.78 -12.50
C PHE I 100 30.34 -49.95 -13.46
N LYS I 101 30.10 -50.65 -14.57
CA LYS I 101 31.16 -50.91 -15.53
C LYS I 101 31.62 -49.64 -16.21
N THR I 102 30.76 -48.63 -16.33
CA THR I 102 31.20 -47.35 -16.91
C THR I 102 31.89 -46.45 -15.90
N GLY I 103 31.98 -46.87 -14.64
CA GLY I 103 32.62 -46.06 -13.61
C GLY I 103 31.97 -46.27 -12.27
N ASP I 104 32.76 -46.62 -11.25
CA ASP I 104 32.19 -46.96 -9.96
C ASP I 104 31.77 -45.71 -9.19
N SER I 105 30.82 -45.89 -8.28
CA SER I 105 30.38 -44.81 -7.42
CA SER I 105 30.39 -44.80 -7.43
C SER I 105 31.22 -44.80 -6.15
N THR I 106 31.12 -43.70 -5.40
CA THR I 106 31.78 -43.55 -4.09
C THR I 106 30.77 -43.29 -2.98
N GLU I 107 29.48 -43.45 -3.27
CA GLU I 107 28.47 -43.40 -2.23
C GLU I 107 28.62 -44.61 -1.31
N GLU I 108 28.30 -44.42 -0.05
CA GLU I 108 28.25 -45.52 0.92
C GLU I 108 26.92 -45.45 1.66
N PHE I 109 25.85 -45.84 0.96
CA PHE I 109 24.54 -45.89 1.60
C PHE I 109 24.61 -46.79 2.82
N GLU I 110 24.04 -46.35 3.93
CA GLU I 110 24.22 -47.09 5.18
C GLU I 110 22.98 -47.06 6.05
N GLY I 111 22.70 -48.19 6.68
CA GLY I 111 21.71 -48.26 7.73
C GLY I 111 22.32 -48.97 8.92
N ARG I 112 21.86 -48.57 10.11
CA ARG I 112 22.27 -49.16 11.37
C ARG I 112 21.04 -49.57 12.16
N ALA I 113 21.22 -50.59 13.00
CA ALA I 113 20.17 -51.01 13.91
C ALA I 113 20.06 -50.05 15.07
N SER I 114 18.83 -49.86 15.57
CA SER I 114 18.61 -49.14 16.81
C SER I 114 18.35 -50.05 17.99
N ASN I 115 18.27 -51.35 17.76
CA ASN I 115 18.15 -52.36 18.78
C ASN I 115 19.22 -53.40 18.49
N ILE I 116 20.01 -53.76 19.51
CA ILE I 116 21.16 -54.60 19.25
C ILE I 116 20.73 -55.94 18.69
N ASN I 117 19.48 -56.34 18.94
CA ASN I 117 18.94 -57.62 18.50
C ASN I 117 18.28 -57.58 17.13
N THR I 118 18.36 -56.44 16.43
CA THR I 118 17.64 -56.26 15.18
C THR I 118 18.59 -56.04 14.01
N ARG I 119 18.16 -56.47 12.83
CA ARG I 119 18.99 -56.32 11.64
C ARG I 119 19.13 -54.84 11.26
N ALA I 120 20.30 -54.50 10.70
CA ALA I 120 20.48 -53.26 9.98
C ALA I 120 20.10 -53.49 8.54
N SER I 121 19.64 -52.43 7.87
CA SER I 121 19.21 -52.54 6.49
C SER I 121 19.36 -51.22 5.75
N VAL I 122 19.62 -51.34 4.44
CA VAL I 122 19.71 -50.20 3.54
C VAL I 122 19.59 -50.72 2.11
N GLY I 123 19.29 -49.80 1.19
CA GLY I 123 19.15 -50.16 -0.21
C GLY I 123 19.46 -48.97 -1.09
N TYR I 124 19.58 -49.25 -2.38
CA TYR I 124 19.69 -48.19 -3.37
C TYR I 124 19.00 -48.62 -4.66
N ARG I 125 18.41 -47.65 -5.35
CA ARG I 125 17.84 -47.82 -6.68
C ARG I 125 18.80 -47.32 -7.75
N ILE I 126 18.93 -48.09 -8.83
CA ILE I 126 19.69 -47.70 -10.01
C ILE I 126 18.78 -46.85 -10.88
N PRO I 127 19.23 -45.68 -11.37
CA PRO I 127 18.40 -44.90 -12.30
C PRO I 127 18.31 -45.57 -13.67
N THR I 128 17.25 -45.20 -14.40
CA THR I 128 17.01 -45.81 -15.71
C THR I 128 18.22 -45.70 -16.63
N ASN I 129 18.87 -44.54 -16.66
CA ASN I 129 20.01 -44.31 -17.55
C ASN I 129 21.21 -45.19 -17.23
N LEU I 130 21.21 -45.88 -16.09
CA LEU I 130 22.31 -46.77 -15.74
C LEU I 130 21.84 -48.21 -15.65
N ARG I 131 20.67 -48.53 -16.20
CA ARG I 131 20.16 -49.90 -16.20
C ARG I 131 20.52 -50.60 -17.52
N GLN I 132 21.73 -51.13 -17.58
CA GLN I 132 22.19 -51.96 -18.68
C GLN I 132 22.45 -53.36 -18.17
N ASN I 133 22.95 -54.22 -19.03
CA ASN I 133 23.17 -55.60 -18.63
C ASN I 133 24.48 -55.76 -17.89
N THR I 134 24.51 -56.74 -16.99
CA THR I 134 25.73 -57.21 -16.36
C THR I 134 25.82 -58.72 -16.54
N VAL I 135 27.07 -59.21 -16.60
CA VAL I 135 27.34 -60.63 -16.78
C VAL I 135 27.98 -61.20 -15.52
N ALA I 136 28.25 -62.51 -15.53
CA ALA I 136 28.68 -63.18 -14.30
C ALA I 136 29.96 -62.58 -13.75
N ALA I 137 30.89 -62.21 -14.61
CA ALA I 137 32.17 -61.68 -14.18
C ALA I 137 32.08 -60.26 -13.62
N ASP I 138 30.95 -59.58 -13.81
CA ASP I 138 30.79 -58.25 -13.26
C ASP I 138 30.41 -58.32 -11.78
N ASN I 139 30.54 -57.19 -11.11
CA ASN I 139 30.12 -57.03 -9.72
C ASN I 139 28.98 -56.01 -9.64
N VAL I 140 28.12 -56.20 -8.64
CA VAL I 140 26.97 -55.33 -8.43
C VAL I 140 27.35 -54.15 -7.54
N CYS I 141 27.86 -54.46 -6.36
CA CYS I 141 28.13 -53.45 -5.34
C CYS I 141 29.15 -54.03 -4.37
N GLU I 142 29.73 -53.14 -3.56
CA GLU I 142 30.57 -53.51 -2.44
C GLU I 142 29.75 -53.47 -1.15
N VAL I 143 29.89 -54.51 -0.32
CA VAL I 143 29.19 -54.62 0.95
C VAL I 143 30.19 -54.47 2.09
N ARG I 144 29.84 -53.66 3.08
CA ARG I 144 30.59 -53.56 4.33
C ARG I 144 29.64 -53.73 5.51
N SER I 145 30.13 -54.34 6.58
CA SER I 145 29.30 -54.57 7.77
C SER I 145 30.19 -55.06 8.90
N ASN I 146 29.71 -54.87 10.13
CA ASN I 146 30.32 -55.46 11.31
C ASN I 146 29.75 -56.84 11.64
N CYS I 147 28.84 -57.34 10.81
CA CYS I 147 28.31 -58.70 10.93
C CYS I 147 28.93 -59.56 9.82
N ARG I 148 29.09 -60.84 10.11
CA ARG I 148 29.85 -61.70 9.24
C ARG I 148 29.07 -62.25 8.07
N GLN I 149 27.76 -62.03 7.99
CA GLN I 149 27.02 -62.31 6.77
C GLN I 149 26.02 -61.18 6.54
N VAL I 150 25.66 -60.98 5.28
CA VAL I 150 24.67 -59.99 4.85
C VAL I 150 23.72 -60.68 3.89
N ALA I 151 22.41 -60.50 4.09
CA ALA I 151 21.39 -61.03 3.20
C ALA I 151 20.97 -59.96 2.19
N LEU I 152 20.96 -60.32 0.91
CA LEU I 152 20.63 -59.38 -0.14
C LEU I 152 19.36 -59.83 -0.85
N VAL I 153 18.56 -58.87 -1.26
CA VAL I 153 17.45 -59.08 -2.16
C VAL I 153 17.62 -58.10 -3.31
N ILE I 154 17.87 -58.62 -4.51
CA ILE I 154 18.17 -57.80 -5.67
C ILE I 154 17.00 -57.90 -6.64
N SER I 155 16.38 -56.74 -6.92
CA SER I 155 15.32 -56.67 -7.92
C SER I 155 15.96 -56.47 -9.28
N CYS I 156 15.78 -57.43 -10.17
CA CYS I 156 16.50 -57.42 -11.44
C CYS I 156 15.61 -57.98 -12.54
N CYS I 157 16.02 -57.72 -13.79
CA CYS I 157 15.33 -58.20 -14.98
C CYS I 157 16.28 -59.16 -15.71
N PHE I 158 16.00 -60.45 -15.60
CA PHE I 158 16.77 -61.44 -16.34
C PHE I 158 16.35 -61.44 -17.81
N ASN I 159 17.33 -61.41 -18.69
CA ASN I 159 17.09 -61.44 -20.13
C ASN I 159 18.21 -62.19 -20.84
N ASN K 16 13.49 -19.16 4.88
CA ASN K 16 14.40 -18.32 4.10
C ASN K 16 15.79 -18.96 4.04
N SER K 17 16.65 -18.42 3.19
CA SER K 17 17.97 -19.01 2.99
C SER K 17 18.85 -18.81 4.21
N ASN K 18 19.71 -19.79 4.46
CA ASN K 18 20.69 -19.72 5.54
C ASN K 18 22.11 -19.51 5.04
N VAL K 19 22.32 -19.42 3.73
CA VAL K 19 23.66 -19.28 3.14
C VAL K 19 23.66 -18.12 2.16
N VAL K 20 24.88 -17.67 1.82
CA VAL K 20 25.01 -16.65 0.79
C VAL K 20 24.52 -17.21 -0.53
N THR K 21 23.87 -16.37 -1.33
CA THR K 21 23.36 -16.75 -2.63
C THR K 21 23.87 -15.79 -3.69
N MET K 22 23.92 -16.29 -4.93
CA MET K 22 24.43 -15.49 -6.04
CA MET K 22 24.42 -15.52 -6.07
C MET K 22 23.41 -14.46 -6.51
N ILE K 23 23.92 -13.29 -6.90
CA ILE K 23 23.11 -12.23 -7.49
C ILE K 23 23.57 -12.06 -8.92
N ARG K 24 22.68 -12.32 -9.87
CA ARG K 24 23.01 -12.21 -11.29
C ARG K 24 22.95 -10.74 -11.67
N ALA K 25 24.00 -10.02 -11.32
CA ALA K 25 24.06 -8.58 -11.58
C ALA K 25 24.03 -8.28 -13.07
N GLY K 26 23.54 -7.10 -13.40
CA GLY K 26 23.47 -6.64 -14.77
C GLY K 26 24.47 -5.56 -15.08
N SER K 27 24.07 -4.54 -15.84
CA SER K 27 24.96 -3.43 -16.14
CA SER K 27 24.97 -3.44 -16.13
C SER K 27 25.15 -2.55 -14.90
N TYR K 28 26.18 -1.71 -14.95
CA TYR K 28 26.43 -0.82 -13.82
C TYR K 28 25.24 0.14 -13.64
N PRO K 29 24.65 0.21 -12.45
CA PRO K 29 23.45 1.05 -12.27
C PRO K 29 23.81 2.52 -12.11
N LYS K 30 22.78 3.34 -12.10
CA LYS K 30 22.94 4.71 -11.66
C LYS K 30 23.27 4.71 -10.18
N VAL K 31 24.22 5.56 -9.77
CA VAL K 31 24.65 5.65 -8.38
C VAL K 31 24.69 7.10 -7.90
N ASN K 32 24.76 7.26 -6.58
CA ASN K 32 24.82 8.59 -5.99
C ASN K 32 25.37 8.46 -4.58
N PRO K 33 26.61 8.89 -4.36
CA PRO K 33 27.24 8.66 -3.05
C PRO K 33 26.77 9.62 -1.99
N THR K 34 26.15 10.72 -2.37
CA THR K 34 25.73 11.76 -1.43
C THR K 34 24.25 12.06 -1.62
N PRO K 35 23.38 11.19 -1.12
CA PRO K 35 21.94 11.34 -1.37
C PRO K 35 21.28 12.33 -0.41
N THR K 36 20.00 12.63 -0.69
CA THR K 36 19.16 13.45 0.18
C THR K 36 18.73 12.65 1.41
N TRP K 37 18.14 13.34 2.37
CA TRP K 37 17.77 12.70 3.64
C TRP K 37 16.65 13.48 4.32
N VAL K 38 15.50 12.84 4.49
CA VAL K 38 14.39 13.42 5.23
C VAL K 38 14.56 13.11 6.72
N ARG K 39 14.46 14.14 7.56
CA ARG K 39 14.85 14.03 8.96
C ARG K 39 13.89 14.79 9.84
N ALA K 40 13.91 14.45 11.12
CA ALA K 40 13.30 15.23 12.20
C ALA K 40 14.39 15.59 13.20
N ILE K 41 14.87 16.83 13.13
CA ILE K 41 16.06 17.25 13.85
C ILE K 41 15.63 17.87 15.18
N PRO K 42 16.06 17.33 16.32
CA PRO K 42 15.78 17.99 17.60
C PRO K 42 16.95 18.79 18.17
N PHE K 43 16.72 20.04 18.57
CA PHE K 43 17.75 20.83 19.22
C PHE K 43 17.08 21.90 20.08
N GLU K 44 17.86 22.46 20.99
CA GLU K 44 17.38 23.44 21.94
C GLU K 44 17.97 24.81 21.63
N VAL K 45 17.22 25.86 21.97
CA VAL K 45 17.69 27.23 21.84
C VAL K 45 17.37 27.96 23.12
N SER K 46 18.17 28.98 23.44
CA SER K 46 17.95 29.82 24.62
C SER K 46 17.07 31.02 24.27
N VAL K 47 16.18 31.38 25.19
CA VAL K 47 15.22 32.45 24.95
C VAL K 47 15.24 33.40 26.14
N GLN K 48 15.19 34.69 25.85
CA GLN K 48 15.17 35.71 26.88
C GLN K 48 13.77 36.29 27.04
N SER K 49 13.51 36.82 28.24
CA SER K 49 12.20 37.41 28.52
C SER K 49 11.91 38.56 27.57
N GLY K 50 10.70 38.56 27.00
CA GLY K 50 10.23 39.62 26.14
C GLY K 50 11.09 39.89 24.92
N ILE K 51 11.96 38.96 24.53
CA ILE K 51 12.82 39.11 23.38
C ILE K 51 12.64 37.91 22.45
N ALA K 52 12.54 38.19 21.15
CA ALA K 52 12.42 37.15 20.13
C ALA K 52 13.80 36.66 19.73
N PHE K 53 13.94 35.34 19.63
CA PHE K 53 15.19 34.71 19.20
CA PHE K 53 15.19 34.71 19.20
C PHE K 53 15.01 34.18 17.78
N LYS K 54 15.94 34.54 16.90
CA LYS K 54 15.94 34.06 15.52
CA LYS K 54 15.94 34.06 15.53
C LYS K 54 16.68 32.73 15.47
N VAL K 55 15.96 31.67 15.12
CA VAL K 55 16.52 30.33 15.00
C VAL K 55 17.32 30.20 13.70
N PRO K 56 18.64 30.02 13.78
CA PRO K 56 19.44 29.98 12.55
C PRO K 56 19.34 28.63 11.89
N VAL K 57 19.36 28.64 10.55
CA VAL K 57 19.28 27.39 9.81
C VAL K 57 20.57 26.61 9.98
N GLY K 58 21.67 27.31 10.26
CA GLY K 58 22.93 26.64 10.39
C GLY K 58 22.94 25.58 11.48
N SER K 59 22.07 25.72 12.47
CA SER K 59 22.01 24.74 13.56
CA SER K 59 22.02 24.74 13.56
C SER K 59 21.74 23.33 13.05
N LEU K 60 21.18 23.19 11.86
CA LEU K 60 20.78 21.88 11.35
C LEU K 60 21.95 21.10 10.73
N PHE K 61 23.06 21.75 10.42
CA PHE K 61 24.22 21.10 9.80
C PHE K 61 25.26 20.88 10.90
N SER K 62 25.12 19.76 11.61
CA SER K 62 26.00 19.43 12.72
C SER K 62 26.35 17.95 12.67
N ALA K 63 27.59 17.65 13.00
CA ALA K 63 28.00 16.26 13.16
C ALA K 63 27.15 15.55 14.20
N ASN K 64 26.59 16.29 15.16
CA ASN K 64 25.68 15.72 16.14
C ASN K 64 24.42 15.13 15.50
N PHE K 65 24.12 15.51 14.26
CA PHE K 65 22.95 15.03 13.56
C PHE K 65 23.30 14.17 12.35
N ARG K 66 24.59 13.91 12.11
CA ARG K 66 25.06 13.23 10.90
C ARG K 66 24.84 14.05 9.64
N THR K 67 24.72 15.38 9.76
CA THR K 67 24.29 16.21 8.63
C THR K 67 25.34 17.25 8.22
N ASP K 68 26.57 17.12 8.71
CA ASP K 68 27.55 18.17 8.46
C ASP K 68 28.04 18.14 7.02
N SER K 69 27.74 17.09 6.25
CA SER K 69 28.07 17.08 4.83
C SER K 69 27.10 17.89 3.99
N PHE K 70 25.97 18.28 4.54
CA PHE K 70 24.98 19.08 3.83
C PHE K 70 25.25 20.56 4.03
N THR K 71 24.94 21.36 3.00
CA THR K 71 25.03 22.81 3.11
C THR K 71 23.70 23.48 2.83
N SER K 72 22.65 22.72 2.49
CA SER K 72 21.30 23.24 2.23
C SER K 72 20.26 22.29 2.80
N VAL K 73 19.07 22.83 3.10
CA VAL K 73 17.98 22.01 3.63
C VAL K 73 16.64 22.63 3.23
N THR K 74 15.67 21.78 3.02
CA THR K 74 14.32 22.23 2.72
C THR K 74 13.49 21.94 3.97
N VAL K 75 13.03 23.00 4.62
CA VAL K 75 12.23 22.88 5.84
C VAL K 75 10.76 22.64 5.49
N MET K 76 10.12 21.74 6.21
CA MET K 76 8.73 21.35 5.95
CA MET K 76 8.73 21.36 5.94
C MET K 76 7.78 21.72 7.08
N SER K 77 8.22 21.59 8.32
CA SER K 77 7.36 21.90 9.46
C SER K 77 8.25 22.14 10.67
N VAL K 78 7.76 22.95 11.59
CA VAL K 78 8.49 23.34 12.78
C VAL K 78 7.57 23.11 13.96
N ARG K 79 8.07 22.46 15.00
CA ARG K 79 7.34 22.27 16.25
CA ARG K 79 7.34 22.27 16.24
C ARG K 79 8.24 22.67 17.41
N ALA K 80 7.65 23.27 18.45
CA ALA K 80 8.42 23.77 19.57
C ALA K 80 7.74 23.37 20.87
N TRP K 81 8.56 23.07 21.88
CA TRP K 81 8.15 22.80 23.25
C TRP K 81 9.01 23.65 24.18
N THR K 82 8.40 24.19 25.23
CA THR K 82 9.23 24.79 26.27
C THR K 82 10.07 23.71 26.95
N GLN K 83 11.31 24.06 27.28
CA GLN K 83 12.30 23.11 27.77
C GLN K 83 12.71 23.36 29.21
N LEU K 84 12.27 24.45 29.82
CA LEU K 84 12.55 24.69 31.22
C LEU K 84 11.28 25.20 31.86
N THR K 85 11.26 25.24 33.18
CA THR K 85 10.04 25.60 33.89
C THR K 85 9.75 27.09 33.71
N PRO K 86 8.48 27.50 33.78
CA PRO K 86 8.15 28.94 33.63
C PRO K 86 8.41 29.71 34.91
N PRO K 87 8.18 31.02 34.89
CA PRO K 87 8.34 31.83 36.10
C PRO K 87 7.26 31.52 37.12
N VAL K 88 7.56 31.85 38.37
CA VAL K 88 6.62 31.58 39.43
C VAL K 88 5.24 32.13 39.06
N ASN K 89 4.21 31.37 39.39
CA ASN K 89 2.80 31.68 39.22
C ASN K 89 2.32 31.58 37.77
N GLU K 90 3.19 31.33 36.80
CA GLU K 90 2.82 31.35 35.40
C GLU K 90 2.72 29.93 34.83
N TYR K 91 1.93 29.81 33.77
CA TYR K 91 1.93 28.67 32.86
C TYR K 91 2.85 28.95 31.67
N SER K 92 3.57 27.93 31.22
CA SER K 92 4.43 28.07 30.06
C SER K 92 3.67 28.56 28.83
N PHE K 93 4.37 29.31 27.98
CA PHE K 93 3.86 29.63 26.64
C PHE K 93 5.06 29.69 25.70
N VAL K 94 4.77 29.48 24.42
CA VAL K 94 5.77 29.61 23.36
C VAL K 94 5.08 30.08 22.09
N ARG K 95 5.75 30.96 21.34
CA ARG K 95 5.25 31.55 20.11
C ARG K 95 6.27 31.32 19.00
N LEU K 96 5.78 31.13 17.77
CA LEU K 96 6.64 30.94 16.62
C LEU K 96 6.19 31.87 15.51
N LYS K 97 7.10 32.66 14.98
CA LYS K 97 6.85 33.49 13.81
CA LYS K 97 6.85 33.50 13.82
C LYS K 97 7.67 33.01 12.62
N PRO K 98 7.06 32.45 11.58
CA PRO K 98 7.84 31.95 10.45
C PRO K 98 8.59 33.09 9.76
N LEU K 99 9.81 32.79 9.33
CA LEU K 99 10.65 33.72 8.59
C LEU K 99 10.95 33.14 7.21
N PHE K 100 10.91 33.98 6.19
CA PHE K 100 11.18 33.54 4.82
C PHE K 100 12.06 34.57 4.11
N LYS K 101 12.99 34.07 3.27
CA LYS K 101 13.89 34.96 2.57
C LYS K 101 13.17 35.87 1.59
N THR K 102 12.04 35.43 1.03
CA THR K 102 11.26 36.27 0.14
C THR K 102 10.30 37.21 0.87
N GLY K 103 10.16 37.08 2.18
CA GLY K 103 9.28 37.95 2.93
C GLY K 103 8.90 37.30 4.24
N ASP K 104 9.21 37.97 5.36
CA ASP K 104 8.92 37.42 6.68
C ASP K 104 7.42 37.48 6.98
N SER K 105 6.95 36.50 7.73
CA SER K 105 5.56 36.51 8.17
CA SER K 105 5.56 36.51 8.17
C SER K 105 5.42 37.31 9.46
N THR K 106 4.16 37.62 9.81
CA THR K 106 3.81 38.29 11.06
C THR K 106 2.90 37.42 11.94
N GLU K 107 2.68 36.17 11.55
CA GLU K 107 1.95 35.24 12.40
C GLU K 107 2.72 34.93 13.67
N GLU K 108 1.98 34.61 14.72
CA GLU K 108 2.55 34.28 16.02
C GLU K 108 1.77 33.06 16.55
N PHE K 109 2.00 31.91 15.94
CA PHE K 109 1.41 30.67 16.41
C PHE K 109 1.85 30.37 17.83
N GLU K 110 0.88 30.18 18.72
CA GLU K 110 1.20 30.14 20.15
C GLU K 110 0.49 28.98 20.82
N GLY K 111 1.19 28.34 21.75
CA GLY K 111 0.57 27.37 22.63
C GLY K 111 0.86 27.75 24.07
N ARG K 112 -0.01 27.29 24.97
CA ARG K 112 0.19 27.50 26.40
C ARG K 112 -0.07 26.21 27.14
N ALA K 113 0.67 26.03 28.23
CA ALA K 113 0.40 24.91 29.12
C ALA K 113 -0.87 25.16 29.90
N SER K 114 -1.63 24.09 30.16
CA SER K 114 -2.75 24.20 31.06
C SER K 114 -2.46 23.60 32.43
N ASN K 115 -1.24 23.15 32.66
CA ASN K 115 -0.76 22.66 33.93
C ASN K 115 0.63 23.26 34.11
N ILE K 116 0.87 23.93 35.24
CA ILE K 116 2.10 24.70 35.37
C ILE K 116 3.32 23.80 35.21
N ASN K 117 3.19 22.52 35.53
CA ASN K 117 4.29 21.56 35.49
C ASN K 117 4.53 20.96 34.10
N THR K 118 3.79 21.39 33.07
CA THR K 118 3.81 20.75 31.77
CA THR K 118 3.81 20.75 31.77
C THR K 118 4.29 21.71 30.68
N ARG K 119 4.86 21.14 29.63
CA ARG K 119 5.37 21.96 28.54
C ARG K 119 4.24 22.61 27.75
N ALA K 120 4.52 23.79 27.21
CA ALA K 120 3.75 24.40 26.15
C ALA K 120 4.33 24.02 24.80
N SER K 121 3.45 23.84 23.81
CA SER K 121 3.84 23.32 22.51
C SER K 121 3.02 23.97 21.39
N VAL K 122 3.64 24.08 20.22
CA VAL K 122 2.95 24.56 19.04
C VAL K 122 3.83 24.25 17.82
N GLY K 123 3.25 24.32 16.63
CA GLY K 123 4.07 24.26 15.44
C GLY K 123 3.40 24.95 14.27
N TYR K 124 4.12 25.01 13.15
CA TYR K 124 3.55 25.45 11.88
C TYR K 124 4.13 24.62 10.75
N ARG K 125 3.33 24.48 9.70
CA ARG K 125 3.68 23.76 8.48
C ARG K 125 3.92 24.77 7.37
N ILE K 126 4.98 24.56 6.60
CA ILE K 126 5.31 25.42 5.46
C ILE K 126 4.63 24.84 4.24
N PRO K 127 3.86 25.63 3.48
CA PRO K 127 3.17 25.12 2.29
C PRO K 127 4.16 24.81 1.17
N THR K 128 3.73 23.96 0.24
CA THR K 128 4.65 23.50 -0.80
C THR K 128 5.24 24.67 -1.58
N ASN K 129 4.43 25.69 -1.84
CA ASN K 129 4.93 26.82 -2.64
C ASN K 129 6.05 27.59 -1.94
N LEU K 130 6.21 27.44 -0.63
CA LEU K 130 7.26 28.11 0.12
C LEU K 130 8.34 27.13 0.62
N ARG K 131 8.45 25.97 0.01
CA ARG K 131 9.45 24.98 0.40
C ARG K 131 10.65 25.04 -0.55
N GLN K 132 11.45 26.08 -0.37
CA GLN K 132 12.72 26.19 -1.05
C GLN K 132 13.84 25.89 -0.07
N ASN K 133 15.08 26.06 -0.51
CA ASN K 133 16.23 25.71 0.29
C ASN K 133 16.64 26.88 1.18
N THR K 134 17.29 26.56 2.29
CA THR K 134 17.90 27.55 3.17
C THR K 134 19.31 27.10 3.52
N VAL K 135 20.19 28.07 3.77
CA VAL K 135 21.60 27.79 4.06
C VAL K 135 21.94 28.35 5.42
N ALA K 136 23.19 28.14 5.87
CA ALA K 136 23.57 28.39 7.26
C ALA K 136 23.20 29.79 7.73
N ALA K 137 23.42 30.80 6.91
CA ALA K 137 23.15 32.18 7.29
C ALA K 137 21.68 32.54 7.34
N ASP K 138 20.77 31.64 6.99
CA ASP K 138 19.35 31.91 7.03
C ASP K 138 18.78 31.57 8.41
N ASN K 139 17.63 32.16 8.73
CA ASN K 139 16.92 31.88 9.97
C ASN K 139 15.58 31.21 9.66
N VAL K 140 15.19 30.26 10.50
CA VAL K 140 13.97 29.50 10.29
C VAL K 140 12.75 30.29 10.76
N CYS K 141 12.79 30.76 12.01
CA CYS K 141 11.65 31.38 12.66
C CYS K 141 12.16 32.18 13.85
N GLU K 142 11.26 32.91 14.48
CA GLU K 142 11.51 33.62 15.73
C GLU K 142 10.74 32.94 16.84
N VAL K 143 11.41 32.72 17.96
CA VAL K 143 10.83 32.04 19.12
C VAL K 143 10.68 33.05 20.25
N ARG K 144 9.52 33.01 20.90
CA ARG K 144 9.29 33.75 22.14
C ARG K 144 8.72 32.78 23.17
N SER K 145 9.01 33.03 24.45
CA SER K 145 8.56 32.17 25.52
C SER K 145 8.88 32.81 26.87
N ASN K 146 8.13 32.42 27.89
CA ASN K 146 8.46 32.81 29.25
C ASN K 146 9.42 31.83 29.91
N CYS K 147 9.89 30.82 29.18
CA CYS K 147 10.87 29.89 29.68
C CYS K 147 12.22 30.16 29.02
N ARG K 148 13.31 29.88 29.76
CA ARG K 148 14.62 30.28 29.28
C ARG K 148 15.15 29.37 28.19
N GLN K 149 14.45 28.28 27.88
CA GLN K 149 14.88 27.36 26.84
CA GLN K 149 14.89 27.36 26.84
C GLN K 149 13.66 26.79 26.16
N VAL K 150 13.74 26.63 24.85
CA VAL K 150 12.72 26.05 24.01
C VAL K 150 13.35 24.89 23.23
N ALA K 151 12.63 23.79 23.16
CA ALA K 151 13.08 22.59 22.46
C ALA K 151 12.34 22.51 21.13
N LEU K 152 13.09 22.43 20.04
CA LEU K 152 12.53 22.43 18.69
CA LEU K 152 12.51 22.42 18.70
C LEU K 152 12.75 21.07 18.04
N VAL K 153 11.77 20.63 17.26
CA VAL K 153 11.90 19.48 16.38
C VAL K 153 11.53 19.96 14.99
N ILE K 154 12.48 19.93 14.06
CA ILE K 154 12.28 20.46 12.71
C ILE K 154 12.31 19.31 11.70
N SER K 155 11.17 19.11 11.03
CA SER K 155 11.07 18.16 9.94
CA SER K 155 11.07 18.16 9.94
C SER K 155 11.57 18.85 8.68
N CYS K 156 12.54 18.23 8.01
CA CYS K 156 13.18 18.86 6.87
C CYS K 156 13.78 17.82 5.92
N CYS K 157 14.15 18.29 4.74
N CYS K 157 14.18 18.29 4.75
CA CYS K 157 14.78 17.48 3.71
CA CYS K 157 14.77 17.43 3.73
C CYS K 157 16.16 18.07 3.46
C CYS K 157 16.15 18.00 3.37
N PHE K 158 17.20 17.34 3.85
CA PHE K 158 18.56 17.75 3.55
C PHE K 158 18.91 17.40 2.11
N ASN K 159 19.56 18.33 1.42
CA ASN K 159 19.98 18.08 0.05
C ASN K 159 21.21 18.88 -0.31
N ASN N 16 9.28 -16.36 14.91
CA ASN N 16 9.99 -17.63 15.01
C ASN N 16 10.78 -17.70 16.33
N SER N 17 11.27 -18.89 16.66
CA SER N 17 11.94 -19.09 17.94
C SER N 17 13.28 -18.36 17.97
N ASN N 18 13.59 -17.81 19.14
CA ASN N 18 14.89 -17.18 19.38
C ASN N 18 15.81 -18.05 20.23
N VAL N 19 15.36 -19.21 20.69
CA VAL N 19 16.16 -20.07 21.56
C VAL N 19 16.27 -21.46 20.95
N VAL N 20 17.30 -22.20 21.38
CA VAL N 20 17.43 -23.58 21.00
C VAL N 20 16.21 -24.34 21.52
N THR N 21 15.74 -25.30 20.72
CA THR N 21 14.55 -26.06 21.05
C THR N 21 14.86 -27.55 20.94
N MET N 22 14.15 -28.32 21.75
CA MET N 22 14.36 -29.76 21.77
CA MET N 22 14.34 -29.76 21.79
C MET N 22 13.80 -30.42 20.52
N ILE N 23 14.53 -31.40 20.02
CA ILE N 23 14.11 -32.23 18.89
C ILE N 23 13.84 -33.62 19.44
N ARG N 24 12.64 -34.13 19.20
CA ARG N 24 12.24 -35.46 19.68
C ARG N 24 12.66 -36.50 18.65
N ALA N 25 13.95 -36.80 18.65
CA ALA N 25 14.50 -37.73 17.68
C ALA N 25 13.99 -39.15 17.96
N GLY N 26 13.92 -39.95 16.90
CA GLY N 26 13.52 -41.33 17.03
C GLY N 26 14.68 -42.28 16.75
N SER N 27 14.45 -43.33 15.95
CA SER N 27 15.47 -44.33 15.65
CA SER N 27 15.48 -44.33 15.66
C SER N 27 16.57 -43.74 14.76
N TYR N 28 17.73 -44.42 14.72
CA TYR N 28 18.84 -43.93 13.90
C TYR N 28 18.44 -43.97 12.43
N PRO N 29 18.67 -42.91 11.67
CA PRO N 29 18.19 -42.85 10.28
C PRO N 29 19.16 -43.54 9.35
N LYS N 30 18.75 -43.65 8.09
CA LYS N 30 19.68 -44.03 7.04
C LYS N 30 20.58 -42.84 6.76
N VAL N 31 21.86 -43.10 6.55
CA VAL N 31 22.86 -42.04 6.38
C VAL N 31 23.69 -42.38 5.16
N ASN N 32 24.42 -41.39 4.68
CA ASN N 32 25.33 -41.53 3.55
C ASN N 32 26.36 -40.41 3.62
N PRO N 33 27.58 -40.72 4.06
CA PRO N 33 28.58 -39.66 4.25
C PRO N 33 29.12 -39.11 2.96
N THR N 34 28.92 -39.79 1.83
CA THR N 34 29.48 -39.39 0.55
C THR N 34 28.39 -39.41 -0.51
N PRO N 35 27.53 -38.41 -0.52
CA PRO N 35 26.39 -38.40 -1.45
C PRO N 35 26.77 -37.94 -2.86
N THR N 36 25.80 -38.03 -3.76
CA THR N 36 25.94 -37.47 -5.10
C THR N 36 25.82 -35.95 -5.05
N TRP N 37 26.00 -35.29 -6.20
CA TRP N 37 25.94 -33.84 -6.28
C TRP N 37 25.68 -33.45 -7.73
N VAL N 38 24.66 -32.63 -7.96
CA VAL N 38 24.35 -32.10 -9.29
C VAL N 38 25.00 -30.73 -9.40
N ARG N 39 25.77 -30.52 -10.47
CA ARG N 39 26.70 -29.41 -10.54
C ARG N 39 26.78 -28.83 -11.95
N ALA N 40 27.14 -27.56 -12.04
CA ALA N 40 27.56 -26.91 -13.28
C ALA N 40 29.02 -26.48 -13.09
N ILE N 41 29.93 -27.15 -13.77
CA ILE N 41 31.37 -27.01 -13.57
CA ILE N 41 31.37 -27.00 -13.56
C ILE N 41 31.92 -26.07 -14.66
N PRO N 42 32.59 -24.99 -14.32
CA PRO N 42 33.18 -24.11 -15.32
C PRO N 42 34.70 -24.25 -15.40
N PHE N 43 35.23 -24.55 -16.58
CA PHE N 43 36.68 -24.61 -16.74
C PHE N 43 37.02 -24.24 -18.17
N GLU N 44 38.32 -24.07 -18.43
CA GLU N 44 38.84 -23.61 -19.71
C GLU N 44 39.79 -24.64 -20.30
N VAL N 45 39.83 -24.69 -21.62
CA VAL N 45 40.76 -25.54 -22.35
C VAL N 45 41.47 -24.70 -23.41
N SER N 46 42.68 -25.12 -23.77
CA SER N 46 43.46 -24.47 -24.82
C SER N 46 43.13 -25.11 -26.16
N VAL N 47 42.94 -24.27 -27.18
CA VAL N 47 42.56 -24.75 -28.51
C VAL N 47 43.55 -24.21 -29.52
N GLN N 48 43.91 -25.04 -30.49
CA GLN N 48 44.84 -24.66 -31.56
C GLN N 48 44.07 -24.49 -32.87
N SER N 49 44.59 -23.64 -33.75
CA SER N 49 43.96 -23.43 -35.04
C SER N 49 43.91 -24.70 -35.87
N GLY N 50 42.72 -25.07 -36.31
CA GLY N 50 42.49 -26.23 -37.16
C GLY N 50 42.57 -27.56 -36.46
N ILE N 51 42.72 -27.59 -35.15
CA ILE N 51 42.95 -28.84 -34.43
C ILE N 51 41.85 -29.00 -33.40
N ALA N 52 41.30 -30.21 -33.32
CA ALA N 52 40.30 -30.54 -32.31
C ALA N 52 40.97 -30.94 -31.00
N PHE N 53 40.42 -30.44 -29.90
CA PHE N 53 40.91 -30.77 -28.57
C PHE N 53 39.89 -31.66 -27.89
N LYS N 54 40.31 -32.86 -27.50
CA LYS N 54 39.47 -33.77 -26.74
CA LYS N 54 39.47 -33.77 -26.74
C LYS N 54 39.45 -33.33 -25.28
N VAL N 55 38.27 -32.99 -24.77
CA VAL N 55 38.09 -32.53 -23.40
C VAL N 55 38.13 -33.72 -22.46
N PRO N 56 39.10 -33.78 -21.55
CA PRO N 56 39.19 -34.92 -20.63
C PRO N 56 38.24 -34.79 -19.45
N VAL N 57 37.56 -35.90 -19.16
CA VAL N 57 36.67 -35.92 -18.03
C VAL N 57 37.43 -35.67 -16.73
N GLY N 58 38.73 -35.95 -16.72
CA GLY N 58 39.48 -35.81 -15.48
C GLY N 58 39.52 -34.37 -15.00
N SER N 59 39.34 -33.40 -15.89
CA SER N 59 39.28 -32.00 -15.49
CA SER N 59 39.28 -32.00 -15.49
C SER N 59 38.10 -31.69 -14.58
N LEU N 60 37.12 -32.57 -14.49
CA LEU N 60 35.96 -32.31 -13.65
C LEU N 60 36.16 -32.75 -12.21
N PHE N 61 37.18 -33.55 -11.93
CA PHE N 61 37.50 -33.97 -10.57
C PHE N 61 38.68 -33.12 -10.09
N SER N 62 38.43 -32.24 -9.12
CA SER N 62 39.43 -31.29 -8.68
C SER N 62 38.95 -30.61 -7.41
N ALA N 63 39.90 -30.38 -6.49
CA ALA N 63 39.60 -29.60 -5.30
C ALA N 63 39.15 -28.19 -5.65
N ASN N 64 39.55 -27.67 -6.81
CA ASN N 64 39.02 -26.39 -7.28
C ASN N 64 37.52 -26.40 -7.51
N PHE N 65 36.90 -27.58 -7.55
CA PHE N 65 35.45 -27.71 -7.70
C PHE N 65 34.81 -28.42 -6.52
N ARG N 66 35.59 -28.83 -5.51
CA ARG N 66 35.09 -29.63 -4.40
C ARG N 66 34.74 -31.05 -4.81
N THR N 67 35.39 -31.58 -5.87
CA THR N 67 34.97 -32.85 -6.44
C THR N 67 36.11 -33.86 -6.54
N ASP N 68 37.21 -33.63 -5.83
CA ASP N 68 38.34 -34.55 -5.88
C ASP N 68 38.05 -35.84 -5.13
N SER N 69 36.94 -35.93 -4.39
CA SER N 69 36.56 -37.19 -3.76
C SER N 69 35.76 -38.10 -4.68
N PHE N 70 35.35 -37.62 -5.84
CA PHE N 70 34.61 -38.42 -6.81
C PHE N 70 35.57 -39.03 -7.81
N THR N 71 35.21 -40.23 -8.29
CA THR N 71 35.91 -40.82 -9.44
C THR N 71 35.03 -41.01 -10.66
N SER N 72 33.71 -40.81 -10.56
CA SER N 72 32.81 -41.00 -11.68
C SER N 72 31.87 -39.80 -11.77
N VAL N 73 31.31 -39.59 -12.96
CA VAL N 73 30.43 -38.45 -13.22
C VAL N 73 29.57 -38.78 -14.42
N THR N 74 28.28 -38.42 -14.35
CA THR N 74 27.34 -38.57 -15.45
C THR N 74 27.10 -37.18 -16.06
N VAL N 75 27.67 -36.95 -17.25
CA VAL N 75 27.48 -35.66 -17.92
C VAL N 75 26.08 -35.58 -18.50
N MET N 76 25.44 -34.43 -18.32
CA MET N 76 24.09 -34.20 -18.80
CA MET N 76 24.09 -34.21 -18.81
C MET N 76 24.05 -33.29 -20.03
N SER N 77 24.90 -32.26 -20.07
CA SER N 77 24.93 -31.31 -21.17
C SER N 77 26.24 -30.54 -21.14
N VAL N 78 26.63 -30.01 -22.30
CA VAL N 78 27.89 -29.28 -22.46
C VAL N 78 27.59 -27.99 -23.19
N ARG N 79 28.01 -26.87 -22.61
CA ARG N 79 27.94 -25.56 -23.24
CA ARG N 79 27.94 -25.57 -23.24
C ARG N 79 29.35 -25.00 -23.35
N ALA N 80 29.63 -24.31 -24.45
CA ALA N 80 30.97 -23.79 -24.70
C ALA N 80 30.93 -22.36 -25.20
N TRP N 81 31.94 -21.58 -24.80
CA TRP N 81 32.12 -20.20 -25.19
C TRP N 81 33.59 -19.95 -25.53
N THR N 82 33.83 -19.26 -26.63
CA THR N 82 35.20 -18.85 -26.88
C THR N 82 35.66 -17.92 -25.75
N GLN N 83 36.93 -18.06 -25.37
CA GLN N 83 37.46 -17.43 -24.19
C GLN N 83 38.49 -16.36 -24.49
N LEU N 84 38.96 -16.27 -25.73
CA LEU N 84 39.90 -15.24 -26.14
C LEU N 84 39.42 -14.68 -27.48
N THR N 85 40.02 -13.57 -27.89
CA THR N 85 39.61 -12.87 -29.10
C THR N 85 39.96 -13.69 -30.33
N PRO N 86 39.23 -13.50 -31.42
CA PRO N 86 39.52 -14.23 -32.64
C PRO N 86 40.69 -13.62 -33.39
N PRO N 87 41.12 -14.25 -34.49
CA PRO N 87 42.16 -13.64 -35.32
C PRO N 87 41.67 -12.35 -35.97
N VAL N 88 42.61 -11.60 -36.54
CA VAL N 88 42.24 -10.35 -37.20
C VAL N 88 41.34 -10.67 -38.37
N ASN N 89 40.34 -9.81 -38.57
CA ASN N 89 39.32 -9.85 -39.62
C ASN N 89 38.25 -10.93 -39.42
N GLU N 90 38.31 -11.71 -38.35
CA GLU N 90 37.39 -12.83 -38.23
C GLU N 90 36.40 -12.64 -37.08
N TYR N 91 35.30 -13.38 -37.18
CA TYR N 91 34.35 -13.53 -36.10
C TYR N 91 34.59 -14.87 -35.39
N SER N 92 34.51 -14.85 -34.06
CA SER N 92 34.74 -16.07 -33.29
C SER N 92 33.77 -17.17 -33.70
N PHE N 93 34.22 -18.43 -33.61
CA PHE N 93 33.37 -19.61 -33.74
C PHE N 93 33.86 -20.69 -32.79
N VAL N 94 32.94 -21.57 -32.39
CA VAL N 94 33.27 -22.76 -31.60
C VAL N 94 32.40 -23.91 -32.08
N ARG N 95 32.96 -25.13 -32.09
CA ARG N 95 32.25 -26.35 -32.50
C ARG N 95 32.41 -27.39 -31.41
N LEU N 96 31.41 -28.26 -31.30
CA LEU N 96 31.40 -29.30 -30.29
C LEU N 96 30.97 -30.60 -30.94
N LYS N 97 31.83 -31.63 -30.87
CA LYS N 97 31.51 -32.97 -31.33
CA LYS N 97 31.50 -32.97 -31.33
C LYS N 97 31.38 -33.90 -30.14
N PRO N 98 30.22 -34.48 -29.90
CA PRO N 98 30.07 -35.38 -28.74
C PRO N 98 30.86 -36.66 -28.93
N LEU N 99 31.47 -37.10 -27.83
CA LEU N 99 32.22 -38.35 -27.77
C LEU N 99 31.57 -39.27 -26.75
N PHE N 100 31.42 -40.55 -27.11
CA PHE N 100 30.83 -41.55 -26.23
C PHE N 100 31.66 -42.83 -26.26
N LYS N 101 31.82 -43.46 -25.10
CA LYS N 101 32.55 -44.73 -25.04
C LYS N 101 31.91 -45.80 -25.93
N THR N 102 30.59 -45.79 -26.09
CA THR N 102 29.94 -46.79 -26.93
C THR N 102 29.95 -46.45 -28.40
N GLY N 103 30.37 -45.24 -28.77
CA GLY N 103 30.45 -44.85 -30.16
C GLY N 103 30.43 -43.35 -30.30
N ASP N 104 31.47 -42.77 -30.89
CA ASP N 104 31.55 -41.32 -31.02
C ASP N 104 30.58 -40.81 -32.06
N SER N 105 30.10 -39.59 -31.84
CA SER N 105 29.20 -38.96 -32.79
CA SER N 105 29.20 -38.95 -32.78
C SER N 105 30.02 -38.22 -33.84
N THR N 106 29.34 -37.82 -34.93
CA THR N 106 29.94 -36.98 -35.97
C THR N 106 29.18 -35.65 -36.13
N GLU N 107 28.46 -35.22 -35.10
CA GLU N 107 27.84 -33.90 -35.11
C GLU N 107 28.87 -32.86 -34.75
N GLU N 108 28.82 -31.72 -35.43
CA GLU N 108 29.69 -30.57 -35.14
C GLU N 108 28.80 -29.37 -34.86
N PHE N 109 28.18 -29.37 -33.68
CA PHE N 109 27.35 -28.24 -33.28
C PHE N 109 28.20 -26.99 -33.20
N GLU N 110 27.69 -25.89 -33.74
CA GLU N 110 28.54 -24.72 -33.96
C GLU N 110 27.75 -23.44 -33.68
N GLY N 111 28.43 -22.52 -33.00
CA GLY N 111 27.97 -21.15 -32.92
C GLY N 111 29.04 -20.19 -33.42
N ARG N 112 28.59 -19.06 -33.95
CA ARG N 112 29.49 -18.01 -34.37
C ARG N 112 29.03 -16.69 -33.77
N ALA N 113 30.00 -15.82 -33.53
CA ALA N 113 29.69 -14.48 -33.09
C ALA N 113 29.23 -13.66 -34.28
N SER N 114 28.28 -12.76 -34.04
CA SER N 114 27.89 -11.79 -35.05
C SER N 114 28.51 -10.42 -34.82
N ASN N 115 29.26 -10.26 -33.73
CA ASN N 115 30.06 -9.07 -33.43
C ASN N 115 31.46 -9.56 -33.09
N ILE N 116 32.49 -8.98 -33.72
CA ILE N 116 33.85 -9.50 -33.57
C ILE N 116 34.34 -9.44 -32.13
N ASN N 117 33.76 -8.57 -31.33
CA ASN N 117 34.17 -8.40 -29.95
C ASN N 117 33.39 -9.30 -28.99
N THR N 118 32.52 -10.17 -29.51
CA THR N 118 31.64 -10.98 -28.67
CA THR N 118 31.65 -10.98 -28.66
C THR N 118 32.03 -12.46 -28.75
N ARG N 119 31.75 -13.20 -27.69
CA ARG N 119 32.02 -14.63 -27.66
C ARG N 119 31.07 -15.36 -28.59
N ALA N 120 31.58 -16.40 -29.24
CA ALA N 120 30.73 -17.39 -29.88
C ALA N 120 30.40 -18.49 -28.87
N SER N 121 29.22 -19.12 -29.03
CA SER N 121 28.77 -20.11 -28.05
C SER N 121 27.84 -21.14 -28.67
N VAL N 122 27.80 -22.32 -28.05
CA VAL N 122 26.92 -23.39 -28.47
C VAL N 122 26.95 -24.48 -27.41
N GLY N 123 25.93 -25.33 -27.38
CA GLY N 123 25.96 -26.48 -26.53
C GLY N 123 25.26 -27.68 -27.16
N TYR N 124 25.27 -28.78 -26.42
CA TYR N 124 24.47 -29.94 -26.80
C TYR N 124 24.01 -30.65 -25.54
N ARG N 125 22.84 -31.25 -25.62
CA ARG N 125 22.26 -32.03 -24.53
C ARG N 125 22.46 -33.51 -24.81
N ILE N 126 22.77 -34.25 -23.74
CA ILE N 126 22.95 -35.70 -23.85
C ILE N 126 21.61 -36.35 -23.54
N PRO N 127 21.10 -37.21 -24.41
CA PRO N 127 19.83 -37.89 -24.12
C PRO N 127 19.94 -38.80 -22.89
N THR N 128 18.80 -39.06 -22.27
CA THR N 128 18.80 -39.88 -21.06
C THR N 128 19.40 -41.26 -21.32
N ASN N 129 19.15 -41.83 -22.50
CA ASN N 129 19.64 -43.17 -22.80
C ASN N 129 21.14 -43.22 -22.97
N LEU N 130 21.83 -42.07 -23.06
CA LEU N 130 23.27 -42.02 -23.15
C LEU N 130 23.92 -41.37 -21.92
N ARG N 131 23.20 -41.28 -20.80
CA ARG N 131 23.76 -40.68 -19.59
C ARG N 131 24.29 -41.77 -18.68
N GLN N 132 25.47 -42.27 -19.03
CA GLN N 132 26.17 -43.23 -18.18
C GLN N 132 27.39 -42.56 -17.55
N ASN N 133 28.14 -43.33 -16.78
CA ASN N 133 29.26 -42.72 -16.08
C ASN N 133 30.46 -42.59 -17.01
N THR N 134 31.35 -41.67 -16.65
CA THR N 134 32.67 -41.53 -17.27
C THR N 134 33.73 -41.36 -16.18
N VAL N 135 34.97 -41.74 -16.50
CA VAL N 135 36.09 -41.66 -15.55
C VAL N 135 37.13 -40.73 -16.16
N ALA N 136 38.11 -40.35 -15.32
CA ALA N 136 39.10 -39.34 -15.71
C ALA N 136 39.72 -39.62 -17.09
N ALA N 137 40.02 -40.88 -17.38
CA ALA N 137 40.63 -41.23 -18.66
C ALA N 137 39.69 -41.05 -19.84
N ASP N 138 38.39 -40.85 -19.61
CA ASP N 138 37.45 -40.66 -20.69
C ASP N 138 37.50 -39.23 -21.21
N ASN N 139 36.98 -39.04 -22.42
CA ASN N 139 36.84 -37.73 -23.03
C ASN N 139 35.38 -37.43 -23.26
N VAL N 140 35.01 -36.17 -23.07
CA VAL N 140 33.63 -35.73 -23.16
C VAL N 140 33.26 -35.39 -24.60
N CYS N 141 34.11 -34.64 -25.28
CA CYS N 141 33.77 -34.10 -26.60
C CYS N 141 35.04 -33.52 -27.21
N GLU N 142 34.97 -33.24 -28.51
CA GLU N 142 36.01 -32.48 -29.18
C GLU N 142 35.58 -31.03 -29.34
N VAL N 143 36.52 -30.11 -29.12
CA VAL N 143 36.30 -28.67 -29.21
C VAL N 143 37.13 -28.14 -30.37
N ARG N 144 36.53 -27.30 -31.22
CA ARG N 144 37.24 -26.58 -32.27
C ARG N 144 36.87 -25.10 -32.20
N SER N 145 37.84 -24.24 -32.50
CA SER N 145 37.60 -22.80 -32.47
C SER N 145 38.77 -22.09 -33.15
N ASN N 146 38.50 -20.89 -33.66
CA ASN N 146 39.56 -19.98 -34.10
C ASN N 146 40.13 -19.12 -32.96
N CYS N 147 39.67 -19.34 -31.74
CA CYS N 147 40.20 -18.68 -30.55
C CYS N 147 41.03 -19.67 -29.76
N ARG N 148 42.12 -19.17 -29.16
CA ARG N 148 43.11 -20.02 -28.50
C ARG N 148 42.63 -20.61 -27.19
N GLN N 149 41.47 -20.19 -26.68
CA GLN N 149 40.93 -20.77 -25.46
CA GLN N 149 40.93 -20.77 -25.46
C GLN N 149 39.41 -20.80 -25.56
N VAL N 150 38.82 -21.82 -24.92
CA VAL N 150 37.38 -21.99 -24.85
C VAL N 150 36.97 -22.26 -23.39
N ALA N 151 35.87 -21.66 -22.99
CA ALA N 151 35.40 -21.78 -21.62
C ALA N 151 34.17 -22.70 -21.64
N LEU N 152 34.20 -23.78 -20.86
CA LEU N 152 33.14 -24.77 -20.86
CA LEU N 152 33.13 -24.76 -20.87
C LEU N 152 32.38 -24.74 -19.55
N VAL N 153 31.08 -24.98 -19.62
CA VAL N 153 30.25 -25.15 -18.44
C VAL N 153 29.50 -26.45 -18.63
N ILE N 154 29.86 -27.46 -17.83
CA ILE N 154 29.35 -28.81 -18.01
C ILE N 154 28.38 -29.11 -16.87
N SER N 155 27.12 -29.39 -17.22
CA SER N 155 26.12 -29.81 -16.25
CA SER N 155 26.13 -29.81 -16.25
C SER N 155 26.21 -31.32 -16.09
N CYS N 156 26.46 -31.77 -14.86
CA CYS N 156 26.74 -33.18 -14.64
C CYS N 156 26.27 -33.60 -13.25
N CYS N 157 26.28 -34.91 -13.02
N CYS N 157 26.30 -34.90 -13.00
CA CYS N 157 25.91 -35.55 -11.76
CA CYS N 157 25.89 -35.48 -11.71
C CYS N 157 27.12 -36.32 -11.24
C CYS N 157 27.05 -36.33 -11.18
N PHE N 158 27.78 -35.78 -10.22
CA PHE N 158 28.91 -36.46 -9.61
C PHE N 158 28.37 -37.57 -8.74
N ASN N 159 28.93 -38.77 -8.89
CA ASN N 159 28.52 -39.89 -8.06
C ASN N 159 29.68 -40.87 -7.83
N ASN O 16 -36.77 -58.72 25.62
CA ASN O 16 -36.92 -60.03 24.99
C ASN O 16 -37.73 -60.95 25.88
N SER O 17 -37.76 -62.23 25.54
CA SER O 17 -38.55 -63.21 26.26
C SER O 17 -37.87 -63.59 27.56
N ASN O 18 -38.68 -63.87 28.58
CA ASN O 18 -38.17 -64.42 29.82
C ASN O 18 -38.68 -65.82 30.10
N VAL O 19 -39.65 -66.32 29.32
CA VAL O 19 -40.18 -67.68 29.50
C VAL O 19 -40.11 -68.44 28.17
N VAL O 20 -40.30 -69.76 28.28
CA VAL O 20 -40.34 -70.64 27.12
C VAL O 20 -41.61 -70.35 26.32
N THR O 21 -41.50 -70.40 24.99
CA THR O 21 -42.59 -70.07 24.09
C THR O 21 -42.75 -71.17 23.05
N MET O 22 -43.98 -71.38 22.61
CA MET O 22 -44.26 -72.43 21.64
CA MET O 22 -44.29 -72.40 21.63
C MET O 22 -43.67 -72.10 20.27
N ILE O 23 -43.22 -73.15 19.59
CA ILE O 23 -42.70 -73.08 18.24
C ILE O 23 -43.63 -73.88 17.34
N ARG O 24 -44.19 -73.22 16.33
CA ARG O 24 -45.17 -73.86 15.45
C ARG O 24 -44.45 -74.64 14.35
N ALA O 25 -43.88 -75.77 14.76
CA ALA O 25 -43.09 -76.61 13.86
C ALA O 25 -43.93 -77.11 12.69
N GLY O 26 -43.26 -77.39 11.59
CA GLY O 26 -43.91 -77.96 10.43
C GLY O 26 -43.50 -79.39 10.16
N SER O 27 -43.18 -79.70 8.90
CA SER O 27 -42.75 -81.03 8.50
CA SER O 27 -42.76 -81.03 8.52
C SER O 27 -41.31 -81.28 8.95
N TYR O 28 -40.97 -82.55 9.08
CA TYR O 28 -39.61 -82.89 9.50
C TYR O 28 -38.61 -82.33 8.50
N PRO O 29 -37.58 -81.63 8.92
CA PRO O 29 -36.68 -80.95 7.99
C PRO O 29 -35.64 -81.91 7.42
N LYS O 30 -34.83 -81.40 6.49
CA LYS O 30 -33.64 -82.13 6.11
C LYS O 30 -32.62 -82.04 7.24
N VAL O 31 -31.98 -83.17 7.60
CA VAL O 31 -31.06 -83.22 8.73
C VAL O 31 -29.71 -83.76 8.27
N ASN O 32 -28.72 -83.60 9.14
CA ASN O 32 -27.39 -84.17 8.91
C ASN O 32 -26.66 -84.28 10.24
N PRO O 33 -26.47 -85.49 10.76
CA PRO O 33 -25.80 -85.65 12.06
C PRO O 33 -24.32 -85.35 12.04
N THR O 34 -23.64 -85.46 10.90
CA THR O 34 -22.18 -85.36 10.80
C THR O 34 -21.81 -84.34 9.73
N PRO O 35 -21.92 -83.06 10.04
CA PRO O 35 -21.66 -82.01 9.04
C PRO O 35 -20.18 -81.66 8.89
N THR O 36 -19.90 -80.82 7.90
CA THR O 36 -18.54 -80.34 7.69
C THR O 36 -18.21 -79.23 8.69
N TRP O 37 -16.94 -78.84 8.72
CA TRP O 37 -16.48 -77.86 9.71
C TRP O 37 -15.28 -77.09 9.18
N VAL O 38 -15.38 -75.77 9.09
CA VAL O 38 -14.24 -74.93 8.72
C VAL O 38 -13.47 -74.56 9.99
N ARG O 39 -12.15 -74.78 9.94
CA ARG O 39 -11.34 -74.74 11.15
C ARG O 39 -9.97 -74.17 10.85
N ALA O 40 -9.34 -73.65 11.89
CA ALA O 40 -7.94 -73.29 11.91
C ALA O 40 -7.31 -74.16 12.97
N ILE O 41 -6.46 -75.09 12.56
CA ILE O 41 -5.92 -76.13 13.43
C ILE O 41 -4.49 -75.76 13.80
N PRO O 42 -4.18 -75.54 15.10
CA PRO O 42 -2.79 -75.28 15.52
C PRO O 42 -2.05 -76.49 16.07
N PHE O 43 -0.94 -76.85 15.46
CA PHE O 43 -0.12 -77.93 15.99
C PHE O 43 1.33 -77.63 15.65
N GLU O 44 2.23 -78.32 16.33
CA GLU O 44 3.67 -78.13 16.17
C GLU O 44 4.31 -79.39 15.59
N VAL O 45 5.33 -79.18 14.76
CA VAL O 45 6.17 -80.26 14.24
C VAL O 45 7.62 -80.01 14.64
N SER O 46 8.38 -81.11 14.73
CA SER O 46 9.81 -81.06 15.02
C SER O 46 10.60 -81.07 13.72
N VAL O 47 11.63 -80.23 13.66
CA VAL O 47 12.38 -80.00 12.44
C VAL O 47 13.85 -80.18 12.75
N GLN O 48 14.58 -80.80 11.82
CA GLN O 48 16.01 -81.06 11.94
C GLN O 48 16.81 -80.12 11.04
N SER O 49 18.02 -79.78 11.48
CA SER O 49 18.84 -78.84 10.73
C SER O 49 19.18 -79.39 9.35
N GLY O 50 18.85 -78.64 8.32
CA GLY O 50 19.16 -79.03 6.96
C GLY O 50 18.30 -80.12 6.36
N ILE O 51 17.22 -80.54 7.03
CA ILE O 51 16.39 -81.63 6.54
C ILE O 51 14.96 -81.14 6.42
N ALA O 52 14.32 -81.51 5.32
CA ALA O 52 12.92 -81.14 5.11
C ALA O 52 12.02 -82.14 5.85
N PHE O 53 11.06 -81.62 6.61
CA PHE O 53 10.07 -82.44 7.29
C PHE O 53 8.75 -82.41 6.53
N LYS O 54 8.23 -83.59 6.16
CA LYS O 54 6.93 -83.70 5.51
CA LYS O 54 6.94 -83.70 5.51
C LYS O 54 5.81 -83.67 6.55
N VAL O 55 4.92 -82.71 6.43
CA VAL O 55 3.82 -82.56 7.37
C VAL O 55 2.67 -83.50 7.04
N PRO O 56 2.38 -84.47 7.91
CA PRO O 56 1.30 -85.43 7.61
C PRO O 56 -0.09 -84.84 7.82
N VAL O 57 -0.95 -85.11 6.84
CA VAL O 57 -2.34 -84.69 6.97
C VAL O 57 -2.98 -85.33 8.20
N GLY O 58 -2.48 -86.50 8.60
CA GLY O 58 -3.01 -87.22 9.75
C GLY O 58 -2.96 -86.43 11.04
N SER O 59 -2.05 -85.47 11.15
CA SER O 59 -1.99 -84.62 12.34
CA SER O 59 -1.98 -84.63 12.34
C SER O 59 -3.23 -83.77 12.52
N LEU O 60 -4.04 -83.62 11.47
CA LEU O 60 -5.24 -82.80 11.54
C LEU O 60 -6.42 -83.54 12.14
N PHE O 61 -6.40 -84.88 12.16
CA PHE O 61 -7.49 -85.68 12.68
C PHE O 61 -7.12 -86.13 14.09
N SER O 62 -7.73 -85.50 15.10
CA SER O 62 -7.42 -85.87 16.48
C SER O 62 -8.56 -85.40 17.38
N ALA O 63 -8.76 -86.13 18.47
CA ALA O 63 -9.69 -85.67 19.50
C ALA O 63 -9.23 -84.38 20.13
N ASN O 64 -7.93 -84.07 20.08
CA ASN O 64 -7.44 -82.79 20.59
C ASN O 64 -8.00 -81.59 19.83
N PHE O 65 -8.46 -81.78 18.59
CA PHE O 65 -9.09 -80.71 17.82
C PHE O 65 -10.59 -80.91 17.62
N ARG O 66 -11.20 -81.93 18.26
CA ARG O 66 -12.59 -82.30 18.03
C ARG O 66 -12.80 -82.87 16.63
N THR O 67 -11.77 -83.46 16.01
CA THR O 67 -11.84 -83.80 14.58
C THR O 67 -11.61 -85.27 14.29
N ASP O 68 -11.54 -86.12 15.30
CA ASP O 68 -11.23 -87.52 15.05
C ASP O 68 -12.35 -88.25 14.30
N SER O 69 -13.54 -87.64 14.16
CA SER O 69 -14.61 -88.28 13.41
C SER O 69 -14.48 -88.09 11.91
N PHE O 70 -13.61 -87.19 11.46
CA PHE O 70 -13.39 -86.96 10.03
C PHE O 70 -12.27 -87.87 9.53
N THR O 71 -12.37 -88.26 8.25
CA THR O 71 -11.27 -88.97 7.61
C THR O 71 -10.67 -88.24 6.41
N SER O 72 -11.27 -87.14 5.97
CA SER O 72 -10.73 -86.30 4.90
C SER O 72 -10.82 -84.83 5.31
N VAL O 73 -10.08 -83.99 4.61
CA VAL O 73 -10.09 -82.54 4.84
C VAL O 73 -9.60 -81.84 3.59
N THR O 74 -10.16 -80.66 3.31
CA THR O 74 -9.69 -79.78 2.24
C THR O 74 -8.90 -78.64 2.89
N VAL O 75 -7.60 -78.60 2.61
CA VAL O 75 -6.73 -77.56 3.14
C VAL O 75 -6.83 -76.33 2.24
N MET O 76 -7.07 -75.17 2.86
CA MET O 76 -7.18 -73.92 2.12
C MET O 76 -5.91 -73.07 2.18
N SER O 77 -5.26 -72.97 3.34
CA SER O 77 -4.02 -72.21 3.45
C SER O 77 -3.20 -72.78 4.59
N VAL O 78 -1.91 -72.49 4.57
CA VAL O 78 -0.99 -72.97 5.58
C VAL O 78 -0.11 -71.82 6.03
N ARG O 79 -0.07 -71.57 7.34
CA ARG O 79 0.84 -70.60 7.94
CA ARG O 79 0.83 -70.60 7.94
C ARG O 79 1.73 -71.29 8.96
N ALA O 80 2.96 -70.80 9.09
CA ALA O 80 3.95 -71.45 9.95
C ALA O 80 4.77 -70.40 10.68
N TRP O 81 5.08 -70.69 11.94
CA TRP O 81 5.95 -69.88 12.80
C TRP O 81 7.01 -70.76 13.42
N THR O 82 8.24 -70.27 13.50
CA THR O 82 9.23 -70.93 14.34
C THR O 82 8.75 -70.96 15.80
N GLN O 83 9.01 -72.07 16.48
CA GLN O 83 8.44 -72.31 17.79
C GLN O 83 9.48 -72.36 18.90
N LEU O 84 10.77 -72.41 18.56
CA LEU O 84 11.85 -72.34 19.53
C LEU O 84 12.93 -71.39 19.01
N THR O 85 13.82 -70.97 19.91
CA THR O 85 14.82 -69.97 19.54
C THR O 85 15.76 -70.52 18.45
N PRO O 86 16.38 -69.63 17.67
CA PRO O 86 17.28 -70.07 16.61
C PRO O 86 18.65 -70.40 17.17
N PRO O 87 19.53 -70.98 16.35
CA PRO O 87 20.90 -71.20 16.82
C PRO O 87 21.57 -69.90 17.21
N VAL O 88 22.64 -70.03 17.98
CA VAL O 88 23.41 -68.88 18.38
C VAL O 88 23.92 -68.14 17.14
N ASN O 89 23.80 -66.81 17.15
CA ASN O 89 24.30 -65.99 16.05
C ASN O 89 23.23 -65.64 15.02
N GLU O 90 22.16 -66.42 14.96
CA GLU O 90 21.28 -66.38 13.80
C GLU O 90 19.92 -65.77 14.11
N TYR O 91 19.26 -65.29 13.06
CA TYR O 91 17.84 -64.96 13.08
C TYR O 91 17.04 -66.17 12.58
N SER O 92 15.88 -66.37 13.18
CA SER O 92 15.03 -67.49 12.79
C SER O 92 14.67 -67.42 11.31
N PHE O 93 14.46 -68.60 10.70
CA PHE O 93 13.84 -68.65 9.37
C PHE O 93 12.94 -69.88 9.29
N VAL O 94 11.93 -69.81 8.43
CA VAL O 94 11.06 -70.96 8.13
C VAL O 94 10.75 -70.96 6.62
N ARG O 95 10.73 -72.16 6.01
CA ARG O 95 10.39 -72.34 4.61
C ARG O 95 9.28 -73.37 4.49
N LEU O 96 8.42 -73.17 3.49
CA LEU O 96 7.29 -74.05 3.22
C LEU O 96 7.26 -74.38 1.73
N LYS O 97 7.32 -75.67 1.41
CA LYS O 97 7.16 -76.13 0.04
CA LYS O 97 7.16 -76.12 0.04
C LYS O 97 5.83 -76.86 -0.09
N PRO O 98 4.89 -76.39 -0.92
CA PRO O 98 3.60 -77.09 -1.03
C PRO O 98 3.75 -78.46 -1.68
N LEU O 99 2.98 -79.42 -1.17
CA LEU O 99 2.93 -80.78 -1.71
C LEU O 99 1.53 -81.04 -2.23
N PHE O 100 1.43 -81.77 -3.33
CA PHE O 100 0.13 -82.07 -3.93
C PHE O 100 0.17 -83.46 -4.50
N LYS O 101 -0.93 -84.17 -4.39
CA LYS O 101 -0.97 -85.54 -4.88
C LYS O 101 -0.88 -85.61 -6.40
N THR O 102 -1.36 -84.60 -7.11
CA THR O 102 -1.24 -84.56 -8.57
C THR O 102 0.14 -84.06 -9.02
N GLY O 103 1.00 -83.63 -8.10
CA GLY O 103 2.29 -83.12 -8.48
C GLY O 103 2.84 -82.14 -7.46
N ASP O 104 4.01 -82.41 -6.90
CA ASP O 104 4.56 -81.55 -5.87
C ASP O 104 5.10 -80.25 -6.47
N SER O 105 5.04 -79.19 -5.68
CA SER O 105 5.62 -77.93 -6.10
CA SER O 105 5.62 -77.92 -6.09
C SER O 105 7.10 -77.88 -5.72
N THR O 106 7.77 -76.84 -6.20
CA THR O 106 9.17 -76.59 -5.87
C THR O 106 9.38 -75.20 -5.29
N GLU O 107 8.30 -74.49 -5.00
CA GLU O 107 8.37 -73.22 -4.31
C GLU O 107 8.85 -73.42 -2.88
N GLU O 108 9.61 -72.45 -2.39
CA GLU O 108 10.10 -72.45 -1.02
C GLU O 108 9.79 -71.07 -0.41
N PHE O 109 8.52 -70.84 -0.13
CA PHE O 109 8.10 -69.61 0.55
C PHE O 109 8.82 -69.49 1.89
N GLU O 110 9.49 -68.36 2.11
CA GLU O 110 10.35 -68.22 3.28
C GLU O 110 10.17 -66.89 3.98
N GLY O 111 10.14 -66.93 5.30
CA GLY O 111 10.16 -65.74 6.11
C GLY O 111 11.32 -65.83 7.08
N ARG O 112 11.88 -64.68 7.42
CA ARG O 112 12.99 -64.61 8.36
C ARG O 112 12.70 -63.55 9.40
N ALA O 113 13.14 -63.81 10.62
CA ALA O 113 13.00 -62.81 11.66
C ALA O 113 13.99 -61.69 11.43
N SER O 114 13.64 -60.47 11.87
CA SER O 114 14.55 -59.34 11.88
C SER O 114 15.01 -58.97 13.28
N ASN O 115 14.51 -59.68 14.30
CA ASN O 115 14.98 -59.56 15.67
C ASN O 115 15.24 -60.98 16.12
N ILE O 116 16.45 -61.25 16.63
CA ILE O 116 16.82 -62.63 16.95
C ILE O 116 15.90 -63.26 17.98
N ASN O 117 15.18 -62.45 18.76
CA ASN O 117 14.26 -62.90 19.79
C ASN O 117 12.84 -63.12 19.29
N THR O 118 12.58 -62.95 17.99
CA THR O 118 11.23 -62.97 17.42
CA THR O 118 11.23 -62.99 17.43
C THR O 118 11.08 -64.13 16.45
N ARG O 119 9.87 -64.69 16.40
CA ARG O 119 9.56 -65.78 15.49
C ARG O 119 9.67 -65.31 14.05
N ALA O 120 10.18 -66.17 13.17
CA ALA O 120 9.96 -66.03 11.75
C ALA O 120 8.64 -66.67 11.36
N SER O 121 8.01 -66.14 10.31
CA SER O 121 6.69 -66.60 9.89
C SER O 121 6.56 -66.51 8.37
N VAL O 122 5.67 -67.35 7.83
CA VAL O 122 5.33 -67.32 6.42
C VAL O 122 4.14 -68.25 6.23
N GLY O 123 3.46 -68.14 5.08
CA GLY O 123 2.39 -69.06 4.72
C GLY O 123 2.13 -69.04 3.24
N TYR O 124 1.22 -69.91 2.80
CA TYR O 124 0.80 -69.93 1.40
C TYR O 124 -0.66 -70.36 1.32
N ARG O 125 -1.32 -69.87 0.27
CA ARG O 125 -2.72 -70.15 -0.01
C ARG O 125 -2.81 -71.13 -1.16
N ILE O 126 -3.74 -72.07 -1.05
CA ILE O 126 -4.01 -73.05 -2.10
C ILE O 126 -5.08 -72.48 -3.02
N PRO O 127 -4.87 -72.47 -4.33
CA PRO O 127 -5.90 -71.94 -5.23
C PRO O 127 -7.09 -72.89 -5.33
N THR O 128 -8.25 -72.32 -5.68
CA THR O 128 -9.48 -73.10 -5.75
C THR O 128 -9.31 -74.38 -6.56
N ASN O 129 -8.59 -74.30 -7.67
CA ASN O 129 -8.41 -75.46 -8.55
C ASN O 129 -7.55 -76.57 -7.95
N LEU O 130 -6.86 -76.31 -6.83
CA LEU O 130 -6.06 -77.32 -6.14
C LEU O 130 -6.60 -77.65 -4.75
N ARG O 131 -7.88 -77.33 -4.48
CA ARG O 131 -8.52 -77.60 -3.19
C ARG O 131 -9.34 -78.88 -3.25
N GLN O 132 -8.66 -80.01 -3.18
CA GLN O 132 -9.30 -81.31 -3.14
C GLN O 132 -9.01 -81.94 -1.78
N ASN O 133 -9.54 -83.12 -1.57
CA ASN O 133 -9.44 -83.77 -0.27
C ASN O 133 -8.09 -84.43 -0.09
N THR O 134 -7.68 -84.57 1.16
CA THR O 134 -6.50 -85.33 1.52
C THR O 134 -6.84 -86.17 2.74
N VAL O 135 -6.17 -87.31 2.85
CA VAL O 135 -6.43 -88.24 3.96
C VAL O 135 -5.18 -88.33 4.82
N ALA O 136 -5.23 -89.15 5.86
CA ALA O 136 -4.16 -89.22 6.85
C ALA O 136 -2.81 -89.57 6.21
N ALA O 137 -2.81 -90.53 5.28
CA ALA O 137 -1.58 -90.97 4.65
C ALA O 137 -0.95 -89.92 3.76
N ASP O 138 -1.62 -88.82 3.50
CA ASP O 138 -1.08 -87.77 2.66
C ASP O 138 -0.24 -86.79 3.48
N ASN O 139 0.55 -86.01 2.75
CA ASN O 139 1.33 -84.92 3.33
C ASN O 139 0.87 -83.59 2.75
N VAL O 140 0.97 -82.55 3.58
CA VAL O 140 0.51 -81.21 3.20
C VAL O 140 1.62 -80.41 2.56
N CYS O 141 2.80 -80.41 3.19
CA CYS O 141 3.91 -79.56 2.75
C CYS O 141 5.18 -80.03 3.45
N GLU O 142 6.32 -79.55 2.93
CA GLU O 142 7.58 -79.72 3.62
C GLU O 142 7.92 -78.46 4.41
N VAL O 143 8.61 -78.63 5.53
CA VAL O 143 9.01 -77.53 6.39
C VAL O 143 10.53 -77.60 6.56
N ARG O 144 11.20 -76.46 6.40
CA ARG O 144 12.61 -76.33 6.74
C ARG O 144 12.76 -75.12 7.66
N SER O 145 13.72 -75.19 8.58
CA SER O 145 13.93 -74.14 9.57
C SER O 145 15.26 -74.37 10.29
N ASN O 146 15.84 -73.28 10.80
CA ASN O 146 16.99 -73.41 11.68
C ASN O 146 16.57 -73.56 13.14
N CYS O 147 15.28 -73.69 13.38
CA CYS O 147 14.73 -73.89 14.72
C CYS O 147 14.18 -75.31 14.80
N ARG O 148 14.28 -75.89 15.99
CA ARG O 148 13.98 -77.31 16.16
CA ARG O 148 13.97 -77.31 16.17
C ARG O 148 12.48 -77.61 16.09
N GLN O 149 11.62 -76.62 16.30
CA GLN O 149 10.18 -76.82 16.23
CA GLN O 149 10.19 -76.81 16.25
C GLN O 149 9.56 -75.69 15.42
N VAL O 150 8.51 -76.03 14.69
CA VAL O 150 7.72 -75.09 13.89
C VAL O 150 6.26 -75.23 14.31
N ALA O 151 5.62 -74.09 14.58
CA ALA O 151 4.19 -74.04 14.89
C ALA O 151 3.42 -73.75 13.61
N LEU O 152 2.40 -74.56 13.36
CA LEU O 152 1.58 -74.45 12.15
CA LEU O 152 1.59 -74.42 12.15
C LEU O 152 0.14 -74.10 12.51
N VAL O 153 -0.48 -73.26 11.69
CA VAL O 153 -1.91 -72.99 11.75
C VAL O 153 -2.44 -73.21 10.34
N ILE O 154 -3.24 -74.25 10.17
CA ILE O 154 -3.72 -74.65 8.86
C ILE O 154 -5.22 -74.36 8.78
N SER O 155 -5.61 -73.58 7.79
CA SER O 155 -7.01 -73.32 7.49
CA SER O 155 -7.01 -73.33 7.49
C SER O 155 -7.51 -74.40 6.53
N CYS O 156 -8.58 -75.08 6.92
CA CYS O 156 -9.06 -76.25 6.17
C CYS O 156 -10.55 -76.44 6.43
N CYS O 157 -11.14 -77.30 5.62
N CYS O 157 -11.16 -77.29 5.62
CA CYS O 157 -12.56 -77.65 5.71
CA CYS O 157 -12.57 -77.61 5.79
C CYS O 157 -12.67 -79.15 5.92
C CYS O 157 -12.70 -79.13 5.92
N PHE O 158 -12.98 -79.58 7.13
CA PHE O 158 -13.17 -80.99 7.40
C PHE O 158 -14.48 -81.46 6.79
N ASN O 159 -14.45 -82.61 6.12
CA ASN O 159 -15.65 -83.18 5.52
C ASN O 159 -15.55 -84.68 5.43
N ASN P 16 -15.87 -30.98 36.82
CA ASN P 16 -14.54 -31.55 36.58
C ASN P 16 -14.21 -32.56 37.66
N SER P 17 -13.02 -33.17 37.55
CA SER P 17 -12.61 -34.22 38.47
C SER P 17 -12.54 -33.68 39.89
N ASN P 18 -12.90 -34.53 40.85
CA ASN P 18 -12.74 -34.25 42.27
C ASN P 18 -11.74 -35.13 42.97
N VAL P 19 -11.26 -36.22 42.34
CA VAL P 19 -10.25 -37.09 42.93
C VAL P 19 -9.19 -37.41 41.89
N VAL P 20 -8.16 -38.13 42.31
CA VAL P 20 -7.02 -38.46 41.46
C VAL P 20 -7.42 -39.51 40.43
N THR P 21 -6.86 -39.40 39.24
CA THR P 21 -7.17 -40.31 38.16
C THR P 21 -5.90 -40.82 37.51
N MET P 22 -5.98 -42.05 36.99
CA MET P 22 -4.82 -42.70 36.42
CA MET P 22 -4.84 -42.72 36.40
C MET P 22 -4.42 -42.05 35.09
N ILE P 23 -3.11 -41.94 34.88
CA ILE P 23 -2.53 -41.48 33.63
C ILE P 23 -1.88 -42.67 32.95
N ARG P 24 -2.37 -43.02 31.77
CA ARG P 24 -1.83 -44.16 31.03
C ARG P 24 -0.56 -43.75 30.29
N ALA P 25 0.50 -43.56 31.07
CA ALA P 25 1.80 -43.14 30.54
C ALA P 25 2.38 -44.17 29.58
N GLY P 26 3.21 -43.68 28.67
CA GLY P 26 3.90 -44.53 27.72
C GLY P 26 5.38 -44.64 28.00
N SER P 27 6.20 -44.42 26.98
CA SER P 27 7.65 -44.52 27.10
CA SER P 27 7.64 -44.53 27.11
C SER P 27 8.24 -43.25 27.70
N TYR P 28 9.44 -43.37 28.26
CA TYR P 28 10.08 -42.23 28.90
C TYR P 28 10.27 -41.10 27.89
N PRO P 29 9.82 -39.89 28.20
CA PRO P 29 9.87 -38.80 27.21
C PRO P 29 11.26 -38.18 27.15
N LYS P 30 11.46 -37.34 26.13
CA LYS P 30 12.59 -36.44 26.15
C LYS P 30 12.39 -35.47 27.30
N VAL P 31 13.47 -35.22 28.05
CA VAL P 31 13.43 -34.37 29.23
C VAL P 31 14.55 -33.33 29.14
N ASN P 32 14.46 -32.31 30.01
CA ASN P 32 15.46 -31.23 30.10
C ASN P 32 15.33 -30.55 31.45
N PRO P 33 16.23 -30.83 32.40
CA PRO P 33 16.12 -30.20 33.73
C PRO P 33 16.46 -28.73 33.73
N THR P 34 17.09 -28.20 32.70
CA THR P 34 17.61 -26.84 32.72
C THR P 34 17.17 -26.10 31.47
N PRO P 35 15.88 -25.76 31.39
CA PRO P 35 15.34 -25.16 30.17
C PRO P 35 15.57 -23.66 30.09
N THR P 36 15.24 -23.13 28.91
CA THR P 36 15.29 -21.69 28.68
C THR P 36 14.15 -20.99 29.40
N TRP P 37 14.16 -19.66 29.37
CA TRP P 37 13.17 -18.86 30.09
C TRP P 37 13.11 -17.47 29.47
N VAL P 38 11.95 -17.13 28.95
CA VAL P 38 11.67 -15.80 28.42
C VAL P 38 11.18 -14.91 29.56
N ARG P 39 11.82 -13.75 29.73
CA ARG P 39 11.68 -12.94 30.93
C ARG P 39 11.68 -11.46 30.59
N ALA P 40 11.13 -10.67 31.53
CA ALA P 40 11.26 -9.22 31.51
C ALA P 40 11.83 -8.83 32.87
N ILE P 41 13.09 -8.41 32.88
CA ILE P 41 13.87 -8.28 34.11
C ILE P 41 13.94 -6.80 34.49
N PRO P 42 13.49 -6.43 35.68
CA PRO P 42 13.55 -5.03 36.09
C PRO P 42 14.66 -4.76 37.10
N PHE P 43 15.55 -3.81 36.79
CA PHE P 43 16.59 -3.40 37.71
C PHE P 43 16.95 -1.95 37.42
N GLU P 44 17.64 -1.32 38.37
CA GLU P 44 18.00 0.08 38.29
C GLU P 44 19.52 0.24 38.22
N VAL P 45 19.96 1.30 37.55
CA VAL P 45 21.37 1.64 37.44
C VAL P 45 21.54 3.09 37.84
N SER P 46 22.72 3.41 38.39
CA SER P 46 23.08 4.78 38.74
C SER P 46 23.66 5.50 37.53
N VAL P 47 23.28 6.78 37.37
CA VAL P 47 23.61 7.57 36.19
C VAL P 47 24.17 8.89 36.67
N GLN P 48 25.19 9.38 35.99
CA GLN P 48 25.87 10.61 36.38
C GLN P 48 25.67 11.66 35.31
N SER P 49 25.78 12.93 35.70
CA SER P 49 25.53 14.04 34.80
C SER P 49 26.51 14.05 33.63
N GLY P 50 25.98 14.04 32.42
CA GLY P 50 26.79 14.07 31.21
C GLY P 50 27.63 12.84 30.95
N ILE P 51 27.39 11.74 31.65
CA ILE P 51 28.23 10.56 31.55
C ILE P 51 27.36 9.37 31.18
N ALA P 52 27.87 8.53 30.28
CA ALA P 52 27.19 7.32 29.84
C ALA P 52 27.53 6.12 30.72
N PHE P 53 26.50 5.49 31.28
CA PHE P 53 26.66 4.27 32.07
C PHE P 53 26.47 3.05 31.17
N LYS P 54 27.48 2.18 31.12
CA LYS P 54 27.36 0.94 30.35
C LYS P 54 26.65 -0.11 31.20
N VAL P 55 25.53 -0.61 30.69
CA VAL P 55 24.70 -1.56 31.45
C VAL P 55 25.31 -2.95 31.30
N PRO P 56 25.82 -3.56 32.37
CA PRO P 56 26.44 -4.89 32.25
C PRO P 56 25.40 -6.00 32.18
N VAL P 57 25.70 -6.99 31.34
CA VAL P 57 24.81 -8.13 31.23
C VAL P 57 24.80 -8.91 32.52
N GLY P 58 25.91 -8.93 33.24
CA GLY P 58 25.98 -9.65 34.49
C GLY P 58 24.89 -9.29 35.48
N SER P 59 24.31 -8.10 35.32
CA SER P 59 23.23 -7.68 36.18
CA SER P 59 23.24 -7.68 36.19
C SER P 59 21.97 -8.50 35.97
N LEU P 60 21.90 -9.24 34.86
CA LEU P 60 20.72 -10.04 34.56
C LEU P 60 20.76 -11.44 35.19
N PHE P 61 21.92 -11.90 35.62
CA PHE P 61 22.05 -13.18 36.30
C PHE P 61 22.10 -12.93 37.80
N SER P 62 21.03 -13.29 38.50
CA SER P 62 20.99 -13.06 39.94
C SER P 62 19.91 -13.92 40.57
N ALA P 63 20.21 -14.44 41.76
CA ALA P 63 19.17 -15.07 42.55
C ALA P 63 17.95 -14.16 42.74
N ASN P 64 18.15 -12.84 42.71
CA ASN P 64 17.02 -11.93 42.84
C ASN P 64 16.04 -12.03 41.67
N PHE P 65 16.46 -12.67 40.57
CA PHE P 65 15.63 -12.86 39.39
C PHE P 65 15.34 -14.33 39.11
N ARG P 66 15.76 -15.25 39.98
CA ARG P 66 15.69 -16.69 39.73
C ARG P 66 16.53 -17.10 38.53
N THR P 67 17.56 -16.30 38.20
CA THR P 67 18.35 -16.50 36.99
C THR P 67 19.82 -16.78 37.26
N ASP P 68 20.21 -17.01 38.51
CA ASP P 68 21.62 -17.22 38.79
C ASP P 68 22.17 -18.52 38.22
N SER P 69 21.33 -19.39 37.64
CA SER P 69 21.80 -20.63 37.03
C SER P 69 22.15 -20.46 35.56
N PHE P 70 21.85 -19.31 34.97
CA PHE P 70 22.18 -19.03 33.59
C PHE P 70 23.48 -18.27 33.50
N THR P 71 24.24 -18.56 32.45
CA THR P 71 25.44 -17.81 32.12
C THR P 71 25.34 -17.04 30.80
N SER P 72 24.28 -17.24 30.02
CA SER P 72 24.07 -16.53 28.77
C SER P 72 22.62 -16.04 28.71
N VAL P 73 22.37 -15.11 27.79
CA VAL P 73 21.04 -14.56 27.59
C VAL P 73 20.99 -13.91 26.22
N THR P 74 19.83 -13.98 25.56
CA THR P 74 19.59 -13.34 24.28
C THR P 74 18.64 -12.17 24.50
N VAL P 75 19.15 -10.94 24.43
CA VAL P 75 18.33 -9.75 24.70
C VAL P 75 17.49 -9.42 23.47
N MET P 76 16.20 -9.19 23.68
CA MET P 76 15.24 -8.88 22.62
C MET P 76 14.93 -7.38 22.53
N SER P 77 14.66 -6.73 23.66
CA SER P 77 14.38 -5.31 23.67
C SER P 77 14.76 -4.73 25.01
N VAL P 78 15.02 -3.43 25.03
CA VAL P 78 15.35 -2.71 26.24
C VAL P 78 14.43 -1.52 26.38
N ARG P 79 13.86 -1.34 27.57
CA ARG P 79 13.08 -0.16 27.90
CA ARG P 79 13.08 -0.17 27.91
C ARG P 79 13.64 0.46 29.18
N ALA P 80 13.63 1.79 29.26
CA ALA P 80 14.23 2.52 30.37
C ALA P 80 13.37 3.70 30.78
N TRP P 81 13.29 3.91 32.09
CA TRP P 81 12.52 5.00 32.69
C TRP P 81 13.41 5.70 33.71
N THR P 82 13.34 7.04 33.77
CA THR P 82 14.03 7.73 34.84
C THR P 82 13.43 7.32 36.19
N GLN P 83 14.27 7.26 37.23
CA GLN P 83 13.89 6.67 38.50
C GLN P 83 13.91 7.67 39.64
N LEU P 84 14.54 8.82 39.45
CA LEU P 84 14.55 9.86 40.48
C LEU P 84 14.23 11.20 39.81
N THR P 85 13.83 12.18 40.61
CA THR P 85 13.42 13.47 40.05
C THR P 85 14.58 14.14 39.30
N PRO P 86 14.26 15.01 38.35
CA PRO P 86 15.33 15.70 37.58
C PRO P 86 15.84 16.89 38.36
N PRO P 87 16.88 17.53 37.85
CA PRO P 87 17.37 18.77 38.47
C PRO P 87 16.34 19.88 38.43
N VAL P 88 16.56 20.89 39.28
CA VAL P 88 15.62 22.00 39.37
C VAL P 88 15.47 22.66 38.01
N ASN P 89 14.24 23.03 37.66
CA ASN P 89 13.86 23.73 36.45
C ASN P 89 13.81 22.81 35.25
N GLU P 90 14.17 21.54 35.38
CA GLU P 90 14.31 20.67 34.22
C GLU P 90 13.19 19.63 34.14
N TYR P 91 12.96 19.12 32.93
CA TYR P 91 12.18 17.91 32.66
C TYR P 91 13.15 16.75 32.51
N SER P 92 12.77 15.57 33.02
CA SER P 92 13.59 14.38 32.88
C SER P 92 13.80 14.03 31.41
N PHE P 93 14.94 13.39 31.13
CA PHE P 93 15.20 12.74 29.86
C PHE P 93 16.00 11.47 30.11
N VAL P 94 15.98 10.58 29.13
CA VAL P 94 16.78 9.37 29.15
C VAL P 94 17.10 9.02 27.71
N ARG P 95 18.33 8.53 27.49
CA ARG P 95 18.81 8.09 26.19
C ARG P 95 19.38 6.68 26.30
N LEU P 96 19.28 5.93 25.21
CA LEU P 96 19.85 4.59 25.14
C LEU P 96 20.65 4.47 23.84
N LYS P 97 21.87 3.95 23.95
CA LYS P 97 22.69 3.63 22.78
CA LYS P 97 22.69 3.63 22.78
C LYS P 97 22.94 2.13 22.73
N PRO P 98 22.45 1.42 21.72
CA PRO P 98 22.66 -0.02 21.66
C PRO P 98 24.14 -0.34 21.50
N LEU P 99 24.58 -1.36 22.24
CA LEU P 99 25.95 -1.89 22.16
C LEU P 99 25.90 -3.31 21.65
N PHE P 100 26.89 -3.68 20.85
CA PHE P 100 26.93 -5.01 20.26
C PHE P 100 28.38 -5.45 20.15
N LYS P 101 28.64 -6.73 20.43
CA LYS P 101 30.00 -7.27 20.33
C LYS P 101 30.56 -7.17 18.91
N THR P 102 29.70 -7.32 17.90
CA THR P 102 30.16 -7.22 16.52
C THR P 102 30.23 -5.78 16.05
N GLY P 103 29.79 -4.82 16.85
CA GLY P 103 29.95 -3.41 16.54
C GLY P 103 28.90 -2.56 17.22
N ASP P 104 29.31 -1.52 17.93
CA ASP P 104 28.36 -0.69 18.67
C ASP P 104 27.66 0.30 17.75
N SER P 105 26.45 0.67 18.13
CA SER P 105 25.68 1.65 17.38
CA SER P 105 25.66 1.65 17.40
C SER P 105 25.97 3.05 17.90
N THR P 106 25.56 4.05 17.12
CA THR P 106 25.65 5.45 17.51
C THR P 106 24.29 6.11 17.63
N GLU P 107 23.21 5.32 17.59
CA GLU P 107 21.87 5.84 17.83
C GLU P 107 21.75 6.22 19.30
N GLU P 108 21.03 7.30 19.57
CA GLU P 108 20.74 7.74 20.93
C GLU P 108 19.22 7.92 21.06
N PHE P 109 18.50 6.81 21.06
CA PHE P 109 17.06 6.87 21.25
C PHE P 109 16.75 7.63 22.54
N GLU P 110 15.86 8.63 22.46
CA GLU P 110 15.66 9.51 23.60
C GLU P 110 14.18 9.78 23.85
N GLY P 111 13.82 9.85 25.12
CA GLY P 111 12.52 10.33 25.51
C GLY P 111 12.68 11.39 26.57
N ARG P 112 11.75 12.34 26.57
CA ARG P 112 11.72 13.38 27.58
C ARG P 112 10.33 13.42 28.22
N ALA P 113 10.29 13.87 29.46
CA ALA P 113 9.02 14.11 30.13
C ALA P 113 8.41 15.43 29.68
N SER P 114 7.09 15.46 29.56
CA SER P 114 6.39 16.71 29.32
C SER P 114 5.79 17.28 30.60
N ASN P 115 5.97 16.62 31.73
CA ASN P 115 5.59 17.15 33.05
C ASN P 115 6.77 16.87 33.98
N ILE P 116 7.20 17.89 34.74
CA ILE P 116 8.44 17.77 35.50
C ILE P 116 8.32 16.69 36.55
N ASN P 117 7.10 16.35 36.96
CA ASN P 117 6.91 15.35 37.99
C ASN P 117 6.78 13.93 37.43
N THR P 118 7.03 13.74 36.14
CA THR P 118 6.75 12.49 35.46
CA THR P 118 6.75 12.48 35.47
C THR P 118 8.03 11.87 34.92
N ARG P 119 8.05 10.54 34.85
CA ARG P 119 9.22 9.85 34.33
C ARG P 119 9.36 10.10 32.83
N ALA P 120 10.61 10.17 32.38
CA ALA P 120 10.91 10.07 30.96
C ALA P 120 11.16 8.61 30.62
N SER P 121 10.90 8.24 29.36
CA SER P 121 10.99 6.83 29.01
C SER P 121 11.32 6.67 27.53
N VAL P 122 11.96 5.55 27.20
CA VAL P 122 12.25 5.20 25.82
C VAL P 122 12.72 3.75 25.81
N GLY P 123 12.71 3.13 24.64
CA GLY P 123 13.28 1.80 24.49
C GLY P 123 13.72 1.58 23.06
N TYR P 124 14.32 0.41 22.82
CA TYR P 124 14.67 -0.02 21.47
C TYR P 124 14.57 -1.54 21.37
N ARG P 125 14.22 -1.99 20.18
CA ARG P 125 14.11 -3.40 19.85
C ARG P 125 15.35 -3.84 19.06
N ILE P 126 15.86 -5.03 19.39
CA ILE P 126 16.98 -5.61 18.65
C ILE P 126 16.42 -6.45 17.52
N PRO P 127 16.88 -6.27 16.28
CA PRO P 127 16.36 -7.07 15.18
C PRO P 127 16.83 -8.52 15.28
N THR P 128 16.05 -9.41 14.66
CA THR P 128 16.35 -10.84 14.75
C THR P 128 17.79 -11.12 14.37
N ASN P 129 18.29 -10.47 13.32
CA ASN P 129 19.65 -10.74 12.85
C ASN P 129 20.72 -10.36 13.86
N LEU P 130 20.37 -9.63 14.94
CA LEU P 130 21.35 -9.22 15.93
C LEU P 130 21.07 -9.80 17.30
N ARG P 131 20.20 -10.82 17.38
CA ARG P 131 19.86 -11.47 18.63
C ARG P 131 20.73 -12.71 18.83
N GLN P 132 21.96 -12.48 19.23
CA GLN P 132 22.83 -13.55 19.70
C GLN P 132 22.96 -13.46 21.21
N ASN P 133 23.81 -14.32 21.78
CA ASN P 133 23.99 -14.36 23.22
C ASN P 133 24.97 -13.31 23.72
N THR P 134 24.78 -12.89 24.97
CA THR P 134 25.74 -12.07 25.70
C THR P 134 26.04 -12.73 27.04
N VAL P 135 27.27 -12.53 27.52
CA VAL P 135 27.69 -13.09 28.80
C VAL P 135 27.94 -11.97 29.81
N ALA P 136 28.31 -12.37 31.03
CA ALA P 136 28.32 -11.45 32.15
C ALA P 136 29.19 -10.24 31.85
N ALA P 137 30.32 -10.46 31.19
CA ALA P 137 31.31 -9.41 30.96
C ALA P 137 30.91 -8.44 29.86
N ASP P 138 29.80 -8.69 29.17
CA ASP P 138 29.34 -7.83 28.09
C ASP P 138 28.45 -6.71 28.62
N ASN P 139 28.22 -5.72 27.76
CA ASN P 139 27.35 -4.58 28.05
C ASN P 139 26.23 -4.55 27.03
N VAL P 140 25.01 -4.29 27.51
CA VAL P 140 23.82 -4.24 26.66
C VAL P 140 23.71 -2.91 25.93
N CYS P 141 23.88 -1.80 26.65
CA CYS P 141 23.63 -0.48 26.08
C CYS P 141 24.18 0.57 27.04
N GLU P 142 24.27 1.78 26.54
CA GLU P 142 24.66 2.93 27.35
C GLU P 142 23.41 3.73 27.70
N VAL P 143 23.35 4.21 28.94
CA VAL P 143 22.23 4.99 29.43
C VAL P 143 22.76 6.38 29.76
N ARG P 144 22.05 7.41 29.31
CA ARG P 144 22.32 8.78 29.71
C ARG P 144 21.05 9.42 30.27
N SER P 145 21.20 10.28 31.27
CA SER P 145 20.04 10.96 31.83
C SER P 145 20.50 12.15 32.65
N ASN P 146 19.57 13.08 32.88
CA ASN P 146 19.75 14.12 33.88
C ASN P 146 19.22 13.71 35.25
N CYS P 147 18.80 12.46 35.40
CA CYS P 147 18.37 11.91 36.68
C CYS P 147 19.42 10.92 37.16
N ARG P 148 19.56 10.82 38.49
CA ARG P 148 20.65 10.05 39.05
C ARG P 148 20.41 8.56 39.01
N GLN P 149 19.19 8.12 38.71
CA GLN P 149 18.90 6.71 38.58
CA GLN P 149 18.90 6.71 38.58
C GLN P 149 17.98 6.47 37.39
N VAL P 150 18.15 5.32 36.76
CA VAL P 150 17.29 4.88 35.67
C VAL P 150 16.80 3.48 36.01
N ALA P 151 15.52 3.22 35.76
CA ALA P 151 14.93 1.90 35.90
C ALA P 151 14.82 1.27 34.52
N LEU P 152 15.33 0.05 34.39
CA LEU P 152 15.32 -0.69 33.12
CA LEU P 152 15.29 -0.67 33.12
C LEU P 152 14.40 -1.90 33.22
N VAL P 153 13.72 -2.21 32.12
CA VAL P 153 12.96 -3.44 31.97
C VAL P 153 13.45 -4.11 30.69
N ILE P 154 14.18 -5.20 30.84
CA ILE P 154 14.85 -5.81 29.69
C ILE P 154 14.14 -7.11 29.38
N SER P 155 13.63 -7.22 28.15
CA SER P 155 13.00 -8.44 27.65
CA SER P 155 13.00 -8.44 27.65
C SER P 155 14.07 -9.31 27.00
N CYS P 156 14.21 -10.54 27.49
CA CYS P 156 15.33 -11.38 27.07
C CYS P 156 14.98 -12.85 27.19
N CYS P 157 15.81 -13.69 26.54
N CYS P 157 15.82 -13.68 26.59
CA CYS P 157 15.66 -15.13 26.57
CA CYS P 157 15.65 -15.13 26.57
C CYS P 157 16.90 -15.70 27.27
C CYS P 157 16.87 -15.76 27.24
N PHE P 158 16.71 -16.22 28.48
CA PHE P 158 17.79 -16.88 29.19
C PHE P 158 17.96 -18.28 28.65
N ASN P 159 19.21 -18.68 28.43
CA ASN P 159 19.51 -19.99 27.88
C ASN P 159 20.89 -20.46 28.31
N ASN T 16 -47.64 0.42 38.41
CA ASN T 16 -47.38 -0.56 39.47
C ASN T 16 -48.34 -0.36 40.64
N SER T 17 -48.41 -1.36 41.53
CA SER T 17 -49.36 -1.31 42.64
C SER T 17 -49.00 -0.19 43.60
N ASN T 18 -50.02 0.49 44.11
CA ASN T 18 -49.83 1.53 45.11
C ASN T 18 -50.19 1.07 46.52
N VAL T 19 -50.78 -0.11 46.67
CA VAL T 19 -51.20 -0.58 47.99
C VAL T 19 -50.58 -1.94 48.26
N VAL T 20 -50.57 -2.32 49.54
CA VAL T 20 -50.15 -3.66 49.94
C VAL T 20 -51.04 -4.68 49.26
N THR T 21 -50.46 -5.84 48.96
CA THR T 21 -51.16 -6.90 48.24
C THR T 21 -50.88 -8.26 48.87
N MET T 22 -51.88 -9.15 48.80
CA MET T 22 -51.73 -10.45 49.44
CA MET T 22 -51.76 -10.47 49.42
C MET T 22 -50.67 -11.30 48.76
N ILE T 23 -49.97 -12.08 49.57
CA ILE T 23 -48.95 -13.03 49.10
C ILE T 23 -49.43 -14.42 49.46
N ARG T 24 -49.62 -15.26 48.45
CA ARG T 24 -50.19 -16.58 48.66
C ARG T 24 -49.06 -17.55 49.02
N ALA T 25 -48.59 -17.42 50.26
CA ALA T 25 -47.45 -18.20 50.74
C ALA T 25 -47.80 -19.68 50.83
N GLY T 26 -46.77 -20.52 50.71
CA GLY T 26 -46.97 -21.93 50.84
C GLY T 26 -46.34 -22.52 52.09
N SER T 27 -45.55 -23.56 51.94
CA SER T 27 -44.90 -24.18 53.08
CA SER T 27 -44.91 -24.17 53.09
C SER T 27 -43.74 -23.31 53.58
N TYR T 28 -43.28 -23.61 54.79
CA TYR T 28 -42.16 -22.87 55.34
C TYR T 28 -40.90 -23.18 54.53
N PRO T 29 -40.17 -22.16 54.09
CA PRO T 29 -39.03 -22.41 53.22
C PRO T 29 -37.76 -22.70 54.01
N LYS T 30 -36.72 -23.13 53.29
CA LYS T 30 -35.39 -23.21 53.88
C LYS T 30 -34.94 -21.79 54.20
N VAL T 31 -34.25 -21.63 55.33
CA VAL T 31 -33.79 -20.33 55.79
C VAL T 31 -32.35 -20.46 56.29
N ASN T 32 -31.71 -19.33 56.45
CA ASN T 32 -30.38 -19.25 57.02
C ASN T 32 -30.18 -17.86 57.62
N PRO T 33 -30.15 -17.72 58.95
CA PRO T 33 -29.94 -16.40 59.56
C PRO T 33 -28.55 -15.82 59.38
N THR T 34 -27.52 -16.63 59.09
CA THR T 34 -26.13 -16.16 59.04
C THR T 34 -25.52 -16.55 57.70
N PRO T 35 -25.87 -15.86 56.62
CA PRO T 35 -25.40 -16.26 55.29
C PRO T 35 -24.00 -15.73 55.02
N THR T 36 -23.46 -16.18 53.89
CA THR T 36 -22.17 -15.72 53.41
C THR T 36 -22.31 -14.31 52.83
N TRP T 37 -21.18 -13.71 52.44
CA TRP T 37 -21.20 -12.32 51.96
C TRP T 37 -19.94 -12.07 51.16
N VAL T 38 -20.10 -11.80 49.85
CA VAL T 38 -18.99 -11.39 49.00
C VAL T 38 -18.77 -9.90 49.19
N ARG T 39 -17.51 -9.51 49.45
CA ARG T 39 -17.22 -8.16 49.90
C ARG T 39 -15.92 -7.66 49.27
N ALA T 40 -15.77 -6.34 49.24
CA ALA T 40 -14.53 -5.68 48.87
C ALA T 40 -14.17 -4.76 50.05
N ILE T 41 -13.17 -5.16 50.82
CA ILE T 41 -12.89 -4.57 52.13
C ILE T 41 -11.71 -3.61 52.01
N PRO T 42 -11.88 -2.33 52.30
CA PRO T 42 -10.74 -1.42 52.26
C PRO T 42 -10.18 -1.10 53.64
N PHE T 43 -8.88 -1.31 53.84
CA PHE T 43 -8.23 -0.92 55.08
C PHE T 43 -6.77 -0.58 54.82
N GLU T 44 -6.14 0.08 55.79
CA GLU T 44 -4.78 0.56 55.61
C GLU T 44 -3.83 -0.17 56.56
N VAL T 45 -2.57 -0.28 56.15
CA VAL T 45 -1.53 -0.85 56.99
C VAL T 45 -0.34 0.11 57.00
N SER T 46 0.41 0.10 58.09
CA SER T 46 1.66 0.85 58.19
C SER T 46 2.80 -0.02 57.66
N VAL T 47 3.73 0.61 56.96
CA VAL T 47 4.87 -0.06 56.35
C VAL T 47 6.15 0.67 56.74
N GLN T 48 7.19 -0.09 57.05
CA GLN T 48 8.51 0.45 57.41
C GLN T 48 9.49 0.33 56.25
N SER T 49 10.41 1.29 56.17
CA SER T 49 11.40 1.27 55.09
C SER T 49 12.26 0.01 55.16
N GLY T 50 12.31 -0.73 54.04
CA GLY T 50 13.14 -1.91 53.94
C GLY T 50 12.63 -3.13 54.68
N ILE T 51 11.43 -3.07 55.26
CA ILE T 51 10.86 -4.16 56.03
C ILE T 51 9.54 -4.60 55.40
N ALA T 52 9.30 -5.90 55.41
CA ALA T 52 8.04 -6.47 54.95
C ALA T 52 7.06 -6.51 56.11
N PHE T 53 5.80 -6.15 55.81
CA PHE T 53 4.72 -6.19 56.78
CA PHE T 53 4.71 -6.18 56.78
C PHE T 53 3.76 -7.31 56.42
N LYS T 54 3.59 -8.26 57.34
CA LYS T 54 2.63 -9.34 57.17
CA LYS T 54 2.63 -9.34 57.17
C LYS T 54 1.23 -8.83 57.46
N VAL T 55 0.36 -8.87 56.45
CA VAL T 55 -1.01 -8.37 56.57
C VAL T 55 -1.86 -9.42 57.29
N PRO T 56 -2.37 -9.14 58.48
CA PRO T 56 -3.18 -10.14 59.20
C PRO T 56 -4.62 -10.24 58.68
N VAL T 57 -5.11 -11.48 58.59
CA VAL T 57 -6.46 -11.72 58.12
C VAL T 57 -7.46 -11.19 59.15
N GLY T 58 -7.04 -11.08 60.40
CA GLY T 58 -7.94 -10.59 61.43
C GLY T 58 -8.45 -9.18 61.14
N SER T 59 -7.71 -8.41 60.36
CA SER T 59 -8.15 -7.06 60.04
CA SER T 59 -8.15 -7.06 60.04
C SER T 59 -9.43 -7.05 59.23
N LEU T 60 -9.84 -8.19 58.69
CA LEU T 60 -11.02 -8.28 57.86
C LEU T 60 -12.30 -8.49 58.65
N PHE T 61 -12.19 -8.96 59.89
CA PHE T 61 -13.33 -9.11 60.77
C PHE T 61 -13.43 -7.87 61.66
N SER T 62 -14.50 -7.10 61.52
CA SER T 62 -14.64 -5.87 62.30
C SER T 62 -16.04 -5.32 62.11
N ALA T 63 -16.60 -4.74 63.17
CA ALA T 63 -17.84 -4.01 63.05
C ALA T 63 -17.72 -2.83 62.09
N ASN T 64 -16.50 -2.34 61.84
CA ASN T 64 -16.30 -1.28 60.86
C ASN T 64 -16.66 -1.72 59.45
N PHE T 65 -16.64 -3.03 59.18
CA PHE T 65 -17.03 -3.58 57.89
C PHE T 65 -18.31 -4.38 57.96
N ARG T 66 -18.96 -4.45 59.13
CA ARG T 66 -20.15 -5.27 59.33
C ARG T 66 -19.80 -6.76 59.33
N THR T 67 -18.55 -7.10 59.65
CA THR T 67 -18.08 -8.47 59.54
C THR T 67 -17.58 -9.06 60.87
N ASP T 68 -17.92 -8.47 62.00
CA ASP T 68 -17.46 -9.05 63.26
C ASP T 68 -18.12 -10.38 63.59
N SER T 69 -19.23 -10.75 62.93
CA SER T 69 -19.86 -12.03 63.22
C SER T 69 -19.18 -13.19 62.51
N PHE T 70 -18.28 -12.92 61.56
CA PHE T 70 -17.59 -13.97 60.83
C PHE T 70 -16.29 -14.33 61.53
N THR T 71 -15.89 -15.61 61.42
CA THR T 71 -14.60 -16.07 61.90
C THR T 71 -13.70 -16.65 60.82
N SER T 72 -14.20 -16.82 59.59
CA SER T 72 -13.41 -17.31 58.46
C SER T 72 -13.73 -16.48 57.21
N VAL T 73 -12.83 -16.54 56.23
CA VAL T 73 -13.01 -15.79 54.98
C VAL T 73 -12.18 -16.47 53.91
N THR T 74 -12.71 -16.49 52.69
CA THR T 74 -12.04 -17.01 51.51
C THR T 74 -11.61 -15.80 50.67
N VAL T 75 -10.32 -15.51 50.65
CA VAL T 75 -9.82 -14.39 49.87
C VAL T 75 -9.74 -14.77 48.40
N MET T 76 -10.17 -13.85 47.52
CA MET T 76 -10.14 -14.04 46.08
CA MET T 76 -10.13 -14.05 46.08
C MET T 76 -9.05 -13.23 45.40
N SER T 77 -8.84 -11.98 45.81
CA SER T 77 -7.81 -11.17 45.18
C SER T 77 -7.45 -10.04 46.14
N VAL T 78 -6.26 -9.48 45.92
CA VAL T 78 -5.69 -8.46 46.81
C VAL T 78 -5.13 -7.33 45.95
N ARG T 79 -5.58 -6.11 46.19
CA ARG T 79 -5.05 -4.94 45.51
CA ARG T 79 -5.04 -4.94 45.51
C ARG T 79 -4.51 -3.96 46.55
N ALA T 80 -3.41 -3.28 46.22
CA ALA T 80 -2.82 -2.33 47.16
C ALA T 80 -2.44 -1.06 46.43
N TRP T 81 -2.52 0.05 47.16
CA TRP T 81 -2.08 1.37 46.71
C TRP T 81 -1.23 2.01 47.80
N THR T 82 -0.20 2.74 47.41
CA THR T 82 0.48 3.58 48.39
C THR T 82 -0.48 4.63 48.92
N GLN T 83 -0.43 4.89 50.23
CA GLN T 83 -1.40 5.73 50.90
C GLN T 83 -0.82 7.06 51.37
N LEU T 84 0.51 7.23 51.39
CA LEU T 84 1.18 8.48 51.76
C LEU T 84 2.28 8.79 50.74
N THR T 85 2.73 10.04 50.75
CA THR T 85 3.70 10.47 49.76
C THR T 85 5.02 9.73 49.94
N PRO T 86 5.80 9.57 48.87
CA PRO T 86 7.07 8.83 48.97
C PRO T 86 8.19 9.72 49.47
N PRO T 87 9.37 9.14 49.73
CA PRO T 87 10.52 9.96 50.11
C PRO T 87 10.83 11.02 49.07
N VAL T 88 11.61 12.03 49.48
CA VAL T 88 11.99 13.10 48.56
C VAL T 88 12.82 12.53 47.42
N ASN T 89 12.60 13.06 46.21
CA ASN T 89 13.26 12.68 44.96
C ASN T 89 12.80 11.33 44.40
N GLU T 90 11.92 10.60 45.07
CA GLU T 90 11.53 9.25 44.67
C GLU T 90 10.11 9.20 44.10
N TYR T 91 9.86 8.14 43.35
CA TYR T 91 8.50 7.74 42.99
C TYR T 91 8.03 6.61 43.91
N SER T 92 6.72 6.59 44.19
CA SER T 92 6.15 5.55 45.05
C SER T 92 6.29 4.18 44.41
N PHE T 93 6.49 3.16 45.26
CA PHE T 93 6.36 1.78 44.82
C PHE T 93 5.65 0.97 45.90
N VAL T 94 5.11 -0.17 45.49
CA VAL T 94 4.47 -1.10 46.41
C VAL T 94 4.65 -2.52 45.89
N ARG T 95 4.96 -3.46 46.78
CA ARG T 95 5.15 -4.86 46.42
C ARG T 95 4.25 -5.73 47.29
N LEU T 96 3.79 -6.84 46.72
CA LEU T 96 2.97 -7.81 47.42
C LEU T 96 3.52 -9.22 47.22
N LYS T 97 3.65 -9.97 48.30
CA LYS T 97 4.09 -11.36 48.26
CA LYS T 97 4.10 -11.36 48.25
C LYS T 97 3.00 -12.24 48.83
N PRO T 98 2.30 -13.02 48.02
CA PRO T 98 1.23 -13.86 48.56
C PRO T 98 1.75 -14.84 49.59
N LEU T 99 0.96 -15.04 50.66
CA LEU T 99 1.24 -16.02 51.71
C LEU T 99 0.11 -17.04 51.73
N PHE T 100 0.47 -18.29 52.04
CA PHE T 100 -0.47 -19.41 52.03
C PHE T 100 -0.06 -20.38 53.12
N LYS T 101 -1.06 -20.89 53.83
CA LYS T 101 -0.78 -21.80 54.92
C LYS T 101 -0.17 -23.11 54.42
N THR T 102 -0.42 -23.48 53.17
CA THR T 102 0.18 -24.68 52.59
C THR T 102 1.54 -24.42 51.96
N GLY T 103 1.97 -23.17 51.91
CA GLY T 103 3.27 -22.82 51.38
C GLY T 103 3.29 -21.39 50.87
N ASP T 104 4.17 -20.57 51.43
CA ASP T 104 4.28 -19.17 51.01
C ASP T 104 4.90 -19.07 49.62
N SER T 105 4.44 -18.08 48.86
CA SER T 105 5.04 -17.82 47.56
CA SER T 105 5.01 -17.79 47.55
C SER T 105 6.23 -16.89 47.69
N THR T 106 6.98 -16.74 46.59
CA THR T 106 8.12 -15.83 46.54
C THR T 106 7.96 -14.79 45.44
N GLU T 107 6.80 -14.68 44.83
CA GLU T 107 6.55 -13.58 43.90
C GLU T 107 6.49 -12.27 44.67
N GLU T 108 6.98 -11.21 44.02
CA GLU T 108 6.89 -9.85 44.54
C GLU T 108 6.25 -8.95 43.47
N PHE T 109 4.94 -9.10 43.27
CA PHE T 109 4.23 -8.28 42.30
C PHE T 109 4.39 -6.83 42.69
N GLU T 110 4.86 -6.01 41.76
CA GLU T 110 5.25 -4.66 42.10
C GLU T 110 4.63 -3.64 41.16
N GLY T 111 4.22 -2.52 41.72
CA GLY T 111 3.81 -1.40 40.91
C GLY T 111 4.56 -0.18 41.37
N ARG T 112 4.80 0.72 40.42
CA ARG T 112 5.44 1.98 40.68
C ARG T 112 4.63 3.10 40.06
N ALA T 113 4.74 4.28 40.65
CA ALA T 113 4.16 5.47 40.04
C ALA T 113 5.12 6.03 39.00
N SER T 114 4.53 6.64 37.97
CA SER T 114 5.28 7.37 36.95
C SER T 114 5.15 8.88 37.10
N ASN T 115 4.45 9.32 38.14
CA ASN T 115 4.36 10.72 38.55
C ASN T 115 4.54 10.71 40.05
N ILE T 116 5.44 11.57 40.56
CA ILE T 116 5.80 11.53 41.98
C ILE T 116 4.61 11.81 42.90
N ASN T 117 3.58 12.50 42.40
CA ASN T 117 2.41 12.90 43.17
C ASN T 117 1.29 11.86 43.14
N THR T 118 1.54 10.72 42.52
CA THR T 118 0.50 9.73 42.28
CA THR T 118 0.50 9.73 42.29
C THR T 118 0.84 8.44 43.00
N ARG T 119 -0.21 7.70 43.37
CA ARG T 119 -0.06 6.43 44.05
C ARG T 119 0.55 5.41 43.10
N ALA T 120 1.37 4.52 43.66
CA ALA T 120 1.70 3.26 43.01
C ALA T 120 0.68 2.20 43.40
N SER T 121 0.41 1.28 42.46
CA SER T 121 -0.62 0.26 42.70
C SER T 121 -0.24 -1.07 42.05
N VAL T 122 -0.81 -2.14 42.61
CA VAL T 122 -0.64 -3.48 42.06
C VAL T 122 -1.56 -4.40 42.84
N GLY T 123 -1.84 -5.57 42.28
CA GLY T 123 -2.61 -6.59 42.98
C GLY T 123 -2.30 -7.94 42.40
N TYR T 124 -2.87 -8.97 43.03
CA TYR T 124 -2.76 -10.34 42.55
C TYR T 124 -4.07 -11.09 42.77
N ARG T 125 -4.36 -12.01 41.86
CA ARG T 125 -5.52 -12.89 41.97
C ARG T 125 -5.11 -14.27 42.51
N ILE T 126 -5.92 -14.82 43.40
CA ILE T 126 -5.67 -16.15 43.94
C ILE T 126 -6.43 -17.15 43.08
N PRO T 127 -5.78 -18.17 42.54
CA PRO T 127 -6.49 -19.17 41.74
C PRO T 127 -7.51 -19.97 42.54
N THR T 128 -8.51 -20.50 41.81
CA THR T 128 -9.56 -21.29 42.44
C THR T 128 -8.98 -22.37 43.36
N ASN T 129 -7.94 -23.06 42.89
CA ASN T 129 -7.38 -24.15 43.66
C ASN T 129 -6.69 -23.71 44.95
N LEU T 130 -6.43 -22.41 45.12
CA LEU T 130 -5.85 -21.87 46.34
C LEU T 130 -6.85 -21.10 47.21
N ARG T 131 -8.13 -21.11 46.86
CA ARG T 131 -9.12 -20.36 47.63
C ARG T 131 -9.74 -21.24 48.71
N GLN T 132 -9.02 -21.34 49.82
CA GLN T 132 -9.54 -21.95 51.04
C GLN T 132 -9.75 -20.87 52.09
N ASN T 133 -10.15 -21.27 53.29
CA ASN T 133 -10.47 -20.32 54.34
C ASN T 133 -9.24 -19.91 55.13
N THR T 134 -9.26 -18.66 55.62
CA THR T 134 -8.28 -18.17 56.57
C THR T 134 -9.02 -17.60 57.78
N VAL T 135 -8.33 -17.60 58.92
CA VAL T 135 -8.89 -17.09 60.17
C VAL T 135 -8.03 -15.93 60.67
N ALA T 136 -8.37 -15.35 61.83
CA ALA T 136 -7.77 -14.09 62.24
C ALA T 136 -6.25 -14.20 62.39
N ALA T 137 -5.77 -15.34 62.89
CA ALA T 137 -4.33 -15.48 63.15
C ALA T 137 -3.52 -15.70 61.88
N ASP T 138 -4.16 -15.89 60.73
CA ASP T 138 -3.44 -16.08 59.48
C ASP T 138 -3.09 -14.75 58.85
N ASN T 139 -2.18 -14.80 57.88
CA ASN T 139 -1.71 -13.63 57.16
C ASN T 139 -2.03 -13.82 55.69
N VAL T 140 -2.41 -12.72 55.04
CA VAL T 140 -2.81 -12.74 53.63
C VAL T 140 -1.59 -12.61 52.72
N CYS T 141 -0.73 -11.63 52.99
CA CYS T 141 0.41 -11.34 52.14
C CYS T 141 1.37 -10.45 52.91
N GLU T 142 2.55 -10.25 52.33
CA GLU T 142 3.52 -9.29 52.82
C GLU T 142 3.50 -8.06 51.92
N VAL T 143 3.62 -6.88 52.52
CA VAL T 143 3.61 -5.61 51.80
C VAL T 143 4.96 -4.92 52.02
N ARG T 144 5.53 -4.38 50.94
CA ARG T 144 6.73 -3.55 51.00
C ARG T 144 6.52 -2.28 50.18
N SER T 145 7.08 -1.16 50.65
CA SER T 145 6.85 0.11 49.97
C SER T 145 7.87 1.08 50.49
N ASN T 146 8.11 2.15 49.73
CA ASN T 146 8.84 3.30 50.24
C ASN T 146 7.92 4.33 50.89
N CYS T 147 6.63 4.05 50.97
CA CYS T 147 5.69 4.92 51.65
C CYS T 147 5.29 4.27 52.97
N ARG T 148 4.96 5.10 53.96
CA ARG T 148 4.76 4.65 55.33
C ARG T 148 3.39 4.03 55.54
N GLN T 149 2.48 4.15 54.59
CA GLN T 149 1.17 3.55 54.67
CA GLN T 149 1.17 3.56 54.67
C GLN T 149 0.77 3.03 53.29
N VAL T 150 0.00 1.96 53.30
CA VAL T 150 -0.51 1.35 52.08
C VAL T 150 -1.98 1.06 52.29
N ALA T 151 -2.79 1.35 51.28
CA ALA T 151 -4.22 1.11 51.30
C ALA T 151 -4.53 -0.16 50.52
N LEU T 152 -5.24 -1.09 51.15
CA LEU T 152 -5.56 -2.38 50.57
CA LEU T 152 -5.57 -2.36 50.54
C LEU T 152 -7.06 -2.47 50.31
N VAL T 153 -7.41 -3.18 49.23
CA VAL T 153 -8.80 -3.49 48.91
C VAL T 153 -8.81 -4.99 48.60
N ILE T 154 -9.41 -5.78 49.48
CA ILE T 154 -9.34 -7.23 49.38
C ILE T 154 -10.73 -7.76 49.02
N SER T 155 -10.83 -8.42 47.88
CA SER T 155 -12.07 -9.07 47.47
CA SER T 155 -12.07 -9.07 47.47
C SER T 155 -12.14 -10.45 48.11
N CYS T 156 -13.20 -10.70 48.89
CA CYS T 156 -13.26 -11.94 49.66
C CYS T 156 -14.69 -12.41 49.85
N CYS T 157 -14.84 -13.62 50.36
N CYS T 157 -14.85 -13.63 50.35
CA CYS T 157 -16.13 -14.25 50.60
CA CYS T 157 -16.17 -14.20 50.58
C CYS T 157 -16.17 -14.63 52.07
C CYS T 157 -16.23 -14.66 52.03
N PHE T 158 -16.90 -13.87 52.87
CA PHE T 158 -17.03 -14.20 54.27
C PHE T 158 -18.01 -15.35 54.42
N ASN T 159 -17.64 -16.31 55.25
CA ASN T 159 -18.50 -17.44 55.54
C ASN T 159 -18.32 -17.92 56.98
N ASN V 16 -17.71 -20.44 38.80
CA ASN V 16 -18.42 -21.27 39.76
C ASN V 16 -18.40 -20.65 41.14
N SER V 17 -19.27 -21.12 42.02
CA SER V 17 -19.36 -20.58 43.37
C SER V 17 -18.09 -20.88 44.17
N ASN V 18 -17.72 -19.96 45.04
CA ASN V 18 -16.57 -20.15 45.91
C ASN V 18 -16.95 -20.45 47.35
N VAL V 19 -18.24 -20.44 47.71
CA VAL V 19 -18.69 -20.67 49.07
C VAL V 19 -19.75 -21.77 49.10
N VAL V 20 -19.95 -22.34 50.30
CA VAL V 20 -21.03 -23.29 50.50
C VAL V 20 -22.38 -22.64 50.18
N THR V 21 -23.30 -23.44 49.66
CA THR V 21 -24.61 -22.97 49.27
C THR V 21 -25.66 -23.91 49.84
N MET V 22 -26.87 -23.39 50.00
CA MET V 22 -27.96 -24.19 50.53
CA MET V 22 -27.99 -24.17 50.51
C MET V 22 -28.51 -25.14 49.47
N ILE V 23 -28.89 -26.33 49.92
CA ILE V 23 -29.55 -27.34 49.09
C ILE V 23 -30.97 -27.49 49.62
N ARG V 24 -31.96 -27.23 48.78
CA ARG V 24 -33.35 -27.33 49.19
C ARG V 24 -33.80 -28.79 49.10
N ALA V 25 -33.30 -29.57 50.05
CA ALA V 25 -33.65 -30.98 50.13
C ALA V 25 -35.15 -31.17 50.33
N GLY V 26 -35.64 -32.32 49.89
CA GLY V 26 -37.04 -32.69 50.02
C GLY V 26 -37.19 -33.88 50.95
N SER V 27 -37.95 -34.88 50.50
CA SER V 27 -38.19 -36.08 51.31
CA SER V 27 -38.19 -36.06 51.33
C SER V 27 -36.98 -36.98 51.32
N TYR V 28 -36.93 -37.88 52.30
CA TYR V 28 -35.79 -38.78 52.44
C TYR V 28 -35.72 -39.70 51.22
N PRO V 29 -34.56 -39.87 50.59
CA PRO V 29 -34.50 -40.64 49.35
C PRO V 29 -34.40 -42.14 49.59
N LYS V 30 -34.58 -42.91 48.54
CA LYS V 30 -34.13 -44.29 48.57
C LYS V 30 -32.61 -44.29 48.79
N VAL V 31 -32.13 -45.18 49.66
CA VAL V 31 -30.71 -45.29 50.00
C VAL V 31 -30.27 -46.75 49.97
N ASN V 32 -28.97 -46.94 49.91
CA ASN V 32 -28.39 -48.28 49.96
C ASN V 32 -26.96 -48.16 50.47
N PRO V 33 -26.68 -48.54 51.72
CA PRO V 33 -25.30 -48.44 52.23
C PRO V 33 -24.33 -49.42 51.60
N THR V 34 -24.81 -50.52 51.00
CA THR V 34 -23.95 -51.56 50.46
C THR V 34 -24.29 -51.83 49.00
N PRO V 35 -23.90 -50.92 48.11
CA PRO V 35 -24.25 -51.03 46.69
C PRO V 35 -23.32 -52.02 45.96
N THR V 36 -23.65 -52.26 44.68
CA THR V 36 -22.83 -53.08 43.81
C THR V 36 -21.58 -52.30 43.37
N TRP V 37 -20.72 -52.95 42.58
CA TRP V 37 -19.47 -52.35 42.13
C TRP V 37 -18.95 -53.13 40.93
N VAL V 38 -18.83 -52.45 39.78
CA VAL V 38 -18.18 -53.01 38.59
C VAL V 38 -16.68 -52.75 38.68
N ARG V 39 -15.88 -53.81 38.51
CA ARG V 39 -14.46 -53.74 38.82
C ARG V 39 -13.65 -54.48 37.76
N ALA V 40 -12.37 -54.12 37.68
CA ALA V 40 -11.35 -54.89 36.99
C ALA V 40 -10.30 -55.22 38.01
N ILE V 41 -10.26 -56.47 38.44
CA ILE V 41 -9.45 -56.93 39.57
C ILE V 41 -8.19 -57.59 39.05
N PRO V 42 -6.98 -57.09 39.39
CA PRO V 42 -5.73 -57.72 38.95
C PRO V 42 -5.11 -58.59 40.04
N PHE V 43 -4.82 -59.84 39.74
CA PHE V 43 -4.17 -60.72 40.71
C PHE V 43 -3.44 -61.81 39.95
N GLU V 44 -2.48 -62.43 40.62
CA GLU V 44 -1.62 -63.45 40.02
C GLU V 44 -1.88 -64.82 40.64
N VAL V 45 -1.71 -65.86 39.81
CA VAL V 45 -1.85 -67.25 40.23
C VAL V 45 -0.60 -68.01 39.83
N SER V 46 -0.23 -68.99 40.65
CA SER V 46 0.93 -69.86 40.39
C SER V 46 0.50 -71.05 39.55
N VAL V 47 1.31 -71.35 38.53
CA VAL V 47 1.01 -72.38 37.54
C VAL V 47 2.18 -73.35 37.47
N GLN V 48 1.89 -74.64 37.35
CA GLN V 48 2.90 -75.68 37.21
C GLN V 48 2.96 -76.21 35.78
N SER V 49 4.03 -76.92 35.47
CA SER V 49 4.26 -77.36 34.11
C SER V 49 3.36 -78.55 33.79
N GLY V 50 2.55 -78.44 32.72
CA GLY V 50 1.71 -79.54 32.29
C GLY V 50 0.45 -79.74 33.11
N ILE V 51 0.13 -78.83 34.02
CA ILE V 51 -0.99 -78.98 34.94
C ILE V 51 -1.88 -77.75 34.83
N ALA V 52 -3.20 -77.97 34.85
CA ALA V 52 -4.17 -76.88 34.88
C ALA V 52 -4.45 -76.43 36.31
N PHE V 53 -4.49 -75.12 36.52
CA PHE V 53 -4.77 -74.54 37.82
CA PHE V 53 -4.76 -74.53 37.82
C PHE V 53 -6.17 -73.94 37.82
N LYS V 54 -6.99 -74.40 38.76
CA LYS V 54 -8.35 -73.88 38.87
CA LYS V 54 -8.35 -73.88 38.87
C LYS V 54 -8.34 -72.57 39.64
N VAL V 55 -8.74 -71.49 38.98
CA VAL V 55 -8.75 -70.16 39.58
C VAL V 55 -9.91 -70.04 40.56
N PRO V 56 -9.65 -69.86 41.86
CA PRO V 56 -10.75 -69.75 42.82
C PRO V 56 -11.38 -68.36 42.80
N VAL V 57 -12.71 -68.34 42.83
CA VAL V 57 -13.44 -67.07 42.88
C VAL V 57 -13.13 -66.33 44.18
N GLY V 58 -12.78 -67.05 45.24
CA GLY V 58 -12.49 -66.41 46.50
C GLY V 58 -11.34 -65.43 46.45
N SER V 59 -10.46 -65.57 45.47
CA SER V 59 -9.37 -64.62 45.29
CA SER V 59 -9.37 -64.61 45.30
C SER V 59 -9.88 -63.21 45.00
N LEU V 60 -11.11 -63.08 44.48
CA LEU V 60 -11.67 -61.78 44.16
C LEU V 60 -12.18 -61.02 45.39
N PHE V 61 -12.48 -61.69 46.49
CA PHE V 61 -12.92 -61.04 47.73
C PHE V 61 -11.72 -60.86 48.66
N SER V 62 -11.27 -59.61 48.83
CA SER V 62 -10.08 -59.34 49.61
C SER V 62 -10.07 -57.87 50.00
N ALA V 63 -9.60 -57.59 51.22
CA ALA V 63 -9.36 -56.21 51.56
C ALA V 63 -8.37 -55.55 50.61
N ASN V 64 -7.49 -56.34 49.97
CA ASN V 64 -6.53 -55.82 48.99
C ASN V 64 -7.22 -55.20 47.77
N PHE V 65 -8.49 -55.55 47.54
CA PHE V 65 -9.26 -55.00 46.43
C PHE V 65 -10.42 -54.12 46.90
N ARG V 66 -10.49 -53.83 48.20
CA ARG V 66 -11.64 -53.15 48.79
C ARG V 66 -12.94 -53.96 48.65
N THR V 67 -12.86 -55.30 48.51
CA THR V 67 -14.01 -56.16 48.18
C THR V 67 -14.34 -57.20 49.25
N ASP V 68 -13.76 -57.11 50.45
CA ASP V 68 -14.03 -58.18 51.40
C ASP V 68 -15.44 -58.14 51.97
N SER V 69 -16.19 -57.07 51.74
CA SER V 69 -17.58 -57.05 52.15
C SER V 69 -18.48 -57.82 51.21
N PHE V 70 -17.99 -58.23 50.05
CA PHE V 70 -18.79 -58.97 49.09
C PHE V 70 -18.63 -60.47 49.31
N THR V 71 -19.70 -61.21 49.06
CA THR V 71 -19.66 -62.65 49.09
C THR V 71 -20.06 -63.29 47.77
N SER V 72 -20.57 -62.52 46.81
CA SER V 72 -20.84 -63.02 45.47
C SER V 72 -20.29 -62.05 44.41
N VAL V 73 -20.20 -62.53 43.17
CA VAL V 73 -19.70 -61.71 42.08
C VAL V 73 -20.14 -62.34 40.76
N THR V 74 -20.45 -61.50 39.80
CA THR V 74 -20.78 -61.93 38.44
C THR V 74 -19.60 -61.57 37.55
N VAL V 75 -18.87 -62.58 37.11
CA VAL V 75 -17.75 -62.39 36.18
C VAL V 75 -18.29 -62.08 34.78
N MET V 76 -17.69 -61.08 34.14
CA MET V 76 -18.03 -60.69 32.77
CA MET V 76 -18.03 -60.70 32.77
C MET V 76 -16.99 -61.10 31.75
N SER V 77 -15.70 -60.98 32.06
CA SER V 77 -14.67 -61.40 31.12
C SER V 77 -13.39 -61.68 31.90
N VAL V 78 -12.54 -62.52 31.32
CA VAL V 78 -11.28 -62.88 31.94
C VAL V 78 -10.17 -62.65 30.94
N ARG V 79 -9.14 -61.91 31.34
CA ARG V 79 -7.93 -61.72 30.54
CA ARG V 79 -7.93 -61.72 30.54
C ARG V 79 -6.73 -62.17 31.36
N ALA V 80 -5.77 -62.80 30.69
CA ALA V 80 -4.61 -63.37 31.37
C ALA V 80 -3.34 -63.05 30.61
N TRP V 81 -2.26 -62.85 31.36
CA TRP V 81 -0.93 -62.62 30.82
C TRP V 81 0.06 -63.51 31.56
N THR V 82 0.97 -64.15 30.85
CA THR V 82 2.11 -64.73 31.55
C THR V 82 2.81 -63.65 32.38
N GLN V 83 3.25 -64.02 33.59
CA GLN V 83 3.77 -63.06 34.56
C GLN V 83 5.26 -63.22 34.83
N LEU V 84 5.87 -64.34 34.44
CA LEU V 84 7.31 -64.56 34.53
C LEU V 84 7.80 -65.04 33.17
N THR V 85 9.12 -65.11 33.00
CA THR V 85 9.74 -65.55 31.75
C THR V 85 9.52 -67.05 31.51
N PRO V 86 9.50 -67.47 30.26
CA PRO V 86 9.26 -68.88 29.93
C PRO V 86 10.53 -69.69 30.03
N PRO V 87 10.44 -71.00 29.89
CA PRO V 87 11.64 -71.83 29.90
C PRO V 87 12.59 -71.40 28.78
N VAL V 88 13.87 -71.75 28.97
CA VAL V 88 14.90 -71.44 27.99
C VAL V 88 14.52 -72.07 26.65
N ASN V 89 14.75 -71.32 25.58
CA ASN V 89 14.51 -71.69 24.18
C ASN V 89 13.03 -71.58 23.77
N GLU V 90 12.11 -71.27 24.68
CA GLU V 90 10.70 -71.27 24.37
C GLU V 90 10.13 -69.85 24.39
N TYR V 91 8.99 -69.72 23.72
CA TYR V 91 8.16 -68.53 23.80
C TYR V 91 7.03 -68.79 24.80
N SER V 92 6.56 -67.74 25.45
CA SER V 92 5.47 -67.88 26.41
C SER V 92 4.15 -68.29 25.76
N PHE V 93 3.35 -69.06 26.51
CA PHE V 93 1.98 -69.37 26.12
C PHE V 93 1.12 -69.42 27.36
N VAL V 94 -0.17 -69.11 27.19
CA VAL V 94 -1.13 -69.19 28.28
C VAL V 94 -2.47 -69.60 27.69
N ARG V 95 -3.15 -70.53 28.37
CA ARG V 95 -4.44 -71.05 27.94
C ARG V 95 -5.47 -70.80 29.03
N LEU V 96 -6.72 -70.56 28.62
CA LEU V 96 -7.86 -70.42 29.52
C LEU V 96 -9.00 -71.35 29.11
N LYS V 97 -9.48 -72.15 30.06
CA LYS V 97 -10.67 -72.98 29.90
CA LYS V 97 -10.67 -72.98 29.90
C LYS V 97 -11.77 -72.48 30.83
N PRO V 98 -12.83 -71.90 30.30
CA PRO V 98 -13.92 -71.42 31.17
C PRO V 98 -14.52 -72.55 32.00
N LEU V 99 -14.85 -72.25 33.26
CA LEU V 99 -15.55 -73.18 34.14
C LEU V 99 -16.88 -72.57 34.53
N PHE V 100 -17.91 -73.41 34.59
CA PHE V 100 -19.25 -72.98 34.96
C PHE V 100 -19.92 -74.01 35.84
N LYS V 101 -20.65 -73.52 36.85
CA LYS V 101 -21.35 -74.43 37.76
C LYS V 101 -22.43 -75.25 37.08
N THR V 102 -22.99 -74.80 35.96
CA THR V 102 -23.98 -75.61 35.23
C THR V 102 -23.35 -76.56 34.23
N GLY V 103 -22.03 -76.48 34.04
CA GLY V 103 -21.32 -77.29 33.07
C GLY V 103 -20.04 -76.64 32.59
N ASP V 104 -18.90 -77.31 32.80
CA ASP V 104 -17.61 -76.79 32.41
C ASP V 104 -17.41 -76.86 30.90
N SER V 105 -16.83 -75.81 30.32
CA SER V 105 -16.50 -75.83 28.91
CA SER V 105 -16.49 -75.81 28.91
C SER V 105 -15.22 -76.64 28.67
N THR V 106 -14.92 -76.88 27.39
CA THR V 106 -13.70 -77.55 26.98
C THR V 106 -12.90 -76.71 25.99
N GLU V 107 -13.31 -75.48 25.73
CA GLU V 107 -12.46 -74.55 25.01
C GLU V 107 -11.15 -74.35 25.73
N GLU V 108 -10.10 -74.12 24.96
CA GLU V 108 -8.77 -73.75 25.47
C GLU V 108 -8.29 -72.53 24.69
N PHE V 109 -8.84 -71.36 25.00
CA PHE V 109 -8.38 -70.12 24.38
C PHE V 109 -6.91 -69.89 24.70
N GLU V 110 -6.09 -69.62 23.69
CA GLU V 110 -4.65 -69.63 23.87
C GLU V 110 -3.98 -68.45 23.18
N GLY V 111 -3.06 -67.81 23.90
CA GLY V 111 -2.17 -66.83 23.31
C GLY V 111 -0.74 -67.31 23.45
N ARG V 112 0.11 -66.88 22.52
CA ARG V 112 1.54 -67.19 22.58
C ARG V 112 2.32 -65.93 22.24
N ALA V 113 3.50 -65.81 22.82
CA ALA V 113 4.37 -64.68 22.49
C ALA V 113 5.09 -64.95 21.19
N SER V 114 5.39 -63.87 20.47
CA SER V 114 6.21 -63.92 19.27
C SER V 114 7.62 -63.41 19.53
N ASN V 115 7.89 -62.93 20.74
CA ASN V 115 9.20 -62.49 21.19
C ASN V 115 9.43 -63.14 22.54
N ILE V 116 10.55 -63.85 22.69
CA ILE V 116 10.80 -64.60 23.91
C ILE V 116 10.71 -63.71 25.15
N ASN V 117 11.01 -62.41 25.01
CA ASN V 117 11.03 -61.46 26.11
C ASN V 117 9.66 -60.86 26.43
N THR V 118 8.61 -61.21 25.69
CA THR V 118 7.31 -60.56 25.81
CA THR V 118 7.32 -60.56 25.84
C THR V 118 6.27 -61.50 26.41
N ARG V 119 5.28 -60.94 27.10
CA ARG V 119 4.21 -61.73 27.69
C ARG V 119 3.33 -62.32 26.60
N ALA V 120 2.83 -63.54 26.82
CA ALA V 120 1.69 -64.06 26.08
C ALA V 120 0.39 -63.60 26.74
N SER V 121 -0.65 -63.43 25.93
CA SER V 121 -1.92 -62.96 26.48
C SER V 121 -3.12 -63.57 25.75
N VAL V 122 -4.22 -63.71 26.46
CA VAL V 122 -5.46 -64.16 25.85
C VAL V 122 -6.56 -63.96 26.88
N GLY V 123 -7.81 -64.05 26.42
CA GLY V 123 -8.94 -63.89 27.32
C GLY V 123 -10.19 -64.44 26.65
N TYR V 124 -11.27 -64.43 27.42
CA TYR V 124 -12.58 -64.80 26.91
C TYR V 124 -13.66 -63.93 27.54
N ARG V 125 -14.74 -63.75 26.80
CA ARG V 125 -15.91 -63.03 27.28
C ARG V 125 -17.00 -64.03 27.63
N ILE V 126 -17.68 -63.80 28.75
CA ILE V 126 -18.80 -64.63 29.18
C ILE V 126 -20.08 -64.04 28.60
N PRO V 127 -20.92 -64.84 27.94
CA PRO V 127 -22.12 -64.26 27.32
C PRO V 127 -23.12 -63.89 28.40
N THR V 128 -24.06 -63.04 28.02
CA THR V 128 -25.08 -62.60 28.99
C THR V 128 -25.85 -63.76 29.60
N ASN V 129 -26.10 -64.83 28.84
CA ASN V 129 -26.87 -65.96 29.35
C ASN V 129 -26.11 -66.78 30.37
N LEU V 130 -24.78 -66.62 30.48
CA LEU V 130 -23.99 -67.34 31.46
C LEU V 130 -23.44 -66.46 32.56
N ARG V 131 -23.91 -65.20 32.66
CA ARG V 131 -23.40 -64.28 33.68
C ARG V 131 -24.26 -64.36 34.94
N GLN V 132 -23.99 -65.39 35.76
CA GLN V 132 -24.64 -65.56 37.05
C GLN V 132 -23.60 -65.37 38.15
N ASN V 133 -24.04 -65.43 39.41
CA ASN V 133 -23.14 -65.22 40.53
C ASN V 133 -22.26 -66.45 40.79
N THR V 134 -21.10 -66.19 41.38
CA THR V 134 -20.20 -67.21 41.88
C THR V 134 -19.77 -66.81 43.28
N VAL V 135 -19.50 -67.81 44.13
CA VAL V 135 -19.09 -67.57 45.50
C VAL V 135 -17.67 -68.09 45.67
N ALA V 136 -17.12 -67.93 46.88
CA ALA V 136 -15.70 -68.16 47.07
C ALA V 136 -15.27 -69.56 46.67
N ALA V 137 -16.04 -70.58 47.08
CA ALA V 137 -15.69 -71.95 46.76
C ALA V 137 -15.78 -72.28 45.27
N ASP V 138 -16.31 -71.40 44.44
CA ASP V 138 -16.39 -71.66 43.01
C ASP V 138 -15.06 -71.36 42.32
N ASN V 139 -14.94 -71.81 41.08
CA ASN V 139 -13.75 -71.56 40.28
C ASN V 139 -14.13 -70.87 38.99
N VAL V 140 -13.31 -69.91 38.57
CA VAL V 140 -13.61 -69.13 37.37
C VAL V 140 -13.23 -69.90 36.12
N CYS V 141 -12.00 -70.40 36.07
CA CYS V 141 -11.45 -70.98 34.86
C CYS V 141 -10.21 -71.78 35.23
N GLU V 142 -9.78 -72.63 34.29
CA GLU V 142 -8.48 -73.29 34.39
C GLU V 142 -7.46 -72.51 33.58
N VAL V 143 -6.24 -72.40 34.12
CA VAL V 143 -5.13 -71.67 33.50
C VAL V 143 -4.02 -72.68 33.25
N ARG V 144 -3.49 -72.70 32.03
CA ARG V 144 -2.30 -73.48 31.70
C ARG V 144 -1.27 -72.55 31.08
N SER V 145 0.02 -72.85 31.29
CA SER V 145 1.10 -71.99 30.80
C SER V 145 2.43 -72.71 30.98
N ASN V 146 3.42 -72.27 30.21
CA ASN V 146 4.79 -72.71 30.41
C ASN V 146 5.57 -71.78 31.32
N CYS V 147 4.94 -70.73 31.82
CA CYS V 147 5.51 -69.84 32.83
C CYS V 147 4.88 -70.16 34.18
N ARG V 148 5.65 -69.92 35.25
CA ARG V 148 5.27 -70.30 36.61
CA ARG V 148 5.24 -70.33 36.59
CA ARG V 148 5.27 -70.31 36.60
C ARG V 148 4.25 -69.36 37.23
N GLN V 149 4.01 -68.19 36.64
CA GLN V 149 3.03 -67.27 37.17
CA GLN V 149 3.03 -67.27 37.17
C GLN V 149 2.22 -66.65 36.04
N VAL V 150 0.94 -66.40 36.29
CA VAL V 150 0.03 -65.80 35.32
C VAL V 150 -0.71 -64.65 36.00
N ALA V 151 -0.74 -63.51 35.34
CA ALA V 151 -1.41 -62.30 35.84
C ALA V 151 -2.79 -62.21 35.20
N LEU V 152 -3.83 -62.13 36.02
CA LEU V 152 -5.19 -62.05 35.52
CA LEU V 152 -5.19 -62.03 35.50
C LEU V 152 -5.79 -60.66 35.79
N VAL V 153 -6.69 -60.24 34.90
CA VAL V 153 -7.48 -59.04 35.09
C VAL V 153 -8.92 -59.47 34.77
N ILE V 154 -9.74 -59.64 35.80
CA ILE V 154 -11.09 -60.15 35.60
C ILE V 154 -12.10 -59.00 35.71
N SER V 155 -12.90 -58.83 34.67
CA SER V 155 -13.97 -57.84 34.67
CA SER V 155 -13.97 -57.84 34.67
C SER V 155 -15.21 -58.46 35.30
N CYS V 156 -15.65 -57.89 36.42
CA CYS V 156 -16.73 -58.50 37.19
C CYS V 156 -17.56 -57.43 37.89
N CYS V 157 -18.74 -57.85 38.35
N CYS V 157 -18.73 -57.84 38.36
CA CYS V 157 -19.68 -56.99 39.06
CA CYS V 157 -19.63 -56.93 39.07
C CYS V 157 -19.90 -57.55 40.45
C CYS V 157 -19.92 -57.51 40.44
N PHE V 158 -19.35 -56.89 41.47
CA PHE V 158 -19.51 -57.35 42.83
C PHE V 158 -20.91 -56.99 43.31
N ASN V 159 -21.55 -57.92 44.01
CA ASN V 159 -22.90 -57.67 44.50
C ASN V 159 -23.27 -58.52 45.72
N ASN X 16 -37.72 31.75 8.11
CA ASN X 16 -38.65 32.02 9.20
C ASN X 16 -39.17 33.46 9.11
N SER X 17 -40.24 33.75 9.85
CA SER X 17 -40.85 35.06 9.79
C SER X 17 -39.92 36.14 10.35
N ASN X 18 -40.00 37.33 9.75
CA ASN X 18 -39.25 38.49 10.22
C ASN X 18 -40.13 39.52 10.91
N VAL X 19 -41.45 39.31 10.99
CA VAL X 19 -42.34 40.24 11.66
C VAL X 19 -43.19 39.51 12.70
N VAL X 20 -43.82 40.30 13.56
CA VAL X 20 -44.79 39.77 14.49
C VAL X 20 -45.95 39.18 13.71
N THR X 21 -46.49 38.07 14.19
CA THR X 21 -47.62 37.41 13.55
C THR X 21 -48.70 37.16 14.58
N MET X 22 -49.94 37.08 14.11
CA MET X 22 -51.07 36.91 15.03
CA MET X 22 -51.09 36.88 15.00
C MET X 22 -51.12 35.46 15.52
N ILE X 23 -51.55 35.32 16.77
CA ILE X 23 -51.80 34.03 17.41
C ILE X 23 -53.30 33.93 17.62
N ARG X 24 -53.90 32.86 17.10
CA ARG X 24 -55.33 32.64 17.26
C ARG X 24 -55.59 31.93 18.59
N ALA X 25 -55.48 32.72 19.66
CA ALA X 25 -55.63 32.19 21.01
C ALA X 25 -57.05 31.73 21.25
N GLY X 26 -57.21 30.73 22.11
CA GLY X 26 -58.51 30.21 22.45
C GLY X 26 -58.92 30.55 23.87
N SER X 27 -59.45 29.57 24.58
CA SER X 27 -59.89 29.77 25.95
CA SER X 27 -59.89 29.78 25.95
C SER X 27 -58.70 30.01 26.89
N TYR X 28 -58.97 30.59 28.05
CA TYR X 28 -57.90 30.81 29.03
C TYR X 28 -57.34 29.46 29.48
N PRO X 29 -56.03 29.26 29.50
CA PRO X 29 -55.47 27.95 29.82
C PRO X 29 -55.25 27.75 31.32
N LYS X 30 -54.94 26.49 31.68
CA LYS X 30 -54.48 26.25 33.04
C LYS X 30 -53.14 26.94 33.21
N VAL X 31 -52.94 27.59 34.36
CA VAL X 31 -51.72 28.36 34.62
C VAL X 31 -51.18 27.95 35.98
N ASN X 32 -49.94 28.37 36.24
CA ASN X 32 -49.26 28.12 37.50
C ASN X 32 -48.12 29.12 37.66
N PRO X 33 -48.29 30.15 38.50
CA PRO X 33 -47.22 31.17 38.65
C PRO X 33 -45.99 30.66 39.36
N THR X 34 -46.10 29.60 40.15
CA THR X 34 -44.99 29.11 40.97
C THR X 34 -44.75 27.63 40.66
N PRO X 35 -44.13 27.33 39.51
CA PRO X 35 -43.91 25.93 39.11
C PRO X 35 -42.72 25.29 39.84
N THR X 36 -42.62 23.98 39.64
CA THR X 36 -41.48 23.22 40.13
C THR X 36 -40.24 23.54 39.30
N TRP X 37 -39.12 22.89 39.64
CA TRP X 37 -37.85 23.21 39.00
C TRP X 37 -36.80 22.16 39.33
N VAL X 38 -36.35 21.42 38.33
CA VAL X 38 -35.31 20.42 38.51
C VAL X 38 -33.95 21.10 38.33
N ARG X 39 -33.03 20.86 39.27
CA ARG X 39 -31.81 21.65 39.32
C ARG X 39 -30.64 20.79 39.79
N ALA X 40 -29.42 21.33 39.59
CA ALA X 40 -28.19 20.82 40.17
C ALA X 40 -27.53 21.99 40.91
N ILE X 41 -27.57 21.93 42.24
CA ILE X 41 -27.21 23.05 43.10
C ILE X 41 -25.75 22.88 43.53
N PRO X 42 -24.89 23.84 43.28
CA PRO X 42 -23.53 23.75 43.81
C PRO X 42 -23.31 24.67 45.00
N PHE X 43 -22.81 24.11 46.10
CA PHE X 43 -22.47 24.90 47.28
C PHE X 43 -21.45 24.12 48.09
N GLU X 44 -20.73 24.84 48.95
CA GLU X 44 -19.62 24.29 49.73
C GLU X 44 -19.97 24.22 51.21
N VAL X 45 -19.40 23.23 51.88
CA VAL X 45 -19.57 23.06 53.31
C VAL X 45 -18.19 22.95 53.96
N SER X 46 -18.11 23.39 55.22
CA SER X 46 -16.88 23.33 55.99
C SER X 46 -16.82 22.02 56.76
N VAL X 47 -15.66 21.37 56.76
CA VAL X 47 -15.48 20.07 57.39
C VAL X 47 -14.26 20.12 58.30
N GLN X 48 -14.39 19.51 59.48
CA GLN X 48 -13.30 19.42 60.44
C GLN X 48 -12.72 18.01 60.45
N SER X 49 -11.47 17.92 60.86
CA SER X 49 -10.79 16.63 60.92
C SER X 49 -11.44 15.72 61.96
N GLY X 50 -11.79 14.50 61.54
CA GLY X 50 -12.37 13.51 62.43
C GLY X 50 -13.79 13.75 62.86
N ILE X 51 -14.46 14.75 62.32
CA ILE X 51 -15.81 15.12 62.72
C ILE X 51 -16.69 15.08 61.49
N ALA X 52 -17.89 14.52 61.65
CA ALA X 52 -18.89 14.50 60.58
C ALA X 52 -19.71 15.78 60.58
N PHE X 53 -19.90 16.36 59.41
CA PHE X 53 -20.70 17.56 59.24
CA PHE X 53 -20.69 17.57 59.23
C PHE X 53 -22.04 17.19 58.63
N LYS X 54 -23.13 17.58 59.27
CA LYS X 54 -24.46 17.32 58.74
CA LYS X 54 -24.46 17.32 58.74
C LYS X 54 -24.84 18.43 57.78
N VAL X 55 -25.02 18.08 56.50
CA VAL X 55 -25.36 19.06 55.47
C VAL X 55 -26.81 19.52 55.62
N PRO X 56 -27.08 20.80 55.84
CA PRO X 56 -28.47 21.24 56.03
C PRO X 56 -29.22 21.44 54.73
N VAL X 57 -30.50 21.05 54.71
CA VAL X 57 -31.31 21.21 53.51
C VAL X 57 -31.59 22.69 53.24
N GLY X 58 -31.55 23.52 54.27
CA GLY X 58 -31.78 24.95 54.08
C GLY X 58 -30.79 25.60 53.15
N SER X 59 -29.57 25.06 53.06
CA SER X 59 -28.58 25.61 52.14
CA SER X 59 -28.59 25.62 52.15
C SER X 59 -29.08 25.62 50.71
N LEU X 60 -30.06 24.78 50.37
CA LEU X 60 -30.55 24.69 49.01
C LEU X 60 -31.52 25.81 48.64
N PHE X 61 -32.12 26.48 49.63
CA PHE X 61 -33.06 27.57 49.39
C PHE X 61 -32.30 28.89 49.56
N SER X 62 -32.01 29.57 48.45
CA SER X 62 -31.18 30.77 48.53
C SER X 62 -31.42 31.64 47.30
N ALA X 63 -31.40 32.95 47.51
CA ALA X 63 -31.36 33.86 46.37
C ALA X 63 -30.18 33.56 45.44
N ASN X 64 -29.08 33.02 46.00
CA ASN X 64 -27.90 32.72 45.21
C ASN X 64 -28.15 31.61 44.21
N PHE X 65 -29.24 30.85 44.35
CA PHE X 65 -29.62 29.80 43.42
C PHE X 65 -30.93 30.09 42.71
N ARG X 66 -31.56 31.23 42.98
CA ARG X 66 -32.88 31.58 42.47
C ARG X 66 -33.97 30.72 43.10
N THR X 67 -33.74 30.21 44.31
CA THR X 67 -34.63 29.22 44.88
C THR X 67 -35.22 29.63 46.24
N ASP X 68 -35.08 30.89 46.63
CA ASP X 68 -35.55 31.27 47.96
C ASP X 68 -37.08 31.29 48.08
N SER X 69 -37.82 31.14 46.98
CA SER X 69 -39.28 31.08 47.07
C SER X 69 -39.79 29.68 47.34
N PHE X 70 -38.91 28.67 47.31
CA PHE X 70 -39.26 27.30 47.61
C PHE X 70 -39.00 27.03 49.08
N THR X 71 -39.82 26.15 49.66
CA THR X 71 -39.70 25.72 51.06
C THR X 71 -39.56 24.22 51.18
N SER X 72 -39.61 23.49 50.08
CA SER X 72 -39.44 22.03 50.06
C SER X 72 -38.64 21.64 48.82
N VAL X 73 -37.93 20.52 48.91
CA VAL X 73 -37.14 20.00 47.80
C VAL X 73 -37.09 18.48 47.92
N THR X 74 -37.17 17.81 46.79
CA THR X 74 -36.95 16.36 46.73
C THR X 74 -35.53 16.14 46.20
N VAL X 75 -34.67 15.58 47.04
CA VAL X 75 -33.29 15.30 46.66
C VAL X 75 -33.26 14.02 45.84
N MET X 76 -32.52 14.04 44.73
CA MET X 76 -32.37 12.89 43.84
CA MET X 76 -32.37 12.89 43.84
C MET X 76 -31.01 12.22 43.94
N SER X 77 -29.94 13.01 44.00
CA SER X 77 -28.61 12.44 44.14
C SER X 77 -27.69 13.51 44.74
N VAL X 78 -26.55 13.06 45.25
CA VAL X 78 -25.59 13.93 45.92
C VAL X 78 -24.20 13.53 45.47
N ARG X 79 -23.44 14.51 44.99
CA ARG X 79 -22.05 14.32 44.61
CA ARG X 79 -22.05 14.32 44.61
C ARG X 79 -21.18 15.30 45.38
N ALA X 80 -20.01 14.84 45.83
CA ALA X 80 -19.13 15.66 46.66
C ALA X 80 -17.70 15.60 46.12
N TRP X 81 -17.01 16.74 46.18
CA TRP X 81 -15.60 16.86 45.85
C TRP X 81 -14.91 17.58 47.00
N THR X 82 -13.70 17.14 47.33
CA THR X 82 -12.87 17.97 48.20
C THR X 82 -12.61 19.30 47.51
N GLN X 83 -12.62 20.38 48.30
CA GLN X 83 -12.56 21.77 47.81
C GLN X 83 -11.24 22.47 48.14
N LEU X 84 -10.43 21.91 49.06
CA LEU X 84 -9.14 22.45 49.47
C LEU X 84 -8.13 21.32 49.52
N THR X 85 -6.85 21.69 49.57
CA THR X 85 -5.77 20.70 49.58
C THR X 85 -5.80 19.89 50.88
N PRO X 86 -5.31 18.65 50.86
CA PRO X 86 -5.32 17.82 52.06
C PRO X 86 -4.08 18.06 52.90
N PRO X 87 -3.97 17.38 54.05
CA PRO X 87 -2.77 17.56 54.90
C PRO X 87 -1.51 17.06 54.20
N VAL X 88 -0.37 17.53 54.69
CA VAL X 88 0.89 17.14 54.10
C VAL X 88 1.07 15.62 54.13
N ASN X 89 1.65 15.08 53.06
CA ASN X 89 1.86 13.66 52.83
C ASN X 89 0.62 12.82 52.49
N GLU X 90 -0.57 13.39 52.66
CA GLU X 90 -1.81 12.64 52.48
C GLU X 90 -2.47 12.87 51.10
N TYR X 91 -3.30 11.91 50.70
CA TYR X 91 -4.19 12.08 49.55
C TYR X 91 -5.59 12.42 50.05
N SER X 92 -6.30 13.27 49.30
CA SER X 92 -7.63 13.72 49.73
C SER X 92 -8.60 12.54 49.80
N PHE X 93 -9.58 12.66 50.71
CA PHE X 93 -10.69 11.73 50.70
C PHE X 93 -11.95 12.45 51.19
N VAL X 94 -13.09 11.91 50.79
CA VAL X 94 -14.39 12.41 51.22
C VAL X 94 -15.32 11.21 51.37
N ARG X 95 -16.20 11.28 52.36
CA ARG X 95 -17.17 10.24 52.65
C ARG X 95 -18.55 10.87 52.75
N LEU X 96 -19.57 10.12 52.33
CA LEU X 96 -20.95 10.58 52.40
C LEU X 96 -21.83 9.53 53.08
N LYS X 97 -22.53 9.91 54.16
CA LYS X 97 -23.49 9.02 54.81
CA LYS X 97 -23.49 9.02 54.81
C LYS X 97 -24.90 9.55 54.61
N PRO X 98 -25.74 8.87 53.82
CA PRO X 98 -27.10 9.38 53.60
C PRO X 98 -27.88 9.45 54.90
N LEU X 99 -28.63 10.54 55.06
CA LEU X 99 -29.54 10.72 56.19
C LEU X 99 -30.98 10.75 55.66
N PHE X 100 -31.90 10.20 56.44
CA PHE X 100 -33.32 10.18 56.07
C PHE X 100 -34.16 10.39 57.32
N LYS X 101 -35.25 11.13 57.18
CA LYS X 101 -36.18 11.31 58.30
C LYS X 101 -36.80 9.99 58.78
N THR X 102 -37.07 9.05 57.88
CA THR X 102 -37.57 7.74 58.30
C THR X 102 -36.50 6.84 58.91
N GLY X 103 -35.23 7.17 58.78
CA GLY X 103 -34.17 6.36 59.35
C GLY X 103 -32.83 6.59 58.66
N ASP X 104 -31.82 7.04 59.41
CA ASP X 104 -30.52 7.34 58.81
C ASP X 104 -29.80 6.07 58.40
N SER X 105 -29.02 6.16 57.32
CA SER X 105 -28.21 5.04 56.88
CA SER X 105 -28.22 5.05 56.87
C SER X 105 -26.90 4.99 57.65
N THR X 106 -26.14 3.92 57.39
CA THR X 106 -24.81 3.79 57.96
C THR X 106 -23.79 3.49 56.87
N GLU X 107 -24.17 3.64 55.61
CA GLU X 107 -23.21 3.57 54.52
C GLU X 107 -22.23 4.75 54.62
N GLU X 108 -21.00 4.51 54.18
CA GLU X 108 -19.99 5.58 54.08
C GLU X 108 -19.35 5.53 52.68
N PHE X 109 -20.13 5.90 51.67
CA PHE X 109 -19.59 5.99 50.31
C PHE X 109 -18.41 6.93 50.31
N GLU X 110 -17.28 6.46 49.78
CA GLU X 110 -16.00 7.12 49.91
C GLU X 110 -15.24 7.11 48.59
N GLY X 111 -14.69 8.27 48.24
CA GLY X 111 -13.71 8.35 47.17
C GLY X 111 -12.41 8.88 47.74
N ARG X 112 -11.30 8.57 47.07
CA ARG X 112 -9.98 9.09 47.41
C ARG X 112 -9.26 9.55 46.15
N ALA X 113 -8.37 10.52 46.30
CA ALA X 113 -7.55 10.92 45.17
C ALA X 113 -6.36 9.99 45.04
N SER X 114 -5.88 9.84 43.80
CA SER X 114 -4.64 9.12 43.52
C SER X 114 -3.50 10.05 43.13
N ASN X 115 -3.73 11.35 43.11
CA ASN X 115 -2.69 12.36 42.94
C ASN X 115 -2.94 13.37 44.06
N ILE X 116 -1.92 13.64 44.88
CA ILE X 116 -2.08 14.54 46.03
C ILE X 116 -2.59 15.92 45.62
N ASN X 117 -2.38 16.32 44.37
CA ASN X 117 -2.82 17.63 43.89
C ASN X 117 -4.24 17.63 43.36
N THR X 118 -4.95 16.50 43.40
CA THR X 118 -6.23 16.33 42.74
CA THR X 118 -6.24 16.34 42.74
C THR X 118 -7.34 16.07 43.75
N ARG X 119 -8.56 16.50 43.41
CA ARG X 119 -9.74 16.32 44.25
C ARG X 119 -10.12 14.85 44.40
N ALA X 120 -10.58 14.50 45.59
CA ALA X 120 -11.32 13.27 45.80
C ALA X 120 -12.80 13.54 45.56
N SER X 121 -13.52 12.53 45.07
CA SER X 121 -14.93 12.69 44.72
C SER X 121 -15.68 11.38 44.93
N VAL X 122 -17.00 11.50 45.11
CA VAL X 122 -17.89 10.34 45.23
C VAL X 122 -19.30 10.87 45.29
N GLY X 123 -20.29 10.01 45.06
CA GLY X 123 -21.69 10.42 45.18
C GLY X 123 -22.57 9.24 45.49
N TYR X 124 -23.85 9.53 45.71
CA TYR X 124 -24.85 8.46 45.88
C TYR X 124 -26.20 8.93 45.33
N ARG X 125 -26.93 7.96 44.81
CA ARG X 125 -28.27 8.15 44.25
C ARG X 125 -29.31 7.64 45.23
N ILE X 126 -30.34 8.44 45.43
CA ILE X 126 -31.44 8.09 46.31
C ILE X 126 -32.48 7.32 45.50
N PRO X 127 -32.98 6.19 45.98
CA PRO X 127 -33.95 5.41 45.20
C PRO X 127 -35.32 6.07 45.20
N THR X 128 -36.09 5.79 44.15
CA THR X 128 -37.40 6.42 44.00
C THR X 128 -38.24 6.31 45.27
N ASN X 129 -38.21 5.16 45.94
CA ASN X 129 -39.05 4.95 47.11
C ASN X 129 -38.65 5.82 48.27
N LEU X 130 -37.44 6.39 48.26
CA LEU X 130 -36.93 7.26 49.31
C LEU X 130 -36.88 8.72 48.86
N ARG X 131 -37.52 9.06 47.75
CA ARG X 131 -37.51 10.45 47.26
C ARG X 131 -38.77 11.18 47.73
N GLN X 132 -38.77 11.56 49.01
CA GLN X 132 -39.81 12.41 49.55
C GLN X 132 -39.24 13.81 49.73
N ASN X 133 -40.03 14.69 50.31
CA ASN X 133 -39.62 16.07 50.50
C ASN X 133 -38.76 16.22 51.75
N THR X 134 -37.91 17.25 51.73
CA THR X 134 -37.18 17.71 52.90
C THR X 134 -37.33 19.23 53.02
N VAL X 135 -37.20 19.73 54.23
CA VAL X 135 -37.35 21.16 54.48
C VAL X 135 -36.06 21.68 55.10
N ALA X 136 -36.01 22.99 55.37
CA ALA X 136 -34.75 23.62 55.76
C ALA X 136 -34.14 22.95 56.98
N ALA X 137 -34.97 22.59 57.95
CA ALA X 137 -34.47 22.00 59.18
C ALA X 137 -34.00 20.56 59.01
N ASP X 138 -34.25 19.94 57.85
CA ASP X 138 -33.78 18.58 57.61
C ASP X 138 -32.34 18.57 57.10
N ASN X 139 -31.68 17.43 57.27
CA ASN X 139 -30.32 17.27 56.81
C ASN X 139 -30.28 16.22 55.72
N VAL X 140 -29.35 16.40 54.79
CA VAL X 140 -29.27 15.55 53.62
C VAL X 140 -28.34 14.37 53.85
N CYS X 141 -27.17 14.63 54.43
CA CYS X 141 -26.16 13.59 54.60
C CYS X 141 -25.08 14.10 55.55
N GLU X 142 -24.27 13.17 56.05
CA GLU X 142 -23.05 13.53 56.76
C GLU X 142 -21.88 13.49 55.79
N VAL X 143 -20.94 14.41 55.97
CA VAL X 143 -19.73 14.51 55.15
C VAL X 143 -18.53 14.41 56.08
N ARG X 144 -17.54 13.61 55.66
CA ARG X 144 -16.26 13.50 56.35
C ARG X 144 -15.17 13.68 55.32
N SER X 145 -14.03 14.22 55.75
CA SER X 145 -12.94 14.51 54.82
C SER X 145 -11.72 14.93 55.63
N ASN X 146 -10.56 14.79 55.00
CA ASN X 146 -9.32 15.34 55.53
C ASN X 146 -9.02 16.72 54.96
N CYS X 147 -9.91 17.27 54.15
CA CYS X 147 -9.82 18.62 53.62
C CYS X 147 -10.87 19.48 54.33
N ARG X 148 -10.52 20.75 54.57
CA ARG X 148 -11.32 21.66 55.38
CA ARG X 148 -11.34 21.62 55.40
CA ARG X 148 -11.34 21.61 55.40
C ARG X 148 -12.58 22.14 54.68
N GLN X 149 -12.75 21.82 53.39
CA GLN X 149 -13.96 22.19 52.67
CA GLN X 149 -13.95 22.21 52.66
C GLN X 149 -14.31 21.11 51.67
N VAL X 150 -15.62 20.98 51.41
CA VAL X 150 -16.14 20.01 50.46
C VAL X 150 -17.14 20.71 49.56
N ALA X 151 -16.97 20.56 48.25
CA ALA X 151 -17.91 21.11 47.28
C ALA X 151 -18.93 20.06 46.90
N LEU X 152 -20.21 20.35 47.12
CA LEU X 152 -21.30 19.47 46.80
CA LEU X 152 -21.29 19.46 46.78
C LEU X 152 -22.05 19.94 45.55
N VAL X 153 -22.57 18.99 44.78
CA VAL X 153 -23.48 19.28 43.69
C VAL X 153 -24.67 18.34 43.90
N ILE X 154 -25.83 18.90 44.22
CA ILE X 154 -27.00 18.12 44.59
C ILE X 154 -28.03 18.27 43.49
N SER X 155 -28.46 17.14 42.94
CA SER X 155 -29.55 17.11 41.98
CA SER X 155 -29.55 17.11 41.98
C SER X 155 -30.87 16.96 42.73
N CYS X 156 -31.80 17.89 42.50
CA CYS X 156 -33.01 17.91 43.30
C CYS X 156 -34.15 18.55 42.51
N CYS X 157 -35.36 18.35 43.00
N CYS X 157 -35.36 18.35 43.00
CA CYS X 157 -36.58 18.88 42.39
CA CYS X 157 -36.55 18.91 42.36
C CYS X 157 -37.22 19.83 43.41
C CYS X 157 -37.24 19.81 43.37
N PHE X 158 -37.08 21.12 43.19
CA PHE X 158 -37.72 22.09 44.06
C PHE X 158 -39.21 22.14 43.77
N ASN X 159 -40.02 22.12 44.82
CA ASN X 159 -41.46 22.16 44.65
C ASN X 159 -42.11 22.91 45.82
N ASN AA 16 -66.92 27.72 -12.99
CA ASN AA 16 -67.07 28.40 -11.71
C ASN AA 16 -68.45 29.05 -11.60
N SER AA 17 -68.83 29.47 -10.41
CA SER AA 17 -70.12 30.10 -10.21
C SER AA 17 -70.16 31.45 -10.90
N ASN AA 18 -71.35 31.81 -11.38
CA ASN AA 18 -71.60 33.13 -11.96
C ASN AA 18 -72.44 34.02 -11.06
N VAL AA 19 -72.80 33.55 -9.86
CA VAL AA 19 -73.70 34.29 -8.98
C VAL AA 19 -73.12 34.32 -7.57
N VAL AA 20 -73.66 35.28 -6.79
CA VAL AA 20 -73.33 35.37 -5.37
C VAL AA 20 -73.75 34.08 -4.69
N THR AA 21 -72.94 33.64 -3.74
CA THR AA 21 -73.18 32.40 -3.02
C THR AA 21 -73.07 32.65 -1.52
N MET AA 22 -73.90 31.93 -0.76
CA MET AA 22 -73.89 32.10 0.69
CA MET AA 22 -73.91 32.06 0.69
C MET AA 22 -72.62 31.52 1.29
N ILE AA 23 -72.12 32.20 2.32
CA ILE AA 23 -70.96 31.79 3.09
C ILE AA 23 -71.44 31.49 4.51
N ARG AA 24 -71.18 30.27 4.98
CA ARG AA 24 -71.63 29.81 6.29
C ARG AA 24 -70.64 30.27 7.35
N ALA AA 25 -70.67 31.57 7.62
CA ALA AA 25 -69.78 32.16 8.60
C ALA AA 25 -70.01 31.55 9.98
N GLY AA 26 -68.93 31.49 10.75
CA GLY AA 26 -68.98 31.02 12.12
C GLY AA 26 -68.76 32.16 13.10
N SER AA 27 -67.93 31.95 14.12
CA SER AA 27 -67.72 32.96 15.14
CA SER AA 27 -67.72 32.96 15.14
C SER AA 27 -66.87 34.09 14.59
N TYR AA 28 -66.92 35.24 15.27
CA TYR AA 28 -66.14 36.37 14.80
C TYR AA 28 -64.65 36.01 14.82
N PRO AA 29 -63.92 36.22 13.74
CA PRO AA 29 -62.53 35.78 13.71
C PRO AA 29 -61.62 36.79 14.41
N LYS AA 30 -60.35 36.41 14.51
CA LYS AA 30 -59.34 37.39 14.87
C LYS AA 30 -59.10 38.33 13.71
N VAL AA 31 -58.90 39.62 14.03
CA VAL AA 31 -58.77 40.65 13.02
C VAL AA 31 -57.57 41.54 13.33
N ASN AA 32 -57.11 42.25 12.29
CA ASN AA 32 -56.09 43.27 12.48
C ASN AA 32 -56.33 44.37 11.46
N PRO AA 33 -56.78 45.56 11.88
CA PRO AA 33 -57.00 46.63 10.90
C PRO AA 33 -55.73 47.15 10.29
N THR AA 34 -54.59 47.03 10.97
CA THR AA 34 -53.34 47.66 10.54
C THR AA 34 -52.24 46.61 10.50
N PRO AA 35 -52.16 45.81 9.45
CA PRO AA 35 -51.17 44.73 9.38
C PRO AA 35 -49.81 45.17 8.84
N THR AA 36 -48.86 44.23 8.89
CA THR AA 36 -47.52 44.44 8.35
C THR AA 36 -47.54 44.36 6.82
N TRP AA 37 -46.43 44.74 6.20
CA TRP AA 37 -46.35 44.78 4.74
C TRP AA 37 -44.90 44.62 4.31
N VAL AA 38 -44.61 43.53 3.59
CA VAL AA 38 -43.31 43.33 2.96
C VAL AA 38 -43.30 44.06 1.63
N ARG AA 39 -42.28 44.89 1.42
CA ARG AA 39 -42.25 45.86 0.34
C ARG AA 39 -40.85 45.98 -0.26
N ALA AA 40 -40.81 46.42 -1.51
CA ALA AA 40 -39.58 46.85 -2.17
C ALA AA 40 -39.77 48.30 -2.56
N ILE AA 41 -39.08 49.21 -1.87
CA ILE AA 41 -39.38 50.64 -1.94
C ILE AA 41 -38.34 51.30 -2.85
N PRO AA 42 -38.74 51.94 -3.92
CA PRO AA 42 -37.78 52.64 -4.78
C PRO AA 42 -37.75 54.15 -4.54
N PHE AA 43 -36.57 54.71 -4.22
CA PHE AA 43 -36.43 56.15 -4.09
C PHE AA 43 -34.99 56.56 -4.43
N GLU AA 44 -34.80 57.86 -4.65
CA GLU AA 44 -33.50 58.40 -5.03
C GLU AA 44 -32.95 59.33 -3.96
N VAL AA 45 -31.62 59.35 -3.84
CA VAL AA 45 -30.93 60.30 -2.98
C VAL AA 45 -29.89 61.04 -3.81
N SER AA 46 -29.57 62.25 -3.37
CA SER AA 46 -28.54 63.07 -4.01
C SER AA 46 -27.20 62.78 -3.35
N VAL AA 47 -26.13 62.74 -4.16
CA VAL AA 47 -24.79 62.39 -3.72
C VAL AA 47 -23.80 63.43 -4.26
N GLN AA 48 -22.85 63.81 -3.43
CA GLN AA 48 -21.82 64.79 -3.75
C GLN AA 48 -20.48 64.10 -3.97
N SER AA 49 -19.63 64.74 -4.76
CA SER AA 49 -18.34 64.16 -5.06
C SER AA 49 -17.50 64.03 -3.80
N GLY AA 50 -17.00 62.82 -3.54
CA GLY AA 50 -16.13 62.56 -2.40
C GLY AA 50 -16.80 62.63 -1.04
N ILE AA 51 -18.12 62.70 -0.98
CA ILE AA 51 -18.86 62.88 0.27
C ILE AA 51 -19.84 61.74 0.43
N ALA AA 52 -19.90 61.18 1.64
CA ALA AA 52 -20.82 60.10 1.92
C ALA AA 52 -22.18 60.64 2.35
N PHE AA 53 -23.25 60.12 1.77
CA PHE AA 53 -24.60 60.55 2.12
CA PHE AA 53 -24.60 60.55 2.11
C PHE AA 53 -25.26 59.50 3.00
N LYS AA 54 -25.73 59.94 4.17
CA LYS AA 54 -26.46 59.06 5.09
CA LYS AA 54 -26.46 59.05 5.08
C LYS AA 54 -27.92 58.98 4.67
N VAL AA 55 -28.39 57.77 4.38
CA VAL AA 55 -29.73 57.54 3.85
C VAL AA 55 -30.71 57.45 5.01
N PRO AA 56 -31.61 58.42 5.15
CA PRO AA 56 -32.53 58.43 6.30
C PRO AA 56 -33.61 57.37 6.17
N VAL AA 57 -33.86 56.65 7.26
CA VAL AA 57 -34.98 55.70 7.29
C VAL AA 57 -36.30 56.44 7.08
N GLY AA 58 -36.36 57.72 7.46
CA GLY AA 58 -37.56 58.51 7.24
C GLY AA 58 -38.06 58.55 5.81
N SER AA 59 -37.20 58.27 4.84
CA SER AA 59 -37.61 58.29 3.43
CA SER AA 59 -37.62 58.30 3.44
C SER AA 59 -38.56 57.15 3.08
N LEU AA 60 -38.55 56.07 3.85
CA LEU AA 60 -39.38 54.92 3.58
C LEU AA 60 -40.84 55.10 4.00
N PHE AA 61 -41.17 56.12 4.79
CA PHE AA 61 -42.53 56.39 5.23
C PHE AA 61 -43.07 57.55 4.40
N SER AA 62 -44.08 57.30 3.57
CA SER AA 62 -44.57 58.34 2.69
C SER AA 62 -45.86 57.88 2.06
N ALA AA 63 -46.79 58.81 1.90
CA ALA AA 63 -47.98 58.54 1.11
C ALA AA 63 -47.60 58.15 -0.31
N ASN AA 64 -46.42 58.57 -0.78
CA ASN AA 64 -45.95 58.15 -2.08
C ASN AA 64 -45.75 56.64 -2.17
N PHE AA 65 -45.59 55.95 -1.03
CA PHE AA 65 -45.39 54.50 -1.00
C PHE AA 65 -46.55 53.78 -0.31
N ARG AA 66 -47.62 54.49 0.02
CA ARG AA 66 -48.72 53.94 0.83
C ARG AA 66 -48.25 53.57 2.23
N THR AA 67 -47.21 54.25 2.75
CA THR AA 67 -46.58 53.78 3.99
C THR AA 67 -46.50 54.88 5.05
N ASP AA 68 -47.26 55.97 4.91
CA ASP AA 68 -47.23 57.00 5.94
C ASP AA 68 -47.86 56.57 7.27
N SER AA 69 -48.76 55.56 7.27
CA SER AA 69 -49.31 55.06 8.54
C SER AA 69 -48.31 54.28 9.39
N PHE AA 70 -47.14 53.96 8.85
CA PHE AA 70 -46.13 53.19 9.57
C PHE AA 70 -45.13 54.12 10.22
N THR AA 71 -44.61 53.70 11.38
CA THR AA 71 -43.54 54.41 12.06
C THR AA 71 -42.29 53.56 12.27
N SER AA 72 -42.32 52.25 12.02
CA SER AA 72 -41.15 51.38 12.14
C SER AA 72 -41.05 50.52 10.89
N VAL AA 73 -39.86 49.97 10.67
CA VAL AA 73 -39.61 49.13 9.51
C VAL AA 73 -38.38 48.29 9.79
N THR AA 74 -38.45 47.02 9.41
CA THR AA 74 -37.31 46.12 9.45
C THR AA 74 -36.70 46.02 8.05
N VAL AA 75 -35.52 46.61 7.86
CA VAL AA 75 -34.80 46.52 6.59
C VAL AA 75 -34.20 45.13 6.43
N MET AA 76 -34.35 44.55 5.25
CA MET AA 76 -33.82 43.23 4.96
CA MET AA 76 -33.82 43.23 4.95
C MET AA 76 -32.63 43.25 4.01
N SER AA 77 -32.68 44.06 2.96
CA SER AA 77 -31.57 44.19 2.03
C SER AA 77 -31.68 45.54 1.34
N VAL AA 78 -30.53 46.02 0.84
CA VAL AA 78 -30.42 47.34 0.23
C VAL AA 78 -29.68 47.17 -1.08
N ARG AA 79 -30.28 47.64 -2.18
CA ARG AA 79 -29.66 47.66 -3.48
CA ARG AA 79 -29.66 47.66 -3.48
C ARG AA 79 -29.61 49.09 -4.02
N ALA AA 80 -28.50 49.44 -4.67
CA ALA AA 80 -28.29 50.80 -5.14
C ALA AA 80 -27.76 50.82 -6.57
N TRP AA 81 -28.32 51.71 -7.38
CA TRP AA 81 -27.89 51.94 -8.75
C TRP AA 81 -27.57 53.41 -8.94
N THR AA 82 -26.54 53.72 -9.70
CA THR AA 82 -26.35 55.11 -10.11
C THR AA 82 -27.53 55.55 -10.97
N GLN AA 83 -27.94 56.80 -10.79
CA GLN AA 83 -29.16 57.32 -11.39
C GLN AA 83 -28.93 58.42 -12.40
N LEU AA 84 -27.75 59.07 -12.39
CA LEU AA 84 -27.40 60.03 -13.42
C LEU AA 84 -26.03 59.64 -13.96
N THR AA 85 -25.67 60.17 -15.13
CA THR AA 85 -24.44 59.77 -15.82
C THR AA 85 -23.22 60.18 -15.00
N PRO AA 86 -22.09 59.50 -15.18
CA PRO AA 86 -20.90 59.84 -14.40
C PRO AA 86 -20.17 61.04 -14.99
N PRO AA 87 -19.07 61.46 -14.36
CA PRO AA 87 -18.23 62.51 -14.95
C PRO AA 87 -17.63 62.05 -16.28
N VAL AA 88 -17.28 63.05 -17.11
CA VAL AA 88 -16.68 62.75 -18.41
C VAL AA 88 -15.44 61.88 -18.22
N ASN AA 89 -15.28 60.91 -19.11
CA ASN AA 89 -14.15 60.00 -19.20
C ASN AA 89 -14.20 58.87 -18.17
N GLU AA 90 -15.18 58.83 -17.27
CA GLU AA 90 -15.21 57.88 -16.16
C GLU AA 90 -16.30 56.85 -16.39
N TYR AA 91 -16.20 55.74 -15.64
CA TYR AA 91 -17.27 54.78 -15.44
C TYR AA 91 -17.95 55.04 -14.10
N SER AA 92 -19.27 54.84 -14.05
CA SER AA 92 -20.03 55.01 -12.82
C SER AA 92 -19.51 54.03 -11.75
N PHE AA 93 -19.59 54.47 -10.48
CA PHE AA 93 -19.39 53.60 -9.32
C PHE AA 93 -20.32 54.03 -8.20
N VAL AA 94 -20.72 53.05 -7.38
CA VAL AA 94 -21.52 53.34 -6.18
C VAL AA 94 -20.98 52.45 -5.05
N ARG AA 95 -20.92 53.00 -3.83
CA ARG AA 95 -20.50 52.24 -2.65
C ARG AA 95 -21.59 52.34 -1.57
N LEU AA 96 -21.74 51.27 -0.79
CA LEU AA 96 -22.70 51.22 0.31
C LEU AA 96 -22.02 50.75 1.58
N LYS AA 97 -22.09 51.56 2.64
CA LYS AA 97 -21.57 51.21 3.95
CA LYS AA 97 -21.57 51.21 3.95
C LYS AA 97 -22.74 51.02 4.91
N PRO AA 98 -22.97 49.82 5.43
CA PRO AA 98 -24.12 49.60 6.31
C PRO AA 98 -23.96 50.34 7.63
N LEU AA 99 -25.09 50.84 8.14
CA LEU AA 99 -25.16 51.53 9.43
C LEU AA 99 -26.11 50.75 10.33
N PHE AA 100 -25.78 50.70 11.62
CA PHE AA 100 -26.57 49.99 12.62
C PHE AA 100 -26.51 50.74 13.94
N LYS AA 101 -27.63 50.82 14.63
CA LYS AA 101 -27.67 51.53 15.90
C LYS AA 101 -26.81 50.85 16.96
N THR AA 102 -26.59 49.54 16.84
CA THR AA 102 -25.72 48.83 17.77
C THR AA 102 -24.25 48.92 17.40
N GLY AA 103 -23.93 49.60 16.31
CA GLY AA 103 -22.57 49.68 15.81
C GLY AA 103 -22.51 49.74 14.30
N ASP AA 104 -21.90 50.79 13.76
CA ASP AA 104 -21.80 50.91 12.31
C ASP AA 104 -20.71 49.99 11.76
N SER AA 105 -20.91 49.55 10.52
CA SER AA 105 -19.92 48.74 9.84
CA SER AA 105 -19.93 48.74 9.83
C SER AA 105 -18.94 49.64 9.06
N THR AA 106 -17.83 49.04 8.66
CA THR AA 106 -16.83 49.74 7.86
C THR AA 106 -16.68 49.10 6.48
N GLU AA 107 -17.58 48.18 6.12
CA GLU AA 107 -17.61 47.63 4.77
C GLU AA 107 -18.03 48.70 3.76
N GLU AA 108 -17.42 48.68 2.60
CA GLU AA 108 -17.79 49.56 1.50
C GLU AA 108 -18.06 48.66 0.32
N PHE AA 109 -19.25 48.06 0.29
CA PHE AA 109 -19.64 47.25 -0.87
C PHE AA 109 -19.76 48.13 -2.10
N GLU AA 110 -19.09 47.74 -3.20
CA GLU AA 110 -18.95 48.62 -4.36
C GLU AA 110 -19.22 47.88 -5.67
N GLY AA 111 -19.98 48.53 -6.55
CA GLY AA 111 -20.12 48.08 -7.92
C GLY AA 111 -19.67 49.18 -8.87
N ARG AA 112 -19.05 48.79 -9.98
CA ARG AA 112 -18.69 49.73 -11.04
C ARG AA 112 -19.31 49.30 -12.37
N ALA AA 113 -19.65 50.29 -13.19
CA ALA AA 113 -20.05 49.99 -14.56
C ALA AA 113 -18.85 49.53 -15.38
N SER AA 114 -19.09 48.67 -16.37
CA SER AA 114 -18.10 48.36 -17.39
C SER AA 114 -18.44 48.98 -18.74
N ASN AA 115 -19.54 49.69 -18.84
CA ASN AA 115 -19.82 50.54 -20.00
C ASN AA 115 -20.14 51.91 -19.42
N ILE AA 116 -19.51 52.96 -19.96
CA ILE AA 116 -19.72 54.30 -19.42
C ILE AA 116 -21.19 54.73 -19.48
N ASN AA 117 -21.97 54.16 -20.40
CA ASN AA 117 -23.38 54.49 -20.56
C ASN AA 117 -24.31 53.72 -19.63
N THR AA 118 -23.78 52.80 -18.83
CA THR AA 118 -24.59 51.87 -18.04
CA THR AA 118 -24.61 51.89 -18.04
C THR AA 118 -24.46 52.19 -16.55
N ARG AA 119 -25.55 51.91 -15.81
CA ARG AA 119 -25.55 52.13 -14.38
C ARG AA 119 -24.55 51.21 -13.68
N ALA AA 120 -23.96 51.72 -12.59
CA ALA AA 120 -23.29 50.88 -11.60
C ALA AA 120 -24.27 50.47 -10.53
N SER AA 121 -24.08 49.28 -10.00
CA SER AA 121 -25.06 48.73 -9.07
C SER AA 121 -24.34 47.86 -8.05
N VAL AA 122 -24.97 47.74 -6.88
CA VAL AA 122 -24.52 46.85 -5.81
C VAL AA 122 -25.56 46.81 -4.70
N GLY AA 123 -25.49 45.80 -3.83
CA GLY AA 123 -26.34 45.80 -2.64
C GLY AA 123 -25.72 44.96 -1.54
N TYR AA 124 -26.37 44.99 -0.37
CA TYR AA 124 -25.97 44.12 0.73
C TYR AA 124 -27.20 43.57 1.44
N ARG AA 125 -27.02 42.41 2.05
CA ARG AA 125 -28.08 41.71 2.76
C ARG AA 125 -27.80 41.80 4.24
N ILE AA 126 -28.82 42.14 5.03
CA ILE AA 126 -28.69 42.24 6.47
C ILE AA 126 -29.01 40.86 7.04
N PRO AA 127 -28.11 40.26 7.82
CA PRO AA 127 -28.38 38.94 8.38
C PRO AA 127 -29.51 38.98 9.39
N THR AA 128 -30.10 37.80 9.62
CA THR AA 128 -31.24 37.70 10.53
C THR AA 128 -30.93 38.32 11.88
N ASN AA 129 -29.73 38.07 12.41
CA ASN AA 129 -29.43 38.55 13.75
C ASN AA 129 -29.39 40.07 13.85
N LEU AA 130 -29.34 40.80 12.73
CA LEU AA 130 -29.31 42.25 12.72
C LEU AA 130 -30.58 42.86 12.11
N ARG AA 131 -31.65 42.07 12.00
CA ARG AA 131 -32.90 42.59 11.45
C ARG AA 131 -33.82 43.04 12.59
N GLN AA 132 -33.50 44.21 13.15
CA GLN AA 132 -34.38 44.88 14.09
C GLN AA 132 -35.02 46.09 13.41
N ASN AA 133 -35.93 46.72 14.13
CA ASN AA 133 -36.65 47.87 13.58
C ASN AA 133 -35.78 49.11 13.50
N THR AA 134 -36.17 50.02 12.60
CA THR AA 134 -35.60 51.36 12.56
C THR AA 134 -36.73 52.37 12.46
N VAL AA 135 -36.48 53.60 12.90
CA VAL AA 135 -37.46 54.68 12.87
C VAL AA 135 -36.91 55.81 12.00
N ALA AA 136 -37.77 56.81 11.77
CA ALA AA 136 -37.48 57.85 10.78
C ALA AA 136 -36.11 58.46 10.99
N ALA AA 137 -35.74 58.74 12.24
CA ALA AA 137 -34.50 59.43 12.56
C ALA AA 137 -33.27 58.56 12.41
N ASP AA 138 -33.41 57.27 12.11
CA ASP AA 138 -32.27 56.41 11.91
C ASP AA 138 -31.76 56.53 10.47
N ASN AA 139 -30.57 55.99 10.24
CA ASN AA 139 -29.97 55.94 8.91
C ASN AA 139 -29.68 54.48 8.56
N VAL AA 140 -30.01 54.12 7.32
CA VAL AA 140 -29.80 52.76 6.86
C VAL AA 140 -28.33 52.52 6.51
N CYS AA 141 -27.75 53.36 5.67
CA CYS AA 141 -26.42 53.14 5.14
C CYS AA 141 -25.88 54.47 4.65
N GLU AA 142 -24.59 54.51 4.37
CA GLU AA 142 -23.96 55.61 3.66
C GLU AA 142 -23.75 55.23 2.21
N VAL AA 143 -24.02 56.17 1.30
CA VAL AA 143 -23.86 55.99 -0.14
C VAL AA 143 -22.80 56.97 -0.63
N ARG AA 144 -21.92 56.48 -1.48
CA ARG AA 144 -20.94 57.30 -2.18
C ARG AA 144 -21.00 56.96 -3.66
N SER AA 145 -20.66 57.94 -4.50
CA SER AA 145 -20.74 57.74 -5.95
C SER AA 145 -20.08 58.92 -6.64
N ASN AA 146 -19.63 58.69 -7.89
CA ASN AA 146 -19.23 59.76 -8.79
C ASN AA 146 -20.42 60.33 -9.57
N CYS AA 147 -21.62 59.80 -9.37
CA CYS AA 147 -22.84 60.33 -9.97
C CYS AA 147 -23.62 61.16 -8.94
N ARG AA 148 -24.30 62.18 -9.42
CA ARG AA 148 -24.99 63.13 -8.54
CA ARG AA 148 -24.96 63.11 -8.52
CA ARG AA 148 -24.98 63.13 -8.54
C ARG AA 148 -26.27 62.57 -7.95
N GLN AA 149 -26.78 61.47 -8.47
CA GLN AA 149 -27.97 60.85 -7.91
CA GLN AA 149 -27.98 60.85 -7.93
C GLN AA 149 -27.81 59.34 -7.92
N VAL AA 150 -28.34 58.70 -6.87
CA VAL AA 150 -28.34 57.25 -6.75
C VAL AA 150 -29.76 56.79 -6.51
N ALA AA 151 -30.14 55.71 -7.18
CA ALA AA 151 -31.45 55.11 -7.06
C ALA AA 151 -31.36 53.91 -6.12
N LEU AA 152 -32.19 53.89 -5.08
CA LEU AA 152 -32.20 52.79 -4.13
CA LEU AA 152 -32.18 52.77 -4.15
C LEU AA 152 -33.49 52.01 -4.22
N VAL AA 153 -33.40 50.71 -3.96
CA VAL AA 153 -34.53 49.81 -3.85
C VAL AA 153 -34.29 48.97 -2.60
N ILE AA 154 -35.06 49.23 -1.55
CA ILE AA 154 -34.84 48.65 -0.23
C ILE AA 154 -35.95 47.64 0.05
N SER AA 155 -35.55 46.40 0.32
CA SER AA 155 -36.48 45.34 0.69
CA SER AA 155 -36.48 45.34 0.69
C SER AA 155 -36.65 45.34 2.21
N CYS AA 156 -37.88 45.53 2.67
CA CYS AA 156 -38.11 45.75 4.09
C CYS AA 156 -39.50 45.26 4.45
N CYS AA 157 -39.77 45.23 5.75
N CYS AA 157 -39.77 45.21 5.75
CA CYS AA 157 -41.03 44.78 6.32
CA CYS AA 157 -41.07 44.78 6.26
C CYS AA 157 -41.57 45.89 7.21
C CYS AA 157 -41.59 45.85 7.20
N PHE AA 158 -42.59 46.60 6.73
CA PHE AA 158 -43.19 47.66 7.52
C PHE AA 158 -44.05 47.06 8.61
N ASN AA 159 -43.89 47.55 9.82
CA ASN AA 159 -44.70 47.08 10.93
C ASN AA 159 -45.03 48.22 11.88
N ASN DA 16 3.72 14.68 -3.36
CA ASN DA 16 4.78 14.66 -4.36
C ASN DA 16 6.13 14.94 -3.71
N SER DA 17 7.20 14.65 -4.43
CA SER DA 17 8.54 14.80 -3.88
C SER DA 17 8.85 16.26 -3.59
N ASN DA 18 9.63 16.50 -2.53
CA ASN DA 18 10.12 17.82 -2.21
C ASN DA 18 11.61 17.99 -2.48
N VAL DA 19 12.29 16.97 -2.99
CA VAL DA 19 13.71 17.07 -3.31
C VAL DA 19 13.95 16.59 -4.74
N VAL DA 20 15.14 16.96 -5.26
CA VAL DA 20 15.60 16.45 -6.54
C VAL DA 20 15.79 14.94 -6.47
N THR DA 21 15.44 14.26 -7.58
CA THR DA 21 15.48 12.81 -7.65
C THR DA 21 16.19 12.39 -8.94
N MET DA 22 16.81 11.22 -8.87
CA MET DA 22 17.58 10.71 -9.99
CA MET DA 22 17.57 10.67 -9.98
C MET DA 22 16.66 10.37 -11.17
N ILE DA 23 17.21 10.51 -12.37
CA ILE DA 23 16.56 10.14 -13.62
C ILE DA 23 17.47 9.13 -14.30
N ARG DA 24 16.97 7.91 -14.48
CA ARG DA 24 17.77 6.82 -15.06
C ARG DA 24 17.77 6.93 -16.58
N ALA DA 25 18.56 7.88 -17.07
CA ALA DA 25 18.60 8.17 -18.49
C ALA DA 25 19.12 6.98 -19.30
N GLY DA 26 18.68 6.90 -20.54
CA GLY DA 26 19.18 5.89 -21.46
C GLY DA 26 20.04 6.47 -22.56
N SER DA 27 19.94 5.92 -23.75
CA SER DA 27 20.73 6.40 -24.87
CA SER DA 27 20.73 6.40 -24.87
C SER DA 27 20.35 7.83 -25.22
N TYR DA 28 21.19 8.47 -26.02
CA TYR DA 28 20.92 9.86 -26.39
C TYR DA 28 19.69 9.90 -27.29
N PRO DA 29 18.67 10.69 -26.97
CA PRO DA 29 17.44 10.70 -27.76
C PRO DA 29 17.61 11.50 -29.06
N LYS DA 30 16.63 11.39 -29.95
CA LYS DA 30 16.49 12.31 -31.06
C LYS DA 30 16.18 13.70 -30.53
N VAL DA 31 16.78 14.73 -31.14
CA VAL DA 31 16.63 16.11 -30.69
C VAL DA 31 16.37 17.02 -31.88
N ASN DA 32 15.86 18.21 -31.59
CA ASN DA 32 15.67 19.25 -32.59
C ASN DA 32 15.76 20.60 -31.88
N PRO DA 33 16.84 21.35 -32.10
CA PRO DA 33 16.97 22.67 -31.45
C PRO DA 33 16.04 23.73 -31.98
N THR DA 34 15.47 23.56 -33.18
CA THR DA 34 14.64 24.55 -33.85
C THR DA 34 13.32 23.90 -34.28
N PRO DA 35 12.40 23.69 -33.35
CA PRO DA 35 11.17 22.99 -33.71
C PRO DA 35 10.08 23.91 -34.27
N THR DA 36 8.96 23.32 -34.68
CA THR DA 36 7.81 24.05 -35.19
C THR DA 36 7.01 24.66 -34.04
N TRP DA 37 6.08 25.56 -34.37
CA TRP DA 37 5.31 26.25 -33.34
C TRP DA 37 3.94 26.62 -33.87
N VAL DA 38 2.89 26.17 -33.19
CA VAL DA 38 1.51 26.55 -33.52
C VAL DA 38 1.15 27.80 -32.73
N ARG DA 39 0.69 28.82 -33.46
CA ARG DA 39 0.58 30.17 -32.91
C ARG DA 39 -0.71 30.84 -33.37
N ALA DA 40 -1.12 31.84 -32.58
CA ALA DA 40 -2.17 32.78 -32.94
C ALA DA 40 -1.56 34.18 -32.85
N ILE DA 41 -1.24 34.78 -33.99
CA ILE DA 41 -0.44 35.99 -34.04
C ILE DA 41 -1.37 37.20 -34.16
N PRO DA 42 -1.35 38.14 -33.19
CA PRO DA 42 -2.15 39.36 -33.32
C PRO DA 42 -1.35 40.58 -33.82
N PHE DA 43 -1.80 41.22 -34.90
CA PHE DA 43 -1.14 42.41 -35.41
C PHE DA 43 -2.16 43.22 -36.19
N GLU DA 44 -1.84 44.49 -36.41
CA GLU DA 44 -2.76 45.42 -37.04
C GLU DA 44 -2.24 45.80 -38.42
N VAL DA 45 -3.14 46.21 -39.30
CA VAL DA 45 -2.78 46.68 -40.62
C VAL DA 45 -3.56 47.96 -40.91
N SER DA 46 -2.98 48.85 -41.70
CA SER DA 46 -3.65 50.08 -42.10
C SER DA 46 -4.47 49.83 -43.36
N VAL DA 47 -5.66 50.41 -43.41
CA VAL DA 47 -6.59 50.22 -44.53
C VAL DA 47 -7.08 51.61 -44.94
N GLN DA 48 -7.23 51.80 -46.24
CA GLN DA 48 -7.73 53.04 -46.81
C GLN DA 48 -9.11 52.82 -47.40
N SER DA 49 -9.84 53.93 -47.57
CA SER DA 49 -11.20 53.87 -48.10
C SER DA 49 -11.23 53.36 -49.54
N GLY DA 50 -12.08 52.38 -49.80
CA GLY DA 50 -12.25 51.87 -51.15
C GLY DA 50 -11.07 51.11 -51.72
N ILE DA 51 -10.03 50.84 -50.93
CA ILE DA 51 -8.80 50.22 -51.43
C ILE DA 51 -8.52 48.96 -50.64
N ALA DA 52 -8.15 47.90 -51.34
CA ALA DA 52 -7.83 46.64 -50.70
C ALA DA 52 -6.36 46.61 -50.29
N PHE DA 53 -6.10 46.20 -49.06
CA PHE DA 53 -4.75 46.10 -48.53
CA PHE DA 53 -4.75 46.10 -48.53
C PHE DA 53 -4.32 44.64 -48.52
N LYS DA 54 -3.15 44.37 -49.10
CA LYS DA 54 -2.58 43.03 -49.18
CA LYS DA 54 -2.58 43.03 -49.17
C LYS DA 54 -1.74 42.79 -47.94
N VAL DA 55 -2.12 41.80 -47.14
CA VAL DA 55 -1.45 41.55 -45.88
C VAL DA 55 -0.16 40.77 -46.14
N PRO DA 56 1.01 41.31 -45.82
CA PRO DA 56 2.26 40.58 -46.12
C PRO DA 56 2.52 39.45 -45.12
N VAL DA 57 2.88 38.29 -45.65
CA VAL DA 57 3.26 37.18 -44.77
C VAL DA 57 4.43 37.55 -43.87
N GLY DA 58 5.30 38.47 -44.31
CA GLY DA 58 6.45 38.89 -43.51
C GLY DA 58 6.07 39.51 -42.18
N SER DA 59 4.85 40.02 -42.06
CA SER DA 59 4.44 40.57 -40.78
CA SER DA 59 4.43 40.57 -40.78
C SER DA 59 4.37 39.52 -39.68
N LEU DA 60 4.41 38.23 -40.03
CA LEU DA 60 4.34 37.15 -39.06
C LEU DA 60 5.71 36.77 -38.50
N PHE DA 61 6.80 37.22 -39.12
CA PHE DA 61 8.16 36.92 -38.67
C PHE DA 61 8.72 38.15 -37.96
N SER DA 62 8.86 38.07 -36.64
CA SER DA 62 9.31 39.23 -35.88
C SER DA 62 9.69 38.80 -34.47
N ALA DA 63 10.74 39.43 -33.93
CA ALA DA 63 11.01 39.26 -32.51
C ALA DA 63 9.81 39.66 -31.64
N ASN DA 64 8.94 40.54 -32.14
CA ASN DA 64 7.76 40.91 -31.37
C ASN DA 64 6.82 39.74 -31.13
N PHE DA 65 6.96 38.65 -31.88
CA PHE DA 65 6.16 37.44 -31.69
C PHE DA 65 7.04 36.24 -31.34
N ARG DA 66 8.33 36.46 -31.10
CA ARG DA 66 9.30 35.39 -30.89
C ARG DA 66 9.51 34.52 -32.13
N THR DA 67 9.21 35.01 -33.34
CA THR DA 67 9.23 34.23 -34.57
C THR DA 67 10.25 34.75 -35.61
N ASP DA 68 11.26 35.51 -35.20
CA ASP DA 68 12.19 36.03 -36.20
C ASP DA 68 13.17 34.98 -36.72
N SER DA 69 13.21 33.78 -36.13
CA SER DA 69 14.05 32.70 -36.64
C SER DA 69 13.35 31.80 -37.64
N PHE DA 70 12.06 32.02 -37.89
CA PHE DA 70 11.30 31.28 -38.90
C PHE DA 70 11.28 32.10 -40.17
N THR DA 71 11.33 31.42 -41.31
CA THR DA 71 11.24 32.09 -42.60
C THR DA 71 10.10 31.56 -43.45
N SER DA 72 9.34 30.59 -42.96
CA SER DA 72 8.16 30.06 -43.61
C SER DA 72 7.06 29.85 -42.57
N VAL DA 73 5.82 29.75 -43.04
CA VAL DA 73 4.68 29.57 -42.15
C VAL DA 73 3.53 29.01 -42.96
N THR DA 74 2.79 28.09 -42.35
CA THR DA 74 1.59 27.51 -42.94
C THR DA 74 0.39 28.13 -42.26
N VAL DA 75 -0.38 28.92 -43.00
CA VAL DA 75 -1.54 29.61 -42.43
C VAL DA 75 -2.71 28.65 -42.39
N MET DA 76 -3.40 28.62 -41.25
CA MET DA 76 -4.53 27.73 -41.08
CA MET DA 76 -4.54 27.74 -41.08
C MET DA 76 -5.87 28.47 -41.17
N SER DA 77 -5.96 29.67 -40.61
CA SER DA 77 -7.18 30.47 -40.64
C SER DA 77 -6.85 31.92 -40.30
N VAL DA 78 -7.71 32.82 -40.75
CA VAL DA 78 -7.50 34.25 -40.56
C VAL DA 78 -8.78 34.83 -40.01
N ARG DA 79 -8.68 35.58 -38.92
CA ARG DA 79 -9.80 36.33 -38.37
CA ARG DA 79 -9.80 36.32 -38.37
C ARG DA 79 -9.43 37.80 -38.29
N ALA DA 80 -10.40 38.68 -38.53
CA ALA DA 80 -10.15 40.12 -38.62
C ALA DA 80 -11.20 40.89 -37.85
N TRP DA 81 -10.78 41.95 -37.16
CA TRP DA 81 -11.65 42.89 -36.46
C TRP DA 81 -11.31 44.30 -36.88
N THR DA 82 -12.31 45.14 -37.09
CA THR DA 82 -12.01 46.57 -37.17
C THR DA 82 -11.41 47.04 -35.86
N GLN DA 83 -10.43 47.95 -35.97
CA GLN DA 83 -9.61 48.37 -34.85
C GLN DA 83 -9.79 49.83 -34.50
N LEU DA 84 -10.47 50.61 -35.35
CA LEU DA 84 -10.84 51.98 -35.01
C LEU DA 84 -12.31 52.23 -35.34
N THR DA 85 -12.84 53.36 -34.88
CA THR DA 85 -14.24 53.70 -35.10
C THR DA 85 -14.49 54.02 -36.58
N PRO DA 86 -15.70 53.79 -37.07
CA PRO DA 86 -15.96 54.01 -38.48
C PRO DA 86 -16.36 55.46 -38.71
N PRO DA 87 -16.60 55.83 -39.96
CA PRO DA 87 -17.05 57.20 -40.27
C PRO DA 87 -18.37 57.53 -39.59
N VAL DA 88 -18.68 58.82 -39.59
CA VAL DA 88 -19.90 59.29 -38.96
C VAL DA 88 -21.10 58.71 -39.70
N ASN DA 89 -22.11 58.27 -38.94
CA ASN DA 89 -23.36 57.71 -39.43
C ASN DA 89 -23.24 56.27 -39.92
N GLU DA 90 -22.06 55.65 -39.88
CA GLU DA 90 -21.88 54.32 -40.44
C GLU DA 90 -21.63 53.28 -39.35
N TYR DA 91 -21.97 52.03 -39.66
CA TYR DA 91 -21.58 50.88 -38.87
C TYR DA 91 -20.33 50.28 -39.49
N SER DA 92 -19.41 49.78 -38.65
CA SER DA 92 -18.16 49.18 -39.11
C SER DA 92 -18.42 47.99 -40.03
N PHE DA 93 -17.56 47.82 -41.03
CA PHE DA 93 -17.55 46.62 -41.86
C PHE DA 93 -16.09 46.24 -42.14
N VAL DA 94 -15.88 44.94 -42.42
CA VAL DA 94 -14.56 44.43 -42.81
C VAL DA 94 -14.77 43.24 -43.74
N ARG DA 95 -13.95 43.15 -44.78
CA ARG DA 95 -14.00 42.06 -45.75
C ARG DA 95 -12.61 41.42 -45.82
N LEU DA 96 -12.59 40.13 -46.13
CA LEU DA 96 -11.37 39.36 -46.32
C LEU DA 96 -11.45 38.61 -47.64
N LYS DA 97 -10.48 38.80 -48.52
CA LYS DA 97 -10.37 38.03 -49.75
CA LYS DA 97 -10.37 38.03 -49.75
C LYS DA 97 -9.11 37.17 -49.68
N PRO DA 98 -9.24 35.85 -49.58
CA PRO DA 98 -8.05 35.01 -49.50
C PRO DA 98 -7.18 35.14 -50.74
N LEU DA 99 -5.85 35.13 -50.54
CA LEU DA 99 -4.89 35.06 -51.64
C LEU DA 99 -4.11 33.75 -51.56
N PHE DA 100 -3.73 33.21 -52.72
CA PHE DA 100 -2.99 31.96 -52.78
C PHE DA 100 -2.02 32.01 -53.93
N LYS DA 101 -0.82 31.47 -53.72
CA LYS DA 101 0.22 31.55 -54.75
C LYS DA 101 -0.18 30.77 -55.99
N THR DA 102 -0.92 29.67 -55.83
CA THR DA 102 -1.42 28.88 -56.95
C THR DA 102 -2.65 29.49 -57.61
N GLY DA 103 -3.23 30.53 -57.03
CA GLY DA 103 -4.39 31.17 -57.63
C GLY DA 103 -5.21 31.91 -56.59
N ASP DA 104 -5.45 33.20 -56.81
CA ASP DA 104 -6.20 34.01 -55.86
C ASP DA 104 -7.70 33.73 -55.94
N SER DA 105 -8.35 33.82 -54.80
CA SER DA 105 -9.79 33.66 -54.74
CA SER DA 105 -9.79 33.66 -54.73
C SER DA 105 -10.48 35.00 -54.97
N THR DA 106 -11.80 34.95 -55.16
CA THR DA 106 -12.60 36.16 -55.33
C THR DA 106 -13.67 36.27 -54.26
N GLU DA 107 -13.64 35.38 -53.26
CA GLU DA 107 -14.54 35.52 -52.13
C GLU DA 107 -14.21 36.78 -51.34
N GLU DA 108 -15.25 37.39 -50.77
CA GLU DA 108 -15.15 38.58 -49.92
C GLU DA 108 -16.00 38.31 -48.68
N PHE DA 109 -15.49 37.42 -47.84
CA PHE DA 109 -16.12 37.18 -46.54
C PHE DA 109 -16.18 38.48 -45.78
N GLU DA 110 -17.37 38.82 -45.27
CA GLU DA 110 -17.62 40.13 -44.72
C GLU DA 110 -18.42 40.04 -43.43
N GLY DA 111 -18.03 40.86 -42.45
CA GLY DA 111 -18.82 41.09 -41.25
C GLY DA 111 -19.14 42.57 -41.09
N ARG DA 112 -20.29 42.85 -40.50
CA ARG DA 112 -20.67 44.23 -40.19
C ARG DA 112 -21.09 44.33 -38.74
N ALA DA 113 -20.83 45.48 -38.14
CA ALA DA 113 -21.33 45.73 -36.79
C ALA DA 113 -22.80 46.06 -36.87
N SER DA 114 -23.52 45.74 -35.80
CA SER DA 114 -24.90 46.18 -35.61
C SER DA 114 -25.07 47.26 -34.54
N ASN DA 115 -24.01 47.62 -33.83
CA ASN DA 115 -23.94 48.79 -32.95
C ASN DA 115 -22.75 49.62 -33.44
N ILE DA 116 -22.95 50.94 -33.56
CA ILE DA 116 -21.92 51.79 -34.16
C ILE DA 116 -20.65 51.83 -33.32
N ASN DA 117 -20.76 51.58 -32.01
CA ASN DA 117 -19.62 51.57 -31.11
C ASN DA 117 -18.87 50.24 -31.05
N THR DA 118 -19.28 49.23 -31.83
CA THR DA 118 -18.72 47.89 -31.73
CA THR DA 118 -18.72 47.89 -31.73
C THR DA 118 -17.99 47.50 -33.02
N ARG DA 119 -17.03 46.59 -32.86
CA ARG DA 119 -16.20 46.14 -33.97
C ARG DA 119 -17.01 45.26 -34.91
N ALA DA 120 -16.68 45.33 -36.20
CA ALA DA 120 -17.10 44.33 -37.16
C ALA DA 120 -16.04 43.22 -37.20
N SER DA 121 -16.48 41.99 -37.47
CA SER DA 121 -15.54 40.88 -37.46
C SER DA 121 -15.96 39.80 -38.45
N VAL DA 122 -14.96 39.15 -39.04
CA VAL DA 122 -15.19 37.97 -39.87
C VAL DA 122 -13.88 37.20 -39.98
N GLY DA 123 -13.96 35.95 -40.44
CA GLY DA 123 -12.76 35.19 -40.65
C GLY DA 123 -13.00 34.16 -41.73
N TYR DA 124 -11.94 33.43 -42.10
CA TYR DA 124 -12.09 32.31 -43.03
C TYR DA 124 -11.07 31.24 -42.67
N ARG DA 125 -11.44 29.98 -42.89
CA ARG DA 125 -10.57 28.84 -42.68
C ARG DA 125 -9.99 28.37 -44.01
N ILE DA 126 -8.70 28.05 -44.01
CA ILE DA 126 -8.05 27.50 -45.20
C ILE DA 126 -8.18 25.97 -45.16
N PRO DA 127 -8.62 25.32 -46.23
CA PRO DA 127 -8.73 23.86 -46.23
C PRO DA 127 -7.36 23.20 -46.17
N THR DA 128 -7.35 21.93 -45.75
CA THR DA 128 -6.11 21.17 -45.67
C THR DA 128 -5.37 21.14 -47.00
N ASN DA 129 -6.10 20.99 -48.12
CA ASN DA 129 -5.45 20.92 -49.43
C ASN DA 129 -4.78 22.23 -49.85
N LEU DA 130 -5.05 23.33 -49.16
CA LEU DA 130 -4.39 24.60 -49.47
C LEU DA 130 -3.45 25.08 -48.38
N ARG DA 131 -3.13 24.23 -47.40
CA ARG DA 131 -2.23 24.62 -46.31
C ARG DA 131 -0.79 24.26 -46.67
N GLN DA 132 -0.21 25.07 -47.54
CA GLN DA 132 1.19 25.03 -47.88
C GLN DA 132 1.88 26.23 -47.24
N ASN DA 133 3.18 26.30 -47.43
CA ASN DA 133 3.99 27.34 -46.82
C ASN DA 133 3.93 28.64 -47.61
N THR DA 134 4.04 29.74 -46.89
CA THR DA 134 4.27 31.07 -47.45
C THR DA 134 5.52 31.65 -46.82
N VAL DA 135 6.16 32.57 -47.54
CA VAL DA 135 7.36 33.26 -47.08
C VAL DA 135 7.08 34.75 -46.97
N ALA DA 136 8.07 35.53 -46.55
CA ALA DA 136 7.87 36.94 -46.26
C ALA DA 136 7.29 37.71 -47.45
N ALA DA 137 7.75 37.41 -48.67
CA ALA DA 137 7.31 38.16 -49.84
C ALA DA 137 5.90 37.84 -50.29
N ASP DA 138 5.27 36.82 -49.72
CA ASP DA 138 3.91 36.43 -50.09
C ASP DA 138 2.88 37.25 -49.33
N ASN DA 139 1.65 37.18 -49.80
CA ASN DA 139 0.52 37.85 -49.18
C ASN DA 139 -0.54 36.83 -48.79
N VAL DA 140 -1.18 37.07 -47.65
CA VAL DA 140 -2.13 36.12 -47.09
C VAL DA 140 -3.52 36.38 -47.64
N CYS DA 141 -3.92 37.64 -47.66
CA CYS DA 141 -5.28 38.02 -48.03
C CYS DA 141 -5.33 39.52 -48.32
N GLU DA 142 -6.46 39.95 -48.87
CA GLU DA 142 -6.79 41.37 -49.01
C GLU DA 142 -7.84 41.76 -47.97
N VAL DA 143 -7.66 42.91 -47.33
CA VAL DA 143 -8.55 43.44 -46.30
C VAL DA 143 -9.19 44.72 -46.83
N ARG DA 144 -10.50 44.81 -46.71
CA ARG DA 144 -11.22 46.04 -47.01
C ARG DA 144 -12.05 46.46 -45.81
N SER DA 145 -12.15 47.77 -45.57
CA SER DA 145 -12.85 48.25 -44.39
C SER DA 145 -13.16 49.73 -44.57
N ASN DA 146 -14.19 50.20 -43.86
CA ASN DA 146 -14.43 51.64 -43.72
C ASN DA 146 -13.72 52.23 -42.50
N CYS DA 147 -13.05 51.40 -41.73
CA CYS DA 147 -12.21 51.83 -40.61
C CYS DA 147 -10.77 51.87 -41.08
N ARG DA 148 -9.99 52.78 -40.51
CA ARG DA 148 -8.62 53.05 -40.95
CA ARG DA 148 -8.64 53.01 -41.00
CA ARG DA 148 -8.63 53.03 -40.98
C ARG DA 148 -7.62 51.99 -40.49
N GLN DA 149 -8.02 51.11 -39.57
CA GLN DA 149 -7.15 50.06 -39.08
CA GLN DA 149 -7.15 50.07 -39.08
C GLN DA 149 -7.96 48.79 -38.88
N VAL DA 150 -7.31 47.65 -39.06
CA VAL DA 150 -7.92 46.34 -38.85
C VAL DA 150 -6.94 45.51 -38.06
N ALA DA 151 -7.46 44.79 -37.06
CA ALA DA 151 -6.66 43.92 -36.21
C ALA DA 151 -6.87 42.47 -36.62
N LEU DA 152 -5.76 41.80 -36.93
CA LEU DA 152 -5.80 40.42 -37.36
CA LEU DA 152 -5.82 40.41 -37.35
C LEU DA 152 -5.28 39.48 -36.27
N VAL DA 153 -5.83 38.27 -36.24
CA VAL DA 153 -5.35 37.19 -35.40
C VAL DA 153 -5.29 35.98 -36.34
N ILE DA 154 -4.08 35.56 -36.70
CA ILE DA 154 -3.88 34.56 -37.74
C ILE DA 154 -3.39 33.29 -37.08
N SER DA 155 -4.14 32.21 -37.25
CA SER DA 155 -3.75 30.89 -36.75
CA SER DA 155 -3.74 30.89 -36.76
C SER DA 155 -2.80 30.24 -37.77
N CYS DA 156 -1.59 29.91 -37.34
CA CYS DA 156 -0.61 29.42 -38.29
C CYS DA 156 0.37 28.49 -37.58
N CYS DA 157 1.11 27.75 -38.39
N CYS DA 157 1.13 27.74 -38.37
CA CYS DA 157 2.12 26.81 -37.91
CA CYS DA 157 2.11 26.83 -37.83
C CYS DA 157 3.45 27.27 -38.46
C CYS DA 157 3.47 27.20 -38.42
N PHE DA 158 4.30 27.84 -37.61
CA PHE DA 158 5.62 28.26 -38.04
C PHE DA 158 6.51 27.04 -38.16
N ASN DA 159 7.28 26.97 -39.24
CA ASN DA 159 8.22 25.87 -39.47
C ASN DA 159 9.44 26.33 -40.28
N ASN GA 16 -33.98 26.85 17.40
CA ASN GA 16 -32.66 27.04 18.00
C ASN GA 16 -32.78 27.73 19.36
N SER GA 17 -31.70 27.73 20.13
CA SER GA 17 -31.75 28.32 21.47
C SER GA 17 -32.03 29.82 21.39
N ASN GA 18 -32.75 30.32 22.38
CA ASN GA 18 -33.01 31.75 22.53
C ASN GA 18 -32.28 32.37 23.70
N VAL GA 19 -31.42 31.61 24.39
CA VAL GA 19 -30.71 32.11 25.56
C VAL GA 19 -29.25 31.69 25.49
N VAL GA 20 -28.42 32.36 26.30
CA VAL GA 20 -27.03 31.96 26.46
C VAL GA 20 -27.00 30.56 27.08
N THR GA 21 -26.05 29.75 26.63
CA THR GA 21 -25.88 28.39 27.14
C THR GA 21 -24.41 28.17 27.47
N MET GA 22 -24.17 27.26 28.39
CA MET GA 22 -22.82 27.00 28.86
CA MET GA 22 -22.83 26.95 28.88
C MET GA 22 -22.02 26.21 27.83
N ILE GA 23 -20.70 26.45 27.84
CA ILE GA 23 -19.76 25.76 26.98
C ILE GA 23 -18.81 25.00 27.90
N ARG GA 24 -18.73 23.68 27.73
CA ARG GA 24 -17.83 22.86 28.56
C ARG GA 24 -16.43 22.88 27.95
N ALA GA 25 -15.77 24.02 28.13
CA ALA GA 25 -14.44 24.21 27.61
C ALA GA 25 -13.45 23.24 28.27
N GLY GA 26 -12.40 22.91 27.52
CA GLY GA 26 -11.37 22.04 28.05
C GLY GA 26 -10.08 22.81 28.32
N SER GA 27 -8.96 22.32 27.83
CA SER GA 27 -7.66 22.95 28.02
CA SER GA 27 -7.67 22.97 28.04
C SER GA 27 -7.51 24.17 27.12
N TYR GA 28 -6.48 24.97 27.38
CA TYR GA 28 -6.27 26.17 26.59
C TYR GA 28 -5.85 25.76 25.19
N PRO GA 29 -6.45 26.33 24.15
CA PRO GA 29 -6.15 25.89 22.79
C PRO GA 29 -4.92 26.58 22.18
N LYS GA 30 -4.51 26.08 21.02
CA LYS GA 30 -3.56 26.84 20.21
C LYS GA 30 -4.25 28.10 19.71
N VAL GA 31 -3.53 29.22 19.75
CA VAL GA 31 -4.07 30.52 19.37
C VAL GA 31 -3.10 31.22 18.44
N ASN GA 32 -3.59 32.29 17.81
CA ASN GA 32 -2.79 33.09 16.88
C ASN GA 32 -3.47 34.43 16.71
N PRO GA 33 -2.94 35.48 17.34
CA PRO GA 33 -3.57 36.80 17.24
C PRO GA 33 -3.40 37.48 15.89
N THR GA 34 -2.46 37.04 15.07
CA THR GA 34 -2.15 37.68 13.78
C THR GA 34 -2.16 36.63 12.67
N PRO GA 35 -3.34 36.19 12.27
CA PRO GA 35 -3.44 35.12 11.29
C PRO GA 35 -3.33 35.65 9.87
N THR GA 36 -3.21 34.72 8.92
CA THR GA 36 -3.17 35.05 7.52
C THR GA 36 -4.56 35.50 7.06
N TRP GA 37 -4.65 35.93 5.80
CA TRP GA 37 -5.93 36.40 5.24
C TRP GA 37 -5.87 36.29 3.72
N VAL GA 38 -6.76 35.49 3.12
CA VAL GA 38 -6.92 35.44 1.67
C VAL GA 38 -7.86 36.55 1.22
N ARG GA 39 -7.43 37.34 0.23
CA ARG GA 39 -8.13 38.56 -0.14
C ARG GA 39 -8.15 38.78 -1.65
N ALA GA 40 -9.06 39.65 -2.08
CA ALA GA 40 -9.05 40.22 -3.42
C ALA GA 40 -9.00 41.72 -3.25
N ILE GA 41 -7.88 42.32 -3.61
CA ILE GA 41 -7.57 43.70 -3.26
C ILE GA 41 -7.78 44.56 -4.50
N PRO GA 42 -8.72 45.50 -4.48
CA PRO GA 42 -8.93 46.36 -5.64
C PRO GA 42 -8.25 47.71 -5.50
N PHE GA 43 -7.48 48.13 -6.49
CA PHE GA 43 -6.85 49.44 -6.46
C PHE GA 43 -6.52 49.90 -7.87
N GLU GA 44 -6.30 51.19 -8.03
CA GLU GA 44 -6.08 51.76 -9.35
C GLU GA 44 -4.64 52.25 -9.47
N VAL GA 45 -4.15 52.31 -10.70
CA VAL GA 45 -2.83 52.88 -10.98
C VAL GA 45 -2.94 53.79 -12.18
N SER GA 46 -2.05 54.77 -12.24
CA SER GA 46 -1.96 55.68 -13.38
C SER GA 46 -1.02 55.10 -14.43
N VAL GA 47 -1.39 55.29 -15.70
CA VAL GA 47 -0.68 54.68 -16.82
C VAL GA 47 -0.49 55.75 -17.89
N GLN GA 48 0.71 55.82 -18.45
CA GLN GA 48 1.07 56.76 -19.50
C GLN GA 48 1.09 56.07 -20.87
N SER GA 49 0.81 56.85 -21.92
CA SER GA 49 0.87 56.33 -23.29
C SER GA 49 2.26 55.82 -23.64
N GLY GA 50 2.35 54.58 -24.13
CA GLY GA 50 3.58 53.96 -24.56
C GLY GA 50 4.56 53.57 -23.47
N ILE GA 51 4.24 53.78 -22.19
CA ILE GA 51 5.19 53.56 -21.11
C ILE GA 51 4.62 52.48 -20.19
N ALA GA 52 5.47 51.54 -19.79
CA ALA GA 52 5.08 50.49 -18.84
C ALA GA 52 5.15 51.00 -17.42
N PHE GA 53 4.12 50.69 -16.64
CA PHE GA 53 4.08 51.03 -15.22
CA PHE GA 53 4.08 51.03 -15.22
C PHE GA 53 4.32 49.77 -14.40
N LYS GA 54 5.29 49.83 -13.48
CA LYS GA 54 5.56 48.74 -12.57
CA LYS GA 54 5.57 48.74 -12.57
C LYS GA 54 4.68 48.87 -11.33
N VAL GA 55 3.81 47.88 -11.12
CA VAL GA 55 2.82 47.90 -10.05
C VAL GA 55 3.50 47.50 -8.75
N PRO GA 56 3.60 48.38 -7.76
CA PRO GA 56 4.31 48.05 -6.53
C PRO GA 56 3.51 47.17 -5.57
N VAL GA 57 4.22 46.22 -4.94
CA VAL GA 57 3.56 45.33 -4.00
C VAL GA 57 3.07 46.11 -2.80
N GLY GA 58 3.77 47.20 -2.46
CA GLY GA 58 3.42 48.00 -1.31
C GLY GA 58 2.05 48.60 -1.40
N SER GA 59 1.49 48.69 -2.59
CA SER GA 59 0.12 49.18 -2.73
CA SER GA 59 0.12 49.18 -2.72
C SER GA 59 -0.88 48.26 -2.03
N LEU GA 60 -0.52 47.01 -1.79
CA LEU GA 60 -1.41 46.03 -1.17
C LEU GA 60 -1.45 46.14 0.34
N PHE GA 61 -0.51 46.85 0.96
CA PHE GA 61 -0.48 47.07 2.40
C PHE GA 61 -1.01 48.47 2.71
N SER GA 62 -2.17 48.54 3.36
CA SER GA 62 -2.79 49.83 3.64
C SER GA 62 -3.96 49.63 4.59
N ALA GA 63 -4.18 50.63 5.44
CA ALA GA 63 -5.37 50.65 6.28
C ALA GA 63 -6.64 50.66 5.44
N ASN GA 64 -6.57 51.16 4.21
CA ASN GA 64 -7.71 51.16 3.29
C ASN GA 64 -8.18 49.75 2.95
N PHE GA 65 -7.34 48.75 3.14
CA PHE GA 65 -7.69 47.36 2.89
C PHE GA 65 -7.67 46.51 4.15
N ARG GA 66 -7.53 47.13 5.32
CA ARG GA 66 -7.36 46.41 6.59
C ARG GA 66 -6.09 45.57 6.62
N THR GA 67 -5.05 45.95 5.89
CA THR GA 67 -3.88 45.10 5.68
C THR GA 67 -2.59 45.77 6.11
N ASP GA 68 -2.65 46.86 6.86
CA ASP GA 68 -1.42 47.58 7.21
C ASP GA 68 -0.56 46.85 8.25
N SER GA 69 -1.06 45.79 8.89
CA SER GA 69 -0.23 45.02 9.80
C SER GA 69 0.58 43.94 9.10
N PHE GA 70 0.27 43.65 7.84
CA PHE GA 70 1.04 42.68 7.07
C PHE GA 70 2.19 43.39 6.42
N THR GA 71 3.31 42.65 6.25
CA THR GA 71 4.49 43.11 5.54
C THR GA 71 4.89 42.22 4.36
N SER GA 72 4.31 41.04 4.24
CA SER GA 72 4.54 40.19 3.08
C SER GA 72 3.19 39.69 2.56
N VAL GA 73 3.20 39.23 1.30
CA VAL GA 73 1.99 38.74 0.68
C VAL GA 73 2.40 37.78 -0.42
N THR GA 74 1.59 36.74 -0.62
CA THR GA 74 1.73 35.75 -1.70
C THR GA 74 0.64 35.99 -2.74
N VAL GA 75 1.00 36.59 -3.87
CA VAL GA 75 0.03 36.89 -4.92
C VAL GA 75 -0.28 35.62 -5.70
N MET GA 76 -1.57 35.34 -5.91
CA MET GA 76 -2.02 34.16 -6.65
CA MET GA 76 -2.02 34.17 -6.64
C MET GA 76 -2.46 34.50 -8.07
N SER GA 77 -3.09 35.64 -8.29
CA SER GA 77 -3.51 35.95 -9.65
C SER GA 77 -3.72 37.46 -9.75
N VAL GA 78 -3.60 37.98 -10.96
CA VAL GA 78 -3.76 39.40 -11.20
C VAL GA 78 -4.77 39.57 -12.32
N ARG GA 79 -5.82 40.35 -12.07
CA ARG GA 79 -6.76 40.78 -13.10
CA ARG GA 79 -6.76 40.78 -13.10
C ARG GA 79 -6.76 42.30 -13.22
N ALA GA 80 -6.91 42.80 -14.45
CA ALA GA 80 -6.84 44.23 -14.74
C ALA GA 80 -7.97 44.67 -15.67
N TRP GA 81 -8.47 45.88 -15.42
CA TRP GA 81 -9.50 46.50 -16.24
C TRP GA 81 -9.09 47.94 -16.49
N THR GA 82 -9.25 48.39 -17.73
CA THR GA 82 -9.11 49.82 -17.98
C THR GA 82 -10.17 50.55 -17.15
N GLN GA 83 -9.76 51.69 -16.60
CA GLN GA 83 -10.55 52.45 -15.63
C GLN GA 83 -10.99 53.81 -16.14
N LEU GA 84 -10.46 54.27 -17.28
CA LEU GA 84 -10.92 55.50 -17.91
C LEU GA 84 -11.07 55.23 -19.40
N THR GA 85 -11.79 56.12 -20.09
CA THR GA 85 -12.07 55.90 -21.50
C THR GA 85 -10.80 56.00 -22.34
N PRO GA 86 -10.76 55.33 -23.48
CA PRO GA 86 -9.56 55.34 -24.31
C PRO GA 86 -9.53 56.57 -25.19
N PRO GA 87 -8.45 56.77 -25.94
CA PRO GA 87 -8.37 57.93 -26.84
C PRO GA 87 -9.41 57.88 -27.94
N VAL GA 88 -9.61 59.04 -28.58
CA VAL GA 88 -10.63 59.15 -29.62
C VAL GA 88 -10.35 58.16 -30.75
N ASN GA 89 -11.42 57.52 -31.23
CA ASN GA 89 -11.43 56.54 -32.31
C ASN GA 89 -10.96 55.14 -31.88
N GLU GA 90 -10.46 54.95 -30.66
CA GLU GA 90 -9.78 53.73 -30.27
C GLU GA 90 -10.64 52.86 -29.36
N TYR GA 91 -10.37 51.56 -29.40
CA TYR GA 91 -10.91 50.65 -28.39
C TYR GA 91 -9.88 50.48 -27.29
N SER GA 92 -10.39 50.30 -26.06
CA SER GA 92 -9.51 50.18 -24.90
C SER GA 92 -8.69 48.90 -25.00
N PHE GA 93 -7.45 48.97 -24.56
CA PHE GA 93 -6.62 47.78 -24.41
C PHE GA 93 -5.87 47.87 -23.10
N VAL GA 94 -5.46 46.71 -22.59
CA VAL GA 94 -4.60 46.63 -21.40
C VAL GA 94 -3.71 45.39 -21.55
N ARG GA 95 -2.45 45.49 -21.11
CA ARG GA 95 -1.49 44.39 -21.15
C ARG GA 95 -0.84 44.19 -19.79
N LEU GA 96 -0.46 42.96 -19.48
CA LEU GA 96 0.17 42.62 -18.21
C LEU GA 96 1.42 41.77 -18.45
N LYS GA 97 2.53 42.19 -17.88
CA LYS GA 97 3.77 41.42 -17.96
CA LYS GA 97 3.77 41.43 -17.95
C LYS GA 97 4.14 41.01 -16.55
N PRO GA 98 4.08 39.72 -16.22
CA PRO GA 98 4.41 39.30 -14.86
C PRO GA 98 5.88 39.55 -14.54
N LEU GA 99 6.13 40.04 -13.33
CA LEU GA 99 7.49 40.21 -12.83
C LEU GA 99 7.72 39.25 -11.67
N PHE GA 100 8.94 38.72 -11.59
CA PHE GA 100 9.32 37.78 -10.55
C PHE GA 100 10.75 38.07 -10.11
N LYS GA 101 10.97 37.95 -8.80
CA LYS GA 101 12.29 38.24 -8.24
C LYS GA 101 13.34 37.28 -8.75
N THR GA 102 12.96 36.04 -9.08
CA THR GA 102 13.92 35.08 -9.63
C THR GA 102 14.10 35.24 -11.13
N GLY GA 103 13.33 36.10 -11.78
CA GLY GA 103 13.46 36.29 -13.21
C GLY GA 103 12.16 36.75 -13.82
N ASP GA 104 12.18 37.93 -14.44
CA ASP GA 104 10.96 38.51 -14.98
C ASP GA 104 10.54 37.79 -16.25
N SER GA 105 9.24 37.72 -16.46
CA SER GA 105 8.71 37.11 -17.67
CA SER GA 105 8.69 37.11 -17.67
C SER GA 105 8.63 38.15 -18.78
N THR GA 106 8.41 37.67 -20.01
CA THR GA 106 8.20 38.56 -21.15
C THR GA 106 6.86 38.30 -21.85
N GLU GA 107 5.91 37.64 -21.18
CA GLU GA 107 4.56 37.53 -21.71
C GLU GA 107 3.86 38.87 -21.60
N GLU GA 108 3.02 39.19 -22.58
CA GLU GA 108 2.22 40.41 -22.56
C GLU GA 108 0.76 40.00 -22.79
N PHE GA 109 0.17 39.36 -21.79
CA PHE GA 109 -1.25 39.06 -21.83
C PHE GA 109 -2.03 40.35 -22.03
N GLU GA 110 -2.93 40.35 -23.02
CA GLU GA 110 -3.64 41.54 -23.47
C GLU GA 110 -5.11 41.24 -23.69
N GLY GA 111 -5.95 42.14 -23.20
CA GLY GA 111 -7.36 42.16 -23.53
C GLY GA 111 -7.68 43.48 -24.21
N ARG GA 112 -8.66 43.45 -25.10
CA ARG GA 112 -9.14 44.65 -25.79
C ARG GA 112 -10.66 44.70 -25.73
N ALA GA 113 -11.20 45.92 -25.74
CA ALA GA 113 -12.65 46.05 -25.81
C ALA GA 113 -13.13 45.93 -27.25
N SER GA 114 -14.36 45.47 -27.42
CA SER GA 114 -15.00 45.39 -28.72
C SER GA 114 -16.10 46.42 -28.86
N ASN GA 115 -16.37 47.18 -27.80
CA ASN GA 115 -17.25 48.35 -27.84
C ASN GA 115 -16.46 49.50 -27.22
N ILE GA 116 -16.38 50.63 -27.95
CA ILE GA 116 -15.51 51.72 -27.50
C ILE GA 116 -15.91 52.20 -26.12
N ASN GA 117 -17.16 52.00 -25.74
CA ASN GA 117 -17.64 52.48 -24.46
C ASN GA 117 -17.41 51.49 -23.32
N THR GA 118 -16.77 50.35 -23.57
CA THR GA 118 -16.62 49.29 -22.59
CA THR GA 118 -16.61 49.31 -22.57
C THR GA 118 -15.15 49.12 -22.18
N ARG GA 119 -14.93 48.70 -20.93
CA ARG GA 119 -13.59 48.43 -20.40
C ARG GA 119 -12.93 47.26 -21.13
N ALA GA 120 -11.60 47.34 -21.27
CA ALA GA 120 -10.81 46.18 -21.63
C ALA GA 120 -10.33 45.47 -20.37
N SER GA 121 -10.14 44.16 -20.46
CA SER GA 121 -9.77 43.40 -19.28
C SER GA 121 -8.92 42.20 -19.68
N VAL GA 122 -8.05 41.78 -18.76
CA VAL GA 122 -7.25 40.58 -18.92
C VAL GA 122 -6.70 40.20 -17.53
N GLY GA 123 -6.18 38.98 -17.40
CA GLY GA 123 -5.53 38.59 -16.16
C GLY GA 123 -4.51 37.50 -16.42
N TYR GA 124 -3.81 37.10 -15.35
CA TYR GA 124 -2.94 35.94 -15.41
C TYR GA 124 -2.86 35.28 -14.04
N ARG GA 125 -2.69 33.97 -14.07
CA ARG GA 125 -2.56 33.17 -12.86
C ARG GA 125 -1.09 32.80 -12.67
N ILE GA 126 -0.64 32.85 -11.42
CA ILE GA 126 0.72 32.44 -11.09
C ILE GA 126 0.71 30.96 -10.73
N PRO GA 127 1.60 30.14 -11.29
CA PRO GA 127 1.62 28.73 -10.94
C PRO GA 127 2.10 28.52 -9.52
N THR GA 128 1.71 27.36 -8.95
CA THR GA 128 2.06 27.04 -7.57
C THR GA 128 3.56 27.19 -7.32
N ASN GA 129 4.38 26.76 -8.28
CA ASN GA 129 5.82 26.81 -8.09
C ASN GA 129 6.36 28.24 -7.97
N LEU GA 130 5.60 29.24 -8.41
CA LEU GA 130 6.06 30.62 -8.38
C LEU GA 130 5.31 31.47 -7.35
N ARG GA 131 4.65 30.83 -6.38
CA ARG GA 131 3.88 31.56 -5.37
C ARG GA 131 4.70 31.66 -4.08
N GLN GA 132 5.67 32.56 -4.12
CA GLN GA 132 6.42 32.93 -2.93
C GLN GA 132 5.99 34.32 -2.46
N ASN GA 133 6.63 34.81 -1.41
CA ASN GA 133 6.26 36.08 -0.81
C ASN GA 133 6.92 37.24 -1.53
N THR GA 134 6.27 38.40 -1.48
CA THR GA 134 6.83 39.65 -1.95
C THR GA 134 6.60 40.69 -0.86
N VAL GA 135 7.44 41.73 -0.86
CA VAL GA 135 7.35 42.80 0.13
C VAL GA 135 7.14 44.11 -0.60
N ALA GA 136 7.02 45.20 0.17
CA ALA GA 136 6.56 46.48 -0.38
C ALA GA 136 7.41 46.93 -1.55
N ALA GA 137 8.73 46.75 -1.46
CA ALA GA 137 9.64 47.20 -2.51
C ALA GA 137 9.57 46.36 -3.78
N ASP GA 138 8.94 45.19 -3.72
CA ASP GA 138 8.81 44.38 -4.92
C ASP GA 138 7.77 44.98 -5.85
N ASN GA 139 7.82 44.56 -7.12
CA ASN GA 139 6.82 44.91 -8.12
C ASN GA 139 6.14 43.64 -8.62
N VAL GA 140 4.82 43.71 -8.83
CA VAL GA 140 4.06 42.52 -9.22
C VAL GA 140 4.15 42.29 -10.73
N CYS GA 141 3.93 43.34 -11.51
CA CYS GA 141 3.81 43.22 -12.95
C CYS GA 141 3.95 44.61 -13.55
N GLU GA 142 4.14 44.64 -14.86
CA GLU GA 142 4.06 45.86 -15.64
C GLU GA 142 2.69 45.95 -16.31
N VAL GA 143 2.12 47.15 -16.32
CA VAL GA 143 0.85 47.45 -16.96
C VAL GA 143 1.12 48.38 -18.14
N ARG GA 144 0.51 48.09 -19.28
CA ARG GA 144 0.47 49.00 -20.40
C ARG GA 144 -0.98 49.18 -20.85
N SER GA 145 -1.34 50.38 -21.31
CA SER GA 145 -2.70 50.67 -21.70
C SER GA 145 -2.72 51.95 -22.52
N ASN GA 146 -3.77 52.11 -23.32
CA ASN GA 146 -4.06 53.38 -23.98
C ASN GA 146 -4.98 54.27 -23.16
N CYS GA 147 -5.39 53.82 -21.98
CA CYS GA 147 -6.17 54.57 -21.02
C CYS GA 147 -5.27 55.03 -19.88
N ARG GA 148 -5.60 56.17 -19.28
CA ARG GA 148 -4.74 56.81 -18.28
CA ARG GA 148 -4.70 56.77 -18.30
CA ARG GA 148 -4.73 56.80 -18.29
C ARG GA 148 -4.82 56.13 -16.92
N GLN GA 149 -5.79 55.27 -16.70
CA GLN GA 149 -5.90 54.56 -15.43
CA GLN GA 149 -5.92 54.56 -15.44
C GLN GA 149 -6.32 53.12 -15.69
N VAL GA 150 -5.82 52.21 -14.85
CA VAL GA 150 -6.16 50.79 -14.89
C VAL GA 150 -6.58 50.38 -13.48
N ALA GA 151 -7.66 49.61 -13.39
CA ALA GA 151 -8.16 49.08 -12.13
C ALA GA 151 -7.73 47.63 -12.00
N LEU GA 152 -7.08 47.32 -10.89
CA LEU GA 152 -6.56 45.99 -10.65
CA LEU GA 152 -6.58 45.97 -10.66
C LEU GA 152 -7.32 45.32 -9.51
N VAL GA 153 -7.55 44.03 -9.63
CA VAL GA 153 -8.07 43.22 -8.54
C VAL GA 153 -7.07 42.08 -8.39
N ILE GA 154 -6.30 42.11 -7.31
CA ILE GA 154 -5.26 41.11 -7.08
C ILE GA 154 -5.73 40.09 -6.04
N SER GA 155 -5.69 38.81 -6.40
CA SER GA 155 -6.02 37.73 -5.47
CA SER GA 155 -6.01 37.73 -5.47
C SER GA 155 -4.73 37.28 -4.79
N CYS GA 156 -4.67 37.41 -3.47
CA CYS GA 156 -3.42 37.17 -2.76
C CYS GA 156 -3.70 36.61 -1.38
N CYS GA 157 -2.62 36.16 -0.73
N CYS GA 157 -2.63 36.17 -0.72
CA CYS GA 157 -2.65 35.62 0.62
CA CYS GA 157 -2.72 35.64 0.64
C CYS GA 157 -1.73 36.47 1.48
C CYS GA 157 -1.76 36.41 1.52
N PHE GA 158 -2.30 37.30 2.34
CA PHE GA 158 -1.49 38.07 3.27
C PHE GA 158 -0.99 37.20 4.42
N ASN GA 159 0.27 37.35 4.78
CA ASN GA 159 0.82 36.58 5.88
C ASN GA 159 1.97 37.31 6.52
N ASN LA 16 -5.92 8.19 -46.72
CA ASN LA 16 -6.38 8.51 -48.06
C ASN LA 16 -5.23 8.48 -49.07
N SER LA 17 -5.57 8.39 -50.35
CA SER LA 17 -4.55 8.23 -51.38
C SER LA 17 -3.76 9.52 -51.57
N ASN LA 18 -2.48 9.37 -51.85
CA ASN LA 18 -1.61 10.50 -52.16
C ASN LA 18 -1.31 10.63 -53.64
N VAL LA 19 -1.84 9.74 -54.47
CA VAL LA 19 -1.59 9.72 -55.91
C VAL LA 19 -2.92 9.73 -56.68
N VAL LA 20 -2.85 10.26 -57.90
CA VAL LA 20 -3.98 10.15 -58.80
C VAL LA 20 -4.34 8.68 -59.00
N THR LA 21 -5.64 8.40 -59.13
CA THR LA 21 -6.15 7.06 -59.29
C THR LA 21 -7.15 7.04 -60.45
N MET LA 22 -7.31 5.87 -61.03
CA MET LA 22 -8.17 5.75 -62.20
CA MET LA 22 -8.17 5.70 -62.20
C MET LA 22 -9.63 5.75 -61.77
N ILE LA 23 -10.48 6.33 -62.63
CA ILE LA 23 -11.93 6.36 -62.45
C ILE LA 23 -12.55 5.56 -63.59
N ARG LA 24 -13.32 4.53 -63.25
CA ARG LA 24 -13.90 3.62 -64.24
C ARG LA 24 -15.22 4.19 -64.75
N ALA LA 25 -15.09 5.30 -65.46
CA ALA LA 25 -16.25 6.02 -65.97
C ALA LA 25 -17.09 5.10 -66.86
N GLY LA 26 -18.37 5.46 -67.00
CA GLY LA 26 -19.30 4.72 -67.84
C GLY LA 26 -19.84 5.55 -69.00
N SER LA 27 -21.16 5.54 -69.18
CA SER LA 27 -21.78 6.28 -70.27
CA SER LA 27 -21.77 6.28 -70.27
C SER LA 27 -21.82 7.77 -69.93
N TYR LA 28 -21.91 8.58 -70.99
CA TYR LA 28 -21.97 10.03 -70.80
C TYR LA 28 -23.16 10.41 -69.92
N PRO LA 29 -22.96 11.17 -68.84
CA PRO LA 29 -24.06 11.50 -67.95
C PRO LA 29 -24.94 12.61 -68.50
N LYS LA 30 -26.05 12.83 -67.82
CA LYS LA 30 -26.80 14.05 -68.03
C LYS LA 30 -25.95 15.21 -67.53
N VAL LA 31 -26.03 16.34 -68.22
CA VAL LA 31 -25.22 17.52 -67.90
C VAL LA 31 -26.06 18.78 -68.01
N ASN LA 32 -25.59 19.83 -67.34
CA ASN LA 32 -26.20 21.14 -67.41
C ASN LA 32 -25.15 22.23 -67.16
N PRO LA 33 -24.72 22.97 -68.19
CA PRO LA 33 -23.68 23.97 -67.99
C PRO LA 33 -24.15 25.19 -67.24
N THR LA 34 -25.46 25.38 -67.09
CA THR LA 34 -26.04 26.60 -66.52
C THR LA 34 -27.07 26.20 -65.47
N PRO LA 35 -26.63 25.74 -64.31
CA PRO LA 35 -27.55 25.29 -63.26
C PRO LA 35 -28.12 26.41 -62.41
N THR LA 36 -29.09 26.03 -61.59
CA THR LA 36 -29.69 26.94 -60.63
C THR LA 36 -28.72 27.20 -59.48
N TRP LA 37 -29.08 28.13 -58.60
CA TRP LA 37 -28.21 28.49 -57.48
C TRP LA 37 -29.05 29.12 -56.37
N VAL LA 38 -29.04 28.49 -55.19
CA VAL LA 38 -29.65 29.04 -53.97
C VAL LA 38 -28.65 29.95 -53.27
N ARG LA 39 -29.08 31.17 -52.95
CA ARG LA 39 -28.17 32.25 -52.57
C ARG LA 39 -28.80 33.12 -51.50
N ALA LA 40 -27.93 33.78 -50.74
CA ALA LA 40 -28.33 34.88 -49.87
C ALA LA 40 -27.57 36.11 -50.37
N ILE LA 41 -28.28 37.08 -50.91
CA ILE LA 41 -27.68 38.19 -51.62
C ILE LA 41 -27.74 39.42 -50.71
N PRO LA 42 -26.59 40.05 -50.39
CA PRO LA 42 -26.60 41.31 -49.64
C PRO LA 42 -26.43 42.54 -50.52
N PHE LA 43 -27.30 43.53 -50.38
CA PHE LA 43 -27.12 44.80 -51.06
C PHE LA 43 -27.86 45.88 -50.31
N GLU LA 44 -27.52 47.12 -50.64
CA GLU LA 44 -28.07 48.29 -49.97
C GLU LA 44 -28.95 49.08 -50.92
N VAL LA 45 -29.91 49.79 -50.33
CA VAL LA 45 -30.78 50.73 -51.04
C VAL LA 45 -30.82 52.05 -50.27
N SER LA 46 -31.08 53.14 -50.99
CA SER LA 46 -31.26 54.46 -50.40
C SER LA 46 -32.74 54.72 -50.09
N VAL LA 47 -33.00 55.34 -48.95
CA VAL LA 47 -34.36 55.52 -48.46
C VAL LA 47 -34.54 56.98 -48.06
N GLN LA 48 -35.65 57.58 -48.46
CA GLN LA 48 -35.97 58.95 -48.12
C GLN LA 48 -37.01 58.96 -47.01
N SER LA 49 -36.98 60.00 -46.18
CA SER LA 49 -37.93 60.13 -45.08
C SER LA 49 -39.36 60.25 -45.58
N GLY LA 50 -40.23 59.39 -45.06
CA GLY LA 50 -41.64 59.41 -45.41
C GLY LA 50 -42.00 58.87 -46.77
N ILE LA 51 -41.05 58.28 -47.51
CA ILE LA 51 -41.26 57.83 -48.88
C ILE LA 51 -40.91 56.35 -48.97
N ALA LA 52 -41.78 55.55 -49.58
CA ALA LA 52 -41.49 54.14 -49.71
C ALA LA 52 -40.61 53.94 -50.92
N PHE LA 53 -39.59 53.10 -50.78
CA PHE LA 53 -38.70 52.79 -51.89
CA PHE LA 53 -38.70 52.78 -51.88
C PHE LA 53 -39.05 51.37 -52.37
N LYS LA 54 -39.35 51.26 -53.67
CA LYS LA 54 -39.61 49.96 -54.29
CA LYS LA 54 -39.61 49.96 -54.29
C LYS LA 54 -38.28 49.29 -54.61
N VAL LA 55 -38.05 48.12 -54.03
CA VAL LA 55 -36.81 47.39 -54.24
C VAL LA 55 -36.86 46.63 -55.55
N PRO LA 56 -36.01 46.97 -56.53
CA PRO LA 56 -36.06 46.31 -57.83
C PRO LA 56 -35.39 44.94 -57.82
N VAL LA 57 -36.07 43.95 -58.42
CA VAL LA 57 -35.47 42.63 -58.57
C VAL LA 57 -34.18 42.71 -59.38
N GLY LA 58 -34.08 43.71 -60.26
CA GLY LA 58 -32.88 43.80 -61.08
C GLY LA 58 -31.62 43.95 -60.28
N SER LA 59 -31.72 44.40 -59.04
CA SER LA 59 -30.56 44.51 -58.16
CA SER LA 59 -30.55 44.50 -58.17
C SER LA 59 -29.97 43.15 -57.80
N LEU LA 60 -30.69 42.05 -58.03
CA LEU LA 60 -30.17 40.72 -57.73
C LEU LA 60 -29.34 40.12 -58.85
N PHE LA 61 -29.39 40.69 -60.04
CA PHE LA 61 -28.61 40.19 -61.18
C PHE LA 61 -27.42 41.13 -61.39
N SER LA 62 -26.22 40.64 -61.15
CA SER LA 62 -25.06 41.52 -61.22
C SER LA 62 -23.80 40.67 -61.17
N ALA LA 63 -22.76 41.15 -61.87
CA ALA LA 63 -21.46 40.50 -61.74
C ALA LA 63 -20.97 40.55 -60.30
N ASN LA 64 -21.46 41.50 -59.49
CA ASN LA 64 -21.00 41.62 -58.12
C ASN LA 64 -21.44 40.45 -57.24
N PHE LA 65 -22.42 39.66 -57.69
CA PHE LA 65 -22.87 38.46 -56.98
C PHE LA 65 -22.63 37.18 -57.77
N ARG LA 66 -21.98 37.27 -58.93
CA ARG LA 66 -21.78 36.13 -59.82
C ARG LA 66 -23.11 35.67 -60.43
N THR LA 67 -24.03 36.61 -60.70
CA THR LA 67 -25.38 36.26 -61.12
C THR LA 67 -25.85 36.96 -62.40
N ASP LA 68 -24.97 37.68 -63.11
CA ASP LA 68 -25.42 38.39 -64.29
C ASP LA 68 -25.80 37.46 -65.43
N SER LA 69 -25.56 36.15 -65.31
CA SER LA 69 -26.03 35.21 -66.32
C SER LA 69 -27.48 34.79 -66.12
N PHE LA 70 -28.08 35.12 -64.97
CA PHE LA 70 -29.47 34.77 -64.71
C PHE LA 70 -30.36 35.91 -65.15
N THR LA 71 -31.56 35.56 -65.66
CA THR LA 71 -32.58 36.57 -65.94
C THR LA 71 -33.81 36.45 -65.05
N SER LA 72 -33.93 35.41 -64.22
CA SER LA 72 -35.08 35.19 -63.35
C SER LA 72 -34.60 34.67 -61.99
N VAL LA 73 -35.42 34.89 -60.96
CA VAL LA 73 -35.09 34.45 -59.62
C VAL LA 73 -36.38 34.23 -58.85
N THR LA 74 -36.38 33.21 -57.98
CA THR LA 74 -37.50 32.93 -57.09
C THR LA 74 -37.11 33.38 -55.70
N VAL LA 75 -37.77 34.42 -55.19
CA VAL LA 75 -37.44 34.96 -53.87
C VAL LA 75 -38.13 34.10 -52.83
N MET LA 76 -37.40 33.74 -51.77
CA MET LA 76 -37.91 32.92 -50.69
CA MET LA 76 -37.92 32.92 -50.69
C MET LA 76 -38.19 33.70 -49.42
N SER LA 77 -37.29 34.61 -49.04
CA SER LA 77 -37.47 35.45 -47.85
C SER LA 77 -36.67 36.74 -48.00
N VAL LA 78 -37.06 37.75 -47.25
CA VAL LA 78 -36.43 39.06 -47.30
C VAL LA 78 -36.15 39.52 -45.88
N ARG LA 79 -34.92 39.92 -45.59
CA ARG LA 79 -34.53 40.48 -44.30
CA ARG LA 79 -34.52 40.47 -44.31
C ARG LA 79 -33.87 41.82 -44.54
N ALA LA 80 -34.08 42.76 -43.61
CA ALA LA 80 -33.64 44.13 -43.77
C ALA LA 80 -33.11 44.67 -42.46
N TRP LA 81 -32.06 45.47 -42.58
CA TRP LA 81 -31.43 46.18 -41.46
C TRP LA 81 -31.20 47.62 -41.85
N THR LA 82 -31.45 48.54 -40.92
CA THR LA 82 -31.04 49.91 -41.17
C THR LA 82 -29.52 49.94 -41.29
N GLN LA 83 -29.01 50.83 -42.16
CA GLN LA 83 -27.61 50.80 -42.54
C GLN LA 83 -26.87 52.06 -42.15
N LEU LA 84 -27.56 53.15 -41.84
CA LEU LA 84 -26.95 54.34 -41.27
C LEU LA 84 -27.66 54.70 -39.97
N THR LA 85 -27.11 55.69 -39.29
CA THR LA 85 -27.66 56.09 -38.01
C THR LA 85 -28.99 56.83 -38.18
N PRO LA 86 -29.86 56.79 -37.19
CA PRO LA 86 -31.14 57.45 -37.34
C PRO LA 86 -31.05 58.93 -37.01
N PRO LA 87 -32.14 59.68 -37.16
CA PRO LA 87 -32.11 61.09 -36.78
C PRO LA 87 -31.87 61.28 -35.29
N VAL LA 88 -31.40 62.49 -34.95
CA VAL LA 88 -31.17 62.84 -33.56
C VAL LA 88 -32.46 62.68 -32.76
N ASN LA 89 -32.35 62.02 -31.61
CA ASN LA 89 -33.41 61.78 -30.63
C ASN LA 89 -34.14 60.47 -30.87
N GLU LA 90 -33.95 59.83 -32.03
CA GLU LA 90 -34.81 58.73 -32.45
C GLU LA 90 -34.07 57.40 -32.37
N TYR LA 91 -34.86 56.33 -32.26
CA TYR LA 91 -34.39 54.97 -32.46
C TYR LA 91 -34.72 54.55 -33.91
N SER LA 92 -33.81 53.76 -34.51
CA SER LA 92 -34.02 53.35 -35.89
C SER LA 92 -35.29 52.50 -36.04
N PHE LA 93 -35.85 52.51 -37.25
CA PHE LA 93 -36.91 51.58 -37.62
C PHE LA 93 -36.80 51.26 -39.10
N VAL LA 94 -37.34 50.10 -39.48
CA VAL LA 94 -37.41 49.69 -40.88
C VAL LA 94 -38.69 48.87 -41.05
N ARG LA 95 -39.37 49.10 -42.18
CA ARG LA 95 -40.64 48.45 -42.52
C ARG LA 95 -40.54 47.81 -43.90
N LEU LA 96 -41.23 46.69 -44.07
CA LEU LA 96 -41.22 45.94 -45.32
C LEU LA 96 -42.66 45.63 -45.73
N LYS LA 97 -43.06 46.13 -46.88
CA LYS LA 97 -44.34 45.75 -47.47
CA LYS LA 97 -44.34 45.75 -47.47
C LYS LA 97 -44.12 44.83 -48.67
N PRO LA 98 -44.53 43.56 -48.61
CA PRO LA 98 -44.33 42.67 -49.76
C PRO LA 98 -45.12 43.11 -50.98
N LEU LA 99 -44.49 43.03 -52.14
CA LEU LA 99 -45.15 43.30 -53.41
C LEU LA 99 -45.19 42.01 -54.22
N PHE LA 100 -46.27 41.82 -54.99
CA PHE LA 100 -46.42 40.61 -55.81
C PHE LA 100 -47.08 40.98 -57.13
N LYS LA 101 -46.64 40.34 -58.22
CA LYS LA 101 -47.21 40.64 -59.52
C LYS LA 101 -48.70 40.30 -59.58
N THR LA 102 -49.14 39.26 -58.86
CA THR LA 102 -50.56 38.91 -58.85
C THR LA 102 -51.36 39.74 -57.86
N GLY LA 103 -50.74 40.63 -57.10
CA GLY LA 103 -51.45 41.46 -56.17
C GLY LA 103 -50.60 41.86 -54.98
N ASP LA 104 -50.45 43.16 -54.75
CA ASP LA 104 -49.56 43.62 -53.70
C ASP LA 104 -50.20 43.46 -52.32
N SER LA 105 -49.36 43.27 -51.31
CA SER LA 105 -49.85 43.14 -49.95
CA SER LA 105 -49.84 43.14 -49.95
C SER LA 105 -49.90 44.50 -49.28
N THR LA 106 -50.58 44.54 -48.13
CA THR LA 106 -50.67 45.77 -47.34
C THR LA 106 -50.10 45.58 -45.95
N GLU LA 107 -49.34 44.50 -45.72
CA GLU LA 107 -48.62 44.32 -44.47
C GLU LA 107 -47.43 45.25 -44.38
N GLU LA 108 -47.11 45.67 -43.16
CA GLU LA 108 -45.94 46.50 -42.92
C GLU LA 108 -45.14 45.89 -41.78
N PHE LA 109 -44.45 44.80 -42.08
CA PHE LA 109 -43.59 44.17 -41.09
C PHE LA 109 -42.51 45.16 -40.69
N GLU LA 110 -42.37 45.39 -39.38
CA GLU LA 110 -41.58 46.51 -38.89
C GLU LA 110 -40.74 46.10 -37.68
N GLY LA 111 -39.47 46.51 -37.69
CA GLY LA 111 -38.62 46.37 -36.54
C GLY LA 111 -38.13 47.74 -36.09
N ARG LA 112 -37.89 47.87 -34.79
CA ARG LA 112 -37.33 49.07 -34.20
C ARG LA 112 -36.14 48.69 -33.31
N ALA LA 113 -35.11 49.54 -33.32
CA ALA LA 113 -34.04 49.39 -32.35
C ALA LA 113 -34.53 49.75 -30.96
N SER LA 114 -33.89 49.18 -29.95
CA SER LA 114 -34.10 49.57 -28.56
C SER LA 114 -32.88 50.26 -27.98
N ASN LA 115 -31.80 50.40 -28.76
CA ASN LA 115 -30.61 51.16 -28.38
C ASN LA 115 -30.34 52.07 -29.57
N ILE LA 116 -30.22 53.38 -29.32
CA ILE LA 116 -30.14 54.31 -30.44
C ILE LA 116 -28.96 53.96 -31.34
N ASN LA 117 -27.91 53.35 -30.78
CA ASN LA 117 -26.70 53.04 -31.54
C ASN LA 117 -26.79 51.72 -32.30
N THR LA 118 -27.94 51.05 -32.29
CA THR LA 118 -28.07 49.72 -32.86
CA THR LA 118 -28.05 49.72 -32.88
C THR LA 118 -28.98 49.74 -34.09
N ARG LA 119 -28.76 48.78 -34.99
CA ARG LA 119 -29.60 48.66 -36.18
C ARG LA 119 -30.99 48.16 -35.82
N ALA LA 120 -32.02 48.66 -36.52
CA ALA LA 120 -33.32 48.00 -36.54
C ALA LA 120 -33.30 46.92 -37.60
N SER LA 121 -34.17 45.90 -37.44
CA SER LA 121 -34.21 44.79 -38.39
C SER LA 121 -35.58 44.11 -38.40
N VAL LA 122 -35.88 43.49 -39.55
CA VAL LA 122 -37.14 42.78 -39.74
C VAL LA 122 -37.03 41.99 -41.04
N GLY LA 123 -37.93 41.03 -41.24
CA GLY LA 123 -37.96 40.29 -42.49
C GLY LA 123 -39.32 39.66 -42.63
N TYR LA 124 -39.54 39.06 -43.79
CA TYR LA 124 -40.72 38.25 -44.02
C TYR LA 124 -40.39 37.06 -44.90
N ARG LA 125 -41.09 35.97 -44.66
CA ARG LA 125 -40.99 34.77 -45.47
C ARG LA 125 -42.14 34.73 -46.48
N ILE LA 126 -41.81 34.35 -47.72
CA ILE LA 126 -42.81 34.19 -48.78
C ILE LA 126 -43.29 32.75 -48.76
N PRO LA 127 -44.59 32.52 -48.74
CA PRO LA 127 -45.09 31.14 -48.69
C PRO LA 127 -44.84 30.42 -50.00
N THR LA 128 -44.83 29.08 -49.93
CA THR LA 128 -44.60 28.26 -51.11
C THR LA 128 -45.55 28.61 -52.25
N ASN LA 129 -46.82 28.88 -51.94
CA ASN LA 129 -47.79 29.17 -53.00
C ASN LA 129 -47.55 30.49 -53.71
N LEU LA 130 -46.75 31.39 -53.14
CA LEU LA 130 -46.38 32.63 -53.80
C LEU LA 130 -44.92 32.70 -54.28
N ARG LA 131 -44.21 31.57 -54.36
CA ARG LA 131 -42.80 31.56 -54.78
C ARG LA 131 -42.73 31.26 -56.27
N GLN LA 132 -42.98 32.29 -57.07
CA GLN LA 132 -42.81 32.22 -58.51
C GLN LA 132 -41.63 33.10 -58.92
N ASN LA 133 -41.35 33.13 -60.23
CA ASN LA 133 -40.18 33.84 -60.71
C ASN LA 133 -40.48 35.33 -60.81
N THR LA 134 -39.41 36.12 -60.70
CA THR LA 134 -39.44 37.56 -60.95
C THR LA 134 -38.27 37.90 -61.85
N VAL LA 135 -38.43 38.97 -62.64
CA VAL LA 135 -37.41 39.46 -63.55
C VAL LA 135 -36.95 40.86 -63.15
N ALA LA 136 -36.03 41.44 -63.93
CA ALA LA 136 -35.36 42.66 -63.50
C ALA LA 136 -36.33 43.80 -63.28
N ALA LA 137 -37.37 43.91 -64.11
CA ALA LA 137 -38.33 45.00 -64.04
C ALA LA 137 -39.31 44.86 -62.89
N ASP LA 138 -39.35 43.73 -62.20
CA ASP LA 138 -40.25 43.54 -61.09
C ASP LA 138 -39.66 44.15 -59.82
N ASN LA 139 -40.52 44.37 -58.83
CA ASN LA 139 -40.10 44.88 -57.53
C ASN LA 139 -40.43 43.87 -56.43
N VAL LA 140 -39.55 43.77 -55.45
CA VAL LA 140 -39.67 42.75 -54.41
C VAL LA 140 -40.60 43.20 -53.30
N CYS LA 141 -40.41 44.43 -52.82
CA CYS LA 141 -41.06 44.96 -51.63
C CYS LA 141 -40.85 46.47 -51.59
N GLU LA 142 -41.61 47.14 -50.74
CA GLU LA 142 -41.37 48.53 -50.42
C GLU LA 142 -40.65 48.61 -49.08
N VAL LA 143 -39.67 49.51 -49.00
CA VAL LA 143 -38.90 49.71 -47.79
C VAL LA 143 -39.18 51.12 -47.27
N ARG LA 144 -39.43 51.23 -45.97
CA ARG LA 144 -39.58 52.52 -45.29
C ARG LA 144 -38.69 52.53 -44.06
N SER LA 145 -38.14 53.70 -43.73
CA SER LA 145 -37.19 53.78 -42.61
C SER LA 145 -36.89 55.24 -42.34
N ASN LA 146 -36.51 55.54 -41.10
CA ASN LA 146 -36.00 56.86 -40.73
C ASN LA 146 -34.50 56.97 -40.92
N CYS LA 147 -33.86 55.95 -41.45
CA CYS LA 147 -32.45 55.98 -41.80
C CYS LA 147 -32.34 56.05 -43.33
N ARG LA 148 -31.27 56.67 -43.81
CA ARG LA 148 -31.12 56.95 -45.24
CA ARG LA 148 -31.16 56.95 -45.24
CA ARG LA 148 -31.08 56.97 -45.24
C ARG LA 148 -30.72 55.75 -46.07
N GLN LA 149 -30.37 54.65 -45.42
CA GLN LA 149 -29.95 53.45 -46.14
CA GLN LA 149 -29.93 53.46 -46.14
C GLN LA 149 -30.41 52.23 -45.36
N VAL LA 150 -30.78 51.19 -46.10
CA VAL LA 150 -31.20 49.92 -45.54
C VAL LA 150 -30.40 48.82 -46.21
N ALA LA 151 -29.86 47.91 -45.41
CA ALA LA 151 -29.10 46.77 -45.90
C ALA LA 151 -30.04 45.57 -46.00
N LEU LA 152 -30.12 44.98 -47.18
CA LEU LA 152 -31.01 43.84 -47.42
CA LEU LA 152 -31.00 43.84 -47.40
C LEU LA 152 -30.18 42.57 -47.61
N VAL LA 153 -30.73 41.46 -47.15
CA VAL LA 153 -30.18 40.14 -47.42
C VAL LA 153 -31.35 39.30 -47.90
N ILE LA 154 -31.35 38.94 -49.18
CA ILE LA 154 -32.51 38.32 -49.80
C ILE LA 154 -32.16 36.87 -50.13
N SER LA 155 -32.84 35.93 -49.48
CA SER LA 155 -32.70 34.52 -49.80
CA SER LA 155 -32.70 34.52 -49.80
C SER LA 155 -33.53 34.20 -51.03
N CYS LA 156 -32.89 33.61 -52.05
CA CYS LA 156 -33.60 33.39 -53.31
C CYS LA 156 -32.92 32.25 -54.06
N CYS LA 157 -33.59 31.81 -55.11
N CYS LA 157 -33.58 31.80 -55.12
CA CYS LA 157 -33.16 30.71 -55.98
CA CYS LA 157 -33.10 30.70 -55.95
C CYS LA 157 -33.02 31.26 -57.38
C CYS LA 157 -33.01 31.20 -57.38
N PHE LA 158 -31.79 31.46 -57.85
CA PHE LA 158 -31.58 31.90 -59.21
C PHE LA 158 -31.79 30.74 -60.19
N ASN LA 159 -32.49 31.01 -61.28
CA ASN LA 159 -32.75 29.95 -62.25
C ASN LA 159 -32.84 30.50 -63.66
CL CL OA . 35.82 -1.69 -30.87
MG MG PA . 31.60 8.72 -23.94
CL CL QA . 20.79 7.65 -33.81
CL CL RA . 21.40 22.14 -42.74
P PO4 SA . 31.08 -3.09 -29.96
O1 PO4 SA . 32.34 -3.84 -29.75
O2 PO4 SA . 30.97 -2.01 -28.96
O3 PO4 SA . 29.92 -4.03 -29.90
O4 PO4 SA . 31.10 -2.48 -31.31
MG MG TA . -21.14 30.63 39.38
CL CL UA . 15.85 -38.44 -26.48
MG MG VA . 22.75 -47.59 23.44
P PO4 WA . 0.84 17.19 38.78
O1 PO4 WA . 2.12 16.50 39.01
O2 PO4 WA . 0.59 18.10 39.92
O3 PO4 WA . -0.28 16.21 38.72
O4 PO4 WA . 0.91 18.07 37.60
CL CL XA . 8.39 36.73 17.53
MG MG YA . 3.91 25.18 32.49
CL CL ZA . 3.55 19.68 42.09
MG MG AB . 10.40 14.92 34.65
CL CL BB . 7.57 1.91 54.09
MG MG CB . 2.08 7.44 47.30
P PO4 DB . 14.16 -57.30 22.50
O1 PO4 DB . 15.47 -57.97 22.66
O2 PO4 DB . 13.93 -56.39 23.65
O3 PO4 DB . 13.16 -58.38 22.54
O4 PO4 DB . 14.17 -56.60 21.19
CL CL EB . -12.29 -53.27 52.55
CL CL FB . 17.54 -59.73 24.84
MG MG GB . -14.74 49.63 -35.36
P PO4 HB . -23.59 51.56 -26.20
O1 PO4 HB . -24.04 50.15 -26.11
O2 PO4 HB . -23.84 52.22 -24.91
O3 PO4 HB . -24.41 52.19 -27.24
O4 PO4 HB . -22.16 51.63 -26.60
CL CL IB . -2.85 46.63 -28.70
MG MG JB . -11.62 51.99 -21.00
CL CL KB . -22.64 56.35 -27.19
CL CL LB . -20.80 36.57 -63.28
CL CL MB . -41.83 56.34 -44.37
#